data_6U7K
#
_entry.id   6U7K
#
_cell.length_a   1.00
_cell.length_b   1.00
_cell.length_c   1.00
_cell.angle_alpha   90.00
_cell.angle_beta   90.00
_cell.angle_gamma   90.00
#
_symmetry.space_group_name_H-M   'P 1'
#
loop_
_entity.id
_entity.type
_entity.pdbx_description
1 polymer 'Spike glycoprotein'
2 branched alpha-D-mannopyranose-(1-2)-alpha-D-mannopyranose-(1-3)-[alpha-D-mannopyranose-(1-6)]beta-D-mannopyranose-(1-4)-2-acetamido-2-deoxy-beta-D-glucopyranose-(1-4)-2-acetamido-2-deoxy-beta-D-glucopyranose
3 branched 2-acetamido-2-deoxy-beta-D-glucopyranose-(1-4)-2-acetamido-2-deoxy-beta-D-glucopyranose
4 non-polymer 2-acetamido-2-deoxy-beta-D-glucopyranose
#
_entity_poly.entity_id   1
_entity_poly.type   'polypeptide(L)'
_entity_poly.pdbx_seq_one_letter_code
;MRSLIYFWLLLPVLPTLSLPQDVTRCQSTTNFRRFFSKFNVQAPAVVVLGGYLPSMNSSSWYCGTGIETASGVHGIFLSY
IDSGQGFEIGISQEPFDPSGYQLYLHKATNGNTNAIARLRICQFPDNKTLGPTVNDVTTGRNCLFNKAIPAYMRDGKDIV
VGITWDNDRVTVFADKIYHFYLKNDWSRVATRCYNRRSCAMQYVYTPTYYMLNVTSAGEDGIYYEPCTANCTGYAANVFA
TDSNGHIPEGFSFNNWFLLSNDSTLLHGKVVSNQPLLVNCLLAIPKIYGLGQFFSFNHTMDGVCNGAAVDRAPEALRFNI
NDTSVILAEGSIVLHTALGTNLSFVCSNSSDPHLAIFAIPLGATEVPYYCFLKVDTYNSTVYKFLAVLPPTVREIVITKY
GDVYVNGFGYLHLGLLDAVTINFTGHGTDDDVSGFWTIASTNFVDALIEVQGTSIQRILYCDDPVSQLKCSQVAFDLDDG
FYPISSRNLLSHEQPISFVTLPSFNDHSFVNITVSAAFGGLSSANLVASDTTINGFSSFCVDTRQFTITLFYNVTNSYGY
VSKSQDSNCPFTLQSVNDYLSFSKFCVSTSLLAGACTIDLFGYPAFGSGVKLTSLYFQFTKGELITGTPKPLEGITDVSF
MTLDVCTKYTIYGFKGEGIITLTNSSILAGVYYTSDSGQLLAFKNVTSGAVYSVTPCSFSEQAAYVNDDIVGVISSLSNS
TFNNTRELPGFFYHSNDGSNCTEPVLVYSNIGVCKSGSIGYVPSQYGQVKIAPTVTGNISIPTNFSMSIRTEYLQLYNTP
VSVDCATYVCNGNSRCKQLLTQYTAACKTIESALQLSARLESVEVNSMLTISEEALQLATISSFNGDGYNFTNVLGASVY
DPASGRVVQKRSVIEDLLFNKVVTNGLGTVDEDYKRCSNGRSVADLVCAQYYSGVMVLPGVVDAEKLHMYSASLIGGMAL
GGITAAAALPFSYAVQARLNYLALQTDVLQRNQQLLAESFNSAIGNITSAFESVKEAISQTSKGLNTVAHALTKVQEVVN
SQGSALNQLTVQLQHNFQAISSSIDDIYSRLDILSADVQVDRLITGRLSALNAFVAQTLTKYTEVQASRKLAQQKVNECV
KSQSQRYGFCGGDGEHIFSLVQAAPQGLLFLHTVLVPGDFVNVLAIAGLCVNGEIALTLREPGLVLFTHELQTYTATEYF
VSSRRMFEPRKPTVSDFVQIESCVVTYVNLTSDQLPDVIPDYIDVNKTLDEILASLPNRTGPSLPLDVFNATYLNLTGEI
ADLEQRSESLRNTTEELRSLINNINNTLVDLEWLNRVETGSGYIPEAPRDGQAYVRKDGEWVLLSTFLGRSLEVLFQGPG
HHHHHHHHSAWSHPQFEKGGGSGGGGSGGSAWSHPQFEK
;
_entity_poly.pdbx_strand_id   A,B,C
#
loop_
_chem_comp.id
_chem_comp.type
_chem_comp.name
_chem_comp.formula
BMA D-saccharide, beta linking beta-D-mannopyranose 'C6 H12 O6'
MAN D-saccharide, alpha linking alpha-D-mannopyranose 'C6 H12 O6'
NAG D-saccharide, beta linking 2-acetamido-2-deoxy-beta-D-glucopyranose 'C8 H15 N O6'
#
# COMPACT_ATOMS: atom_id res chain seq x y z
N ALA A 43 3.78 39.69 47.79
CA ALA A 43 2.41 39.18 47.95
C ALA A 43 2.24 38.37 49.27
N PRO A 44 1.01 38.19 49.78
CA PRO A 44 0.72 37.30 50.91
C PRO A 44 0.87 35.82 50.55
N ALA A 45 2.07 35.29 50.81
CA ALA A 45 2.55 33.96 50.45
C ALA A 45 3.47 33.38 51.54
N VAL A 46 3.75 32.08 51.49
CA VAL A 46 4.62 31.36 52.44
C VAL A 46 5.93 31.02 51.73
N VAL A 47 7.09 31.39 52.28
CA VAL A 47 8.37 31.32 51.56
C VAL A 47 9.53 31.09 52.51
N VAL A 48 10.64 30.56 51.98
CA VAL A 48 11.87 30.23 52.72
C VAL A 48 13.03 31.00 52.12
N LEU A 49 13.94 31.48 52.96
CA LEU A 49 15.11 32.22 52.54
C LEU A 49 16.31 31.91 53.43
N GLY A 50 17.50 32.18 52.93
CA GLY A 50 18.74 31.81 53.57
C GLY A 50 19.94 32.58 53.05
N GLY A 51 21.11 32.22 53.54
CA GLY A 51 22.36 32.93 53.34
C GLY A 51 23.11 33.01 54.66
N TYR A 52 23.70 34.16 54.97
CA TYR A 52 24.12 34.46 56.34
C TYR A 52 23.25 35.62 56.88
N LEU A 53 22.42 35.33 57.87
CA LEU A 53 21.47 36.28 58.50
C LEU A 53 21.16 35.91 59.98
N PRO A 54 20.63 36.84 60.82
CA PRO A 54 20.61 36.75 62.28
C PRO A 54 19.96 35.49 62.91
N SER A 55 20.21 35.28 64.20
CA SER A 55 19.65 34.20 65.03
C SER A 55 18.17 34.39 65.38
N VAL A 73 34.35 33.66 60.24
CA VAL A 73 33.15 34.49 60.34
C VAL A 73 32.78 35.18 59.00
N HIS A 74 31.49 35.31 58.70
CA HIS A 74 30.96 35.73 57.38
C HIS A 74 29.95 36.90 57.40
N GLY A 75 29.65 37.49 58.55
CA GLY A 75 28.80 38.68 58.59
C GLY A 75 28.54 39.26 59.97
N ILE A 76 28.14 40.54 59.98
CA ILE A 76 27.79 41.36 61.15
C ILE A 76 26.39 41.92 60.97
N PHE A 77 25.62 41.98 62.06
CA PHE A 77 24.32 42.66 62.12
C PHE A 77 24.19 43.53 63.38
N LEU A 78 23.35 44.58 63.29
CA LEU A 78 23.25 45.67 64.26
C LEU A 78 21.81 46.20 64.38
N SER A 79 21.49 46.80 65.54
CA SER A 79 20.25 47.55 65.81
C SER A 79 20.47 48.72 66.77
N VAL A 161 20.03 46.18 60.42
CA VAL A 161 21.01 46.41 59.37
C VAL A 161 22.22 45.49 59.52
N GLY A 162 22.98 45.27 58.45
CA GLY A 162 24.18 44.44 58.53
C GLY A 162 24.94 44.29 57.22
N ILE A 163 26.10 43.64 57.29
CA ILE A 163 27.01 43.35 56.18
C ILE A 163 27.39 41.86 56.22
N THR A 164 27.40 41.21 55.05
CA THR A 164 27.75 39.80 54.86
C THR A 164 28.76 39.64 53.72
N TRP A 165 29.73 38.72 53.83
CA TRP A 165 30.74 38.42 52.81
C TRP A 165 30.93 36.92 52.55
N ASP A 166 31.03 36.51 51.28
CA ASP A 166 31.43 35.16 50.85
C ASP A 166 31.90 35.17 49.39
N ASN A 167 32.75 34.24 48.94
CA ASN A 167 33.04 33.97 47.52
C ASN A 167 33.40 35.22 46.69
N ASP A 168 34.24 36.11 47.25
CA ASP A 168 34.62 37.40 46.65
C ASP A 168 33.45 38.39 46.44
N ARG A 169 32.35 38.22 47.16
CA ARG A 169 31.13 39.01 47.06
C ARG A 169 30.69 39.52 48.43
N VAL A 170 30.27 40.77 48.48
CA VAL A 170 29.81 41.47 49.69
C VAL A 170 28.37 41.91 49.49
N THR A 171 27.50 41.63 50.45
CA THR A 171 26.13 42.13 50.48
C THR A 171 25.91 43.04 51.67
N VAL A 172 25.39 44.24 51.45
CA VAL A 172 25.07 45.22 52.50
C VAL A 172 23.56 45.35 52.62
N PHE A 173 23.03 45.23 53.83
CA PHE A 173 21.61 45.45 54.13
C PHE A 173 21.45 46.79 54.85
N ALA A 174 20.61 47.66 54.31
CA ALA A 174 20.26 48.95 54.89
C ALA A 174 18.73 49.12 54.89
N ASP A 175 18.19 50.27 54.49
CA ASP A 175 16.77 50.41 54.13
C ASP A 175 16.42 49.66 52.82
N LYS A 176 17.42 49.42 51.99
CA LYS A 176 17.44 48.62 50.75
C LYS A 176 18.68 47.73 50.79
N ILE A 177 18.69 46.62 50.05
CA ILE A 177 19.77 45.61 50.11
C ILE A 177 20.58 45.60 48.80
N TYR A 178 21.91 45.56 48.90
CA TYR A 178 22.87 45.84 47.83
C TYR A 178 23.97 44.77 47.73
N HIS A 179 24.61 44.65 46.57
CA HIS A 179 25.67 43.68 46.26
C HIS A 179 26.91 44.33 45.64
N PHE A 180 28.09 43.84 45.95
CA PHE A 180 29.37 44.30 45.40
C PHE A 180 30.32 43.12 45.17
N TYR A 181 31.30 43.30 44.29
CA TYR A 181 32.37 42.34 44.03
C TYR A 181 33.72 42.88 44.52
N LEU A 182 34.35 42.13 45.44
CA LEU A 182 35.53 42.52 46.22
C LEU A 182 36.30 41.26 46.66
N LYS A 183 37.57 41.09 46.28
CA LYS A 183 38.33 39.85 46.59
C LYS A 183 38.47 39.65 48.11
N ASN A 184 38.08 38.49 48.61
CA ASN A 184 37.93 38.17 50.04
C ASN A 184 37.21 39.29 50.81
N ALA A 200 23.14 45.82 67.77
CA ALA A 200 23.06 44.46 68.28
C ALA A 200 24.42 43.74 68.30
N MET A 201 25.35 44.12 67.42
CA MET A 201 26.72 43.60 67.32
C MET A 201 26.78 42.06 67.29
N GLN A 202 26.05 41.47 66.36
CA GLN A 202 25.82 40.04 66.23
C GLN A 202 26.60 39.47 65.05
N TYR A 203 27.30 38.35 65.25
CA TYR A 203 28.24 37.78 64.30
C TYR A 203 27.75 36.40 63.80
N VAL A 204 27.78 36.17 62.48
CA VAL A 204 27.27 34.93 61.86
C VAL A 204 28.43 34.10 61.28
N TYR A 205 28.60 32.86 61.77
CA TYR A 205 29.69 31.95 61.37
C TYR A 205 29.29 30.88 60.35
N THR A 206 28.00 30.61 60.22
CA THR A 206 27.44 29.46 59.49
C THR A 206 26.17 29.92 58.76
N PRO A 207 25.84 29.39 57.57
CA PRO A 207 24.60 29.73 56.88
C PRO A 207 23.33 29.42 57.68
N THR A 208 22.32 30.27 57.55
CA THR A 208 21.06 30.22 58.30
C THR A 208 19.87 30.26 57.36
N TYR A 209 18.76 29.67 57.78
CA TYR A 209 17.51 29.62 57.02
C TYR A 209 16.34 30.09 57.86
N TYR A 210 15.39 30.76 57.22
CA TYR A 210 14.15 31.25 57.78
C TYR A 210 12.98 30.87 56.91
N MET A 211 11.86 30.48 57.50
CA MET A 211 10.60 30.32 56.80
C MET A 211 9.62 31.36 57.31
N LEU A 212 8.94 32.08 56.41
CA LEU A 212 8.09 33.20 56.78
C LEU A 212 6.80 33.24 55.96
N ASN A 213 5.72 33.84 56.55
CA ASN A 213 4.52 34.15 55.78
C ASN A 213 3.98 35.57 55.98
N VAL A 214 3.52 36.20 54.90
CA VAL A 214 3.50 37.66 54.71
C VAL A 214 2.15 38.30 55.09
N THR A 215 2.24 39.38 55.88
CA THR A 215 1.12 40.21 56.38
C THR A 215 1.00 41.57 55.68
N SER A 216 1.89 41.86 54.71
CA SER A 216 2.05 43.12 53.96
C SER A 216 2.53 44.35 54.77
N ALA A 217 2.73 44.22 56.08
CA ALA A 217 3.34 45.24 56.94
C ALA A 217 4.80 45.52 56.56
N GLY A 221 5.31 40.59 56.16
CA GLY A 221 6.50 39.76 56.29
C GLY A 221 6.97 39.53 57.73
N ILE A 222 6.29 40.10 58.72
CA ILE A 222 6.76 40.16 60.11
C ILE A 222 6.61 38.83 60.87
N TYR A 223 5.90 37.84 60.32
CA TYR A 223 5.62 36.56 60.99
C TYR A 223 6.43 35.42 60.36
N TYR A 224 7.31 34.80 61.15
CA TYR A 224 8.32 33.83 60.72
C TYR A 224 8.70 32.83 61.81
N GLU A 225 9.29 31.70 61.40
CA GLU A 225 9.94 30.70 62.26
C GLU A 225 11.39 30.49 61.80
N PRO A 226 12.39 30.46 62.71
CA PRO A 226 13.74 30.06 62.35
C PRO A 226 13.75 28.59 61.92
N CYS A 227 14.65 28.22 61.01
CA CYS A 227 14.63 26.92 60.35
C CYS A 227 15.98 26.20 60.42
N THR A 228 15.91 24.87 60.50
CA THR A 228 17.01 23.92 60.66
C THR A 228 17.78 23.71 59.34
N ALA A 229 18.69 22.74 59.29
CA ALA A 229 19.05 22.08 58.03
C ALA A 229 17.82 21.47 57.33
N ASN A 230 17.96 21.18 56.03
CA ASN A 230 16.94 20.61 55.15
C ASN A 230 15.66 21.44 54.94
N CYS A 231 15.65 22.74 55.24
CA CYS A 231 14.51 23.61 54.93
C CYS A 231 14.44 24.06 53.46
N THR A 232 15.54 23.96 52.68
CA THR A 232 15.59 24.45 51.29
C THR A 232 14.51 23.86 50.42
N GLY A 233 14.18 22.59 50.65
CA GLY A 233 13.17 21.84 49.90
C GLY A 233 11.73 22.36 50.04
N TYR A 234 11.44 23.36 50.88
CA TYR A 234 10.13 24.01 50.89
C TYR A 234 9.88 24.95 49.69
N ALA A 235 10.89 25.64 49.16
CA ALA A 235 10.73 26.55 48.02
C ALA A 235 10.37 25.81 46.73
N ALA A 236 9.46 26.34 45.92
CA ALA A 236 8.87 25.61 44.81
C ALA A 236 9.81 25.31 43.63
N ASN A 237 10.89 26.07 43.44
CA ASN A 237 11.86 25.87 42.33
C ASN A 237 13.15 25.13 42.71
N VAL A 238 13.14 24.37 43.81
CA VAL A 238 14.26 23.56 44.31
C VAL A 238 13.74 22.26 44.91
N PHE A 239 14.58 21.22 44.96
CA PHE A 239 14.24 19.89 45.45
C PHE A 239 15.47 19.21 46.04
N ALA A 240 15.27 18.18 46.87
CA ALA A 240 16.34 17.27 47.24
C ALA A 240 16.51 16.22 46.14
N THR A 241 17.65 16.19 45.44
CA THR A 241 17.87 15.20 44.38
C THR A 241 17.90 13.77 44.96
N ASP A 242 17.19 12.84 44.34
CA ASP A 242 17.13 11.45 44.78
C ASP A 242 18.42 10.68 44.41
N SER A 243 18.60 9.48 44.95
CA SER A 243 19.72 8.58 44.65
C SER A 243 19.78 8.23 43.15
N ASN A 244 20.98 8.31 42.58
CA ASN A 244 21.27 8.28 41.14
C ASN A 244 20.64 9.43 40.32
N GLY A 245 20.14 10.49 40.95
CA GLY A 245 19.83 11.76 40.29
C GLY A 245 18.46 11.88 39.62
N HIS A 246 17.47 11.11 40.04
CA HIS A 246 16.09 11.36 39.65
C HIS A 246 15.55 12.60 40.36
N ILE A 247 14.82 13.45 39.63
CA ILE A 247 14.05 14.55 40.20
C ILE A 247 12.80 13.99 40.88
N PRO A 248 12.50 14.32 42.16
CA PRO A 248 11.33 13.79 42.84
C PRO A 248 10.02 14.01 42.10
N GLU A 249 9.15 12.99 42.07
CA GLU A 249 7.76 13.16 41.63
C GLU A 249 7.08 14.25 42.47
N GLY A 250 6.23 15.05 41.83
CA GLY A 250 5.58 16.18 42.47
C GLY A 250 6.42 17.46 42.55
N PHE A 251 7.67 17.45 42.06
CA PHE A 251 8.38 18.69 41.74
C PHE A 251 7.59 19.48 40.70
N SER A 252 7.53 20.81 40.85
CA SER A 252 6.69 21.70 40.05
C SER A 252 7.11 21.83 38.57
N PHE A 253 8.41 21.66 38.28
CA PHE A 253 9.07 22.03 37.02
C PHE A 253 8.90 23.51 36.66
N ASN A 254 9.06 24.40 37.65
CA ASN A 254 8.60 25.79 37.61
C ASN A 254 9.11 26.62 36.42
N ASN A 255 10.41 26.51 36.11
CA ASN A 255 11.07 27.11 34.96
C ASN A 255 12.03 26.12 34.31
N TRP A 256 11.70 24.82 34.27
CA TRP A 256 12.49 23.81 33.58
C TRP A 256 11.80 23.52 32.26
N PHE A 257 12.51 23.65 31.16
CA PHE A 257 11.94 23.50 29.82
C PHE A 257 12.55 22.30 29.14
N LEU A 258 11.75 21.57 28.37
CA LEU A 258 12.32 20.63 27.42
C LEU A 258 12.99 21.41 26.29
N LEU A 259 14.16 20.99 25.86
CA LEU A 259 15.03 21.74 24.98
C LEU A 259 14.81 21.36 23.53
N SER A 260 14.85 22.33 22.63
CA SER A 260 14.76 22.08 21.19
C SER A 260 15.78 22.87 20.37
N ASN A 261 16.49 22.27 19.43
CA ASN A 261 17.16 23.11 18.46
C ASN A 261 16.25 23.48 17.29
N ASP A 262 14.99 23.26 17.39
CA ASP A 262 13.92 23.38 16.40
C ASP A 262 12.59 23.79 17.07
N SER A 263 11.43 23.51 16.47
CA SER A 263 10.13 24.00 16.95
C SER A 263 9.69 23.40 18.28
N THR A 264 8.78 24.10 18.96
CA THR A 264 8.42 23.87 20.35
C THR A 264 7.09 23.16 20.51
N LEU A 265 7.09 22.10 21.30
CA LEU A 265 5.95 21.24 21.56
C LEU A 265 4.95 21.91 22.50
N LEU A 266 3.73 22.19 22.05
CA LEU A 266 2.75 22.91 22.88
C LEU A 266 2.15 22.05 23.97
N HIS A 267 1.74 20.82 23.64
CA HIS A 267 1.18 19.86 24.57
C HIS A 267 1.38 18.42 24.12
N GLY A 268 1.36 17.48 25.05
CA GLY A 268 1.40 16.04 24.80
C GLY A 268 2.61 15.34 25.44
N LYS A 269 2.60 14.01 25.34
CA LYS A 269 3.71 13.15 25.73
C LYS A 269 4.80 13.21 24.66
N VAL A 270 6.06 13.26 25.05
CA VAL A 270 7.21 13.00 24.19
C VAL A 270 8.23 12.22 24.98
N VAL A 271 8.90 11.23 24.39
CA VAL A 271 10.04 10.58 25.02
C VAL A 271 11.28 11.08 24.32
N SER A 272 12.18 11.73 25.07
CA SER A 272 13.35 12.40 24.48
C SER A 272 14.52 12.48 25.43
N ASN A 273 15.71 12.63 24.87
CA ASN A 273 16.98 12.64 25.57
C ASN A 273 17.30 14.05 26.08
N GLN A 274 17.05 14.33 27.35
CA GLN A 274 17.09 15.66 27.96
C GLN A 274 18.02 15.70 29.18
N PRO A 275 18.67 16.83 29.50
CA PRO A 275 19.45 16.98 30.71
C PRO A 275 18.57 17.08 31.94
N LEU A 276 18.08 15.93 32.41
CA LEU A 276 17.15 15.78 33.52
C LEU A 276 17.65 14.81 34.58
N LEU A 277 18.78 14.14 34.41
CA LEU A 277 19.43 13.32 35.43
C LEU A 277 20.33 14.22 36.26
N VAL A 278 19.86 14.65 37.43
CA VAL A 278 20.48 15.70 38.23
C VAL A 278 21.55 15.16 39.16
N ASN A 279 22.82 15.37 38.81
CA ASN A 279 23.98 14.97 39.58
C ASN A 279 24.01 15.65 40.95
N CYS A 280 23.93 16.98 41.00
CA CYS A 280 23.43 17.69 42.17
C CYS A 280 22.91 19.10 41.86
N LEU A 281 22.06 19.63 42.75
CA LEU A 281 21.34 20.88 42.57
C LEU A 281 21.83 21.90 43.59
N LEU A 282 22.58 22.87 43.12
CA LEU A 282 23.24 23.89 43.92
C LEU A 282 22.35 25.11 44.03
N ALA A 283 21.63 25.23 45.13
CA ALA A 283 20.70 26.32 45.37
C ALA A 283 21.38 27.50 46.03
N ILE A 284 21.39 28.65 45.37
CA ILE A 284 21.98 29.89 45.84
C ILE A 284 20.86 30.89 46.16
N PRO A 285 20.84 31.56 47.32
CA PRO A 285 19.83 32.55 47.62
C PRO A 285 19.87 33.70 46.63
N LYS A 286 18.72 34.25 46.22
CA LYS A 286 18.64 35.27 45.17
C LYS A 286 19.34 36.58 45.51
N ILE A 287 19.67 36.82 46.77
CA ILE A 287 20.55 37.89 47.23
C ILE A 287 22.05 37.66 46.95
N TYR A 288 22.48 36.52 46.43
CA TYR A 288 23.83 36.30 45.93
C TYR A 288 23.84 35.77 44.51
N GLY A 289 24.81 36.22 43.74
CA GLY A 289 25.35 35.47 42.61
C GLY A 289 26.53 34.63 43.08
N LEU A 290 27.24 33.97 42.17
CA LEU A 290 28.44 33.24 42.55
C LEU A 290 29.50 33.17 41.45
N GLY A 291 30.74 32.99 41.89
CA GLY A 291 31.93 32.86 41.09
C GLY A 291 32.53 31.49 41.28
N GLN A 292 32.36 30.61 40.29
CA GLN A 292 32.85 29.24 40.29
C GLN A 292 33.30 28.86 38.90
N PHE A 293 34.17 27.86 38.82
CA PHE A 293 34.59 27.21 37.60
C PHE A 293 33.93 25.83 37.57
N PHE A 294 33.09 25.58 36.57
CA PHE A 294 32.38 24.33 36.40
C PHE A 294 33.03 23.60 35.24
N SER A 295 33.64 22.45 35.49
CA SER A 295 34.31 21.67 34.45
C SER A 295 33.33 20.68 33.84
N PHE A 296 33.50 20.34 32.56
CA PHE A 296 32.78 19.25 31.91
C PHE A 296 33.56 17.91 31.99
N ASN A 297 34.66 17.92 32.75
CA ASN A 297 35.54 16.82 33.09
C ASN A 297 35.81 16.58 34.55
N HIS A 298 35.14 17.24 35.46
CA HIS A 298 35.23 17.07 36.92
C HIS A 298 33.85 17.19 37.57
N THR A 299 33.69 16.71 38.80
CA THR A 299 32.45 16.82 39.58
C THR A 299 32.19 18.23 40.13
N MET A 300 30.93 18.69 40.14
CA MET A 300 30.53 19.97 40.73
C MET A 300 30.70 19.99 42.26
N ASP A 301 30.82 21.18 42.86
CA ASP A 301 31.24 21.41 44.24
C ASP A 301 30.43 22.51 44.94
N GLY A 302 30.53 22.60 46.27
CA GLY A 302 29.65 23.43 47.10
C GLY A 302 28.40 22.66 47.54
N VAL A 303 27.87 23.01 48.72
CA VAL A 303 26.82 22.23 49.36
C VAL A 303 25.53 22.30 48.55
N CYS A 304 25.12 21.15 48.00
CA CYS A 304 23.97 21.01 47.12
C CYS A 304 22.97 19.96 47.65
N ASN A 305 21.70 20.16 47.35
CA ASN A 305 20.57 19.50 48.00
C ASN A 305 20.43 18.02 47.63
N GLY A 306 20.02 17.20 48.59
CA GLY A 306 19.80 15.76 48.44
C GLY A 306 21.09 14.95 48.38
N ALA A 307 21.09 13.86 47.64
CA ALA A 307 22.27 12.98 47.52
C ALA A 307 23.16 13.40 46.35
N ALA A 308 24.38 13.85 46.62
CA ALA A 308 25.31 14.32 45.57
C ALA A 308 25.92 13.14 44.82
N VAL A 309 25.81 13.13 43.49
CA VAL A 309 26.34 12.07 42.63
C VAL A 309 27.66 12.51 42.00
N ASP A 310 28.69 11.68 42.04
CA ASP A 310 30.00 11.96 41.46
C ASP A 310 30.06 11.60 39.96
N ARG A 311 29.46 12.44 39.12
CA ARG A 311 29.68 12.51 37.66
C ARG A 311 29.97 13.93 37.22
N ALA A 312 30.83 14.12 36.22
CA ALA A 312 30.99 15.40 35.56
C ALA A 312 29.78 15.69 34.65
N PRO A 313 29.18 16.89 34.67
CA PRO A 313 28.00 17.19 33.87
C PRO A 313 28.23 17.08 32.38
N GLU A 314 27.19 16.68 31.66
CA GLU A 314 27.05 16.96 30.23
C GLU A 314 26.27 18.24 29.98
N ALA A 315 25.54 18.75 30.96
CA ALA A 315 24.91 20.05 30.88
C ALA A 315 24.84 20.72 32.24
N LEU A 316 24.99 22.03 32.25
CA LEU A 316 24.73 22.88 33.40
C LEU A 316 23.47 23.66 33.12
N ARG A 317 22.46 23.62 34.00
CA ARG A 317 21.24 24.41 33.89
C ARG A 317 21.29 25.51 34.92
N PHE A 318 21.14 26.77 34.54
CA PHE A 318 21.07 27.90 35.46
C PHE A 318 19.66 28.43 35.46
N ASN A 319 18.98 28.42 36.59
CA ASN A 319 17.54 28.72 36.66
C ASN A 319 17.30 30.04 37.39
N ILE A 320 17.40 31.14 36.66
CA ILE A 320 17.47 32.51 37.15
C ILE A 320 16.16 33.26 36.90
N ASN A 321 15.46 33.68 37.87
CA ASN A 321 14.31 34.47 37.67
C ASN A 321 14.51 35.86 36.89
N ASP A 322 15.41 36.73 37.31
CA ASP A 322 15.62 38.05 36.72
C ASP A 322 16.85 38.07 35.80
N THR A 323 16.69 38.41 34.51
CA THR A 323 17.81 38.56 33.57
C THR A 323 18.84 39.63 33.95
N SER A 324 18.59 40.48 34.94
CA SER A 324 19.61 41.41 35.45
C SER A 324 20.83 40.71 36.04
N VAL A 325 20.74 39.42 36.38
CA VAL A 325 21.81 38.62 36.98
C VAL A 325 22.88 38.16 35.99
N ILE A 326 22.54 38.10 34.70
CA ILE A 326 23.32 37.51 33.62
C ILE A 326 23.98 38.59 32.74
N LEU A 327 23.40 39.77 32.54
CA LEU A 327 24.06 40.87 31.83
C LEU A 327 25.07 41.60 32.71
N ALA A 328 26.34 41.23 32.59
CA ALA A 328 27.54 41.92 33.07
C ALA A 328 28.73 41.47 32.21
N GLU A 329 29.85 42.21 32.12
CA GLU A 329 31.03 41.69 31.41
C GLU A 329 31.63 40.48 32.12
N GLY A 330 31.96 39.44 31.36
CA GLY A 330 32.52 38.19 31.85
C GLY A 330 31.53 37.32 32.63
N SER A 331 30.22 37.58 32.53
CA SER A 331 29.19 36.90 33.33
C SER A 331 29.10 35.39 33.06
N ILE A 332 29.28 34.97 31.82
CA ILE A 332 29.56 33.61 31.43
C ILE A 332 30.82 33.66 30.58
N VAL A 333 31.81 32.82 30.88
CA VAL A 333 32.95 32.54 30.01
C VAL A 333 32.90 31.06 29.68
N LEU A 334 32.85 30.72 28.42
CA LEU A 334 32.82 29.36 27.93
C LEU A 334 34.22 29.06 27.40
N HIS A 335 34.82 27.97 27.85
CA HIS A 335 36.18 27.60 27.47
C HIS A 335 36.09 26.44 26.49
N THR A 336 36.54 26.63 25.26
CA THR A 336 36.46 25.63 24.19
C THR A 336 37.65 24.68 24.25
N ALA A 337 37.50 23.46 23.74
CA ALA A 337 38.59 22.46 23.68
C ALA A 337 39.79 22.93 22.85
N LEU A 338 39.55 23.75 21.82
CA LEU A 338 40.57 24.44 21.02
C LEU A 338 41.33 25.53 21.80
N GLY A 339 41.02 25.76 23.08
CA GLY A 339 41.66 26.74 23.95
C GLY A 339 41.19 28.18 23.78
N THR A 340 40.24 28.47 22.90
CA THR A 340 39.55 29.78 22.82
C THR A 340 38.50 29.97 23.91
N ASN A 341 38.43 31.12 24.57
CA ASN A 341 37.38 31.33 25.47
C ASN A 341 36.48 32.35 24.94
N LEU A 342 35.20 32.23 25.14
CA LEU A 342 34.08 33.01 24.62
C LEU A 342 33.36 33.65 25.80
N SER A 343 33.35 34.97 25.90
CA SER A 343 32.77 35.66 27.05
C SER A 343 31.53 36.40 26.62
N PHE A 344 30.43 36.16 27.30
CA PHE A 344 29.20 36.86 27.06
C PHE A 344 29.25 38.22 27.74
N VAL A 345 29.14 39.30 26.98
CA VAL A 345 29.16 40.68 27.47
C VAL A 345 27.92 41.41 26.99
N CYS A 346 27.32 42.30 27.79
CA CYS A 346 26.14 43.08 27.42
C CYS A 346 26.33 44.56 27.70
N SER A 347 25.90 45.40 26.77
CA SER A 347 26.08 46.83 26.78
C SER A 347 24.77 47.59 26.60
N ASN A 348 24.75 48.77 27.08
CA ASN A 348 23.76 49.61 26.75
C ASN A 348 23.80 50.22 25.42
N SER A 349 24.89 50.06 24.69
CA SER A 349 25.15 50.55 23.34
C SER A 349 25.39 49.42 22.34
N SER A 350 25.03 49.67 21.09
CA SER A 350 25.23 48.77 19.96
C SER A 350 26.68 48.63 19.51
N ASP A 351 27.64 49.36 20.09
CA ASP A 351 29.08 49.18 19.84
C ASP A 351 29.77 48.77 21.15
N PRO A 352 30.41 47.59 21.24
CA PRO A 352 30.55 46.90 22.53
C PRO A 352 31.65 47.42 23.44
N HIS A 353 32.59 48.21 22.90
CA HIS A 353 33.82 48.62 23.57
C HIS A 353 33.64 49.48 24.84
N LEU A 354 32.41 49.90 25.18
CA LEU A 354 32.04 50.60 26.42
C LEU A 354 30.65 50.18 26.95
N ALA A 363 20.14 54.94 33.09
CA ALA A 363 20.40 53.81 32.21
C ALA A 363 19.76 52.48 32.70
N THR A 364 18.93 52.54 33.74
CA THR A 364 18.54 51.40 34.60
C THR A 364 17.82 50.24 33.89
N GLU A 365 16.98 50.48 32.87
CA GLU A 365 16.29 49.44 32.08
C GLU A 365 16.23 49.77 30.57
N VAL A 366 17.36 50.21 30.03
CA VAL A 366 17.64 50.27 28.58
C VAL A 366 17.51 48.90 27.91
N PRO A 367 17.35 48.80 26.57
CA PRO A 367 17.61 47.56 25.87
C PRO A 367 19.08 47.17 26.02
N TYR A 368 19.36 45.89 26.23
CA TYR A 368 20.72 45.40 26.43
C TYR A 368 21.18 44.66 25.17
N TYR A 369 22.24 45.11 24.54
CA TYR A 369 22.83 44.48 23.36
C TYR A 369 23.92 43.51 23.81
N CYS A 370 23.81 42.23 23.48
CA CYS A 370 24.69 41.19 24.01
C CYS A 370 25.57 40.54 22.95
N PHE A 371 26.86 40.39 23.23
CA PHE A 371 27.91 39.98 22.31
C PHE A 371 28.76 38.84 22.87
N LEU A 372 29.21 37.90 22.04
CA LEU A 372 30.34 37.04 22.36
C LEU A 372 31.64 37.77 22.09
N LYS A 373 32.39 38.04 23.15
CA LYS A 373 33.80 38.39 23.09
C LYS A 373 34.58 37.10 22.90
N VAL A 374 35.01 36.82 21.69
CA VAL A 374 35.81 35.66 21.32
C VAL A 374 37.28 36.00 21.46
N ASP A 375 37.96 35.37 22.41
CA ASP A 375 39.38 35.53 22.66
C ASP A 375 40.15 34.33 22.11
N THR A 376 41.23 34.59 21.39
CA THR A 376 42.10 33.62 20.72
C THR A 376 43.56 34.02 20.94
N TYR A 377 44.51 33.13 20.68
CA TYR A 377 45.91 33.20 21.13
C TYR A 377 46.60 34.59 21.05
N ASN A 378 46.27 35.45 20.07
CA ASN A 378 46.59 36.89 20.11
C ASN A 378 45.50 37.78 19.47
N SER A 379 44.23 37.56 19.81
CA SER A 379 43.09 38.33 19.28
C SER A 379 41.90 38.43 20.24
N THR A 380 41.09 39.48 20.08
CA THR A 380 39.70 39.58 20.55
C THR A 380 38.82 39.99 19.37
N VAL A 381 37.67 39.35 19.21
CA VAL A 381 36.61 39.71 18.25
C VAL A 381 35.28 39.72 18.99
N TYR A 382 34.35 40.58 18.59
CA TYR A 382 33.00 40.61 19.14
C TYR A 382 31.97 40.20 18.09
N LYS A 383 31.26 39.09 18.30
CA LYS A 383 30.11 38.67 17.50
C LYS A 383 28.85 39.11 18.21
N PHE A 384 27.97 39.82 17.53
CA PHE A 384 26.72 40.27 18.10
C PHE A 384 25.68 39.15 18.13
N LEU A 385 25.04 38.92 19.27
CA LEU A 385 23.98 37.91 19.43
C LEU A 385 22.57 38.50 19.31
N ALA A 386 22.08 39.23 20.31
CA ALA A 386 20.73 39.75 20.30
C ALA A 386 20.54 40.90 21.28
N VAL A 387 19.47 41.68 21.10
CA VAL A 387 18.94 42.54 22.16
C VAL A 387 18.26 41.62 23.16
N LEU A 388 18.93 41.31 24.26
CA LEU A 388 18.48 40.28 25.19
C LEU A 388 17.14 40.69 25.84
N PRO A 389 16.08 39.88 25.73
CA PRO A 389 14.78 40.26 26.24
C PRO A 389 14.75 40.28 27.76
N PRO A 390 13.95 41.14 28.40
CA PRO A 390 13.87 41.23 29.85
C PRO A 390 13.24 39.98 30.53
N THR A 391 12.98 38.89 29.80
CA THR A 391 12.11 37.76 30.18
C THR A 391 12.79 36.38 30.12
N VAL A 392 14.12 36.30 30.11
CA VAL A 392 14.90 35.05 30.24
C VAL A 392 14.74 34.43 31.61
N ARG A 393 14.55 33.10 31.69
CA ARG A 393 14.33 32.33 32.93
C ARG A 393 15.23 31.12 33.10
N GLU A 394 15.72 30.51 32.01
CA GLU A 394 16.71 29.45 32.05
C GLU A 394 17.76 29.62 30.96
N ILE A 395 19.00 29.32 31.30
CA ILE A 395 20.09 29.07 30.37
C ILE A 395 20.56 27.65 30.65
N VAL A 396 20.66 26.78 29.67
CA VAL A 396 21.39 25.51 29.80
C VAL A 396 22.53 25.42 28.82
N ILE A 397 23.74 25.15 29.31
CA ILE A 397 24.94 25.03 28.50
C ILE A 397 25.35 23.57 28.51
N THR A 398 25.45 22.98 27.32
CA THR A 398 25.76 21.59 27.08
C THR A 398 27.23 21.44 26.74
N LYS A 399 27.90 20.42 27.28
CA LYS A 399 29.27 19.98 27.00
C LYS A 399 29.61 19.97 25.53
N TYR A 400 28.68 19.54 24.69
CA TYR A 400 28.78 19.49 23.24
C TYR A 400 28.56 20.83 22.53
N GLY A 401 28.51 21.92 23.29
CA GLY A 401 28.59 23.29 22.82
C GLY A 401 27.26 24.05 22.76
N ASP A 402 26.12 23.39 22.76
CA ASP A 402 24.82 24.04 22.63
C ASP A 402 24.47 24.92 23.83
N VAL A 403 24.00 26.14 23.59
CA VAL A 403 23.43 27.01 24.62
C VAL A 403 21.96 27.22 24.31
N TYR A 404 21.08 26.80 25.21
CA TYR A 404 19.64 26.94 25.06
C TYR A 404 19.11 27.97 26.04
N VAL A 405 18.37 28.97 25.55
CA VAL A 405 17.76 30.02 26.35
C VAL A 405 16.26 29.84 26.28
N ASN A 406 15.58 29.77 27.43
CA ASN A 406 14.14 29.47 27.49
C ASN A 406 13.72 28.31 26.58
N GLY A 407 14.49 27.23 26.60
CA GLY A 407 14.20 25.99 25.89
C GLY A 407 14.53 25.97 24.40
N PHE A 408 14.99 27.07 23.81
CA PHE A 408 15.34 27.13 22.39
C PHE A 408 16.84 27.31 22.19
N GLY A 409 17.43 26.50 21.31
CA GLY A 409 18.87 26.47 21.06
C GLY A 409 19.35 27.61 20.17
N TYR A 410 19.62 28.78 20.74
CA TYR A 410 20.15 29.94 20.03
C TYR A 410 21.51 29.66 19.40
N LEU A 411 22.42 29.01 20.12
CA LEU A 411 23.83 28.88 19.75
C LEU A 411 24.29 27.43 19.69
N HIS A 412 25.20 27.15 18.77
CA HIS A 412 25.99 25.94 18.68
C HIS A 412 27.47 26.35 18.63
N LEU A 413 28.32 25.61 19.31
CA LEU A 413 29.73 25.92 19.61
C LEU A 413 30.53 24.61 19.63
N GLY A 414 31.86 24.67 19.69
CA GLY A 414 32.67 23.46 19.83
C GLY A 414 32.45 22.70 21.15
N LEU A 415 33.10 21.55 21.30
CA LEU A 415 33.26 20.89 22.59
C LEU A 415 33.80 21.89 23.63
N LEU A 416 33.21 21.94 24.82
CA LEU A 416 33.66 22.81 25.90
C LEU A 416 34.46 22.00 26.92
N ASP A 417 35.57 22.56 27.40
CA ASP A 417 36.28 22.04 28.57
C ASP A 417 35.54 22.39 29.86
N ALA A 418 35.06 23.63 29.96
CA ALA A 418 34.53 24.21 31.18
C ALA A 418 33.73 25.49 30.92
N VAL A 419 33.01 25.97 31.92
CA VAL A 419 32.47 27.32 32.00
C VAL A 419 32.82 27.97 33.32
N THR A 420 33.07 29.26 33.29
CA THR A 420 33.20 30.14 34.45
C THR A 420 31.96 30.99 34.48
N ILE A 421 31.36 31.22 35.64
CA ILE A 421 30.30 32.22 35.77
C ILE A 421 30.61 33.25 36.83
N ASN A 422 30.06 34.41 36.69
CA ASN A 422 30.23 35.42 37.59
C ASN A 422 28.96 36.20 37.69
N PHE A 423 27.86 35.55 37.93
CA PHE A 423 26.50 36.03 38.09
C PHE A 423 26.44 37.00 39.25
N THR A 424 25.59 38.02 39.18
CA THR A 424 25.74 39.24 39.99
C THR A 424 24.69 39.50 41.07
N GLY A 425 23.83 38.54 41.38
CA GLY A 425 22.74 38.73 42.35
C GLY A 425 21.53 39.44 41.75
N HIS A 426 20.33 39.10 42.21
CA HIS A 426 19.08 39.57 41.60
C HIS A 426 18.76 41.01 41.99
N GLY A 427 17.94 41.67 41.19
CA GLY A 427 17.58 43.08 41.36
C GLY A 427 16.62 43.26 42.53
N THR A 428 17.12 43.80 43.64
CA THR A 428 16.52 43.71 44.98
C THR A 428 15.26 44.55 45.20
N ASP A 429 14.73 45.19 44.17
CA ASP A 429 13.40 45.80 44.17
C ASP A 429 12.28 44.77 43.87
N ASP A 430 12.58 43.63 43.27
CA ASP A 430 11.67 42.48 43.14
C ASP A 430 11.54 41.72 44.48
N ASP A 431 10.84 40.59 44.50
CA ASP A 431 10.62 39.80 45.71
C ASP A 431 11.93 39.34 46.38
N VAL A 432 12.86 38.75 45.61
CA VAL A 432 14.25 38.43 46.00
C VAL A 432 14.33 37.73 47.37
N SER A 433 13.54 36.67 47.47
CA SER A 433 13.48 35.68 48.54
C SER A 433 13.57 34.28 47.96
N GLY A 434 14.23 33.36 48.66
CA GLY A 434 14.41 31.99 48.17
C GLY A 434 15.53 31.90 47.14
N PHE A 435 15.52 30.82 46.37
CA PHE A 435 16.73 30.29 45.74
C PHE A 435 16.64 30.28 44.22
N TRP A 436 17.77 30.46 43.56
CA TRP A 436 17.97 30.18 42.15
C TRP A 436 19.00 29.07 42.04
N THR A 437 18.81 28.15 41.13
CA THR A 437 19.45 26.83 41.21
C THR A 437 20.32 26.58 40.02
N ILE A 438 21.48 26.00 40.25
CA ILE A 438 22.35 25.48 39.21
C ILE A 438 22.26 23.97 39.26
N ALA A 439 21.91 23.32 38.18
CA ALA A 439 21.82 21.87 38.11
C ALA A 439 22.96 21.34 37.26
N SER A 440 23.82 20.55 37.86
CA SER A 440 24.75 19.72 37.13
C SER A 440 24.00 18.47 36.68
N THR A 441 23.96 18.18 35.39
CA THR A 441 23.08 17.17 34.82
C THR A 441 23.71 16.32 33.73
N ASN A 442 23.15 15.14 33.49
CA ASN A 442 23.46 14.24 32.40
C ASN A 442 22.21 14.02 31.53
N PHE A 443 22.43 13.76 30.25
CA PHE A 443 21.36 13.41 29.35
C PHE A 443 20.83 12.02 29.68
N VAL A 444 19.52 11.85 29.65
CA VAL A 444 18.87 10.54 29.73
C VAL A 444 17.56 10.57 28.93
N ASP A 445 17.13 9.44 28.37
CA ASP A 445 15.78 9.32 27.82
C ASP A 445 14.78 9.37 28.95
N ALA A 446 13.86 10.32 28.88
CA ALA A 446 12.74 10.44 29.78
C ALA A 446 11.45 10.65 29.00
N LEU A 447 10.37 10.03 29.46
CA LEU A 447 9.03 10.32 29.00
C LEU A 447 8.55 11.57 29.73
N ILE A 448 8.17 12.60 29.00
CA ILE A 448 7.79 13.91 29.51
C ILE A 448 6.39 14.21 29.05
N GLU A 449 5.55 14.73 29.94
CA GLU A 449 4.25 15.27 29.58
C GLU A 449 4.34 16.77 29.64
N VAL A 450 4.07 17.43 28.53
CA VAL A 450 4.13 18.87 28.36
C VAL A 450 2.71 19.38 28.28
N GLN A 451 2.38 20.42 29.02
CA GLN A 451 1.14 21.17 28.83
C GLN A 451 1.45 22.66 28.78
N GLY A 452 0.95 23.40 27.80
CA GLY A 452 1.21 24.84 27.68
C GLY A 452 2.71 25.18 27.57
N THR A 453 3.48 24.35 26.89
CA THR A 453 4.96 24.30 26.83
C THR A 453 5.72 24.00 28.11
N SER A 454 5.03 23.71 29.23
CA SER A 454 5.62 23.48 30.54
C SER A 454 5.57 22.02 30.93
N ILE A 455 6.67 21.45 31.46
CA ILE A 455 6.68 20.06 31.93
C ILE A 455 5.69 19.89 33.08
N GLN A 456 4.77 18.93 32.96
CA GLN A 456 3.88 18.52 34.04
C GLN A 456 4.41 17.31 34.80
N ARG A 457 4.93 16.31 34.09
CA ARG A 457 5.42 15.04 34.65
C ARG A 457 6.61 14.51 33.89
N ILE A 458 7.39 13.68 34.57
CA ILE A 458 8.59 13.04 34.09
C ILE A 458 8.59 11.57 34.49
N LEU A 459 9.13 10.69 33.65
CA LEU A 459 9.41 9.29 33.97
C LEU A 459 10.75 8.90 33.35
N TYR A 460 11.61 8.19 34.07
CA TYR A 460 12.97 7.92 33.64
C TYR A 460 13.10 6.46 33.19
N CYS A 461 13.61 6.23 31.98
CA CYS A 461 13.71 4.91 31.37
C CYS A 461 14.91 4.07 31.88
N ASP A 462 15.24 4.13 33.17
CA ASP A 462 16.38 3.44 33.78
C ASP A 462 16.13 1.96 34.14
N ASP A 463 14.88 1.48 34.13
CA ASP A 463 14.50 0.13 34.58
C ASP A 463 13.43 -0.51 33.67
N PRO A 464 13.28 -1.85 33.64
CA PRO A 464 12.54 -2.52 32.57
C PRO A 464 11.03 -2.32 32.61
N VAL A 465 10.45 -1.93 33.75
CA VAL A 465 9.06 -1.45 33.82
C VAL A 465 8.93 -0.06 33.20
N SER A 466 9.86 0.85 33.47
CA SER A 466 9.82 2.20 32.90
C SER A 466 10.16 2.22 31.42
N GLN A 467 11.04 1.34 30.95
CA GLN A 467 11.31 1.15 29.52
C GLN A 467 10.14 0.54 28.78
N LEU A 468 9.25 -0.19 29.45
CA LEU A 468 8.00 -0.63 28.84
C LEU A 468 7.07 0.57 28.68
N LYS A 469 6.88 1.36 29.74
CA LYS A 469 6.04 2.55 29.72
C LYS A 469 6.48 3.56 28.67
N CYS A 470 7.75 3.92 28.65
CA CYS A 470 8.30 4.83 27.66
C CYS A 470 8.61 4.20 26.29
N SER A 471 8.26 2.93 26.05
CA SER A 471 8.14 2.36 24.69
C SER A 471 6.72 2.48 24.16
N GLN A 472 5.72 2.30 25.04
CA GLN A 472 4.30 2.50 24.74
C GLN A 472 3.85 3.96 24.82
N VAL A 473 4.74 4.90 25.13
CA VAL A 473 4.49 6.35 25.29
C VAL A 473 3.25 6.58 26.16
N ALA A 474 3.24 5.95 27.33
CA ALA A 474 2.14 5.96 28.28
C ALA A 474 2.69 6.08 29.71
N PHE A 475 2.12 6.96 30.52
CA PHE A 475 2.54 7.11 31.93
C PHE A 475 1.99 5.99 32.81
N ASP A 476 0.79 5.48 32.50
CA ASP A 476 0.32 4.20 33.00
C ASP A 476 -0.56 3.51 31.97
N LEU A 477 -0.58 2.17 32.04
CA LEU A 477 -0.99 1.26 30.98
C LEU A 477 -2.10 0.31 31.43
N ASP A 478 -2.96 -0.09 30.49
CA ASP A 478 -3.90 -1.18 30.71
C ASP A 478 -3.15 -2.52 30.82
N ASP A 479 -3.67 -3.45 31.61
CA ASP A 479 -3.12 -4.81 31.73
C ASP A 479 -3.02 -5.48 30.36
N GLY A 480 -1.94 -6.17 30.07
CA GLY A 480 -1.72 -6.78 28.76
C GLY A 480 -0.40 -7.50 28.63
N PHE A 481 -0.13 -8.10 27.46
CA PHE A 481 1.19 -8.60 27.12
C PHE A 481 1.83 -7.59 26.18
N TYR A 482 2.98 -7.03 26.57
CA TYR A 482 3.71 -6.04 25.78
C TYR A 482 5.06 -6.58 25.36
N PRO A 483 5.48 -6.47 24.10
CA PRO A 483 6.79 -6.91 23.69
C PRO A 483 7.91 -6.11 24.36
N ILE A 484 8.91 -6.78 24.90
CA ILE A 484 10.12 -6.20 25.47
C ILE A 484 11.36 -6.99 25.02
N SER A 485 12.49 -6.33 24.81
CA SER A 485 13.75 -7.04 24.56
C SER A 485 14.40 -7.50 25.87
N SER A 486 15.09 -8.62 25.86
CA SER A 486 15.92 -9.10 26.97
C SER A 486 17.03 -8.08 27.31
N ARG A 487 17.52 -8.12 28.55
CA ARG A 487 18.60 -7.24 29.05
C ARG A 487 19.88 -8.05 29.21
N ASN A 488 20.97 -7.57 28.62
CA ASN A 488 22.32 -8.10 28.81
C ASN A 488 23.23 -6.95 29.29
N LEU A 489 24.19 -7.23 30.19
CA LEU A 489 24.94 -6.24 30.97
C LEU A 489 26.44 -6.30 30.72
N LEU A 490 26.81 -6.18 29.45
CA LEU A 490 28.19 -6.32 28.97
C LEU A 490 28.69 -5.05 28.26
N SER A 491 28.00 -3.91 28.39
CA SER A 491 28.18 -2.70 27.56
C SER A 491 29.64 -2.23 27.39
N HIS A 492 30.38 -2.10 28.50
CA HIS A 492 31.80 -1.70 28.48
C HIS A 492 32.77 -2.89 28.39
N GLU A 493 32.30 -4.10 28.67
CA GLU A 493 33.09 -5.33 28.81
C GLU A 493 33.37 -6.02 27.45
N GLN A 494 32.46 -5.91 26.49
CA GLN A 494 32.29 -6.93 25.45
C GLN A 494 33.54 -7.19 24.58
N PRO A 495 34.03 -8.45 24.47
CA PRO A 495 35.20 -8.78 23.68
C PRO A 495 35.04 -8.46 22.19
N ILE A 496 36.14 -8.11 21.52
CA ILE A 496 36.18 -8.06 20.06
C ILE A 496 36.48 -9.45 19.52
N SER A 497 35.92 -9.78 18.37
CA SER A 497 36.23 -10.98 17.58
C SER A 497 36.42 -10.63 16.12
N PHE A 498 37.35 -11.31 15.46
CA PHE A 498 37.69 -11.14 14.06
C PHE A 498 37.91 -12.51 13.47
N VAL A 499 37.13 -12.88 12.45
CA VAL A 499 37.30 -14.12 11.70
C VAL A 499 37.44 -13.79 10.23
N THR A 500 38.50 -14.29 9.60
CA THR A 500 38.79 -14.07 8.17
C THR A 500 39.48 -15.27 7.55
N LEU A 501 39.52 -15.35 6.21
CA LEU A 501 40.12 -16.44 5.45
C LEU A 501 41.56 -16.68 5.91
N PRO A 502 42.00 -17.92 6.18
CA PRO A 502 43.19 -18.18 6.97
C PRO A 502 44.43 -17.46 6.50
N SER A 503 45.13 -16.84 7.45
CA SER A 503 46.27 -15.97 7.14
C SER A 503 47.34 -16.05 8.20
N PHE A 504 48.60 -15.84 7.85
CA PHE A 504 49.63 -15.48 8.82
C PHE A 504 49.66 -13.97 9.05
N ASN A 505 50.60 -13.49 9.85
CA ASN A 505 50.93 -12.09 10.04
C ASN A 505 51.60 -11.48 8.80
N ASP A 506 50.80 -11.07 7.81
CA ASP A 506 51.26 -10.53 6.52
C ASP A 506 50.91 -9.06 6.39
N HIS A 507 51.76 -8.18 6.91
CA HIS A 507 51.39 -6.80 7.20
C HIS A 507 52.27 -5.78 6.49
N SER A 508 51.67 -4.73 5.92
CA SER A 508 52.39 -3.52 5.51
C SER A 508 51.66 -2.24 5.87
N PHE A 509 52.38 -1.23 6.38
CA PHE A 509 51.80 0.07 6.66
C PHE A 509 51.62 0.84 5.37
N VAL A 510 50.51 1.56 5.25
CA VAL A 510 50.28 2.59 4.25
C VAL A 510 50.44 3.91 4.99
N ASN A 511 51.67 4.32 5.25
CA ASN A 511 51.76 5.53 5.98
C ASN A 511 51.88 6.75 5.28
N ILE A 512 50.99 7.68 5.47
CA ILE A 512 50.74 8.88 4.68
C ILE A 512 51.33 10.06 5.42
N THR A 513 52.18 10.82 4.75
CA THR A 513 52.72 12.08 5.27
C THR A 513 52.07 13.21 4.52
N VAL A 514 51.47 14.12 5.26
CA VAL A 514 50.90 15.38 4.78
C VAL A 514 51.80 16.47 5.31
N SER A 515 52.30 17.33 4.46
CA SER A 515 53.15 18.45 4.87
C SER A 515 52.62 19.72 4.26
N ALA A 516 52.63 20.82 5.01
CA ALA A 516 52.32 22.13 4.51
C ALA A 516 53.03 23.18 5.35
N ALA A 517 53.27 24.35 4.77
CA ALA A 517 53.85 25.50 5.43
C ALA A 517 52.84 26.65 5.40
N PHE A 518 52.94 27.56 6.36
CA PHE A 518 52.05 28.71 6.46
C PHE A 518 52.85 29.98 6.73
N GLY A 519 52.26 31.14 6.38
CA GLY A 519 52.82 32.46 6.67
C GLY A 519 51.79 33.59 6.58
N GLY A 520 52.27 34.82 6.62
CA GLY A 520 51.47 36.06 6.63
C GLY A 520 51.18 36.57 8.03
N LEU A 521 51.30 37.90 8.24
CA LEU A 521 51.14 38.57 9.55
C LEU A 521 49.76 39.20 9.79
N SER A 522 49.07 39.62 8.73
CA SER A 522 47.70 40.16 8.78
C SER A 522 46.61 39.06 8.72
N SER A 523 46.98 37.84 8.30
CA SER A 523 46.18 36.59 8.33
C SER A 523 47.10 35.38 8.14
N ALA A 524 46.64 34.17 8.52
CA ALA A 524 47.34 32.90 8.34
C ALA A 524 46.91 32.19 7.02
N ASN A 525 47.85 31.88 6.14
CA ASN A 525 47.57 31.28 4.82
C ASN A 525 48.63 30.23 4.41
N LEU A 526 48.30 29.36 3.45
CA LEU A 526 49.06 28.13 3.12
C LEU A 526 49.98 28.29 1.90
N VAL A 527 51.18 27.72 1.98
CA VAL A 527 52.16 27.57 0.90
C VAL A 527 52.82 26.18 0.91
N ALA A 528 53.33 25.75 -0.24
CA ALA A 528 54.20 24.59 -0.39
C ALA A 528 53.71 23.26 0.23
N SER A 529 52.40 22.96 0.13
CA SER A 529 51.84 21.64 0.48
C SER A 529 52.43 20.51 -0.36
N ASP A 530 52.69 19.35 0.25
CA ASP A 530 52.99 18.09 -0.41
C ASP A 530 52.41 16.91 0.37
N THR A 531 52.09 15.83 -0.33
CA THR A 531 51.49 14.60 0.18
C THR A 531 52.30 13.43 -0.33
N THR A 532 52.56 12.42 0.49
CA THR A 532 53.16 11.17 0.03
C THR A 532 52.57 9.99 0.78
N ILE A 533 52.42 8.85 0.11
CA ILE A 533 52.07 7.56 0.71
C ILE A 533 53.31 6.69 0.61
N ASN A 534 53.88 6.22 1.72
CA ASN A 534 55.13 5.47 1.76
C ASN A 534 56.25 6.10 0.90
N GLY A 535 56.29 7.42 0.81
CA GLY A 535 57.28 8.15 0.01
C GLY A 535 56.97 8.31 -1.49
N PHE A 536 55.81 7.90 -1.98
CA PHE A 536 55.40 7.97 -3.40
C PHE A 536 54.04 8.65 -3.57
N SER A 537 53.73 9.04 -4.81
CA SER A 537 52.46 9.66 -5.19
C SER A 537 51.27 8.68 -5.20
N SER A 538 51.51 7.38 -5.36
CA SER A 538 50.49 6.33 -5.28
C SER A 538 51.04 5.08 -4.62
N PHE A 539 50.15 4.28 -4.04
CA PHE A 539 50.46 2.99 -3.45
C PHE A 539 49.30 2.03 -3.66
N CYS A 540 49.54 0.74 -3.83
CA CYS A 540 48.48 -0.27 -3.84
C CYS A 540 48.83 -1.48 -2.98
N VAL A 541 47.91 -1.90 -2.12
CA VAL A 541 48.15 -2.93 -1.11
C VAL A 541 48.18 -4.33 -1.73
N ASP A 542 49.16 -5.13 -1.34
CA ASP A 542 49.41 -6.49 -1.79
C ASP A 542 49.41 -7.50 -0.63
N THR A 543 49.91 -7.08 0.54
CA THR A 543 49.89 -7.86 1.78
C THR A 543 48.49 -7.93 2.35
N ARG A 544 48.10 -9.04 2.98
CA ARG A 544 46.72 -9.26 3.42
C ARG A 544 46.23 -8.49 4.65
N GLN A 545 47.08 -7.79 5.39
CA GLN A 545 46.68 -6.76 6.34
C GLN A 545 47.43 -5.46 6.12
N PHE A 546 46.77 -4.34 6.41
CA PHE A 546 47.37 -3.03 6.38
C PHE A 546 46.84 -2.10 7.47
N THR A 547 47.62 -1.10 7.80
CA THR A 547 47.24 -0.01 8.68
C THR A 547 47.51 1.29 7.95
N ILE A 548 46.56 2.22 7.93
CA ILE A 548 46.81 3.57 7.46
C ILE A 548 47.17 4.40 8.68
N THR A 549 48.26 5.15 8.59
CA THR A 549 48.63 6.13 9.61
C THR A 549 48.83 7.48 8.97
N LEU A 550 48.33 8.53 9.57
CA LEU A 550 48.58 9.90 9.13
C LEU A 550 49.64 10.56 9.98
N PHE A 551 50.65 11.10 9.32
CA PHE A 551 51.60 12.00 9.89
C PHE A 551 51.38 13.37 9.29
N TYR A 552 51.18 14.37 10.13
CA TYR A 552 51.06 15.76 9.72
C TYR A 552 52.35 16.47 10.05
N ASN A 553 52.89 17.23 9.14
CA ASN A 553 54.10 17.85 9.39
C ASN A 553 53.92 19.26 8.96
N VAL A 554 53.08 19.99 9.67
CA VAL A 554 52.60 21.37 9.48
C VAL A 554 53.35 22.32 10.39
N THR A 555 53.85 23.41 9.81
CA THR A 555 54.83 24.32 10.46
C THR A 555 54.27 25.73 10.76
N ASN A 556 53.00 25.80 11.16
CA ASN A 556 52.30 27.06 11.46
C ASN A 556 53.03 27.91 12.55
N SER A 557 53.42 29.15 12.22
CA SER A 557 54.06 30.08 13.17
C SER A 557 53.12 30.58 14.28
N TYR A 558 51.80 30.53 14.09
CA TYR A 558 50.79 30.92 15.08
C TYR A 558 50.58 29.88 16.20
N GLY A 559 51.29 28.73 16.16
CA GLY A 559 51.46 27.83 17.31
C GLY A 559 50.74 26.48 17.23
N TYR A 560 49.57 26.37 16.62
CA TYR A 560 48.84 25.10 16.48
C TYR A 560 47.94 25.06 15.24
N VAL A 561 47.56 23.87 14.79
CA VAL A 561 46.58 23.69 13.71
C VAL A 561 45.56 22.62 14.10
N SER A 562 44.26 22.87 13.95
CA SER A 562 43.24 21.84 14.04
C SER A 562 43.05 21.20 12.68
N LYS A 563 42.77 19.89 12.61
CA LYS A 563 42.66 19.13 11.36
C LYS A 563 41.38 18.31 11.29
N SER A 564 40.78 18.22 10.12
CA SER A 564 39.48 17.57 9.88
C SER A 564 39.46 16.81 8.56
N GLN A 565 38.46 15.94 8.36
CA GLN A 565 38.29 15.12 7.16
C GLN A 565 36.88 15.27 6.58
N ASP A 566 36.77 15.30 5.25
CA ASP A 566 35.53 15.08 4.50
C ASP A 566 35.63 13.78 3.69
N SER A 567 34.65 12.88 3.79
CA SER A 567 34.59 11.63 3.03
C SER A 567 33.47 11.67 1.98
N ASN A 568 33.79 11.54 0.70
CA ASN A 568 32.83 11.09 -0.32
C ASN A 568 32.86 9.55 -0.37
N CYS A 569 32.95 8.88 0.78
CA CYS A 569 33.47 7.53 0.90
C CYS A 569 32.77 6.68 1.97
N PRO A 570 32.67 5.35 1.84
CA PRO A 570 32.10 4.48 2.86
C PRO A 570 33.05 4.19 4.03
N PHE A 571 34.03 5.05 4.28
CA PHE A 571 34.95 4.98 5.40
C PHE A 571 35.64 6.32 5.67
N THR A 572 36.39 6.35 6.75
CA THR A 572 37.25 7.44 7.24
C THR A 572 38.60 6.81 7.58
N LEU A 573 39.72 7.53 7.64
CA LEU A 573 41.04 6.89 7.73
C LEU A 573 41.22 5.99 8.97
N GLN A 574 40.83 6.51 10.14
CA GLN A 574 40.80 5.72 11.36
C GLN A 574 39.78 4.57 11.34
N SER A 575 38.64 4.68 10.65
CA SER A 575 37.71 3.55 10.46
C SER A 575 38.20 2.46 9.50
N VAL A 576 39.02 2.74 8.49
CA VAL A 576 39.65 1.70 7.64
C VAL A 576 40.45 0.72 8.48
N ASN A 577 41.13 1.21 9.50
CA ASN A 577 41.82 0.37 10.47
C ASN A 577 40.90 -0.59 11.26
N ASP A 578 39.63 -0.26 11.51
CA ASP A 578 38.68 -1.03 12.33
C ASP A 578 38.09 -2.27 11.63
N TYR A 579 38.98 -3.15 11.17
CA TYR A 579 38.69 -4.44 10.54
C TYR A 579 37.68 -4.33 9.37
N LEU A 580 37.93 -3.49 8.37
CA LEU A 580 37.22 -3.54 7.08
C LEU A 580 37.91 -4.50 6.12
N SER A 581 37.21 -5.12 5.18
CA SER A 581 37.76 -6.06 4.19
C SER A 581 37.52 -5.65 2.74
N PHE A 582 38.50 -5.91 1.88
CA PHE A 582 38.61 -5.48 0.50
C PHE A 582 39.23 -6.56 -0.40
N SER A 583 38.95 -6.48 -1.70
CA SER A 583 39.51 -7.33 -2.75
C SER A 583 40.74 -6.70 -3.39
N LYS A 584 40.76 -5.38 -3.55
CA LYS A 584 41.96 -4.56 -3.81
C LYS A 584 41.80 -3.23 -3.09
N PHE A 585 42.91 -2.55 -2.83
CA PHE A 585 42.92 -1.24 -2.19
C PHE A 585 44.14 -0.45 -2.63
N CYS A 586 43.95 0.62 -3.38
CA CYS A 586 45.00 1.55 -3.79
C CYS A 586 44.67 2.97 -3.38
N VAL A 587 45.67 3.74 -2.95
CA VAL A 587 45.56 5.11 -2.46
C VAL A 587 46.47 6.01 -3.29
N SER A 588 46.02 7.19 -3.72
CA SER A 588 46.91 8.15 -4.38
C SER A 588 46.58 9.61 -4.10
N THR A 589 47.57 10.47 -4.24
CA THR A 589 47.42 11.94 -4.21
C THR A 589 46.73 12.48 -5.47
N SER A 590 46.63 11.67 -6.52
CA SER A 590 46.06 11.98 -7.83
C SER A 590 44.90 11.04 -8.14
N LEU A 591 43.94 11.46 -8.96
CA LEU A 591 42.67 10.76 -9.12
C LEU A 591 42.84 9.40 -9.81
N LEU A 592 42.48 8.33 -9.09
CA LEU A 592 42.39 6.96 -9.57
C LEU A 592 40.97 6.69 -10.15
N ALA A 593 40.83 5.66 -10.97
CA ALA A 593 39.66 5.48 -11.85
C ALA A 593 38.28 5.51 -11.16
N GLY A 594 38.00 4.60 -10.23
CA GLY A 594 36.70 4.53 -9.55
C GLY A 594 36.61 5.31 -8.24
N ALA A 595 37.57 6.19 -7.96
CA ALA A 595 37.93 6.54 -6.60
C ALA A 595 36.92 7.38 -5.81
N CYS A 596 36.86 7.14 -4.50
CA CYS A 596 36.31 8.05 -3.52
C CYS A 596 37.37 9.09 -3.10
N THR A 597 36.95 10.19 -2.48
CA THR A 597 37.84 11.20 -1.90
C THR A 597 37.77 11.22 -0.38
N ILE A 598 38.93 11.25 0.28
CA ILE A 598 39.07 11.86 1.59
C ILE A 598 39.81 13.17 1.35
N ASP A 599 39.27 14.29 1.79
CA ASP A 599 39.95 15.58 1.74
C ASP A 599 40.31 15.98 3.16
N LEU A 600 41.56 16.36 3.38
CA LEU A 600 42.11 16.73 4.68
C LEU A 600 42.28 18.23 4.75
N PHE A 601 41.78 18.83 5.82
CA PHE A 601 41.73 20.27 6.02
C PHE A 601 42.46 20.68 7.28
N GLY A 602 43.07 21.86 7.28
CA GLY A 602 43.64 22.51 8.46
C GLY A 602 42.99 23.86 8.72
N TYR A 603 42.87 24.26 9.99
CA TYR A 603 42.36 25.56 10.44
C TYR A 603 43.44 26.32 11.23
N PRO A 604 44.39 27.01 10.59
CA PRO A 604 45.54 27.59 11.28
C PRO A 604 45.21 28.86 12.10
N ALA A 605 44.14 29.58 11.74
CA ALA A 605 43.50 30.64 12.50
C ALA A 605 41.99 30.57 12.27
N PHE A 606 41.22 30.53 13.35
CA PHE A 606 39.88 29.93 13.34
C PHE A 606 38.88 30.67 12.46
N GLY A 607 38.10 29.92 11.69
CA GLY A 607 37.13 30.40 10.70
C GLY A 607 37.11 29.50 9.46
N SER A 608 37.32 30.07 8.27
CA SER A 608 37.60 29.29 7.06
C SER A 608 38.88 28.45 7.24
N GLY A 609 38.79 27.14 7.03
CA GLY A 609 39.96 26.26 6.90
C GLY A 609 40.63 26.34 5.53
N VAL A 610 41.68 25.56 5.31
CA VAL A 610 42.36 25.36 4.02
C VAL A 610 42.51 23.86 3.75
N LYS A 611 42.38 23.42 2.50
CA LYS A 611 42.67 22.03 2.15
C LYS A 611 44.18 21.83 2.20
N LEU A 612 44.65 20.89 3.01
CA LEU A 612 46.05 20.46 3.01
C LEU A 612 46.29 19.57 1.80
N THR A 613 45.54 18.47 1.68
CA THR A 613 45.77 17.40 0.71
C THR A 613 44.47 16.67 0.41
N SER A 614 44.40 16.00 -0.74
CA SER A 614 43.34 15.06 -1.11
C SER A 614 43.90 13.68 -1.31
N LEU A 615 43.27 12.66 -0.74
CA LEU A 615 43.60 11.26 -0.93
C LEU A 615 42.47 10.62 -1.74
N TYR A 616 42.80 9.97 -2.84
CA TYR A 616 41.82 9.28 -3.68
C TYR A 616 41.99 7.80 -3.43
N PHE A 617 40.93 7.10 -3.05
CA PHE A 617 40.94 5.70 -2.70
C PHE A 617 40.16 4.91 -3.70
N GLN A 618 40.78 3.91 -4.29
CA GLN A 618 40.14 2.95 -5.15
C GLN A 618 40.17 1.59 -4.46
N PHE A 619 39.01 1.01 -4.26
CA PHE A 619 38.82 -0.18 -3.45
C PHE A 619 37.74 -1.04 -4.06
N THR A 620 37.62 -2.30 -3.64
CA THR A 620 36.52 -3.17 -4.08
C THR A 620 36.08 -4.04 -2.93
N LYS A 621 34.79 -4.02 -2.56
CA LYS A 621 34.26 -4.79 -1.44
C LYS A 621 34.53 -6.28 -1.66
N GLY A 622 35.11 -6.93 -0.66
CA GLY A 622 35.66 -8.27 -0.81
C GLY A 622 36.06 -8.91 0.51
N GLU A 623 37.01 -9.85 0.47
CA GLU A 623 37.27 -10.79 1.56
C GLU A 623 38.75 -10.91 1.96
N LEU A 624 39.69 -10.75 1.04
CA LEU A 624 41.11 -11.05 1.26
C LEU A 624 41.88 -10.00 2.06
N ILE A 625 41.98 -8.76 1.59
CA ILE A 625 42.82 -7.70 2.17
C ILE A 625 42.04 -6.98 3.28
N THR A 626 42.47 -7.03 4.54
CA THR A 626 41.73 -6.41 5.65
C THR A 626 42.51 -5.31 6.35
N GLY A 627 41.88 -4.18 6.58
CA GLY A 627 42.41 -3.11 7.42
C GLY A 627 42.55 -3.57 8.85
N THR A 628 43.45 -2.98 9.61
CA THR A 628 43.82 -3.43 10.96
C THR A 628 44.45 -2.30 11.78
N PRO A 629 44.35 -2.29 13.12
CA PRO A 629 44.97 -1.26 13.95
C PRO A 629 46.49 -1.38 14.16
N LYS A 630 47.01 -2.60 14.33
CA LYS A 630 48.43 -2.93 14.54
C LYS A 630 48.76 -4.31 13.96
N PRO A 631 50.00 -4.64 13.56
CA PRO A 631 50.34 -5.98 13.12
C PRO A 631 49.98 -7.00 14.20
N LEU A 632 49.10 -7.95 13.89
CA LEU A 632 48.47 -8.86 14.85
C LEU A 632 48.95 -10.31 14.67
N GLU A 633 49.51 -10.90 15.73
CA GLU A 633 50.34 -12.11 15.61
C GLU A 633 49.56 -13.40 15.35
N GLY A 634 50.21 -14.35 14.68
CA GLY A 634 49.71 -15.70 14.44
C GLY A 634 50.52 -16.44 13.36
N ILE A 635 50.47 -17.77 13.35
CA ILE A 635 51.23 -18.64 12.43
C ILE A 635 50.35 -19.29 11.36
N THR A 636 49.28 -19.96 11.76
CA THR A 636 48.35 -20.66 10.84
C THR A 636 47.10 -19.83 10.57
N ASP A 637 46.69 -18.99 11.51
CA ASP A 637 45.52 -18.10 11.41
C ASP A 637 45.78 -16.81 12.20
N VAL A 638 45.09 -15.74 11.83
CA VAL A 638 45.13 -14.41 12.42
C VAL A 638 43.86 -14.11 13.22
N SER A 639 42.80 -14.88 12.96
CA SER A 639 41.47 -14.77 13.54
C SER A 639 41.49 -14.98 15.04
N PHE A 640 40.60 -14.32 15.77
CA PHE A 640 40.32 -14.54 17.18
C PHE A 640 38.82 -14.52 17.47
N MET A 641 38.39 -15.36 18.40
CA MET A 641 37.01 -15.44 18.86
C MET A 641 36.95 -15.53 20.37
N THR A 642 35.84 -15.04 20.91
CA THR A 642 35.37 -15.48 22.23
C THR A 642 34.02 -16.14 22.06
N LEU A 643 33.89 -17.40 22.46
CA LEU A 643 32.63 -18.14 22.38
C LEU A 643 31.78 -17.93 23.63
N ASP A 644 30.47 -18.12 23.54
CA ASP A 644 29.51 -18.07 24.66
C ASP A 644 29.33 -16.72 25.38
N VAL A 645 29.99 -15.64 24.93
CA VAL A 645 29.93 -14.29 25.51
C VAL A 645 29.48 -13.32 24.43
N CYS A 646 28.68 -12.29 24.75
CA CYS A 646 28.30 -11.33 23.73
C CYS A 646 29.52 -10.54 23.25
N THR A 647 29.84 -10.64 21.97
CA THR A 647 31.04 -10.07 21.34
C THR A 647 30.69 -9.12 20.22
N LYS A 648 31.51 -8.11 19.98
CA LYS A 648 31.44 -7.25 18.80
C LYS A 648 32.36 -7.87 17.77
N TYR A 649 31.81 -8.35 16.67
CA TYR A 649 32.52 -9.22 15.74
C TYR A 649 32.69 -8.57 14.38
N THR A 650 33.75 -8.94 13.67
CA THR A 650 33.79 -8.89 12.22
C THR A 650 34.03 -10.30 11.75
N ILE A 651 33.14 -10.88 10.95
CA ILE A 651 33.25 -12.24 10.43
C ILE A 651 33.02 -12.16 8.93
N TYR A 652 34.05 -12.39 8.11
CA TYR A 652 33.96 -12.29 6.64
C TYR A 652 33.27 -11.00 6.15
N GLY A 653 33.60 -9.88 6.79
CA GLY A 653 33.06 -8.56 6.51
C GLY A 653 31.71 -8.22 7.11
N PHE A 654 30.95 -9.16 7.67
CA PHE A 654 29.76 -8.85 8.46
C PHE A 654 30.15 -8.33 9.82
N LYS A 655 29.41 -7.35 10.33
CA LYS A 655 29.63 -6.74 11.64
C LYS A 655 28.38 -6.79 12.48
N GLY A 656 28.55 -6.87 13.79
CA GLY A 656 27.45 -6.83 14.74
C GLY A 656 27.88 -7.15 16.16
N GLU A 657 26.90 -7.20 17.05
CA GLU A 657 27.01 -7.78 18.37
C GLU A 657 26.30 -9.12 18.37
N GLY A 658 26.91 -10.16 18.92
CA GLY A 658 26.27 -11.45 19.04
C GLY A 658 27.05 -12.46 19.86
N ILE A 659 26.46 -13.61 20.06
CA ILE A 659 27.04 -14.76 20.75
C ILE A 659 27.44 -15.74 19.66
N ILE A 660 28.66 -16.24 19.72
CA ILE A 660 29.17 -17.26 18.81
C ILE A 660 29.24 -18.57 19.59
N THR A 661 28.65 -19.64 19.07
CA THR A 661 28.69 -20.97 19.67
C THR A 661 29.07 -22.01 18.63
N LEU A 662 29.89 -22.99 19.00
CA LEU A 662 30.24 -24.11 18.12
C LEU A 662 29.04 -25.01 17.93
N THR A 663 28.75 -25.44 16.71
CA THR A 663 27.67 -26.36 16.40
C THR A 663 28.17 -27.56 15.64
N ASN A 664 27.66 -28.73 16.04
CA ASN A 664 28.07 -29.84 15.35
C ASN A 664 27.22 -30.16 14.14
N SER A 665 26.55 -29.21 13.49
CA SER A 665 25.78 -29.21 12.25
C SER A 665 26.63 -28.95 11.00
N SER A 666 27.69 -29.74 10.78
CA SER A 666 28.65 -29.58 9.68
C SER A 666 27.99 -29.37 8.32
N ILE A 667 28.48 -28.40 7.54
CA ILE A 667 27.99 -28.01 6.20
C ILE A 667 29.15 -28.02 5.19
N LEU A 668 28.87 -28.52 3.99
CA LEU A 668 29.91 -28.99 3.08
C LEU A 668 30.41 -27.97 2.05
N ALA A 669 29.71 -26.88 1.79
CA ALA A 669 30.10 -25.88 0.79
C ALA A 669 30.06 -24.45 1.34
N GLY A 670 30.81 -23.55 0.72
CA GLY A 670 30.83 -22.14 1.11
C GLY A 670 31.63 -21.85 2.37
N VAL A 671 31.50 -20.63 2.88
CA VAL A 671 32.20 -20.15 4.08
C VAL A 671 31.26 -19.49 5.09
N TYR A 672 30.17 -18.87 4.64
CA TYR A 672 29.15 -18.30 5.51
C TYR A 672 27.73 -18.47 4.99
N TYR A 673 26.80 -18.58 5.92
CA TYR A 673 25.38 -18.82 5.70
C TYR A 673 24.59 -17.67 6.28
N THR A 674 23.77 -17.04 5.45
CA THR A 674 22.98 -15.86 5.80
C THR A 674 21.51 -16.15 5.63
N SER A 675 20.71 -15.54 6.50
CA SER A 675 19.26 -15.42 6.36
C SER A 675 18.89 -14.60 5.13
N ASP A 676 17.60 -14.60 4.78
CA ASP A 676 17.01 -13.66 3.84
C ASP A 676 16.99 -12.23 4.37
N SER A 677 17.00 -12.07 5.71
CA SER A 677 17.19 -10.83 6.45
C SER A 677 18.58 -10.20 6.21
N GLY A 678 19.47 -10.86 5.46
CA GLY A 678 20.84 -10.40 5.18
C GLY A 678 21.78 -10.52 6.37
N GLN A 679 21.36 -11.22 7.42
CA GLN A 679 22.02 -11.33 8.70
C GLN A 679 22.72 -12.68 8.77
N LEU A 680 23.95 -12.68 9.24
CA LEU A 680 24.77 -13.88 9.39
C LEU A 680 24.13 -14.86 10.38
N LEU A 681 24.01 -16.13 10.02
CA LEU A 681 23.49 -17.18 10.88
C LEU A 681 24.57 -18.16 11.30
N ALA A 682 25.49 -18.51 10.41
CA ALA A 682 26.60 -19.38 10.72
C ALA A 682 27.76 -19.18 9.77
N PHE A 683 28.95 -19.64 10.14
CA PHE A 683 30.16 -19.55 9.34
C PHE A 683 31.15 -20.67 9.66
N LYS A 684 32.10 -20.97 8.77
CA LYS A 684 33.09 -22.04 8.93
C LYS A 684 34.44 -21.52 9.38
N ASN A 685 35.22 -22.37 10.02
CA ASN A 685 36.56 -22.13 10.39
C ASN A 685 37.05 -23.01 9.35
N VAL A 686 37.30 -22.46 8.24
CA VAL A 686 37.54 -23.20 6.99
C VAL A 686 38.80 -24.05 7.00
N THR A 687 39.76 -23.77 7.89
CA THR A 687 40.95 -24.58 8.13
C THR A 687 40.70 -25.91 8.85
N SER A 688 39.55 -26.10 9.50
CA SER A 688 39.18 -27.30 10.28
C SER A 688 37.78 -27.84 9.99
N GLY A 689 36.97 -27.16 9.18
CA GLY A 689 35.65 -27.62 8.76
C GLY A 689 34.52 -27.38 9.77
N ALA A 690 34.87 -27.02 11.01
CA ALA A 690 33.93 -26.70 12.08
C ALA A 690 33.07 -25.49 11.74
N VAL A 691 31.79 -25.55 12.08
CA VAL A 691 30.80 -24.51 11.83
C VAL A 691 30.33 -23.91 13.13
N TYR A 692 30.28 -22.59 13.18
CA TYR A 692 29.91 -21.78 14.33
C TYR A 692 28.66 -21.01 13.98
N SER A 693 27.78 -20.80 14.94
CA SER A 693 26.50 -20.13 14.78
C SER A 693 26.45 -18.83 15.56
N VAL A 694 25.79 -17.83 14.99
CA VAL A 694 25.67 -16.49 15.55
C VAL A 694 24.23 -16.21 15.96
N THR A 695 24.00 -15.84 17.21
CA THR A 695 22.72 -15.36 17.75
C THR A 695 22.87 -13.89 18.13
N PRO A 696 21.81 -13.05 18.05
CA PRO A 696 21.82 -11.79 18.75
C PRO A 696 21.95 -12.04 20.24
N CYS A 697 22.38 -11.07 21.05
CA CYS A 697 22.56 -11.32 22.49
C CYS A 697 21.48 -10.70 23.39
N SER A 698 20.53 -9.98 22.80
CA SER A 698 19.21 -9.74 23.37
C SER A 698 18.13 -10.34 22.48
N PHE A 699 17.35 -11.28 23.00
CA PHE A 699 16.19 -11.86 22.33
C PHE A 699 14.90 -11.10 22.69
N SER A 700 13.88 -11.18 21.85
CA SER A 700 12.57 -10.57 22.14
C SER A 700 11.75 -11.45 23.08
N GLU A 701 10.98 -10.84 23.97
CA GLU A 701 10.19 -11.48 25.04
C GLU A 701 8.81 -10.83 25.11
N GLN A 702 7.82 -11.46 25.72
CA GLN A 702 6.52 -10.83 26.00
C GLN A 702 6.39 -10.64 27.50
N ALA A 703 6.19 -9.43 27.97
CA ALA A 703 6.05 -9.14 29.38
C ALA A 703 4.57 -9.09 29.75
N ALA A 704 4.14 -9.91 30.70
CA ALA A 704 2.80 -9.84 31.24
C ALA A 704 2.78 -8.72 32.27
N TYR A 705 2.09 -7.64 31.94
CA TYR A 705 1.95 -6.46 32.77
C TYR A 705 0.55 -6.45 33.35
N VAL A 706 0.42 -6.48 34.67
CA VAL A 706 -0.87 -6.40 35.37
C VAL A 706 -0.72 -5.50 36.60
N ASN A 707 -1.68 -4.61 36.86
CA ASN A 707 -1.64 -3.71 38.02
C ASN A 707 -0.32 -2.92 38.17
N ASP A 708 0.18 -2.37 37.06
CA ASP A 708 1.36 -1.50 36.97
C ASP A 708 2.72 -2.08 37.39
N ASP A 709 2.92 -3.40 37.26
CA ASP A 709 4.23 -4.07 37.38
C ASP A 709 4.31 -5.25 36.42
N ILE A 710 5.52 -5.65 36.01
CA ILE A 710 5.75 -6.82 35.16
C ILE A 710 5.77 -8.03 36.06
N VAL A 711 4.68 -8.80 36.07
CA VAL A 711 4.52 -9.91 37.00
C VAL A 711 5.13 -11.20 36.50
N GLY A 712 5.37 -11.30 35.20
CA GLY A 712 6.14 -12.38 34.59
C GLY A 712 6.44 -12.12 33.14
N VAL A 713 7.36 -12.88 32.58
CA VAL A 713 7.92 -12.68 31.25
C VAL A 713 8.00 -14.00 30.52
N ILE A 714 7.67 -14.03 29.23
CA ILE A 714 7.70 -15.18 28.34
C ILE A 714 8.90 -15.08 27.42
N SER A 715 9.71 -16.12 27.35
CA SER A 715 11.06 -16.03 26.79
C SER A 715 11.56 -17.30 26.13
N SER A 716 12.60 -17.16 25.31
CA SER A 716 13.49 -18.23 24.86
C SER A 716 14.56 -18.66 25.86
N LEU A 717 14.85 -17.86 26.88
CA LEU A 717 15.98 -18.03 27.80
C LEU A 717 15.62 -18.87 29.03
N SER A 718 16.58 -19.62 29.57
CA SER A 718 16.39 -20.42 30.79
C SER A 718 16.59 -19.63 32.07
N ASN A 719 17.21 -18.45 32.03
CA ASN A 719 17.53 -17.64 33.21
C ASN A 719 17.17 -16.15 33.04
N SER A 720 16.61 -15.54 34.08
CA SER A 720 16.09 -14.17 34.12
C SER A 720 15.98 -13.68 35.57
N THR A 721 15.74 -12.38 35.81
CA THR A 721 15.77 -11.77 37.16
C THR A 721 14.73 -12.31 38.15
N PHE A 722 13.58 -12.79 37.69
CA PHE A 722 12.52 -13.35 38.54
C PHE A 722 12.96 -14.67 39.20
N ASN A 723 12.55 -14.96 40.38
CA ASN A 723 13.04 -16.10 41.00
C ASN A 723 12.55 -17.40 40.85
N ASN A 724 11.61 -17.57 40.00
CA ASN A 724 11.05 -18.85 39.58
C ASN A 724 10.95 -18.94 38.05
N THR A 725 11.31 -20.08 37.49
CA THR A 725 11.16 -20.38 36.06
C THR A 725 10.38 -21.65 35.86
N ARG A 726 9.49 -21.63 34.88
CA ARG A 726 8.62 -22.74 34.50
C ARG A 726 8.79 -22.97 33.02
N GLU A 727 8.83 -24.23 32.61
CA GLU A 727 9.01 -24.60 31.22
C GLU A 727 7.68 -25.08 30.64
N LEU A 728 7.35 -24.59 29.46
CA LEU A 728 6.13 -24.90 28.75
C LEU A 728 6.49 -25.30 27.31
N PRO A 729 5.59 -25.94 26.55
CA PRO A 729 5.94 -26.62 25.31
C PRO A 729 6.63 -25.73 24.27
N GLY A 730 6.29 -24.45 24.19
CA GLY A 730 6.90 -23.50 23.26
C GLY A 730 7.88 -22.48 23.85
N PHE A 731 7.94 -22.29 25.16
CA PHE A 731 8.62 -21.16 25.80
C PHE A 731 8.86 -21.37 27.29
N PHE A 732 9.69 -20.53 27.90
CA PHE A 732 9.82 -20.41 29.35
C PHE A 732 8.99 -19.26 29.88
N TYR A 733 8.39 -19.45 31.04
CA TYR A 733 7.73 -18.40 31.79
C TYR A 733 8.46 -18.13 33.09
N HIS A 734 8.87 -16.89 33.31
CA HIS A 734 9.57 -16.45 34.50
C HIS A 734 8.66 -15.60 35.36
N SER A 735 8.60 -15.84 36.66
CA SER A 735 7.74 -15.09 37.58
C SER A 735 8.26 -15.17 39.00
N ASN A 736 7.64 -14.45 39.93
CA ASN A 736 7.90 -14.59 41.35
C ASN A 736 7.01 -15.61 42.07
N ASP A 737 6.25 -16.44 41.34
CA ASP A 737 5.26 -17.34 41.94
C ASP A 737 5.06 -18.56 41.06
N GLY A 738 5.52 -19.72 41.52
CA GLY A 738 5.50 -20.99 40.76
C GLY A 738 4.18 -21.76 40.82
N SER A 739 3.18 -21.28 41.55
CA SER A 739 1.86 -21.92 41.68
C SER A 739 1.10 -22.00 40.34
N ASN A 740 -0.06 -22.64 40.32
CA ASN A 740 -0.93 -22.67 39.16
C ASN A 740 -1.96 -21.61 39.29
N CYS A 741 -2.60 -21.29 38.20
CA CYS A 741 -3.47 -20.13 38.11
C CYS A 741 -4.95 -20.53 37.93
N THR A 742 -5.80 -20.04 38.82
CA THR A 742 -7.25 -20.33 38.84
C THR A 742 -8.12 -19.09 38.62
N GLU A 743 -7.53 -17.91 38.42
CA GLU A 743 -8.22 -16.62 38.23
C GLU A 743 -7.47 -15.70 37.25
N PRO A 744 -7.25 -16.10 35.97
CA PRO A 744 -6.41 -15.34 35.07
C PRO A 744 -6.94 -13.95 34.76
N VAL A 745 -6.11 -12.91 34.94
CA VAL A 745 -6.42 -11.53 34.56
C VAL A 745 -6.01 -11.21 33.13
N LEU A 746 -5.11 -12.01 32.54
CA LEU A 746 -4.79 -12.06 31.11
C LEU A 746 -4.98 -13.47 30.58
N VAL A 747 -5.55 -13.61 29.40
CA VAL A 747 -5.51 -14.85 28.64
C VAL A 747 -5.04 -14.58 27.24
N TYR A 748 -4.31 -15.53 26.68
CA TYR A 748 -4.20 -15.68 25.25
C TYR A 748 -4.29 -17.16 24.93
N SER A 749 -5.11 -17.53 23.96
CA SER A 749 -5.39 -18.92 23.66
C SER A 749 -5.80 -19.69 24.91
N ASN A 750 -5.01 -20.64 25.37
CA ASN A 750 -5.21 -21.39 26.61
C ASN A 750 -4.19 -21.07 27.71
N ILE A 751 -3.39 -20.02 27.58
CA ILE A 751 -2.38 -19.56 28.53
C ILE A 751 -2.97 -18.42 29.34
N GLY A 752 -3.04 -18.56 30.66
CA GLY A 752 -3.60 -17.57 31.57
C GLY A 752 -2.62 -17.11 32.62
N VAL A 753 -2.53 -15.80 32.85
CA VAL A 753 -1.64 -15.19 33.85
C VAL A 753 -2.46 -14.54 34.94
N CYS A 754 -2.22 -14.94 36.18
CA CYS A 754 -2.94 -14.48 37.37
C CYS A 754 -2.37 -13.15 37.89
N LYS A 755 -3.10 -12.47 38.78
CA LYS A 755 -2.63 -11.22 39.42
C LYS A 755 -1.30 -11.37 40.16
N SER A 756 -1.09 -12.48 40.87
CA SER A 756 0.15 -12.79 41.59
C SER A 756 1.34 -13.12 40.70
N GLY A 757 1.13 -13.21 39.38
CA GLY A 757 2.12 -13.62 38.40
C GLY A 757 2.19 -15.12 38.13
N SER A 758 1.40 -15.95 38.79
CA SER A 758 1.26 -17.37 38.45
C SER A 758 0.83 -17.55 36.99
N ILE A 759 1.15 -18.68 36.39
CA ILE A 759 0.69 -19.11 35.07
C ILE A 759 -0.08 -20.40 35.20
N GLY A 760 -1.08 -20.59 34.35
CA GLY A 760 -1.79 -21.83 34.24
C GLY A 760 -2.41 -21.98 32.87
N TYR A 761 -3.08 -23.11 32.67
CA TYR A 761 -3.89 -23.35 31.49
C TYR A 761 -5.35 -23.10 31.87
N VAL A 762 -6.06 -22.35 31.04
CA VAL A 762 -7.45 -21.94 31.27
C VAL A 762 -8.41 -22.80 30.44
N PRO A 763 -9.43 -23.44 31.03
CA PRO A 763 -10.25 -24.41 30.31
C PRO A 763 -11.20 -23.72 29.34
N SER A 764 -11.69 -24.47 28.35
CA SER A 764 -12.69 -24.00 27.38
C SER A 764 -14.00 -23.60 28.04
N GLN A 765 -14.59 -22.47 27.63
CA GLN A 765 -15.88 -22.03 28.13
C GLN A 765 -16.94 -23.11 27.85
N TYR A 766 -17.83 -23.36 28.81
CA TYR A 766 -18.94 -24.29 28.62
C TYR A 766 -20.21 -23.50 28.33
N GLY A 767 -20.81 -23.74 27.17
CA GLY A 767 -22.09 -23.17 26.77
C GLY A 767 -23.25 -23.98 27.34
N GLN A 768 -24.41 -23.36 27.46
CA GLN A 768 -25.61 -24.05 27.94
C GLN A 768 -26.10 -25.11 26.93
N VAL A 769 -26.73 -26.15 27.47
CA VAL A 769 -27.20 -27.30 26.69
C VAL A 769 -28.38 -26.94 25.79
N LYS A 770 -28.32 -27.38 24.53
CA LYS A 770 -29.43 -27.38 23.56
C LYS A 770 -29.81 -28.82 23.27
N ILE A 771 -31.10 -29.06 23.11
CA ILE A 771 -31.68 -30.39 23.04
C ILE A 771 -32.05 -30.68 21.60
N ALA A 772 -31.58 -31.79 21.06
CA ALA A 772 -31.88 -32.18 19.70
C ALA A 772 -33.36 -32.55 19.55
N PRO A 773 -34.03 -32.24 18.43
CA PRO A 773 -35.34 -32.78 18.17
C PRO A 773 -35.27 -34.30 18.14
N THR A 774 -36.16 -34.97 18.87
CA THR A 774 -36.21 -36.42 19.01
C THR A 774 -37.62 -36.91 19.23
N VAL A 775 -37.91 -38.14 18.83
CA VAL A 775 -39.28 -38.65 18.65
C VAL A 775 -39.75 -39.45 19.86
N THR A 776 -38.96 -40.41 20.35
CA THR A 776 -39.53 -41.38 21.27
C THR A 776 -38.67 -41.72 22.49
N GLY A 777 -37.64 -40.94 22.83
CA GLY A 777 -36.77 -41.26 23.93
C GLY A 777 -37.28 -40.70 25.27
N ASN A 778 -36.42 -40.51 26.26
CA ASN A 778 -36.75 -39.79 27.40
C ASN A 778 -36.15 -38.50 27.00
N ILE A 779 -36.90 -37.49 26.81
CA ILE A 779 -36.49 -36.15 26.38
C ILE A 779 -36.47 -35.20 27.55
N SER A 780 -35.94 -33.98 27.37
CA SER A 780 -36.13 -32.94 28.36
C SER A 780 -36.45 -31.59 27.76
N ILE A 781 -37.44 -30.91 28.32
CA ILE A 781 -38.01 -29.66 27.81
C ILE A 781 -37.62 -28.50 28.75
N PRO A 782 -37.07 -27.38 28.26
CA PRO A 782 -36.73 -26.22 29.06
C PRO A 782 -37.91 -25.61 29.81
N THR A 783 -37.83 -25.38 31.12
CA THR A 783 -38.98 -25.01 31.95
C THR A 783 -38.96 -23.60 32.53
N ASN A 784 -38.13 -23.28 33.50
CA ASN A 784 -38.25 -22.04 34.12
C ASN A 784 -37.36 -21.20 33.44
N PHE A 785 -37.81 -20.15 32.87
CA PHE A 785 -36.99 -19.29 32.02
C PHE A 785 -36.66 -17.99 32.72
N SER A 786 -35.37 -17.68 32.81
CA SER A 786 -34.86 -16.35 33.13
C SER A 786 -34.70 -15.56 31.86
N MET A 787 -34.35 -14.30 31.98
CA MET A 787 -34.08 -13.40 30.86
C MET A 787 -32.70 -12.77 30.97
N SER A 788 -31.99 -12.61 29.87
CA SER A 788 -30.61 -12.16 29.83
C SER A 788 -30.43 -11.21 28.67
N ILE A 789 -29.61 -10.18 28.81
CA ILE A 789 -29.37 -9.21 27.74
C ILE A 789 -27.99 -9.47 27.17
N ARG A 790 -27.91 -9.73 25.86
CA ARG A 790 -26.67 -9.86 25.12
C ARG A 790 -26.50 -8.62 24.28
N THR A 791 -25.35 -7.97 24.42
CA THR A 791 -25.06 -6.64 23.90
C THR A 791 -24.13 -6.73 22.71
N GLU A 792 -24.49 -6.08 21.63
CA GLU A 792 -23.73 -6.07 20.38
C GLU A 792 -23.64 -4.66 19.83
N TYR A 793 -22.46 -4.23 19.41
CA TYR A 793 -22.27 -2.93 18.75
C TYR A 793 -21.91 -3.15 17.30
N LEU A 794 -22.68 -2.55 16.40
CA LEU A 794 -22.44 -2.54 14.98
C LEU A 794 -22.27 -1.10 14.53
N GLN A 795 -21.29 -0.85 13.68
CA GLN A 795 -20.95 0.48 13.22
C GLN A 795 -21.71 0.78 11.93
N LEU A 796 -22.45 1.88 11.89
CA LEU A 796 -23.19 2.30 10.72
C LEU A 796 -22.38 3.14 9.76
N TYR A 797 -21.58 4.08 10.26
CA TYR A 797 -20.97 5.10 9.43
C TYR A 797 -19.53 5.40 9.81
N ASN A 798 -18.76 5.85 8.83
CA ASN A 798 -17.38 6.28 8.96
C ASN A 798 -17.33 7.78 8.67
N THR A 799 -16.85 8.61 9.59
CA THR A 799 -16.89 10.08 9.46
C THR A 799 -16.17 10.53 8.18
N PRO A 800 -16.86 11.03 7.14
CA PRO A 800 -16.24 11.27 5.87
C PRO A 800 -15.19 12.36 5.93
N VAL A 801 -14.23 12.24 5.03
CA VAL A 801 -13.14 13.17 4.87
C VAL A 801 -13.00 13.52 3.41
N SER A 802 -12.63 14.77 3.17
CA SER A 802 -12.56 15.41 1.88
C SER A 802 -11.30 16.23 1.77
N VAL A 803 -10.72 16.33 0.58
CA VAL A 803 -9.45 17.00 0.37
C VAL A 803 -9.58 18.00 -0.76
N ASP A 804 -9.00 19.19 -0.58
CA ASP A 804 -8.71 20.15 -1.63
C ASP A 804 -7.32 19.83 -2.16
N CYS A 805 -7.24 19.01 -3.21
CA CYS A 805 -6.00 18.39 -3.67
C CYS A 805 -4.91 19.40 -4.01
N ALA A 806 -5.26 20.51 -4.64
CA ALA A 806 -4.34 21.59 -4.96
C ALA A 806 -3.77 22.28 -3.71
N THR A 807 -4.53 22.42 -2.63
CA THR A 807 -4.11 23.03 -1.38
C THR A 807 -3.22 22.11 -0.54
N TYR A 808 -3.42 20.81 -0.61
CA TYR A 808 -2.55 19.84 0.04
C TYR A 808 -1.20 19.81 -0.65
N VAL A 809 -1.18 19.63 -1.97
CA VAL A 809 0.04 19.49 -2.75
C VAL A 809 0.84 20.78 -2.79
N CYS A 810 0.23 21.94 -3.04
CA CYS A 810 0.92 23.18 -3.36
C CYS A 810 0.87 24.32 -2.33
N ASN A 811 0.18 24.22 -1.20
CA ASN A 811 0.07 25.30 -0.21
C ASN A 811 -0.39 26.66 -0.79
N GLY A 812 -1.10 26.67 -1.92
CA GLY A 812 -1.51 27.91 -2.59
C GLY A 812 -0.46 28.60 -3.45
N ASN A 813 0.74 28.03 -3.64
CA ASN A 813 1.75 28.57 -4.54
C ASN A 813 1.31 28.43 -5.99
N SER A 814 1.21 29.55 -6.70
CA SER A 814 0.69 29.63 -8.07
C SER A 814 1.51 28.80 -9.05
N ARG A 815 2.83 28.86 -8.95
CA ARG A 815 3.78 28.13 -9.81
C ARG A 815 3.65 26.63 -9.65
N CYS A 816 3.45 26.14 -8.43
CA CYS A 816 3.21 24.74 -8.19
C CYS A 816 1.86 24.26 -8.71
N LYS A 817 0.78 25.04 -8.55
CA LYS A 817 -0.53 24.73 -9.15
C LYS A 817 -0.39 24.54 -10.65
N GLN A 818 0.34 25.42 -11.32
CA GLN A 818 0.65 25.33 -12.74
C GLN A 818 1.35 24.01 -13.09
N LEU A 819 2.36 23.59 -12.33
CA LEU A 819 2.99 22.26 -12.48
C LEU A 819 2.02 21.11 -12.20
N LEU A 820 1.16 21.19 -11.20
CA LEU A 820 0.22 20.14 -10.84
C LEU A 820 -0.77 19.82 -11.96
N THR A 821 -1.21 20.81 -12.74
CA THR A 821 -2.12 20.60 -13.88
C THR A 821 -1.57 19.65 -14.94
N GLN A 822 -0.25 19.51 -15.06
CA GLN A 822 0.40 18.57 -15.97
C GLN A 822 0.25 17.09 -15.55
N TYR A 823 -0.17 16.79 -14.32
CA TYR A 823 -0.49 15.45 -13.86
C TYR A 823 -1.97 15.17 -14.17
N THR A 824 -2.25 14.80 -15.42
CA THR A 824 -3.60 14.82 -16.00
C THR A 824 -4.60 14.02 -15.17
N ALA A 825 -5.62 14.68 -14.62
CA ALA A 825 -6.69 14.10 -13.81
C ALA A 825 -6.22 13.39 -12.52
N ALA A 826 -4.99 13.64 -12.05
CA ALA A 826 -4.51 13.12 -10.78
C ALA A 826 -5.35 13.64 -9.61
N CYS A 827 -5.62 14.93 -9.50
CA CYS A 827 -6.53 15.44 -8.46
C CYS A 827 -7.99 15.01 -8.67
N LYS A 828 -8.51 14.96 -9.89
CA LYS A 828 -9.87 14.48 -10.19
C LYS A 828 -10.11 13.10 -9.60
N THR A 829 -9.18 12.19 -9.79
CA THR A 829 -9.27 10.80 -9.32
C THR A 829 -8.91 10.64 -7.83
N ILE A 830 -8.81 11.73 -7.07
CA ILE A 830 -8.70 11.74 -5.61
C ILE A 830 -9.88 12.48 -5.00
N GLU A 831 -10.20 13.67 -5.52
CA GLU A 831 -11.35 14.46 -5.11
C GLU A 831 -12.67 13.72 -5.36
N SER A 832 -12.91 13.24 -6.59
CA SER A 832 -14.15 12.51 -6.88
C SER A 832 -14.25 11.17 -6.18
N ALA A 833 -13.15 10.46 -5.93
CA ALA A 833 -13.18 9.21 -5.19
C ALA A 833 -13.63 9.41 -3.74
N LEU A 834 -13.15 10.45 -3.05
CA LEU A 834 -13.56 10.80 -1.70
C LEU A 834 -14.98 11.40 -1.67
N GLN A 835 -15.32 12.28 -2.60
CA GLN A 835 -16.62 12.95 -2.66
C GLN A 835 -17.77 12.01 -3.00
N LEU A 836 -17.63 11.16 -4.04
CA LEU A 836 -18.66 10.19 -4.43
C LEU A 836 -18.89 9.14 -3.37
N SER A 837 -17.89 8.84 -2.55
CA SER A 837 -18.04 7.92 -1.42
C SER A 837 -18.67 8.56 -0.20
N ALA A 838 -18.33 9.81 0.12
CA ALA A 838 -19.00 10.59 1.15
C ALA A 838 -20.48 10.79 0.83
N ARG A 839 -20.85 10.88 -0.44
CA ARG A 839 -22.24 10.91 -0.90
C ARG A 839 -22.95 9.58 -0.76
N LEU A 840 -22.28 8.47 -1.06
CA LEU A 840 -22.86 7.14 -0.90
C LEU A 840 -23.12 6.80 0.57
N GLU A 841 -22.20 7.09 1.48
CA GLU A 841 -22.43 6.96 2.91
C GLU A 841 -23.64 7.79 3.35
N SER A 842 -23.76 9.03 2.87
CA SER A 842 -24.86 9.91 3.19
C SER A 842 -26.20 9.34 2.78
N VAL A 843 -26.36 8.87 1.56
CA VAL A 843 -27.65 8.34 1.09
C VAL A 843 -27.92 6.93 1.54
N GLU A 844 -26.93 6.07 1.78
CA GLU A 844 -27.21 4.74 2.32
C GLU A 844 -27.67 4.83 3.78
N VAL A 845 -26.97 5.58 4.61
CA VAL A 845 -27.28 5.69 6.04
C VAL A 845 -28.55 6.47 6.30
N ASN A 846 -28.71 7.66 5.75
CA ASN A 846 -29.93 8.45 5.89
C ASN A 846 -31.14 7.79 5.23
N SER A 847 -30.98 6.69 4.48
CA SER A 847 -32.08 5.89 3.95
C SER A 847 -32.39 4.64 4.76
N MET A 848 -31.48 4.08 5.53
CA MET A 848 -31.82 3.00 6.47
C MET A 848 -32.35 3.53 7.81
N LEU A 849 -32.03 4.77 8.16
CA LEU A 849 -32.56 5.50 9.31
C LEU A 849 -33.91 6.16 9.01
N THR A 850 -34.84 5.42 8.40
CA THR A 850 -36.23 5.84 8.29
C THR A 850 -36.94 5.76 9.63
N ILE A 851 -37.30 6.91 10.17
CA ILE A 851 -38.06 7.05 11.41
C ILE A 851 -39.54 6.80 11.16
N SER A 852 -40.31 6.31 12.14
CA SER A 852 -41.77 6.28 12.07
C SER A 852 -42.36 7.22 13.11
N GLU A 853 -43.10 8.24 12.67
CA GLU A 853 -43.55 9.34 13.52
C GLU A 853 -44.58 8.90 14.56
N GLU A 854 -45.47 7.97 14.20
CA GLU A 854 -46.45 7.37 15.12
C GLU A 854 -45.87 6.28 16.03
N ALA A 855 -44.63 5.81 15.80
CA ALA A 855 -43.89 4.99 16.74
C ALA A 855 -43.08 5.83 17.71
N LEU A 856 -42.42 6.88 17.21
CA LEU A 856 -41.55 7.77 17.97
C LEU A 856 -42.28 8.43 19.13
N GLN A 857 -43.55 8.78 18.92
CA GLN A 857 -44.42 9.41 19.90
C GLN A 857 -44.86 8.49 21.06
N LEU A 858 -44.56 7.19 21.04
CA LEU A 858 -44.85 6.24 22.13
C LEU A 858 -43.67 6.05 23.07
N ALA A 859 -42.43 6.08 22.57
CA ALA A 859 -41.23 5.94 23.38
C ALA A 859 -40.75 7.27 23.97
N THR A 860 -40.51 8.26 23.11
CA THR A 860 -39.68 9.44 23.44
C THR A 860 -40.17 10.22 24.65
N ILE A 861 -41.49 10.21 24.87
CA ILE A 861 -42.16 10.90 25.98
C ILE A 861 -41.84 10.27 27.34
N SER A 862 -41.44 9.00 27.40
CA SER A 862 -41.48 8.14 28.60
C SER A 862 -42.89 7.85 29.14
N SER A 863 -43.95 8.09 28.34
CA SER A 863 -45.32 7.57 28.52
C SER A 863 -45.46 6.18 27.87
N PHE A 864 -44.53 5.29 28.17
CA PHE A 864 -44.44 3.95 27.60
C PHE A 864 -44.88 2.97 28.69
N ASN A 865 -45.94 2.20 28.46
CA ASN A 865 -46.53 1.36 29.50
C ASN A 865 -45.68 0.09 29.64
N GLY A 866 -44.61 0.15 30.43
CA GLY A 866 -43.73 -0.99 30.69
C GLY A 866 -44.39 -2.12 31.48
N ASP A 867 -45.47 -1.84 32.20
CA ASP A 867 -46.30 -2.77 32.97
C ASP A 867 -45.53 -3.77 33.85
N GLY A 868 -44.42 -3.31 34.43
CA GLY A 868 -43.51 -4.08 35.28
C GLY A 868 -42.07 -4.17 34.79
N TYR A 869 -41.82 -3.87 33.52
CA TYR A 869 -40.48 -3.80 32.91
C TYR A 869 -39.90 -2.38 33.03
N ASN A 870 -38.71 -2.23 33.55
CA ASN A 870 -38.17 -0.99 33.75
C ASN A 870 -37.41 -0.60 32.58
N PHE A 871 -38.03 0.20 31.80
CA PHE A 871 -37.42 0.84 30.63
C PHE A 871 -36.80 2.23 30.89
N THR A 872 -36.69 2.69 32.13
CA THR A 872 -36.20 4.04 32.44
C THR A 872 -34.79 4.30 31.92
N ASN A 873 -33.89 3.33 31.99
CA ASN A 873 -32.52 3.46 31.49
C ASN A 873 -32.39 3.52 29.96
N VAL A 874 -33.48 3.28 29.23
CA VAL A 874 -33.49 3.04 27.78
C VAL A 874 -34.19 4.16 27.00
N LEU A 875 -35.24 4.77 27.54
CA LEU A 875 -36.08 5.71 26.82
C LEU A 875 -35.54 7.14 26.76
N GLY A 876 -35.09 7.66 27.89
CA GLY A 876 -34.67 9.05 28.01
C GLY A 876 -35.83 10.05 27.97
N ALA A 877 -35.53 11.32 28.25
CA ALA A 877 -36.51 12.37 28.48
C ALA A 877 -37.60 12.45 27.40
N LYS A 890 -31.39 14.85 26.27
CA LYS A 890 -32.51 14.18 25.61
C LYS A 890 -32.25 12.67 25.39
N ARG A 891 -30.98 12.27 25.37
CA ARG A 891 -30.49 10.87 25.33
C ARG A 891 -30.83 10.09 26.60
N SER A 892 -30.89 8.76 26.52
CA SER A 892 -31.12 7.84 27.63
C SER A 892 -29.95 7.78 28.62
N VAL A 893 -30.13 7.06 29.73
CA VAL A 893 -29.04 6.80 30.67
C VAL A 893 -27.93 5.98 30.03
N ILE A 894 -28.25 4.94 29.27
CA ILE A 894 -27.25 4.09 28.62
C ILE A 894 -26.53 4.84 27.51
N GLU A 895 -27.23 5.67 26.75
CA GLU A 895 -26.62 6.48 25.69
C GLU A 895 -25.70 7.57 26.25
N ASP A 896 -26.07 8.25 27.34
CA ASP A 896 -25.19 9.19 28.00
C ASP A 896 -23.99 8.50 28.65
N LEU A 897 -24.16 7.36 29.33
CA LEU A 897 -23.02 6.62 29.88
C LEU A 897 -22.08 6.12 28.79
N LEU A 898 -22.58 5.59 27.68
CA LEU A 898 -21.77 5.07 26.59
C LEU A 898 -20.99 6.18 25.87
N PHE A 899 -21.58 7.33 25.58
CA PHE A 899 -20.83 8.48 25.04
C PHE A 899 -19.84 9.01 26.06
N ASN A 900 -20.22 9.19 27.32
CA ASN A 900 -19.34 9.77 28.35
C ASN A 900 -18.19 8.86 28.77
N LYS A 901 -18.25 7.54 28.55
CA LYS A 901 -17.14 6.62 28.76
C LYS A 901 -16.11 6.64 27.63
N VAL A 902 -16.44 7.15 26.43
CA VAL A 902 -15.57 7.04 25.23
C VAL A 902 -15.38 8.30 24.39
N VAL A 903 -16.38 9.17 24.22
CA VAL A 903 -16.27 10.42 23.43
C VAL A 903 -15.56 11.53 24.21
N THR A 904 -15.62 11.49 25.55
CA THR A 904 -14.89 12.39 26.46
C THR A 904 -13.38 12.24 26.34
N ASN A 905 -12.89 11.03 26.08
CA ASN A 905 -11.50 10.74 25.73
C ASN A 905 -11.31 10.51 24.20
N GLY A 906 -12.28 10.94 23.39
CA GLY A 906 -12.41 10.53 21.99
C GLY A 906 -12.04 11.58 20.94
N LEU A 907 -12.24 11.22 19.67
CA LEU A 907 -11.78 11.95 18.48
C LEU A 907 -12.86 11.90 17.37
N GLY A 908 -12.91 12.91 16.49
CA GLY A 908 -13.73 12.93 15.26
C GLY A 908 -15.25 12.92 15.42
N THR A 909 -15.78 12.74 16.63
CA THR A 909 -17.19 12.37 16.89
C THR A 909 -18.05 13.54 17.40
N VAL A 910 -17.44 14.70 17.64
CA VAL A 910 -18.14 15.98 17.84
C VAL A 910 -17.82 16.87 16.63
N ASP A 911 -18.86 17.33 15.94
CA ASP A 911 -18.71 18.06 14.67
C ASP A 911 -18.08 19.45 14.88
N GLU A 912 -16.82 19.59 14.47
CA GLU A 912 -16.01 20.81 14.58
C GLU A 912 -16.53 21.96 13.71
N ASP A 913 -16.30 23.19 14.14
CA ASP A 913 -16.72 24.40 13.44
C ASP A 913 -15.54 25.11 12.79
N TYR A 914 -15.58 25.18 11.47
CA TYR A 914 -14.55 25.80 10.66
C TYR A 914 -14.61 27.32 10.65
N LYS A 915 -15.66 27.93 11.22
CA LYS A 915 -15.75 29.38 11.45
C LYS A 915 -14.63 29.91 12.33
N ARG A 916 -14.11 29.06 13.23
CA ARG A 916 -13.00 29.35 14.13
C ARG A 916 -11.69 29.54 13.37
N CYS A 917 -11.41 28.68 12.39
CA CYS A 917 -10.08 28.54 11.82
C CYS A 917 -9.60 29.70 10.94
N SER A 918 -10.50 30.48 10.32
CA SER A 918 -10.15 31.70 9.57
C SER A 918 -9.84 32.92 10.45
N ASN A 919 -10.35 32.93 11.67
CA ASN A 919 -10.18 34.01 12.64
C ASN A 919 -8.95 33.69 13.50
N GLY A 920 -7.79 34.16 13.08
CA GLY A 920 -6.49 33.85 13.69
C GLY A 920 -6.29 34.34 15.13
N ARG A 921 -7.26 35.00 15.76
CA ARG A 921 -7.17 35.52 17.13
C ARG A 921 -6.89 34.45 18.20
N SER A 922 -6.97 33.17 17.88
CA SER A 922 -6.48 32.07 18.71
C SER A 922 -5.60 31.12 17.89
N VAL A 923 -4.51 30.61 18.47
CA VAL A 923 -3.55 29.72 17.79
C VAL A 923 -4.23 28.42 17.36
N ALA A 924 -4.02 28.04 16.11
CA ALA A 924 -4.63 26.89 15.48
C ALA A 924 -4.26 25.56 16.14
N ASP A 925 -5.26 24.80 16.61
CA ASP A 925 -5.05 23.44 17.09
C ASP A 925 -4.97 22.42 15.93
N LEU A 926 -4.87 21.12 16.24
CA LEU A 926 -4.70 20.07 15.24
C LEU A 926 -5.84 20.02 14.20
N VAL A 927 -7.08 20.32 14.59
CA VAL A 927 -8.22 20.30 13.66
C VAL A 927 -8.14 21.43 12.61
N CYS A 928 -7.56 22.58 12.95
CA CYS A 928 -7.28 23.64 11.98
C CYS A 928 -5.94 23.44 11.24
N ALA A 929 -4.90 22.86 11.86
CA ALA A 929 -3.66 22.58 11.15
C ALA A 929 -3.88 21.62 9.97
N GLN A 930 -4.76 20.64 10.12
CA GLN A 930 -5.21 19.77 9.04
C GLN A 930 -5.92 20.55 7.92
N TYR A 931 -6.76 21.51 8.29
CA TYR A 931 -7.57 22.29 7.36
C TYR A 931 -6.73 23.27 6.52
N TYR A 932 -5.72 23.90 7.12
CA TYR A 932 -4.73 24.68 6.38
C TYR A 932 -3.90 23.80 5.45
N SER A 933 -3.64 22.56 5.85
CA SER A 933 -3.05 21.51 5.02
C SER A 933 -4.04 20.95 4.01
N GLY A 934 -5.23 21.52 3.87
CA GLY A 934 -6.20 21.25 2.82
C GLY A 934 -7.24 20.19 3.08
N VAL A 935 -7.24 19.48 4.22
CA VAL A 935 -8.09 18.31 4.46
C VAL A 935 -9.18 18.58 5.49
N MET A 936 -10.42 18.32 5.10
CA MET A 936 -11.66 18.66 5.80
C MET A 936 -12.36 17.37 6.25
N VAL A 937 -12.62 17.21 7.55
CA VAL A 937 -13.58 16.23 8.03
C VAL A 937 -14.96 16.86 7.94
N LEU A 938 -15.81 16.26 7.13
CA LEU A 938 -17.18 16.73 6.91
C LEU A 938 -18.05 16.40 8.13
N PRO A 939 -19.17 17.09 8.38
CA PRO A 939 -20.07 16.75 9.47
C PRO A 939 -20.44 15.27 9.43
N GLY A 940 -20.53 14.61 10.58
CA GLY A 940 -20.90 13.21 10.64
C GLY A 940 -22.20 12.97 9.88
N VAL A 941 -22.24 11.91 9.07
CA VAL A 941 -23.33 11.56 8.15
C VAL A 941 -24.71 11.59 8.79
N VAL A 942 -24.83 11.18 10.04
CA VAL A 942 -26.02 11.38 10.86
C VAL A 942 -25.62 11.83 12.25
N ASP A 943 -26.27 12.86 12.74
CA ASP A 943 -26.10 13.40 14.07
C ASP A 943 -26.73 12.48 15.13
N ALA A 944 -26.20 12.54 16.35
CA ALA A 944 -26.66 11.71 17.47
C ALA A 944 -28.11 11.99 17.87
N GLU A 945 -28.67 13.13 17.45
CA GLU A 945 -30.08 13.48 17.55
C GLU A 945 -30.96 12.64 16.63
N LYS A 946 -30.59 12.41 15.37
CA LYS A 946 -31.32 11.54 14.44
C LYS A 946 -31.15 10.08 14.80
N LEU A 947 -29.95 9.70 15.21
CA LEU A 947 -29.60 8.36 15.66
C LEU A 947 -30.35 7.99 16.96
N HIS A 948 -30.62 8.95 17.84
CA HIS A 948 -31.52 8.80 18.99
C HIS A 948 -32.99 8.66 18.57
N MET A 949 -33.50 9.52 17.69
CA MET A 949 -34.88 9.37 17.18
C MET A 949 -35.09 8.01 16.53
N TYR A 950 -34.14 7.47 15.78
CA TYR A 950 -34.26 6.14 15.21
C TYR A 950 -34.35 5.05 16.27
N SER A 951 -33.51 5.12 17.30
CA SER A 951 -33.55 4.16 18.38
C SER A 951 -34.87 4.19 19.14
N ALA A 952 -35.41 5.37 19.46
CA ALA A 952 -36.70 5.51 20.09
C ALA A 952 -37.85 5.11 19.16
N SER A 953 -37.73 5.30 17.86
CA SER A 953 -38.68 4.80 16.88
C SER A 953 -38.75 3.28 16.88
N LEU A 954 -37.62 2.59 17.05
CA LEU A 954 -37.57 1.16 17.17
C LEU A 954 -38.08 0.63 18.51
N ILE A 955 -37.77 1.26 19.65
CA ILE A 955 -38.32 0.88 20.95
C ILE A 955 -39.83 1.13 21.02
N GLY A 956 -40.30 2.28 20.57
CA GLY A 956 -41.72 2.63 20.53
C GLY A 956 -42.50 1.75 19.57
N GLY A 957 -41.88 1.29 18.49
CA GLY A 957 -42.44 0.38 17.51
C GLY A 957 -42.71 -1.04 18.00
N MET A 958 -42.30 -1.40 19.23
CA MET A 958 -42.77 -2.58 19.95
C MET A 958 -44.08 -2.38 20.71
N ALA A 959 -44.40 -1.16 21.13
CA ALA A 959 -45.66 -0.84 21.77
C ALA A 959 -46.73 -0.38 20.76
N LEU A 960 -46.41 -0.27 19.47
CA LEU A 960 -47.32 0.18 18.44
C LEU A 960 -48.20 -0.98 17.96
N GLY A 961 -49.20 -1.32 18.76
CA GLY A 961 -50.18 -2.36 18.46
C GLY A 961 -51.18 -1.99 17.37
N GLY A 962 -51.31 -0.71 17.03
CA GLY A 962 -52.16 -0.26 15.95
C GLY A 962 -52.09 1.26 15.72
N ILE A 963 -52.41 1.71 14.52
CA ILE A 963 -52.28 3.13 14.11
C ILE A 963 -53.23 4.11 14.83
N THR A 964 -54.27 3.63 15.50
CA THR A 964 -55.14 4.41 16.42
C THR A 964 -54.45 4.64 17.76
N ALA A 965 -53.29 5.30 17.72
CA ALA A 965 -52.26 5.28 18.76
C ALA A 965 -52.54 6.20 19.98
N ALA A 966 -53.79 6.27 20.44
CA ALA A 966 -54.26 7.20 21.48
C ALA A 966 -53.59 7.00 22.86
N ALA A 967 -53.23 5.76 23.21
CA ALA A 967 -52.41 5.43 24.38
C ALA A 967 -51.53 4.20 24.10
N ALA A 968 -50.39 4.10 24.78
CA ALA A 968 -49.41 3.04 24.55
C ALA A 968 -49.90 1.68 25.06
N LEU A 969 -49.63 0.62 24.30
CA LEU A 969 -49.93 -0.76 24.63
C LEU A 969 -49.09 -1.29 25.80
N PRO A 970 -49.67 -1.88 26.87
CA PRO A 970 -48.90 -2.46 27.94
C PRO A 970 -47.94 -3.52 27.43
N PHE A 971 -46.65 -3.37 27.74
CA PHE A 971 -45.58 -4.20 27.22
C PHE A 971 -45.67 -5.67 27.65
N SER A 972 -46.31 -5.94 28.79
CA SER A 972 -46.69 -7.27 29.23
C SER A 972 -47.60 -7.99 28.25
N TYR A 973 -48.23 -7.30 27.28
CA TYR A 973 -48.95 -7.91 26.17
C TYR A 973 -48.11 -8.11 24.92
N ALA A 974 -47.19 -7.20 24.59
CA ALA A 974 -46.27 -7.42 23.48
C ALA A 974 -45.30 -8.57 23.75
N VAL A 975 -44.79 -8.68 24.97
CA VAL A 975 -43.90 -9.76 25.37
C VAL A 975 -44.61 -11.10 25.47
N GLN A 976 -45.90 -11.12 25.80
CA GLN A 976 -46.74 -12.31 25.78
C GLN A 976 -46.97 -12.80 24.35
N ALA A 977 -47.25 -11.90 23.41
CA ALA A 977 -47.37 -12.25 21.99
C ALA A 977 -46.05 -12.78 21.42
N ARG A 978 -44.91 -12.20 21.83
CA ARG A 978 -43.56 -12.66 21.48
C ARG A 978 -43.18 -13.98 22.14
N LEU A 979 -43.72 -14.32 23.31
CA LEU A 979 -43.60 -15.66 23.87
C LEU A 979 -44.42 -16.69 23.08
N ASN A 980 -45.59 -16.35 22.55
CA ASN A 980 -46.41 -17.29 21.80
C ASN A 980 -45.75 -17.82 20.51
N TYR A 981 -44.87 -17.06 19.86
CA TYR A 981 -44.13 -17.53 18.68
C TYR A 981 -43.10 -18.61 19.02
N LEU A 982 -42.71 -18.74 20.29
CA LEU A 982 -41.80 -19.78 20.74
C LEU A 982 -42.60 -21.03 21.17
N ALA A 983 -43.67 -20.84 21.92
CA ALA A 983 -44.53 -21.89 22.41
C ALA A 983 -45.84 -21.26 22.88
N LEU A 984 -47.00 -21.80 22.50
CA LEU A 984 -48.25 -21.27 23.01
C LEU A 984 -48.31 -21.42 24.52
N GLN A 985 -48.40 -20.28 25.22
CA GLN A 985 -48.42 -20.17 26.66
C GLN A 985 -49.68 -20.77 27.28
N THR A 986 -49.58 -21.42 28.43
CA THR A 986 -50.74 -22.04 29.09
C THR A 986 -50.82 -21.88 30.62
N ASP A 987 -49.80 -22.28 31.37
CA ASP A 987 -49.88 -22.40 32.83
C ASP A 987 -49.69 -21.04 33.56
N VAL A 988 -50.55 -20.05 33.28
CA VAL A 988 -50.41 -18.64 33.73
C VAL A 988 -50.47 -18.44 35.27
N LEU A 989 -51.06 -19.38 36.01
CA LEU A 989 -51.12 -19.39 37.49
C LEU A 989 -49.72 -19.44 38.16
N GLN A 990 -49.60 -18.86 39.37
CA GLN A 990 -48.35 -18.69 40.13
C GLN A 990 -47.28 -17.83 39.40
N ARG A 991 -47.58 -16.53 39.26
CA ARG A 991 -46.66 -15.41 38.94
C ARG A 991 -45.76 -15.61 37.72
N ASN A 992 -46.23 -16.33 36.70
CA ASN A 992 -45.41 -16.85 35.60
C ASN A 992 -44.75 -15.74 34.75
N GLN A 993 -45.35 -14.54 34.66
CA GLN A 993 -44.77 -13.35 34.02
C GLN A 993 -43.80 -12.59 34.94
N GLN A 994 -44.00 -12.54 36.25
CA GLN A 994 -43.17 -11.70 37.14
C GLN A 994 -41.73 -12.18 37.23
N LEU A 995 -41.47 -13.48 37.18
CA LEU A 995 -40.12 -14.05 37.10
C LEU A 995 -39.42 -13.78 35.74
N LEU A 996 -40.13 -13.32 34.71
CA LEU A 996 -39.51 -12.78 33.49
C LEU A 996 -39.22 -11.29 33.69
N ALA A 997 -40.21 -10.51 34.13
CA ALA A 997 -40.07 -9.06 34.29
C ALA A 997 -38.99 -8.66 35.27
N GLU A 998 -38.94 -9.28 36.45
CA GLU A 998 -37.93 -9.00 37.46
C GLU A 998 -36.53 -9.54 37.09
N SER A 999 -36.46 -10.51 36.20
CA SER A 999 -35.20 -10.97 35.59
C SER A 999 -34.69 -10.01 34.51
N PHE A 1000 -35.54 -9.20 33.90
CA PHE A 1000 -35.16 -8.13 32.99
C PHE A 1000 -34.72 -6.88 33.72
N ASN A 1001 -35.46 -6.45 34.75
CA ASN A 1001 -35.09 -5.35 35.63
C ASN A 1001 -33.67 -5.51 36.21
N SER A 1002 -33.35 -6.72 36.66
CA SER A 1002 -32.03 -7.07 37.18
C SER A 1002 -30.99 -7.37 36.10
N ALA A 1003 -31.34 -7.44 34.81
CA ALA A 1003 -30.39 -7.45 33.71
C ALA A 1003 -30.09 -6.03 33.23
N ILE A 1004 -31.11 -5.21 32.95
CA ILE A 1004 -30.91 -3.83 32.49
C ILE A 1004 -30.24 -2.97 33.56
N GLY A 1005 -30.48 -3.25 34.83
CA GLY A 1005 -29.77 -2.67 35.97
C GLY A 1005 -28.35 -3.20 36.19
N ASN A 1006 -27.86 -4.06 35.33
CA ASN A 1006 -26.48 -4.57 35.26
C ASN A 1006 -25.73 -4.28 34.08
N ILE A 1007 -26.32 -4.18 32.95
CA ILE A 1007 -25.66 -3.54 31.80
C ILE A 1007 -25.42 -2.05 32.04
N THR A 1008 -26.32 -1.36 32.74
CA THR A 1008 -26.08 0.04 33.10
C THR A 1008 -24.95 0.24 34.09
N SER A 1009 -24.52 -0.78 34.84
CA SER A 1009 -23.36 -0.68 35.73
C SER A 1009 -22.05 -0.89 34.99
N ALA A 1010 -22.02 -1.80 34.01
CA ALA A 1010 -20.86 -2.02 33.16
C ALA A 1010 -20.51 -0.80 32.29
N PHE A 1011 -21.50 -0.01 31.89
CA PHE A 1011 -21.30 1.27 31.23
C PHE A 1011 -20.74 2.38 32.14
N GLU A 1012 -20.47 2.14 33.42
CA GLU A 1012 -19.84 3.13 34.33
C GLU A 1012 -18.76 2.58 35.29
N SER A 1013 -18.71 1.27 35.51
CA SER A 1013 -17.65 0.51 36.20
C SER A 1013 -16.38 0.33 35.33
N VAL A 1014 -15.37 -0.37 35.84
CA VAL A 1014 -13.98 -0.40 35.32
C VAL A 1014 -13.37 -1.82 35.39
N LYS A 1015 -12.32 -2.10 34.60
CA LYS A 1015 -11.68 -3.42 34.40
C LYS A 1015 -11.17 -4.13 35.67
N GLU A 1016 -11.09 -3.47 36.82
CA GLU A 1016 -10.92 -4.16 38.11
C GLU A 1016 -12.04 -5.17 38.40
N ALA A 1017 -13.25 -4.94 37.89
CA ALA A 1017 -14.39 -5.86 38.01
C ALA A 1017 -14.69 -6.62 36.70
N ILE A 1018 -13.67 -7.23 36.08
CA ILE A 1018 -13.79 -8.12 34.89
C ILE A 1018 -13.24 -9.53 35.17
N SER A 1019 -14.01 -10.53 34.72
CA SER A 1019 -13.71 -11.96 34.68
C SER A 1019 -13.76 -12.43 33.24
N GLN A 1020 -12.98 -13.43 32.84
CA GLN A 1020 -12.79 -13.74 31.43
C GLN A 1020 -14.05 -14.19 30.67
N THR A 1021 -15.07 -14.74 31.36
CA THR A 1021 -16.40 -14.96 30.77
C THR A 1021 -17.20 -13.67 30.56
N SER A 1022 -16.97 -12.62 31.36
CA SER A 1022 -17.52 -11.26 31.20
C SER A 1022 -16.79 -10.42 30.15
N LYS A 1023 -16.01 -11.06 29.27
CA LYS A 1023 -15.22 -10.44 28.19
C LYS A 1023 -15.52 -11.03 26.81
N GLY A 1024 -16.54 -11.89 26.71
CA GLY A 1024 -16.87 -12.66 25.52
C GLY A 1024 -17.58 -11.93 24.40
N LEU A 1025 -17.87 -12.70 23.35
CA LEU A 1025 -18.30 -12.26 22.03
C LEU A 1025 -19.69 -11.61 21.95
N ASN A 1026 -20.49 -11.70 23.01
CA ASN A 1026 -21.83 -11.10 23.10
C ASN A 1026 -22.03 -10.34 24.42
N THR A 1027 -21.05 -9.57 24.91
CA THR A 1027 -21.21 -8.85 26.17
C THR A 1027 -20.57 -7.48 26.22
N VAL A 1028 -21.02 -6.67 27.17
CA VAL A 1028 -20.86 -5.23 27.24
C VAL A 1028 -19.40 -4.75 27.27
N ALA A 1029 -18.48 -5.49 27.88
CA ALA A 1029 -17.06 -5.18 27.82
C ALA A 1029 -16.45 -5.35 26.43
N HIS A 1030 -16.93 -6.30 25.62
CA HIS A 1030 -16.53 -6.43 24.22
C HIS A 1030 -17.16 -5.33 23.37
N ALA A 1031 -18.41 -4.94 23.64
CA ALA A 1031 -19.03 -3.80 22.99
C ALA A 1031 -18.27 -2.50 23.25
N LEU A 1032 -17.83 -2.24 24.48
CA LEU A 1032 -17.03 -1.06 24.81
C LEU A 1032 -15.63 -1.08 24.19
N THR A 1033 -14.97 -2.22 24.17
CA THR A 1033 -13.66 -2.38 23.51
C THR A 1033 -13.76 -2.09 22.02
N LYS A 1034 -14.85 -2.52 21.37
CA LYS A 1034 -15.12 -2.28 19.96
C LYS A 1034 -15.50 -0.83 19.67
N VAL A 1035 -16.26 -0.17 20.54
CA VAL A 1035 -16.54 1.28 20.47
C VAL A 1035 -15.26 2.10 20.63
N GLN A 1036 -14.37 1.74 21.55
CA GLN A 1036 -13.08 2.42 21.72
C GLN A 1036 -12.18 2.23 20.49
N GLU A 1037 -12.10 1.03 19.92
CA GLU A 1037 -11.34 0.78 18.69
C GLU A 1037 -11.86 1.52 17.45
N VAL A 1038 -13.10 2.02 17.45
CA VAL A 1038 -13.62 2.92 16.42
C VAL A 1038 -13.21 4.36 16.71
N VAL A 1039 -13.55 4.88 17.89
CA VAL A 1039 -13.32 6.28 18.25
C VAL A 1039 -11.84 6.67 18.26
N ASN A 1040 -10.95 5.75 18.62
CA ASN A 1040 -9.50 5.94 18.56
C ASN A 1040 -8.91 5.82 17.15
N SER A 1041 -9.48 4.98 16.28
CA SER A 1041 -8.90 4.71 14.96
C SER A 1041 -9.31 5.70 13.88
N GLN A 1042 -10.26 6.58 14.13
CA GLN A 1042 -10.69 7.59 13.14
C GLN A 1042 -9.61 8.59 12.72
N GLY A 1043 -8.60 8.85 13.56
CA GLY A 1043 -7.46 9.68 13.21
C GLY A 1043 -6.44 9.00 12.31
N SER A 1044 -6.39 7.67 12.26
CA SER A 1044 -5.29 6.91 11.67
C SER A 1044 -4.90 7.36 10.26
N ALA A 1045 -5.81 7.30 9.29
CA ALA A 1045 -5.53 7.59 7.90
C ALA A 1045 -5.24 9.08 7.67
N LEU A 1046 -5.82 9.93 8.49
CA LEU A 1046 -5.79 11.38 8.43
C LEU A 1046 -4.53 12.00 9.04
N ASN A 1047 -3.95 11.36 10.04
CA ASN A 1047 -2.64 11.72 10.60
C ASN A 1047 -1.52 11.31 9.64
N GLN A 1048 -1.53 10.08 9.13
CA GLN A 1048 -0.52 9.58 8.18
C GLN A 1048 -0.47 10.37 6.86
N LEU A 1049 -1.59 10.97 6.43
CA LEU A 1049 -1.64 11.93 5.33
C LEU A 1049 -0.99 13.26 5.70
N THR A 1050 -1.25 13.77 6.89
CA THR A 1050 -0.81 15.10 7.31
C THR A 1050 0.69 15.14 7.57
N VAL A 1051 1.27 14.11 8.19
CA VAL A 1051 2.72 14.04 8.44
C VAL A 1051 3.57 13.85 7.20
N GLN A 1052 3.03 13.34 6.10
CA GLN A 1052 3.78 13.24 4.85
C GLN A 1052 4.10 14.58 4.18
N LEU A 1053 3.50 15.67 4.63
CA LEU A 1053 3.87 17.04 4.25
C LEU A 1053 5.19 17.52 4.85
N GLN A 1054 5.75 16.83 5.84
CA GLN A 1054 7.08 17.12 6.39
C GLN A 1054 8.15 16.13 5.93
N HIS A 1055 7.84 15.18 5.06
CA HIS A 1055 8.85 14.48 4.24
C HIS A 1055 9.31 15.41 3.12
N ASN A 1056 10.52 15.23 2.60
CA ASN A 1056 11.06 16.10 1.55
C ASN A 1056 11.41 15.37 0.23
N PHE A 1057 11.22 14.06 0.12
CA PHE A 1057 11.23 13.32 -1.16
C PHE A 1057 12.44 13.62 -2.07
N GLN A 1058 13.65 13.70 -1.50
CA GLN A 1058 14.90 14.07 -2.16
C GLN A 1058 15.00 15.52 -2.65
N ALA A 1059 14.01 16.38 -2.41
CA ALA A 1059 14.18 17.83 -2.56
C ALA A 1059 14.98 18.45 -1.42
N ILE A 1060 15.59 19.61 -1.63
CA ILE A 1060 16.38 20.34 -0.62
C ILE A 1060 15.58 20.80 0.60
N SER A 1061 14.24 20.78 0.53
CA SER A 1061 13.35 21.27 1.58
C SER A 1061 11.97 20.63 1.49
N SER A 1062 11.20 20.69 2.57
CA SER A 1062 9.83 20.20 2.66
C SER A 1062 8.80 21.27 2.35
N SER A 1063 9.17 22.47 1.86
CA SER A 1063 8.21 23.55 1.59
C SER A 1063 8.45 24.27 0.27
N ILE A 1064 7.40 24.44 -0.51
CA ILE A 1064 7.50 24.83 -1.92
C ILE A 1064 7.92 26.28 -2.09
N ASP A 1065 7.49 27.17 -1.20
CA ASP A 1065 7.87 28.57 -1.23
C ASP A 1065 9.25 28.85 -0.64
N ASP A 1066 9.82 27.91 0.11
CA ASP A 1066 11.24 27.93 0.48
C ASP A 1066 12.08 27.58 -0.74
N ILE A 1067 11.74 26.51 -1.46
CA ILE A 1067 12.41 26.09 -2.69
C ILE A 1067 12.37 27.17 -3.77
N TYR A 1068 11.20 27.70 -4.15
CA TYR A 1068 11.11 28.72 -5.21
C TYR A 1068 11.73 30.06 -4.83
N SER A 1069 12.01 30.30 -3.56
CA SER A 1069 12.73 31.49 -3.08
C SER A 1069 14.23 31.29 -2.97
N ARG A 1070 14.76 30.09 -3.21
CA ARG A 1070 16.18 29.80 -2.99
C ARG A 1070 16.88 28.99 -4.06
N LEU A 1071 16.30 28.85 -5.24
CA LEU A 1071 16.91 28.20 -6.40
C LEU A 1071 16.56 28.94 -7.69
N ASP A 1072 17.30 28.71 -8.76
CA ASP A 1072 16.91 29.18 -10.09
C ASP A 1072 15.65 28.45 -10.55
N ILE A 1073 14.73 29.13 -11.23
CA ILE A 1073 13.39 28.59 -11.51
C ILE A 1073 13.42 27.28 -12.32
N LEU A 1074 14.33 27.14 -13.28
CA LEU A 1074 14.55 25.91 -14.04
C LEU A 1074 14.93 24.70 -13.16
N SER A 1075 15.55 24.90 -11.99
CA SER A 1075 15.88 23.83 -11.03
C SER A 1075 14.83 23.67 -9.93
N ALA A 1076 14.19 24.76 -9.50
CA ALA A 1076 13.12 24.71 -8.55
C ALA A 1076 11.92 23.91 -9.07
N ASP A 1077 11.63 24.00 -10.37
CA ASP A 1077 10.61 23.17 -11.02
C ASP A 1077 10.90 21.66 -10.90
N VAL A 1078 12.16 21.26 -10.89
CA VAL A 1078 12.58 19.85 -10.78
C VAL A 1078 12.47 19.36 -9.35
N GLN A 1079 12.86 20.18 -8.39
CA GLN A 1079 12.76 19.92 -6.96
C GLN A 1079 11.31 19.75 -6.54
N VAL A 1080 10.47 20.71 -6.92
CA VAL A 1080 9.05 20.75 -6.59
C VAL A 1080 8.26 19.63 -7.25
N ASP A 1081 8.65 19.14 -8.42
CA ASP A 1081 8.04 17.97 -9.03
C ASP A 1081 8.19 16.70 -8.19
N ARG A 1082 9.25 16.59 -7.39
CA ARG A 1082 9.40 15.48 -6.44
C ARG A 1082 8.50 15.61 -5.22
N LEU A 1083 8.23 16.82 -4.74
CA LEU A 1083 7.19 17.05 -3.75
C LEU A 1083 5.77 16.84 -4.32
N ILE A 1084 5.48 17.27 -5.54
CA ILE A 1084 4.19 17.03 -6.19
C ILE A 1084 3.97 15.54 -6.37
N THR A 1085 4.96 14.80 -6.88
CA THR A 1085 4.87 13.36 -7.08
C THR A 1085 4.75 12.62 -5.76
N GLY A 1086 5.52 13.02 -4.75
CA GLY A 1086 5.49 12.43 -3.42
C GLY A 1086 4.16 12.64 -2.70
N ARG A 1087 3.61 13.85 -2.75
CA ARG A 1087 2.34 14.19 -2.10
C ARG A 1087 1.14 13.63 -2.83
N LEU A 1088 1.16 13.50 -4.15
CA LEU A 1088 0.13 12.75 -4.86
C LEU A 1088 0.17 11.25 -4.50
N SER A 1089 1.34 10.66 -4.28
CA SER A 1089 1.42 9.30 -3.76
C SER A 1089 0.85 9.20 -2.34
N ALA A 1090 1.13 10.17 -1.47
CA ALA A 1090 0.58 10.25 -0.12
C ALA A 1090 -0.95 10.35 -0.09
N LEU A 1091 -1.59 10.93 -1.11
CA LEU A 1091 -3.05 10.95 -1.30
C LEU A 1091 -3.62 9.65 -1.90
N ASN A 1092 -2.94 9.00 -2.84
CA ASN A 1092 -3.41 7.74 -3.41
C ASN A 1092 -3.32 6.58 -2.40
N ALA A 1093 -2.40 6.64 -1.44
CA ALA A 1093 -2.40 5.75 -0.29
C ALA A 1093 -3.58 6.06 0.65
N PHE A 1094 -3.84 7.33 0.94
CA PHE A 1094 -4.94 7.77 1.79
C PHE A 1094 -6.34 7.42 1.26
N VAL A 1095 -6.56 7.55 -0.05
CA VAL A 1095 -7.81 7.14 -0.69
C VAL A 1095 -7.98 5.63 -0.67
N ALA A 1096 -6.93 4.84 -0.86
CA ALA A 1096 -7.01 3.39 -0.67
C ALA A 1096 -7.40 3.04 0.78
N GLN A 1097 -6.81 3.68 1.78
CA GLN A 1097 -7.18 3.46 3.18
C GLN A 1097 -8.61 3.88 3.48
N THR A 1098 -9.06 5.02 2.97
CA THR A 1098 -10.40 5.56 3.22
C THR A 1098 -11.48 4.73 2.55
N LEU A 1099 -11.31 4.33 1.28
CA LEU A 1099 -12.31 3.52 0.58
C LEU A 1099 -12.41 2.10 1.11
N THR A 1100 -11.29 1.50 1.52
CA THR A 1100 -11.35 0.18 2.19
C THR A 1100 -12.00 0.26 3.55
N LYS A 1101 -11.87 1.35 4.30
CA LYS A 1101 -12.60 1.56 5.56
C LYS A 1101 -14.10 1.81 5.34
N TYR A 1102 -14.53 2.49 4.28
CA TYR A 1102 -15.97 2.50 3.93
C TYR A 1102 -16.50 1.10 3.58
N THR A 1103 -15.70 0.27 2.92
CA THR A 1103 -16.10 -1.11 2.57
C THR A 1103 -16.16 -2.03 3.78
N GLU A 1104 -15.23 -1.88 4.72
CA GLU A 1104 -15.19 -2.57 6.02
C GLU A 1104 -16.41 -2.24 6.87
N VAL A 1105 -16.97 -1.04 6.76
CA VAL A 1105 -18.14 -0.56 7.51
C VAL A 1105 -19.47 -0.90 6.85
N GLN A 1106 -19.55 -0.87 5.52
CA GLN A 1106 -20.76 -1.27 4.81
C GLN A 1106 -21.19 -2.69 5.16
N ALA A 1107 -20.24 -3.61 5.29
CA ALA A 1107 -20.50 -4.98 5.69
C ALA A 1107 -20.97 -5.14 7.14
N SER A 1108 -20.73 -4.14 8.01
CA SER A 1108 -21.33 -4.04 9.36
C SER A 1108 -22.73 -3.42 9.32
N ARG A 1109 -22.94 -2.42 8.48
CA ARG A 1109 -24.23 -1.77 8.29
C ARG A 1109 -25.27 -2.66 7.65
N LYS A 1110 -24.88 -3.52 6.70
CA LYS A 1110 -25.74 -4.58 6.18
C LYS A 1110 -26.16 -5.57 7.24
N LEU A 1111 -25.30 -5.86 8.21
CA LEU A 1111 -25.70 -6.68 9.35
C LEU A 1111 -26.61 -5.91 10.29
N ALA A 1112 -26.34 -4.63 10.57
CA ALA A 1112 -27.18 -3.82 11.44
C ALA A 1112 -28.59 -3.63 10.89
N GLN A 1113 -28.76 -3.46 9.59
CA GLN A 1113 -30.05 -3.43 8.92
C GLN A 1113 -30.76 -4.79 9.01
N GLN A 1114 -30.05 -5.92 8.94
CA GLN A 1114 -30.66 -7.22 9.19
C GLN A 1114 -31.10 -7.38 10.63
N LYS A 1115 -30.29 -7.00 11.62
CA LYS A 1115 -30.69 -7.12 13.03
C LYS A 1115 -31.84 -6.21 13.36
N VAL A 1116 -31.94 -5.01 12.81
CA VAL A 1116 -33.13 -4.18 12.96
C VAL A 1116 -34.37 -4.87 12.40
N ASN A 1117 -34.31 -5.44 11.20
CA ASN A 1117 -35.49 -6.02 10.57
C ASN A 1117 -35.89 -7.38 11.14
N GLU A 1118 -34.96 -8.15 11.70
CA GLU A 1118 -35.20 -9.53 12.16
C GLU A 1118 -35.14 -9.73 13.66
N CYS A 1119 -34.54 -8.82 14.42
CA CYS A 1119 -34.49 -8.87 15.88
C CYS A 1119 -35.32 -7.78 16.55
N VAL A 1120 -35.36 -6.57 16.00
CA VAL A 1120 -35.99 -5.40 16.62
C VAL A 1120 -37.41 -5.18 16.12
N LYS A 1121 -37.65 -5.15 14.80
CA LYS A 1121 -38.97 -4.94 14.20
C LYS A 1121 -39.86 -6.17 14.23
N SER A 1122 -39.27 -7.36 14.18
CA SER A 1122 -39.95 -8.65 14.19
C SER A 1122 -39.36 -9.57 15.24
N GLN A 1123 -39.46 -10.90 15.10
CA GLN A 1123 -38.81 -11.87 15.98
C GLN A 1123 -38.16 -12.98 15.16
N SER A 1124 -36.98 -13.44 15.58
CA SER A 1124 -36.16 -14.38 14.82
C SER A 1124 -36.35 -15.82 15.28
N GLN A 1125 -36.64 -16.71 14.36
CA GLN A 1125 -36.61 -18.16 14.61
C GLN A 1125 -35.22 -18.77 14.34
N ARG A 1126 -34.34 -18.02 13.66
CA ARG A 1126 -32.92 -18.30 13.45
C ARG A 1126 -32.19 -18.35 14.79
N TYR A 1127 -31.59 -19.48 15.13
CA TYR A 1127 -31.35 -19.81 16.54
C TYR A 1127 -30.53 -18.81 17.34
N GLY A 1128 -29.40 -18.32 16.81
CA GLY A 1128 -28.44 -17.51 17.57
C GLY A 1128 -28.08 -16.18 16.92
N PHE A 1129 -28.87 -15.74 15.96
CA PHE A 1129 -28.62 -14.55 15.19
C PHE A 1129 -28.73 -13.29 16.06
N CYS A 1130 -29.80 -13.19 16.82
CA CYS A 1130 -30.00 -12.15 17.80
C CYS A 1130 -29.35 -12.54 19.12
N GLY A 1131 -28.03 -12.39 19.21
CA GLY A 1131 -27.31 -12.41 20.48
C GLY A 1131 -26.89 -13.76 21.03
N GLY A 1132 -26.59 -14.73 20.18
CA GLY A 1132 -26.06 -16.04 20.57
C GLY A 1132 -27.07 -16.95 21.28
N ASP A 1133 -26.61 -18.09 21.79
CA ASP A 1133 -27.44 -19.18 22.30
C ASP A 1133 -28.52 -18.74 23.31
N GLY A 1134 -29.76 -19.07 23.01
CA GLY A 1134 -30.97 -18.78 23.80
C GLY A 1134 -32.17 -18.68 22.87
N GLU A 1135 -33.36 -18.42 23.39
CA GLU A 1135 -34.54 -18.11 22.58
C GLU A 1135 -34.73 -16.60 22.59
N HIS A 1136 -34.82 -15.97 21.43
CA HIS A 1136 -35.00 -14.53 21.28
C HIS A 1136 -36.43 -14.10 21.62
N ILE A 1137 -36.65 -13.02 22.36
CA ILE A 1137 -37.96 -12.35 22.40
C ILE A 1137 -37.94 -10.92 21.89
N PHE A 1138 -37.01 -10.05 22.29
CA PHE A 1138 -36.84 -8.75 21.64
C PHE A 1138 -35.42 -8.20 21.75
N SER A 1139 -35.00 -7.35 20.80
CA SER A 1139 -33.81 -6.51 20.91
C SER A 1139 -34.23 -5.06 20.99
N LEU A 1140 -33.82 -4.37 22.05
CA LEU A 1140 -33.85 -2.91 22.08
C LEU A 1140 -32.67 -2.35 21.29
N VAL A 1141 -32.68 -1.06 20.99
CA VAL A 1141 -31.58 -0.38 20.31
C VAL A 1141 -31.28 0.90 21.07
N GLN A 1142 -30.03 1.28 21.17
CA GLN A 1142 -29.55 2.54 21.74
C GLN A 1142 -28.53 3.14 20.78
N ALA A 1143 -28.49 4.47 20.64
CA ALA A 1143 -27.49 5.13 19.84
C ALA A 1143 -26.13 5.09 20.53
N ALA A 1144 -25.08 4.77 19.80
CA ALA A 1144 -23.72 4.66 20.25
C ALA A 1144 -22.83 5.50 19.32
N PRO A 1145 -21.59 5.84 19.70
CA PRO A 1145 -20.76 6.84 19.03
C PRO A 1145 -20.82 6.94 17.52
N GLN A 1146 -20.71 5.86 16.76
CA GLN A 1146 -20.84 5.88 15.28
C GLN A 1146 -21.73 4.75 14.75
N GLY A 1147 -22.73 4.34 15.53
CA GLY A 1147 -23.57 3.21 15.21
C GLY A 1147 -24.61 2.88 16.25
N LEU A 1148 -25.01 1.63 16.34
CA LEU A 1148 -26.08 1.15 17.20
C LEU A 1148 -25.54 0.14 18.18
N LEU A 1149 -26.08 0.15 19.39
CA LEU A 1149 -25.89 -0.84 20.42
C LEU A 1149 -27.19 -1.60 20.56
N PHE A 1150 -27.17 -2.90 20.33
CA PHE A 1150 -28.34 -3.74 20.37
C PHE A 1150 -28.32 -4.52 21.65
N LEU A 1151 -29.41 -4.48 22.39
CA LEU A 1151 -29.60 -5.18 23.63
C LEU A 1151 -30.56 -6.35 23.42
N HIS A 1152 -30.04 -7.46 22.89
CA HIS A 1152 -30.80 -8.64 22.58
C HIS A 1152 -31.20 -9.36 23.84
N THR A 1153 -32.46 -9.25 24.20
CA THR A 1153 -33.05 -9.81 25.39
C THR A 1153 -33.52 -11.22 25.11
N VAL A 1154 -32.65 -12.19 25.37
CA VAL A 1154 -32.90 -13.62 25.20
C VAL A 1154 -33.48 -14.27 26.45
N LEU A 1155 -34.08 -15.43 26.27
CA LEU A 1155 -34.61 -16.29 27.31
C LEU A 1155 -33.69 -17.48 27.47
N VAL A 1156 -33.27 -17.76 28.70
CA VAL A 1156 -32.39 -18.90 29.02
C VAL A 1156 -32.99 -19.76 30.13
N PRO A 1157 -33.00 -21.09 29.99
CA PRO A 1157 -33.61 -21.95 30.98
C PRO A 1157 -32.73 -22.16 32.20
N GLY A 1158 -33.29 -21.94 33.38
CA GLY A 1158 -32.66 -22.31 34.64
C GLY A 1158 -32.75 -23.80 34.94
N ASP A 1159 -33.81 -24.45 34.46
CA ASP A 1159 -34.21 -25.82 34.75
C ASP A 1159 -34.74 -26.53 33.51
N PHE A 1160 -34.73 -27.86 33.51
CA PHE A 1160 -35.29 -28.74 32.50
C PHE A 1160 -36.23 -29.74 33.16
N VAL A 1161 -37.33 -30.12 32.50
CA VAL A 1161 -38.18 -31.24 32.93
C VAL A 1161 -37.99 -32.42 32.02
N ASN A 1162 -37.78 -33.61 32.58
CA ASN A 1162 -37.50 -34.83 31.84
C ASN A 1162 -38.78 -35.65 31.74
N VAL A 1163 -39.18 -35.96 30.52
CA VAL A 1163 -40.48 -36.57 30.19
C VAL A 1163 -40.29 -37.65 29.12
N LEU A 1164 -41.05 -38.72 29.19
CA LEU A 1164 -41.06 -39.76 28.18
C LEU A 1164 -41.89 -39.30 27.00
N ALA A 1165 -41.28 -39.11 25.84
CA ALA A 1165 -41.98 -38.77 24.62
C ALA A 1165 -42.59 -40.02 23.96
N ILE A 1166 -43.78 -39.91 23.42
CA ILE A 1166 -44.55 -40.94 22.75
C ILE A 1166 -44.63 -40.56 21.29
N ALA A 1167 -44.22 -41.44 20.36
CA ALA A 1167 -44.21 -41.12 18.94
C ALA A 1167 -45.60 -40.83 18.37
N GLY A 1168 -46.60 -41.50 18.91
CA GLY A 1168 -47.95 -41.55 18.40
C GLY A 1168 -48.74 -42.69 19.02
N LEU A 1169 -50.03 -42.75 18.72
CA LEU A 1169 -50.97 -43.68 19.32
C LEU A 1169 -51.39 -44.70 18.27
N CYS A 1170 -51.28 -45.99 18.54
CA CYS A 1170 -51.73 -47.04 17.62
C CYS A 1170 -53.02 -47.67 18.14
N VAL A 1171 -54.15 -47.02 17.83
CA VAL A 1171 -55.48 -47.34 18.34
C VAL A 1171 -56.05 -48.62 17.71
N ASN A 1172 -56.50 -49.55 18.54
CA ASN A 1172 -57.02 -50.88 18.16
C ASN A 1172 -56.02 -51.72 17.35
N GLY A 1173 -54.74 -51.35 17.31
CA GLY A 1173 -53.77 -51.92 16.37
C GLY A 1173 -54.09 -51.64 14.89
N GLU A 1174 -54.99 -50.69 14.61
CA GLU A 1174 -55.56 -50.44 13.28
C GLU A 1174 -55.26 -49.02 12.77
N ILE A 1175 -55.57 -47.97 13.55
CA ILE A 1175 -55.43 -46.57 13.13
C ILE A 1175 -54.35 -45.85 13.93
N ALA A 1176 -53.37 -45.28 13.24
CA ALA A 1176 -52.20 -44.69 13.84
C ALA A 1176 -52.28 -43.19 13.80
N LEU A 1177 -52.29 -42.57 14.96
CA LEU A 1177 -52.36 -41.13 15.13
C LEU A 1177 -50.97 -40.60 15.43
N THR A 1178 -50.59 -39.52 14.77
CA THR A 1178 -49.33 -38.82 15.00
C THR A 1178 -49.62 -37.33 15.14
N LEU A 1179 -48.93 -36.60 16.02
CA LEU A 1179 -49.09 -35.14 16.10
C LEU A 1179 -48.77 -34.51 14.74
N ARG A 1180 -49.54 -33.51 14.29
CA ARG A 1180 -49.33 -32.81 13.01
C ARG A 1180 -48.04 -32.01 12.97
N GLU A 1181 -47.66 -31.39 14.08
CA GLU A 1181 -46.63 -30.36 14.14
C GLU A 1181 -45.32 -30.88 14.70
N PRO A 1182 -44.19 -30.73 13.98
CA PRO A 1182 -42.90 -31.20 14.43
C PRO A 1182 -42.36 -30.41 15.63
N GLY A 1183 -42.95 -29.27 15.95
CA GLY A 1183 -42.61 -28.45 17.12
C GLY A 1183 -43.31 -28.85 18.41
N LEU A 1184 -44.18 -29.87 18.40
CA LEU A 1184 -44.92 -30.35 19.57
C LEU A 1184 -44.50 -31.77 19.91
N VAL A 1185 -44.46 -32.09 21.19
CA VAL A 1185 -44.13 -33.41 21.73
C VAL A 1185 -45.27 -33.87 22.59
N LEU A 1186 -45.62 -35.14 22.44
CA LEU A 1186 -46.64 -35.83 23.19
C LEU A 1186 -45.93 -36.69 24.20
N PHE A 1187 -46.29 -36.59 25.46
CA PHE A 1187 -45.46 -37.09 26.54
C PHE A 1187 -46.23 -37.49 27.77
N THR A 1188 -45.56 -38.25 28.63
CA THR A 1188 -46.02 -38.59 29.98
C THR A 1188 -44.88 -38.44 30.99
N HIS A 1189 -45.19 -38.01 32.22
CA HIS A 1189 -44.22 -37.80 33.30
C HIS A 1189 -43.64 -39.10 33.90
N GLU A 1190 -44.10 -40.26 33.44
CA GLU A 1190 -43.96 -41.56 34.11
C GLU A 1190 -42.85 -42.41 33.46
N LEU A 1191 -41.60 -41.90 33.51
CA LEU A 1191 -40.44 -42.33 32.72
C LEU A 1191 -40.19 -43.86 32.73
N GLN A 1192 -40.43 -44.52 33.85
CA GLN A 1192 -40.06 -45.93 34.06
C GLN A 1192 -40.98 -46.95 33.34
N THR A 1193 -42.03 -46.54 32.64
CA THR A 1193 -43.00 -47.48 32.01
C THR A 1193 -43.37 -47.10 30.58
N TYR A 1194 -43.50 -48.12 29.70
CA TYR A 1194 -43.87 -48.01 28.28
C TYR A 1194 -45.27 -47.42 28.01
N THR A 1195 -46.11 -47.31 29.04
CA THR A 1195 -47.47 -46.74 29.02
C THR A 1195 -47.76 -46.15 30.41
N ALA A 1196 -48.67 -45.19 30.53
CA ALA A 1196 -48.72 -44.29 31.69
C ALA A 1196 -50.12 -43.73 32.02
N THR A 1197 -50.19 -43.10 33.19
CA THR A 1197 -51.42 -42.61 33.81
C THR A 1197 -52.17 -41.58 32.95
N GLU A 1198 -51.55 -40.47 32.55
CA GLU A 1198 -52.16 -39.45 31.68
C GLU A 1198 -51.15 -38.73 30.79
N TYR A 1199 -51.65 -38.12 29.71
CA TYR A 1199 -50.87 -37.63 28.58
C TYR A 1199 -51.06 -36.14 28.34
N PHE A 1200 -50.01 -35.49 27.87
CA PHE A 1200 -49.93 -34.06 27.63
C PHE A 1200 -49.20 -33.76 26.34
N VAL A 1201 -49.38 -32.55 25.83
CA VAL A 1201 -48.68 -31.99 24.69
C VAL A 1201 -48.03 -30.70 25.11
N SER A 1202 -46.85 -30.40 24.61
CA SER A 1202 -46.15 -29.13 24.78
C SER A 1202 -45.27 -28.83 23.60
N SER A 1203 -44.80 -27.60 23.47
CA SER A 1203 -43.70 -27.34 22.57
C SER A 1203 -42.45 -28.08 23.01
N ARG A 1204 -41.50 -28.30 22.12
CA ARG A 1204 -40.16 -28.75 22.49
C ARG A 1204 -39.28 -27.63 23.02
N ARG A 1205 -39.62 -26.37 22.74
CA ARG A 1205 -38.78 -25.17 23.02
C ARG A 1205 -39.01 -24.55 24.38
N MET A 1206 -40.23 -24.64 24.90
CA MET A 1206 -40.63 -24.29 26.26
C MET A 1206 -41.63 -25.30 26.82
N PHE A 1207 -41.50 -25.66 28.08
CA PHE A 1207 -42.45 -26.51 28.75
C PHE A 1207 -43.71 -25.74 29.09
N GLU A 1208 -44.69 -25.87 28.21
CA GLU A 1208 -46.01 -25.25 28.29
C GLU A 1208 -47.06 -26.33 28.01
N PRO A 1209 -47.40 -27.19 28.99
CA PRO A 1209 -48.26 -28.33 28.80
C PRO A 1209 -49.74 -27.97 28.60
N ARG A 1210 -50.43 -28.79 27.82
CA ARG A 1210 -51.87 -28.80 27.60
C ARG A 1210 -52.33 -30.22 27.38
N LYS A 1211 -53.60 -30.54 27.59
CA LYS A 1211 -54.13 -31.85 27.25
C LYS A 1211 -54.20 -31.94 25.74
N PRO A 1212 -54.05 -33.13 25.13
CA PRO A 1212 -54.12 -33.27 23.70
C PRO A 1212 -55.53 -32.95 23.23
N THR A 1213 -55.68 -32.51 22.00
CA THR A 1213 -56.97 -32.21 21.38
C THR A 1213 -57.08 -33.02 20.09
N VAL A 1214 -58.27 -33.48 19.71
CA VAL A 1214 -58.47 -34.29 18.49
C VAL A 1214 -57.99 -33.61 17.21
N SER A 1215 -57.82 -32.29 17.22
CA SER A 1215 -57.30 -31.47 16.13
C SER A 1215 -55.78 -31.38 16.10
N ASP A 1216 -55.04 -31.94 17.06
CA ASP A 1216 -53.58 -32.01 17.04
C ASP A 1216 -53.03 -33.21 16.28
N PHE A 1217 -53.85 -34.22 16.01
CA PHE A 1217 -53.43 -35.52 15.49
C PHE A 1217 -53.96 -35.79 14.08
N VAL A 1218 -53.15 -36.47 13.28
CA VAL A 1218 -53.50 -36.96 11.96
C VAL A 1218 -53.35 -38.47 11.87
N GLN A 1219 -54.26 -39.15 11.17
CA GLN A 1219 -54.23 -40.58 10.95
C GLN A 1219 -53.26 -40.88 9.81
N ILE A 1220 -52.06 -41.36 10.12
CA ILE A 1220 -51.08 -41.72 9.10
C ILE A 1220 -51.40 -43.10 8.52
N GLU A 1221 -50.85 -43.44 7.35
CA GLU A 1221 -51.26 -44.64 6.61
C GLU A 1221 -51.04 -45.96 7.37
N SER A 1222 -49.97 -46.07 8.17
CA SER A 1222 -49.62 -47.31 8.88
C SER A 1222 -49.14 -47.06 10.30
N CYS A 1223 -49.41 -48.01 11.20
CA CYS A 1223 -48.81 -48.08 12.53
C CYS A 1223 -47.36 -48.60 12.46
N VAL A 1224 -46.56 -48.28 13.48
CA VAL A 1224 -45.12 -48.55 13.56
C VAL A 1224 -44.75 -48.95 14.99
N VAL A 1225 -43.72 -49.77 15.16
CA VAL A 1225 -43.41 -50.44 16.44
C VAL A 1225 -43.17 -49.51 17.64
N THR A 1226 -42.74 -48.27 17.44
CA THR A 1226 -42.48 -47.27 18.51
C THR A 1226 -43.74 -46.65 19.13
N TYR A 1227 -44.92 -46.78 18.50
CA TYR A 1227 -46.19 -46.16 18.91
C TYR A 1227 -46.81 -46.92 20.10
N VAL A 1228 -47.58 -46.26 20.98
CA VAL A 1228 -48.25 -46.96 22.10
C VAL A 1228 -49.47 -47.74 21.63
N ASN A 1229 -49.66 -48.95 22.19
CA ASN A 1229 -50.70 -49.85 21.80
C ASN A 1229 -51.82 -49.42 22.66
N LEU A 1230 -52.98 -49.14 22.09
CA LEU A 1230 -54.07 -48.41 22.74
C LEU A 1230 -55.41 -48.87 22.14
N THR A 1231 -56.54 -48.58 22.78
CA THR A 1231 -57.88 -48.98 22.29
C THR A 1231 -58.83 -47.79 22.28
N SER A 1232 -59.83 -47.81 21.39
CA SER A 1232 -60.87 -46.78 21.30
C SER A 1232 -61.76 -46.72 22.53
N ASP A 1233 -61.69 -47.73 23.40
CA ASP A 1233 -62.32 -47.76 24.72
C ASP A 1233 -61.63 -46.87 25.75
N GLN A 1234 -60.37 -46.46 25.50
CA GLN A 1234 -59.57 -45.62 26.40
C GLN A 1234 -58.83 -44.45 25.72
N LEU A 1235 -58.92 -44.29 24.39
CA LEU A 1235 -58.42 -43.12 23.69
C LEU A 1235 -58.94 -41.78 24.28
N PRO A 1236 -60.16 -41.66 24.85
CA PRO A 1236 -60.59 -40.46 25.57
C PRO A 1236 -59.91 -40.20 26.93
N ASP A 1237 -59.11 -41.14 27.45
CA ASP A 1237 -58.19 -40.86 28.55
C ASP A 1237 -56.95 -40.06 28.08
N VAL A 1238 -56.54 -40.23 26.82
CA VAL A 1238 -55.53 -39.43 26.15
C VAL A 1238 -56.14 -38.13 25.63
N ILE A 1239 -57.23 -38.19 24.86
CA ILE A 1239 -57.82 -37.05 24.15
C ILE A 1239 -59.20 -36.73 24.72
N PRO A 1240 -59.32 -35.99 25.84
CA PRO A 1240 -60.59 -35.43 26.24
C PRO A 1240 -61.22 -34.64 25.10
N ASP A 1241 -62.53 -34.78 24.90
CA ASP A 1241 -63.31 -34.30 23.75
C ASP A 1241 -63.17 -35.04 22.40
N TYR A 1242 -62.47 -36.19 22.37
CA TYR A 1242 -62.66 -37.16 21.30
C TYR A 1242 -64.10 -37.68 21.21
N ALA B 43 -12.52 23.93 -56.31
CA ALA B 43 -13.70 23.14 -56.02
C ALA B 43 -14.95 24.02 -55.73
N PRO B 44 -16.17 23.50 -55.93
CA PRO B 44 -17.42 24.21 -55.62
C PRO B 44 -17.66 24.35 -54.11
N ALA B 45 -17.65 25.60 -53.63
CA ALA B 45 -17.67 26.00 -52.22
C ALA B 45 -18.14 27.46 -52.06
N VAL B 46 -18.38 27.91 -50.82
CA VAL B 46 -18.70 29.30 -50.46
C VAL B 46 -17.51 29.91 -49.72
N VAL B 47 -17.03 31.08 -50.13
CA VAL B 47 -15.78 31.67 -49.63
C VAL B 47 -15.82 33.19 -49.63
N VAL B 48 -14.94 33.82 -48.86
CA VAL B 48 -14.72 35.26 -48.76
C VAL B 48 -13.30 35.58 -49.19
N LEU B 49 -13.09 36.65 -49.94
CA LEU B 49 -11.77 37.17 -50.30
C LEU B 49 -11.75 38.69 -50.23
N GLY B 50 -10.57 39.28 -50.17
CA GLY B 50 -10.41 40.70 -49.92
C GLY B 50 -9.04 41.25 -50.26
N GLY B 51 -8.55 42.21 -49.48
CA GLY B 51 -7.44 43.07 -49.88
C GLY B 51 -7.96 44.15 -50.83
N TYR B 52 -7.23 44.49 -51.88
CA TYR B 52 -7.69 45.50 -52.84
C TYR B 52 -8.20 44.81 -54.12
N LEU B 53 -9.49 44.97 -54.40
CA LEU B 53 -10.15 44.56 -55.64
C LEU B 53 -11.40 45.42 -55.91
N PRO B 54 -11.93 45.48 -57.16
CA PRO B 54 -12.91 46.46 -57.61
C PRO B 54 -14.20 46.62 -56.81
N SER B 55 -14.94 47.70 -57.08
CA SER B 55 -16.32 47.93 -56.63
C SER B 55 -17.34 47.01 -57.30
N VAL B 73 -3.77 56.21 -52.70
CA VAL B 73 -4.37 55.18 -53.55
C VAL B 73 -3.51 53.91 -53.61
N HIS B 74 -4.15 52.73 -53.66
CA HIS B 74 -3.49 51.43 -53.50
C HIS B 74 -3.67 50.44 -54.66
N GLY B 75 -4.44 50.77 -55.71
CA GLY B 75 -4.49 49.95 -56.92
C GLY B 75 -5.23 50.55 -58.11
N ILE B 76 -5.07 49.91 -59.27
CA ILE B 76 -5.72 50.20 -60.55
C ILE B 76 -6.34 48.91 -61.10
N PHE B 77 -7.53 49.00 -61.70
CA PHE B 77 -8.12 47.92 -62.50
C PHE B 77 -8.66 48.42 -63.85
N LEU B 78 -8.60 47.52 -64.83
CA LEU B 78 -8.96 47.68 -66.23
C LEU B 78 -9.96 46.58 -66.64
N SER B 79 -10.90 46.91 -67.53
CA SER B 79 -12.00 46.06 -67.97
C SER B 79 -11.56 44.69 -68.48
N VAL B 161 -8.60 42.78 -65.07
CA VAL B 161 -7.15 42.75 -64.87
C VAL B 161 -6.67 44.01 -64.13
N GLY B 162 -5.53 43.97 -63.46
CA GLY B 162 -5.09 45.09 -62.63
C GLY B 162 -3.77 44.93 -61.90
N ILE B 163 -3.43 45.99 -61.17
CA ILE B 163 -2.19 46.19 -60.41
C ILE B 163 -2.51 46.76 -59.03
N THR B 164 -1.80 46.34 -57.99
CA THR B 164 -1.96 46.78 -56.60
C THR B 164 -0.61 46.94 -55.90
N TRP B 165 -0.51 47.83 -54.93
CA TRP B 165 0.68 48.07 -54.10
C TRP B 165 0.33 48.29 -52.62
N ASP B 166 0.99 47.59 -51.71
CA ASP B 166 0.98 47.88 -50.26
C ASP B 166 2.24 47.34 -49.57
N ASN B 167 2.67 47.90 -48.44
CA ASN B 167 3.70 47.32 -47.56
C ASN B 167 4.97 46.78 -48.29
N ASP B 168 5.54 47.59 -49.19
CA ASP B 168 6.66 47.23 -50.07
C ASP B 168 6.43 46.03 -51.02
N ARG B 169 5.18 45.70 -51.31
CA ARG B 169 4.76 44.53 -52.09
C ARG B 169 3.74 44.87 -53.17
N VAL B 170 3.91 44.31 -54.35
CA VAL B 170 3.09 44.56 -55.54
C VAL B 170 2.41 43.28 -55.96
N THR B 171 1.15 43.34 -56.37
CA THR B 171 0.42 42.18 -56.89
C THR B 171 -0.28 42.53 -58.19
N VAL B 172 -0.21 41.64 -59.17
CA VAL B 172 -0.65 41.86 -60.56
C VAL B 172 -1.52 40.71 -61.02
N PHE B 173 -2.55 41.01 -61.82
CA PHE B 173 -3.59 40.06 -62.20
C PHE B 173 -3.73 40.00 -63.72
N ALA B 174 -3.78 38.77 -64.23
CA ALA B 174 -4.06 38.37 -65.60
C ALA B 174 -4.90 37.08 -65.56
N ASP B 175 -4.82 36.22 -66.59
CA ASP B 175 -5.40 34.84 -66.51
C ASP B 175 -4.75 33.97 -65.41
N LYS B 176 -3.61 34.40 -64.87
CA LYS B 176 -2.93 33.89 -63.67
C LYS B 176 -2.36 35.09 -62.91
N ILE B 177 -2.18 35.00 -61.58
CA ILE B 177 -1.91 36.17 -60.72
C ILE B 177 -0.60 36.04 -59.94
N TYR B 178 0.10 37.16 -59.72
CA TYR B 178 1.52 37.23 -59.37
C TYR B 178 1.78 38.18 -58.19
N HIS B 179 2.91 37.98 -57.51
CA HIS B 179 3.43 38.80 -56.41
C HIS B 179 4.86 39.24 -56.68
N PHE B 180 5.25 40.42 -56.22
CA PHE B 180 6.59 40.95 -56.31
C PHE B 180 6.91 41.76 -55.04
N TYR B 181 8.18 41.93 -54.69
CA TYR B 181 8.63 42.83 -53.63
C TYR B 181 9.42 44.00 -54.24
N LEU B 182 8.97 45.23 -53.97
CA LEU B 182 9.46 46.50 -54.51
C LEU B 182 9.17 47.60 -53.47
N LYS B 183 10.17 48.33 -52.99
CA LYS B 183 9.94 49.37 -51.96
C LYS B 183 8.93 50.42 -52.43
N ASN B 184 7.96 50.76 -51.57
CA ASN B 184 6.79 51.60 -51.86
C ASN B 184 6.15 51.25 -53.22
N ALA B 200 -11.02 49.88 -67.92
CA ALA B 200 -12.00 50.64 -67.16
C ALA B 200 -11.42 51.88 -66.47
N MET B 201 -10.12 51.88 -66.16
CA MET B 201 -9.42 52.92 -65.38
C MET B 201 -10.08 53.17 -64.01
N GLN B 202 -10.45 52.11 -63.30
CA GLN B 202 -10.91 52.16 -61.90
C GLN B 202 -9.73 52.22 -60.93
N TYR B 203 -9.82 52.99 -59.85
CA TYR B 203 -8.77 53.15 -58.84
C TYR B 203 -9.30 52.81 -57.45
N VAL B 204 -8.51 52.14 -56.60
CA VAL B 204 -8.94 51.62 -55.30
C VAL B 204 -8.19 52.25 -54.11
N TYR B 205 -8.92 52.87 -53.18
CA TYR B 205 -8.36 53.63 -52.05
C TYR B 205 -8.36 52.89 -50.69
N THR B 206 -9.23 51.91 -50.52
CA THR B 206 -9.44 51.15 -49.27
C THR B 206 -9.72 49.68 -49.59
N PRO B 207 -9.29 48.70 -48.76
CA PRO B 207 -9.63 47.30 -48.96
C PRO B 207 -11.14 47.02 -49.02
N THR B 208 -11.50 45.98 -49.73
CA THR B 208 -12.88 45.57 -50.03
C THR B 208 -13.04 44.08 -49.73
N TYR B 209 -14.28 43.63 -49.55
CA TYR B 209 -14.59 42.22 -49.37
C TYR B 209 -15.65 41.74 -50.35
N TYR B 210 -15.50 40.50 -50.79
CA TYR B 210 -16.44 39.80 -51.64
C TYR B 210 -16.76 38.46 -51.02
N MET B 211 -18.03 38.08 -51.00
CA MET B 211 -18.46 36.73 -50.68
C MET B 211 -18.96 36.08 -51.95
N LEU B 212 -18.50 34.87 -52.26
CA LEU B 212 -18.83 34.20 -53.53
C LEU B 212 -18.99 32.69 -53.37
N ASN B 213 -19.86 32.09 -54.24
CA ASN B 213 -19.98 30.64 -54.27
C ASN B 213 -19.88 30.04 -55.71
N VAL B 214 -19.17 28.90 -55.85
CA VAL B 214 -18.49 28.43 -57.06
C VAL B 214 -19.27 27.35 -57.85
N THR B 215 -19.34 27.50 -59.18
CA THR B 215 -20.02 26.60 -60.14
C THR B 215 -19.05 25.89 -61.12
N SER B 216 -17.74 26.02 -60.87
CA SER B 216 -16.62 25.67 -61.74
C SER B 216 -16.46 26.48 -63.04
N ALA B 217 -17.28 27.52 -63.26
CA ALA B 217 -17.11 28.50 -64.37
C ALA B 217 -15.83 29.33 -64.19
N GLY B 221 -17.47 30.35 -60.18
CA GLY B 221 -17.25 31.46 -59.25
C GLY B 221 -17.85 32.79 -59.70
N ILE B 222 -18.56 32.83 -60.81
CA ILE B 222 -19.09 34.06 -61.41
C ILE B 222 -20.28 34.63 -60.62
N TYR B 223 -20.81 33.93 -59.61
CA TYR B 223 -21.90 34.41 -58.75
C TYR B 223 -21.41 34.76 -57.34
N TYR B 224 -21.66 36.01 -56.95
CA TYR B 224 -21.09 36.69 -55.79
C TYR B 224 -21.94 37.88 -55.33
N GLU B 225 -21.69 38.37 -54.12
CA GLU B 225 -22.18 39.63 -53.58
C GLU B 225 -21.04 40.43 -52.95
N PRO B 226 -20.97 41.75 -53.13
CA PRO B 226 -20.14 42.63 -52.31
C PRO B 226 -20.51 42.54 -50.84
N CYS B 227 -19.56 42.82 -49.96
CA CYS B 227 -19.75 42.75 -48.51
C CYS B 227 -19.19 43.99 -47.80
N THR B 228 -19.88 44.46 -46.77
CA THR B 228 -19.67 45.75 -46.09
C THR B 228 -19.19 45.64 -44.64
N ALA B 229 -19.72 44.68 -43.88
CA ALA B 229 -19.41 44.46 -42.46
C ALA B 229 -19.57 42.98 -42.07
N ASN B 230 -18.87 42.57 -40.99
CA ASN B 230 -18.74 41.18 -40.54
C ASN B 230 -18.10 40.20 -41.55
N CYS B 231 -17.58 40.68 -42.68
CA CYS B 231 -17.23 39.84 -43.83
C CYS B 231 -16.14 38.79 -43.52
N THR B 232 -15.09 39.18 -42.80
CA THR B 232 -13.97 38.31 -42.44
C THR B 232 -14.41 37.12 -41.60
N GLY B 233 -15.57 37.17 -40.95
CA GLY B 233 -16.15 36.06 -40.19
C GLY B 233 -16.71 34.90 -41.02
N TYR B 234 -16.86 35.05 -42.34
CA TYR B 234 -17.39 33.96 -43.18
C TYR B 234 -16.35 32.88 -43.51
N ALA B 235 -15.05 33.18 -43.43
CA ALA B 235 -13.96 32.21 -43.57
C ALA B 235 -13.74 31.39 -42.29
N ALA B 236 -13.51 30.08 -42.42
CA ALA B 236 -13.50 29.15 -41.30
C ALA B 236 -12.22 29.14 -40.45
N ASN B 237 -11.09 29.63 -40.95
CA ASN B 237 -9.81 29.67 -40.21
C ASN B 237 -9.48 31.03 -39.58
N VAL B 238 -10.46 31.93 -39.45
CA VAL B 238 -10.35 33.27 -38.88
C VAL B 238 -11.60 33.55 -38.03
N PHE B 239 -11.50 34.42 -37.02
CA PHE B 239 -12.59 34.73 -36.08
C PHE B 239 -12.49 36.16 -35.54
N ALA B 240 -13.60 36.70 -35.05
CA ALA B 240 -13.60 37.94 -34.28
C ALA B 240 -13.26 37.65 -32.81
N THR B 241 -12.05 38.00 -32.37
CA THR B 241 -11.57 37.76 -31.00
C THR B 241 -12.44 38.50 -29.97
N ASP B 242 -12.86 37.78 -28.94
CA ASP B 242 -13.73 38.26 -27.86
C ASP B 242 -12.97 39.20 -26.89
N SER B 243 -13.70 39.96 -26.07
CA SER B 243 -13.11 40.84 -25.06
C SER B 243 -12.34 40.06 -23.99
N ASN B 244 -11.22 40.62 -23.53
CA ASN B 244 -10.18 39.93 -22.77
C ASN B 244 -9.56 38.69 -23.48
N GLY B 245 -9.84 38.46 -24.76
CA GLY B 245 -9.02 37.64 -25.64
C GLY B 245 -9.38 36.16 -25.77
N HIS B 246 -10.56 35.72 -25.36
CA HIS B 246 -11.00 34.34 -25.58
C HIS B 246 -11.34 34.09 -27.05
N ILE B 247 -10.99 32.92 -27.57
CA ILE B 247 -11.39 32.44 -28.89
C ILE B 247 -12.87 32.03 -28.83
N PRO B 248 -13.76 32.54 -29.70
CA PRO B 248 -15.17 32.18 -29.69
C PRO B 248 -15.41 30.69 -29.74
N GLU B 249 -16.40 30.21 -28.98
CA GLU B 249 -16.93 28.85 -29.12
C GLU B 249 -17.49 28.65 -30.53
N GLY B 250 -17.40 27.41 -31.02
CA GLY B 250 -17.79 27.06 -32.38
C GLY B 250 -16.75 27.39 -33.43
N PHE B 251 -15.62 28.04 -33.08
CA PHE B 251 -14.47 28.16 -33.99
C PHE B 251 -13.95 26.77 -34.33
N SER B 252 -13.53 26.56 -35.58
CA SER B 252 -13.17 25.23 -36.08
C SER B 252 -11.83 24.72 -35.53
N PHE B 253 -10.92 25.61 -35.11
CA PHE B 253 -9.52 25.32 -34.78
C PHE B 253 -8.77 24.64 -35.95
N ASN B 254 -9.01 25.13 -37.17
CA ASN B 254 -8.74 24.41 -38.42
C ASN B 254 -7.31 23.87 -38.54
N ASN B 255 -6.32 24.70 -38.23
CA ASN B 255 -4.90 24.34 -38.11
C ASN B 255 -4.28 24.97 -36.86
N TRP B 256 -4.98 24.97 -35.73
CA TRP B 256 -4.41 25.38 -34.45
C TRP B 256 -4.14 24.11 -33.65
N PHE B 257 -2.89 23.86 -33.29
CA PHE B 257 -2.52 22.64 -32.57
C PHE B 257 -2.11 22.99 -31.15
N LEU B 258 -2.49 22.14 -30.19
CA LEU B 258 -1.82 22.18 -28.90
C LEU B 258 -0.38 21.70 -29.09
N LEU B 259 0.54 22.28 -28.33
CA LEU B 259 1.96 22.23 -28.60
C LEU B 259 2.66 21.26 -27.66
N SER B 260 3.58 20.45 -28.18
CA SER B 260 4.38 19.52 -27.39
C SER B 260 5.88 19.63 -27.66
N ASN B 261 6.72 19.58 -26.64
CA ASN B 261 8.08 19.25 -26.97
C ASN B 261 8.41 17.79 -26.71
N ASP B 262 7.43 16.96 -26.84
CA ASP B 262 7.39 15.51 -26.64
C ASP B 262 6.22 14.91 -27.44
N SER B 263 5.79 13.69 -27.13
CA SER B 263 4.81 12.94 -27.92
C SER B 263 3.43 13.59 -27.99
N THR B 264 2.67 13.25 -29.03
CA THR B 264 1.43 13.93 -29.44
C THR B 264 0.17 13.18 -29.03
N LEU B 265 -0.79 13.89 -28.43
CA LEU B 265 -2.01 13.33 -27.84
C LEU B 265 -3.04 12.97 -28.91
N LEU B 266 -3.32 11.69 -29.11
CA LEU B 266 -4.15 11.20 -30.22
C LEU B 266 -5.60 11.63 -30.08
N HIS B 267 -6.16 11.47 -28.89
CA HIS B 267 -7.45 12.04 -28.49
C HIS B 267 -7.60 12.12 -26.97
N GLY B 268 -8.53 12.93 -26.50
CA GLY B 268 -8.92 13.06 -25.09
C GLY B 268 -8.97 14.49 -24.58
N LYS B 269 -9.48 14.66 -23.38
CA LYS B 269 -9.35 15.90 -22.61
C LYS B 269 -7.91 16.04 -22.13
N VAL B 270 -7.40 17.26 -22.08
CA VAL B 270 -6.20 17.62 -21.33
C VAL B 270 -6.34 19.06 -20.87
N VAL B 271 -5.76 19.41 -19.72
CA VAL B 271 -5.65 20.80 -19.28
C VAL B 271 -4.20 21.21 -19.37
N SER B 272 -3.89 22.26 -20.12
CA SER B 272 -2.49 22.63 -20.40
C SER B 272 -2.30 24.12 -20.67
N ASN B 273 -1.08 24.60 -20.44
CA ASN B 273 -0.72 26.00 -20.62
C ASN B 273 -0.31 26.29 -22.07
N GLN B 274 -1.22 26.86 -22.87
CA GLN B 274 -1.07 27.02 -24.32
C GLN B 274 -1.21 28.48 -24.76
N PRO B 275 -0.58 28.90 -25.86
CA PRO B 275 -0.80 30.20 -26.49
C PRO B 275 -2.15 30.23 -27.21
N LEU B 276 -3.23 30.26 -26.44
CA LEU B 276 -4.61 30.24 -26.91
C LEU B 276 -5.43 31.42 -26.37
N LEU B 277 -4.83 32.36 -25.65
CA LEU B 277 -5.44 33.64 -25.32
C LEU B 277 -4.95 34.63 -26.37
N VAL B 278 -5.84 35.31 -27.09
CA VAL B 278 -5.52 35.99 -28.34
C VAL B 278 -5.71 37.49 -28.24
N ASN B 279 -4.61 38.21 -28.34
CA ASN B 279 -4.53 39.65 -28.21
C ASN B 279 -4.99 40.38 -29.46
N CYS B 280 -4.58 39.91 -30.63
CA CYS B 280 -5.28 40.17 -31.88
C CYS B 280 -5.01 39.07 -32.90
N LEU B 281 -5.85 39.03 -33.93
CA LEU B 281 -5.78 38.08 -35.02
C LEU B 281 -5.73 38.86 -36.33
N LEU B 282 -4.52 39.13 -36.79
CA LEU B 282 -4.25 39.85 -38.02
C LEU B 282 -4.45 38.91 -39.20
N ALA B 283 -5.56 39.04 -39.89
CA ALA B 283 -5.87 38.27 -41.09
C ALA B 283 -5.35 39.00 -42.35
N ILE B 284 -4.48 38.33 -43.09
CA ILE B 284 -3.91 38.78 -44.36
C ILE B 284 -4.51 37.91 -45.47
N PRO B 285 -5.02 38.45 -46.58
CA PRO B 285 -5.55 37.61 -47.64
C PRO B 285 -4.44 36.80 -48.27
N LYS B 286 -4.68 35.55 -48.71
CA LYS B 286 -3.62 34.64 -49.19
C LYS B 286 -2.86 35.13 -50.42
N ILE B 287 -3.46 36.03 -51.18
CA ILE B 287 -2.77 36.75 -52.27
C ILE B 287 -1.73 37.77 -51.80
N TYR B 288 -1.64 38.10 -50.51
CA TYR B 288 -0.65 39.03 -49.97
C TYR B 288 0.32 38.34 -49.01
N GLY B 289 1.58 38.65 -49.19
CA GLY B 289 2.61 38.38 -48.19
C GLY B 289 2.59 39.40 -47.07
N LEU B 290 3.56 39.36 -46.17
CA LEU B 290 3.66 40.34 -45.10
C LEU B 290 5.10 40.65 -44.70
N GLY B 291 5.39 41.94 -44.58
CA GLY B 291 6.57 42.49 -43.95
C GLY B 291 6.14 43.26 -42.71
N GLN B 292 6.61 42.87 -41.52
CA GLN B 292 6.37 43.53 -40.26
C GLN B 292 7.44 43.14 -39.26
N PHE B 293 7.56 43.93 -38.21
CA PHE B 293 8.38 43.65 -37.04
C PHE B 293 7.44 43.44 -35.85
N PHE B 294 7.50 42.28 -35.21
CA PHE B 294 6.67 41.91 -34.09
C PHE B 294 7.54 41.82 -32.86
N SER B 295 7.26 42.61 -31.84
CA SER B 295 8.12 42.74 -30.67
C SER B 295 7.47 42.07 -29.48
N PHE B 296 8.24 41.27 -28.73
CA PHE B 296 7.78 40.66 -27.49
C PHE B 296 7.75 41.66 -26.32
N ASN B 297 8.07 42.90 -26.60
CA ASN B 297 7.96 44.01 -25.67
C ASN B 297 7.03 45.12 -26.03
N HIS B 298 6.35 45.06 -27.12
CA HIS B 298 5.37 46.04 -27.59
C HIS B 298 4.09 45.34 -28.05
N THR B 299 2.97 46.05 -28.09
CA THR B 299 1.70 45.52 -28.66
C THR B 299 1.79 45.36 -30.17
N MET B 300 1.15 44.34 -30.74
CA MET B 300 1.00 44.18 -32.21
C MET B 300 0.18 45.32 -32.83
N ASP B 301 0.32 45.55 -34.14
CA ASP B 301 -0.23 46.67 -34.90
C ASP B 301 -0.78 46.24 -36.27
N GLY B 302 -1.51 47.13 -36.94
CA GLY B 302 -2.28 46.86 -38.15
C GLY B 302 -3.68 46.34 -37.83
N VAL B 303 -4.68 46.68 -38.65
CA VAL B 303 -6.08 46.39 -38.36
C VAL B 303 -6.34 44.88 -38.27
N CYS B 304 -7.01 44.43 -37.22
CA CYS B 304 -7.13 43.01 -36.88
C CYS B 304 -8.47 42.68 -36.19
N ASN B 305 -8.94 41.44 -36.37
CA ASN B 305 -10.35 41.08 -36.20
C ASN B 305 -10.83 41.12 -34.75
N GLY B 306 -12.13 41.38 -34.57
CA GLY B 306 -12.76 41.54 -33.26
C GLY B 306 -12.25 42.76 -32.51
N ALA B 307 -12.01 42.60 -31.21
CA ALA B 307 -11.51 43.65 -30.32
C ALA B 307 -10.06 43.40 -29.94
N ALA B 308 -9.18 44.38 -30.19
CA ALA B 308 -7.77 44.28 -29.83
C ALA B 308 -7.57 44.41 -28.31
N VAL B 309 -6.60 43.65 -27.78
CA VAL B 309 -6.11 43.77 -26.40
C VAL B 309 -4.69 44.33 -26.42
N ASP B 310 -4.42 45.38 -25.64
CA ASP B 310 -3.07 45.93 -25.45
C ASP B 310 -2.25 45.10 -24.46
N ARG B 311 -1.76 43.95 -24.90
CA ARG B 311 -0.62 43.21 -24.32
C ARG B 311 0.40 42.93 -25.41
N ALA B 312 1.69 42.87 -25.05
CA ALA B 312 2.70 42.29 -25.93
C ALA B 312 2.59 40.76 -25.93
N PRO B 313 2.78 40.08 -27.07
CA PRO B 313 2.72 38.63 -27.17
C PRO B 313 3.74 37.94 -26.27
N GLU B 314 3.37 36.76 -25.76
CA GLU B 314 4.34 35.73 -25.37
C GLU B 314 4.57 34.73 -26.48
N ALA B 315 3.67 34.63 -27.46
CA ALA B 315 3.86 33.82 -28.66
C ALA B 315 3.17 34.42 -29.86
N LEU B 316 3.75 34.25 -31.03
CA LEU B 316 3.17 34.58 -32.32
C LEU B 316 2.85 33.28 -33.04
N ARG B 317 1.62 33.09 -33.51
CA ARG B 317 1.21 31.94 -34.32
C ARG B 317 1.00 32.38 -35.75
N PHE B 318 1.63 31.72 -36.72
CA PHE B 318 1.44 31.97 -38.14
C PHE B 318 0.71 30.78 -38.76
N ASN B 319 -0.47 30.99 -39.34
CA ASN B 319 -1.33 29.91 -39.82
C ASN B 319 -1.31 29.76 -41.36
N ILE B 320 -0.11 29.62 -41.92
CA ILE B 320 0.14 29.54 -43.35
C ILE B 320 -0.36 28.24 -43.98
N ASN B 321 -1.37 28.27 -44.75
CA ASN B 321 -1.76 27.08 -45.44
C ASN B 321 -0.71 26.45 -46.42
N ASP B 322 -0.08 27.21 -47.30
CA ASP B 322 0.90 26.71 -48.26
C ASP B 322 2.33 27.05 -47.84
N THR B 323 3.16 26.05 -47.53
CA THR B 323 4.56 26.23 -47.16
C THR B 323 5.45 26.88 -48.23
N SER B 324 4.98 27.12 -49.46
CA SER B 324 5.70 27.92 -50.45
C SER B 324 6.00 29.35 -49.97
N VAL B 325 5.32 29.83 -48.92
CA VAL B 325 5.38 31.20 -48.40
C VAL B 325 6.53 31.45 -47.43
N ILE B 326 6.89 30.45 -46.65
CA ILE B 326 7.91 30.50 -45.60
C ILE B 326 9.33 30.30 -46.14
N LEU B 327 9.54 29.63 -47.27
CA LEU B 327 10.85 29.37 -47.85
C LEU B 327 11.33 30.49 -48.79
N ALA B 328 12.02 31.48 -48.22
CA ALA B 328 12.84 32.49 -48.90
C ALA B 328 13.92 33.01 -47.92
N GLU B 329 15.02 33.61 -48.38
CA GLU B 329 15.99 34.23 -47.47
C GLU B 329 15.38 35.45 -46.75
N GLY B 330 15.58 35.53 -45.43
CA GLY B 330 15.08 36.59 -44.56
C GLY B 330 13.62 36.43 -44.17
N SER B 331 12.99 35.29 -44.45
CA SER B 331 11.55 35.06 -44.32
C SER B 331 11.04 35.05 -42.88
N ILE B 332 11.84 34.52 -41.96
CA ILE B 332 11.77 34.79 -40.53
C ILE B 332 13.16 35.24 -40.11
N VAL B 333 13.25 36.31 -39.34
CA VAL B 333 14.43 36.66 -38.53
C VAL B 333 14.01 36.63 -37.08
N LEU B 334 14.72 35.92 -36.24
CA LEU B 334 14.52 35.93 -34.81
C LEU B 334 15.65 36.77 -34.20
N HIS B 335 15.30 37.81 -33.47
CA HIS B 335 16.25 38.68 -32.79
C HIS B 335 16.38 38.21 -31.35
N THR B 336 17.52 37.68 -30.96
CA THR B 336 17.77 37.13 -29.63
C THR B 336 18.15 38.24 -28.66
N ALA B 337 17.96 38.07 -27.35
CA ALA B 337 18.29 39.06 -26.32
C ALA B 337 19.79 39.38 -26.22
N LEU B 338 20.64 38.39 -26.52
CA LEU B 338 22.09 38.54 -26.65
C LEU B 338 22.51 39.41 -27.84
N GLY B 339 21.57 39.88 -28.66
CA GLY B 339 21.83 40.71 -29.84
C GLY B 339 22.30 39.95 -31.09
N THR B 340 22.20 38.63 -31.12
CA THR B 340 22.35 37.81 -32.34
C THR B 340 21.03 37.69 -33.09
N ASN B 341 21.02 37.76 -34.42
CA ASN B 341 19.82 37.49 -35.11
C ASN B 341 19.93 36.25 -35.92
N LEU B 342 18.95 35.36 -35.92
CA LEU B 342 18.87 34.05 -36.54
C LEU B 342 17.92 34.15 -37.73
N SER B 343 18.39 33.96 -38.95
CA SER B 343 17.53 34.07 -40.12
C SER B 343 17.28 32.70 -40.70
N PHE B 344 16.02 32.32 -40.84
CA PHE B 344 15.65 31.09 -41.50
C PHE B 344 15.79 31.28 -43.01
N VAL B 345 16.59 30.46 -43.66
CA VAL B 345 16.81 30.49 -45.11
C VAL B 345 16.67 29.10 -45.70
N CYS B 346 16.07 28.99 -46.88
CA CYS B 346 15.86 27.72 -47.55
C CYS B 346 16.38 27.76 -48.97
N SER B 347 17.03 26.68 -49.38
CA SER B 347 17.77 26.58 -50.62
C SER B 347 17.43 25.31 -51.40
N ASN B 348 17.41 25.34 -52.67
CA ASN B 348 17.45 24.23 -53.48
C ASN B 348 18.63 23.35 -53.24
N SER B 349 19.73 23.79 -52.59
CA SER B 349 21.04 23.17 -52.45
C SER B 349 21.36 22.73 -51.03
N SER B 350 22.01 21.59 -50.93
CA SER B 350 22.62 21.05 -49.71
C SER B 350 23.69 21.96 -49.11
N ASP B 351 24.26 22.86 -49.90
CA ASP B 351 25.25 23.85 -49.46
C ASP B 351 24.68 25.28 -49.63
N PRO B 352 24.58 26.10 -48.57
CA PRO B 352 23.58 27.16 -48.51
C PRO B 352 23.90 28.43 -49.28
N HIS B 353 25.13 28.60 -49.76
CA HIS B 353 25.65 29.86 -50.33
C HIS B 353 25.06 30.27 -51.70
N LEU B 354 24.17 29.46 -52.26
CA LEU B 354 23.53 29.61 -53.56
C LEU B 354 22.11 29.01 -53.57
N ALA B 363 13.80 23.40 -60.52
CA ALA B 363 13.35 24.37 -59.54
C ALA B 363 11.84 24.31 -59.24
N THR B 364 11.09 23.46 -59.96
CA THR B 364 9.61 23.40 -59.92
C THR B 364 9.03 23.07 -58.53
N GLU B 365 9.36 21.91 -57.95
CA GLU B 365 9.10 21.52 -56.55
C GLU B 365 10.20 20.58 -56.04
N VAL B 366 11.44 21.01 -56.20
CA VAL B 366 12.64 20.41 -55.58
C VAL B 366 12.49 20.27 -54.06
N PRO B 367 13.12 19.30 -53.38
CA PRO B 367 13.17 19.28 -51.92
C PRO B 367 13.92 20.52 -51.46
N TYR B 368 13.45 21.19 -50.41
CA TYR B 368 14.00 22.47 -49.96
C TYR B 368 14.79 22.23 -48.67
N TYR B 369 16.06 22.59 -48.63
CA TYR B 369 16.96 22.39 -47.50
C TYR B 369 17.04 23.68 -46.71
N CYS B 370 16.72 23.65 -45.41
CA CYS B 370 16.53 24.85 -44.61
C CYS B 370 17.52 24.95 -43.48
N PHE B 371 18.01 26.17 -43.23
CA PHE B 371 19.12 26.51 -42.37
C PHE B 371 18.78 27.70 -41.47
N LEU B 372 19.29 27.71 -40.24
CA LEU B 372 19.50 28.96 -39.53
C LEU B 372 20.79 29.61 -40.04
N LYS B 373 20.71 30.84 -40.49
CA LYS B 373 21.82 31.76 -40.72
C LYS B 373 22.03 32.54 -39.43
N VAL B 374 22.93 32.09 -38.58
CA VAL B 374 23.26 32.72 -37.31
C VAL B 374 24.20 33.88 -37.55
N ASP B 375 23.78 35.10 -37.26
CA ASP B 375 24.59 36.31 -37.38
C ASP B 375 24.97 36.85 -36.00
N THR B 376 26.25 37.13 -35.81
CA THR B 376 26.87 37.73 -34.60
C THR B 376 27.84 38.83 -35.04
N TYR B 377 28.28 39.70 -34.13
CA TYR B 377 28.85 41.03 -34.41
C TYR B 377 29.86 41.13 -35.58
N ASN B 378 30.69 40.11 -35.82
CA ASN B 378 31.59 40.00 -36.97
C ASN B 378 31.67 38.56 -37.55
N SER B 379 30.55 37.83 -37.58
CA SER B 379 30.49 36.43 -38.04
C SER B 379 29.12 36.05 -38.63
N THR B 380 29.11 35.05 -39.53
CA THR B 380 27.93 34.26 -39.92
C THR B 380 28.23 32.76 -39.88
N VAL B 381 27.31 31.95 -39.37
CA VAL B 381 27.36 30.49 -39.37
C VAL B 381 26.04 29.97 -39.92
N TYR B 382 26.05 28.92 -40.72
CA TYR B 382 24.82 28.26 -41.15
C TYR B 382 24.72 26.89 -40.46
N LYS B 383 23.66 26.69 -39.68
CA LYS B 383 23.29 25.41 -39.07
C LYS B 383 22.19 24.81 -39.91
N PHE B 384 22.37 23.60 -40.40
CA PHE B 384 21.34 22.91 -41.15
C PHE B 384 20.23 22.45 -40.21
N LEU B 385 18.97 22.71 -40.52
CA LEU B 385 17.81 22.29 -39.74
C LEU B 385 17.20 21.00 -40.27
N ALA B 386 16.58 21.03 -41.45
CA ALA B 386 15.87 19.90 -42.03
C ALA B 386 15.70 20.06 -43.53
N VAL B 387 15.37 18.98 -44.22
CA VAL B 387 14.61 19.10 -45.47
C VAL B 387 13.18 19.41 -45.04
N LEU B 388 12.68 20.58 -45.43
CA LEU B 388 11.37 21.04 -44.99
C LEU B 388 10.27 20.33 -45.78
N PRO B 389 9.34 19.58 -45.15
CA PRO B 389 8.29 18.88 -45.85
C PRO B 389 7.35 19.85 -46.56
N PRO B 390 6.67 19.45 -47.64
CA PRO B 390 5.72 20.31 -48.37
C PRO B 390 4.42 20.61 -47.59
N THR B 391 4.31 20.21 -46.31
CA THR B 391 3.08 20.15 -45.50
C THR B 391 3.17 20.86 -44.14
N VAL B 392 3.96 21.93 -44.00
CA VAL B 392 3.86 22.85 -42.85
C VAL B 392 2.57 23.66 -42.93
N ARG B 393 1.79 23.71 -41.85
CA ARG B 393 0.49 24.42 -41.76
C ARG B 393 0.36 25.41 -40.61
N GLU B 394 1.23 25.34 -39.61
CA GLU B 394 1.38 26.33 -38.56
C GLU B 394 2.84 26.40 -38.13
N ILE B 395 3.28 27.60 -37.77
CA ILE B 395 4.51 27.86 -37.03
C ILE B 395 4.12 28.69 -35.81
N VAL B 396 4.61 28.39 -34.62
CA VAL B 396 4.48 29.29 -33.47
C VAL B 396 5.82 29.60 -32.82
N ILE B 397 6.16 30.88 -32.72
CA ILE B 397 7.40 31.34 -32.13
C ILE B 397 7.06 31.95 -30.78
N THR B 398 7.72 31.49 -29.75
CA THR B 398 7.49 31.87 -28.35
C THR B 398 8.60 32.76 -27.85
N LYS B 399 8.27 33.80 -27.10
CA LYS B 399 9.17 34.76 -26.44
C LYS B 399 10.34 34.08 -25.74
N TYR B 400 10.09 32.95 -25.10
CA TYR B 400 11.05 32.14 -24.37
C TYR B 400 11.90 31.22 -25.25
N GLY B 401 11.85 31.40 -26.56
CA GLY B 401 12.78 30.84 -27.54
C GLY B 401 12.34 29.58 -28.28
N ASP B 402 11.24 28.93 -27.90
CA ASP B 402 10.74 27.77 -28.64
C ASP B 402 10.21 28.16 -30.03
N VAL B 403 10.44 27.32 -31.04
CA VAL B 403 9.73 27.31 -32.32
C VAL B 403 9.07 25.96 -32.51
N TYR B 404 7.76 25.96 -32.73
CA TYR B 404 6.95 24.78 -32.95
C TYR B 404 6.38 24.76 -34.36
N VAL B 405 6.58 23.69 -35.11
CA VAL B 405 6.06 23.47 -36.46
C VAL B 405 5.10 22.29 -36.46
N ASN B 406 3.87 22.47 -36.95
CA ASN B 406 2.78 21.48 -36.87
C ASN B 406 2.63 20.85 -35.47
N GLY B 407 2.79 21.65 -34.42
CA GLY B 407 2.56 21.27 -33.04
C GLY B 407 3.71 20.58 -32.33
N PHE B 408 4.82 20.32 -32.99
CA PHE B 408 6.00 19.72 -32.39
C PHE B 408 7.16 20.70 -32.30
N GLY B 409 7.74 20.85 -31.12
CA GLY B 409 8.77 21.82 -30.79
C GLY B 409 10.15 21.45 -31.30
N TYR B 410 10.42 21.63 -32.60
CA TYR B 410 11.70 21.34 -33.24
C TYR B 410 12.87 22.07 -32.56
N LEU B 411 12.71 23.35 -32.19
CA LEU B 411 13.79 24.19 -31.69
C LEU B 411 13.51 24.79 -30.31
N HIS B 412 14.60 24.99 -29.58
CA HIS B 412 14.70 25.86 -28.43
C HIS B 412 15.85 26.84 -28.68
N LEU B 413 15.65 28.12 -28.41
CA LEU B 413 16.61 29.20 -28.64
C LEU B 413 16.68 30.06 -27.37
N GLY B 414 17.43 31.15 -27.41
CA GLY B 414 17.44 32.12 -26.32
C GLY B 414 16.10 32.84 -26.14
N LEU B 415 16.01 33.63 -25.07
CA LEU B 415 15.02 34.69 -24.94
C LEU B 415 15.06 35.59 -26.19
N LEU B 416 13.91 35.91 -26.77
CA LEU B 416 13.77 36.71 -27.98
C LEU B 416 13.29 38.12 -27.68
N ASP B 417 13.86 39.12 -28.36
CA ASP B 417 13.34 40.48 -28.42
C ASP B 417 12.16 40.60 -29.37
N ALA B 418 12.28 40.04 -30.57
CA ALA B 418 11.38 40.29 -31.67
C ALA B 418 11.51 39.25 -32.77
N VAL B 419 10.58 39.26 -33.71
CA VAL B 419 10.74 38.57 -34.99
C VAL B 419 10.40 39.50 -36.13
N THR B 420 11.21 39.49 -37.18
CA THR B 420 10.83 40.06 -38.47
C THR B 420 10.26 38.91 -39.26
N ILE B 421 9.18 39.14 -40.00
CA ILE B 421 8.79 38.24 -41.07
C ILE B 421 8.75 38.95 -42.40
N ASN B 422 8.89 38.23 -43.47
CA ASN B 422 8.89 38.75 -44.77
C ASN B 422 8.38 37.64 -45.66
N PHE B 423 7.19 37.18 -45.41
CA PHE B 423 6.43 36.11 -46.04
C PHE B 423 5.98 36.53 -47.43
N THR B 424 6.03 35.65 -48.42
CA THR B 424 5.99 36.07 -49.84
C THR B 424 4.67 35.88 -50.60
N GLY B 425 3.54 35.68 -49.92
CA GLY B 425 2.26 35.35 -50.56
C GLY B 425 2.18 33.90 -51.03
N HIS B 426 0.97 33.34 -51.16
CA HIS B 426 0.76 31.91 -51.41
C HIS B 426 0.85 31.59 -52.90
N GLY B 427 1.11 30.32 -53.23
CA GLY B 427 1.25 29.84 -54.60
C GLY B 427 -0.09 29.77 -55.33
N THR B 428 -0.27 30.68 -56.28
CA THR B 428 -1.55 31.04 -56.93
C THR B 428 -2.09 30.03 -57.95
N ASP B 429 -1.38 28.91 -58.16
CA ASP B 429 -1.89 27.67 -58.75
C ASP B 429 -2.89 26.93 -57.84
N ASP B 430 -2.87 27.14 -56.52
CA ASP B 430 -3.84 26.55 -55.58
C ASP B 430 -5.16 27.36 -55.53
N ASP B 431 -5.99 27.16 -54.50
CA ASP B 431 -7.26 27.88 -54.31
C ASP B 431 -7.06 29.38 -54.08
N VAL B 432 -6.22 29.77 -53.13
CA VAL B 432 -5.75 31.15 -52.87
C VAL B 432 -6.90 32.15 -52.85
N SER B 433 -7.86 31.85 -51.99
CA SER B 433 -8.96 32.71 -51.53
C SER B 433 -9.14 32.56 -50.02
N GLY B 434 -9.54 33.62 -49.33
CA GLY B 434 -9.60 33.66 -47.87
C GLY B 434 -8.29 34.13 -47.24
N PHE B 435 -8.10 33.85 -45.95
CA PHE B 435 -7.07 34.49 -45.13
C PHE B 435 -6.09 33.50 -44.50
N TRP B 436 -4.86 33.95 -44.31
CA TRP B 436 -3.91 33.37 -43.40
C TRP B 436 -3.73 34.33 -42.24
N THR B 437 -3.75 33.79 -41.03
CA THR B 437 -3.86 34.59 -39.81
C THR B 437 -2.57 34.56 -39.04
N ILE B 438 -2.13 35.71 -38.58
CA ILE B 438 -1.10 35.84 -37.55
C ILE B 438 -1.77 36.17 -36.23
N ALA B 439 -1.60 35.34 -35.23
CA ALA B 439 -2.16 35.55 -33.91
C ALA B 439 -1.07 36.02 -32.98
N SER B 440 -1.29 37.14 -32.31
CA SER B 440 -0.52 37.57 -31.16
C SER B 440 -1.21 37.04 -29.94
N THR B 441 -0.49 36.34 -29.06
CA THR B 441 -1.09 35.50 -28.03
C THR B 441 -0.36 35.51 -26.70
N ASN B 442 -1.03 35.11 -25.63
CA ASN B 442 -0.49 34.86 -24.30
C ASN B 442 -0.75 33.44 -23.87
N PHE B 443 0.14 32.91 -23.05
CA PHE B 443 -0.02 31.59 -22.47
C PHE B 443 -1.11 31.62 -21.40
N VAL B 444 -2.03 30.67 -21.41
CA VAL B 444 -3.05 30.48 -20.38
C VAL B 444 -3.37 29.00 -20.20
N ASP B 445 -3.83 28.60 -19.02
CA ASP B 445 -4.39 27.26 -18.83
C ASP B 445 -5.75 27.15 -19.49
N ALA B 446 -5.88 26.15 -20.33
CA ALA B 446 -7.14 25.78 -20.96
C ALA B 446 -7.38 24.29 -20.86
N LEU B 447 -8.61 23.90 -20.58
CA LEU B 447 -9.10 22.56 -20.82
C LEU B 447 -9.36 22.46 -22.31
N ILE B 448 -8.73 21.50 -22.96
CA ILE B 448 -8.77 21.28 -24.40
C ILE B 448 -9.26 19.87 -24.64
N GLU B 449 -10.18 19.69 -25.58
CA GLU B 449 -10.57 18.36 -26.04
C GLU B 449 -9.98 18.15 -27.41
N VAL B 450 -9.15 17.12 -27.54
CA VAL B 450 -8.45 16.77 -28.77
C VAL B 450 -9.13 15.54 -29.35
N GLN B 451 -9.43 15.54 -30.64
CA GLN B 451 -9.87 14.36 -31.38
C GLN B 451 -9.04 14.21 -32.64
N GLY B 452 -8.47 13.04 -32.91
CA GLY B 452 -7.62 12.81 -34.09
C GLY B 452 -6.42 13.76 -34.17
N THR B 453 -5.82 14.11 -33.03
CA THR B 453 -4.79 15.13 -32.81
C THR B 453 -5.18 16.58 -33.07
N SER B 454 -6.47 16.90 -33.23
CA SER B 454 -6.97 18.25 -33.51
C SER B 454 -7.95 18.76 -32.46
N ILE B 455 -7.82 20.05 -32.07
CA ILE B 455 -8.68 20.66 -31.06
C ILE B 455 -10.14 20.67 -31.54
N GLN B 456 -11.05 20.17 -30.72
CA GLN B 456 -12.50 20.25 -30.93
C GLN B 456 -13.15 21.35 -30.10
N ARG B 457 -12.74 21.50 -28.83
CA ARG B 457 -13.26 22.47 -27.86
C ARG B 457 -12.15 23.02 -26.99
N ILE B 458 -12.36 24.22 -26.47
CA ILE B 458 -11.50 24.91 -25.52
C ILE B 458 -12.36 25.51 -24.41
N LEU B 459 -11.89 25.49 -23.18
CA LEU B 459 -12.46 26.20 -22.04
C LEU B 459 -11.35 26.85 -21.23
N TYR B 460 -11.52 28.09 -20.79
CA TYR B 460 -10.44 28.88 -20.22
C TYR B 460 -10.54 28.95 -18.69
N CYS B 461 -9.46 28.66 -17.97
CA CYS B 461 -9.46 28.56 -16.51
C CYS B 461 -9.35 29.92 -15.77
N ASP B 462 -10.15 30.93 -16.14
CA ASP B 462 -10.10 32.29 -15.59
C ASP B 462 -11.44 32.81 -15.05
N ASP B 463 -12.27 31.92 -14.50
CA ASP B 463 -13.50 32.21 -13.74
C ASP B 463 -13.64 31.21 -12.58
N PRO B 464 -14.36 31.52 -11.49
CA PRO B 464 -14.55 30.58 -10.39
C PRO B 464 -15.28 29.29 -10.79
N VAL B 465 -16.20 29.37 -11.75
CA VAL B 465 -16.90 28.21 -12.33
C VAL B 465 -16.01 27.45 -13.31
N SER B 466 -15.26 28.14 -14.17
CA SER B 466 -14.36 27.50 -15.13
C SER B 466 -13.20 26.79 -14.47
N GLN B 467 -12.62 27.32 -13.40
CA GLN B 467 -11.54 26.64 -12.67
C GLN B 467 -12.00 25.37 -11.98
N LEU B 468 -13.28 25.29 -11.59
CA LEU B 468 -13.86 24.06 -11.08
C LEU B 468 -13.90 23.01 -12.18
N LYS B 469 -14.37 23.38 -13.38
CA LYS B 469 -14.35 22.49 -14.55
C LYS B 469 -12.95 22.08 -14.97
N CYS B 470 -11.97 22.98 -14.98
CA CYS B 470 -10.59 22.62 -15.24
C CYS B 470 -10.03 21.67 -14.20
N SER B 471 -10.39 21.79 -12.92
CA SER B 471 -9.90 20.92 -11.85
C SER B 471 -10.52 19.54 -11.91
N GLN B 472 -11.79 19.43 -12.31
CA GLN B 472 -12.45 18.14 -12.54
C GLN B 472 -12.16 17.53 -13.92
N VAL B 473 -11.52 18.26 -14.83
CA VAL B 473 -11.16 17.81 -16.19
C VAL B 473 -12.40 17.29 -16.94
N ALA B 474 -13.45 18.10 -16.99
CA ALA B 474 -14.65 17.82 -17.75
C ALA B 474 -15.27 19.12 -18.27
N PHE B 475 -15.91 19.08 -19.43
CA PHE B 475 -16.50 20.27 -20.05
C PHE B 475 -17.84 20.63 -19.44
N ASP B 476 -18.58 19.65 -18.96
CA ASP B 476 -19.74 19.81 -18.10
C ASP B 476 -19.81 18.68 -17.06
N LEU B 477 -20.47 18.94 -15.93
CA LEU B 477 -20.37 18.16 -14.71
C LEU B 477 -21.75 17.82 -14.15
N ASP B 478 -21.83 16.72 -13.42
CA ASP B 478 -23.02 16.37 -12.65
C ASP B 478 -23.15 17.25 -11.41
N ASP B 479 -24.38 17.48 -10.94
CA ASP B 479 -24.65 18.22 -9.71
C ASP B 479 -23.97 17.55 -8.50
N GLY B 480 -23.33 18.35 -7.64
CA GLY B 480 -22.58 17.85 -6.50
C GLY B 480 -21.92 18.95 -5.69
N PHE B 481 -21.20 18.58 -4.64
CA PHE B 481 -20.33 19.49 -3.92
C PHE B 481 -18.90 19.19 -4.34
N TYR B 482 -18.20 20.21 -4.85
CA TYR B 482 -16.83 20.09 -5.36
C TYR B 482 -15.89 21.02 -4.59
N PRO B 483 -14.72 20.56 -4.12
CA PRO B 483 -13.85 21.37 -3.32
C PRO B 483 -13.12 22.39 -4.17
N ILE B 484 -13.15 23.65 -3.75
CA ILE B 484 -12.49 24.78 -4.40
C ILE B 484 -11.86 25.64 -3.33
N SER B 485 -10.78 26.35 -3.64
CA SER B 485 -10.15 27.30 -2.74
C SER B 485 -10.73 28.69 -2.91
N SER B 486 -10.73 29.49 -1.85
CA SER B 486 -11.04 30.91 -1.89
C SER B 486 -10.13 31.70 -2.86
N ARG B 487 -10.63 32.81 -3.38
CA ARG B 487 -9.85 33.80 -4.15
C ARG B 487 -9.57 34.99 -3.24
N ASN B 488 -8.30 35.36 -3.10
CA ASN B 488 -7.92 36.64 -2.48
C ASN B 488 -7.42 37.58 -3.58
N LEU B 489 -7.96 38.79 -3.63
CA LEU B 489 -7.99 39.68 -4.80
C LEU B 489 -6.73 40.55 -5.02
N LEU B 490 -5.63 40.24 -4.34
CA LEU B 490 -4.54 41.18 -4.06
C LEU B 490 -3.53 41.39 -5.21
N SER B 491 -3.73 40.72 -6.36
CA SER B 491 -3.03 40.98 -7.63
C SER B 491 -1.50 40.92 -7.55
N HIS B 492 -0.93 40.14 -6.63
CA HIS B 492 0.53 40.06 -6.36
C HIS B 492 1.19 41.41 -5.97
N GLU B 493 0.42 42.40 -5.52
CA GLU B 493 0.92 43.63 -4.89
C GLU B 493 1.31 43.44 -3.39
N GLN B 494 1.45 42.18 -2.95
CA GLN B 494 1.50 41.76 -1.56
C GLN B 494 2.76 42.22 -0.80
N PRO B 495 2.66 42.70 0.46
CA PRO B 495 3.82 43.10 1.23
C PRO B 495 4.80 41.97 1.52
N ILE B 496 6.05 42.33 1.80
CA ILE B 496 7.09 41.41 2.30
C ILE B 496 7.26 41.65 3.79
N SER B 497 7.39 40.57 4.55
CA SER B 497 7.63 40.57 6.00
C SER B 497 8.84 39.70 6.37
N PHE B 498 9.54 40.10 7.42
CA PHE B 498 10.79 39.53 7.89
C PHE B 498 10.81 39.64 9.40
N VAL B 499 10.69 38.52 10.11
CA VAL B 499 10.78 38.47 11.57
C VAL B 499 11.95 37.58 11.97
N THR B 500 12.87 38.11 12.76
CA THR B 500 14.10 37.44 13.20
C THR B 500 14.48 37.85 14.63
N LEU B 501 15.34 37.09 15.30
CA LEU B 501 15.74 37.34 16.69
C LEU B 501 16.27 38.78 16.86
N PRO B 502 16.00 39.50 17.95
CA PRO B 502 16.08 40.95 17.96
C PRO B 502 17.48 41.48 17.70
N SER B 503 17.63 42.40 16.73
CA SER B 503 18.90 42.91 16.26
C SER B 503 18.84 44.40 15.97
N PHE B 504 19.94 45.12 16.11
CA PHE B 504 20.11 46.41 15.44
C PHE B 504 20.57 46.15 14.00
N ASN B 505 20.73 47.17 13.16
CA ASN B 505 21.32 46.96 11.85
C ASN B 505 22.83 46.74 12.00
N ASP B 506 23.25 45.48 11.88
CA ASP B 506 24.62 45.01 12.06
C ASP B 506 25.11 44.36 10.78
N HIS B 507 25.56 45.16 9.84
CA HIS B 507 25.70 44.78 8.45
C HIS B 507 27.14 44.81 7.94
N SER B 508 27.59 43.74 7.27
CA SER B 508 28.79 43.79 6.42
C SER B 508 28.56 43.16 5.06
N PHE B 509 29.03 43.81 4.00
CA PHE B 509 28.96 43.29 2.66
C PHE B 509 30.02 42.22 2.44
N VAL B 510 29.70 41.19 1.66
CA VAL B 510 30.65 40.26 1.09
C VAL B 510 30.80 40.64 -0.37
N ASN B 511 31.66 41.59 -0.66
CA ASN B 511 31.84 41.98 -1.99
C ASN B 511 32.71 40.96 -2.65
N ILE B 512 32.34 40.35 -3.71
CA ILE B 512 33.11 39.37 -4.46
C ILE B 512 33.48 40.02 -5.78
N THR B 513 34.77 40.13 -6.08
CA THR B 513 35.26 40.61 -7.36
C THR B 513 35.83 39.46 -8.13
N VAL B 514 35.31 39.22 -9.32
CA VAL B 514 35.78 38.23 -10.27
C VAL B 514 36.41 38.98 -11.42
N SER B 515 37.59 38.59 -11.86
CA SER B 515 38.30 39.29 -12.92
C SER B 515 38.94 38.31 -13.90
N ALA B 516 38.97 38.67 -15.17
CA ALA B 516 39.60 37.89 -16.24
C ALA B 516 39.95 38.75 -17.45
N ALA B 517 40.86 38.26 -18.28
CA ALA B 517 41.20 38.84 -19.57
C ALA B 517 41.02 37.81 -20.68
N PHE B 518 40.68 38.26 -21.88
CA PHE B 518 40.42 37.41 -23.03
C PHE B 518 41.23 37.89 -24.24
N GLY B 519 41.62 36.95 -25.07
CA GLY B 519 42.37 37.17 -26.31
C GLY B 519 42.24 36.03 -27.29
N GLY B 520 43.03 36.10 -28.37
CA GLY B 520 42.98 35.21 -29.53
C GLY B 520 42.07 35.76 -30.63
N LEU B 521 42.60 35.89 -31.85
CA LEU B 521 41.88 36.37 -33.03
C LEU B 521 41.15 35.26 -33.81
N SER B 522 41.67 34.03 -33.77
CA SER B 522 41.04 32.86 -34.40
C SER B 522 39.85 32.35 -33.58
N SER B 523 39.93 32.38 -32.25
CA SER B 523 38.86 32.07 -31.29
C SER B 523 39.11 32.77 -29.96
N ALA B 524 38.06 33.01 -29.17
CA ALA B 524 38.12 33.75 -27.91
C ALA B 524 38.39 32.83 -26.71
N ASN B 525 39.48 33.08 -25.98
CA ASN B 525 39.94 32.22 -24.88
C ASN B 525 40.49 33.05 -23.72
N LEU B 526 40.56 32.42 -22.54
CA LEU B 526 40.69 33.09 -21.24
C LEU B 526 42.10 33.00 -20.66
N VAL B 527 42.59 34.12 -20.12
CA VAL B 527 43.90 34.23 -19.46
C VAL B 527 43.78 35.07 -18.18
N ALA B 528 44.73 34.90 -17.27
CA ALA B 528 44.96 35.79 -16.14
C ALA B 528 43.74 36.01 -15.22
N SER B 529 42.89 34.99 -15.03
CA SER B 529 41.75 35.03 -14.09
C SER B 529 42.23 35.20 -12.64
N ASP B 530 41.51 36.00 -11.85
CA ASP B 530 41.67 36.06 -10.40
C ASP B 530 40.34 36.43 -9.72
N THR B 531 40.16 36.06 -8.47
CA THR B 531 38.95 36.30 -7.68
C THR B 531 39.32 36.65 -6.26
N THR B 532 38.57 37.58 -5.66
CA THR B 532 38.73 37.96 -4.27
C THR B 532 37.42 38.25 -3.60
N ILE B 533 37.36 37.99 -2.29
CA ILE B 533 36.23 38.28 -1.42
C ILE B 533 36.70 39.31 -0.40
N ASN B 534 36.11 40.50 -0.40
CA ASN B 534 36.59 41.69 0.33
C ASN B 534 38.10 41.96 0.16
N GLY B 535 38.71 41.54 -0.94
CA GLY B 535 40.15 41.65 -1.21
C GLY B 535 41.02 40.48 -0.74
N PHE B 536 40.51 39.58 0.10
CA PHE B 536 41.17 38.34 0.52
C PHE B 536 40.78 37.15 -0.37
N SER B 537 41.32 35.96 -0.09
CA SER B 537 41.00 34.72 -0.80
C SER B 537 39.86 33.93 -0.18
N SER B 538 39.58 34.14 1.11
CA SER B 538 38.48 33.58 1.88
C SER B 538 37.97 34.60 2.89
N PHE B 539 36.72 34.46 3.34
CA PHE B 539 36.07 35.34 4.30
C PHE B 539 35.08 34.55 5.14
N CYS B 540 34.83 34.92 6.39
CA CYS B 540 33.71 34.39 7.13
C CYS B 540 32.91 35.47 7.85
N VAL B 541 31.59 35.41 7.74
CA VAL B 541 30.67 36.43 8.25
C VAL B 541 30.51 36.34 9.76
N ASP B 542 30.73 37.46 10.44
CA ASP B 542 30.55 37.62 11.89
C ASP B 542 29.38 38.55 12.26
N THR B 543 28.97 39.42 11.33
CA THR B 543 27.86 40.35 11.50
C THR B 543 26.52 39.68 11.23
N ARG B 544 25.44 40.05 11.93
CA ARG B 544 24.15 39.38 11.79
C ARG B 544 23.38 39.62 10.49
N GLN B 545 23.74 40.59 9.67
CA GLN B 545 23.28 40.70 8.29
C GLN B 545 24.44 40.79 7.31
N PHE B 546 24.25 40.23 6.12
CA PHE B 546 25.16 40.41 4.99
C PHE B 546 24.45 40.52 3.64
N THR B 547 25.08 41.16 2.68
CA THR B 547 24.71 41.10 1.27
C THR B 547 25.89 40.56 0.49
N ILE B 548 25.70 39.59 -0.39
CA ILE B 548 26.72 39.20 -1.35
C ILE B 548 26.51 40.03 -2.60
N THR B 549 27.58 40.56 -3.16
CA THR B 549 27.54 41.27 -4.43
C THR B 549 28.57 40.69 -5.38
N LEU B 550 28.25 40.53 -6.66
CA LEU B 550 29.25 40.24 -7.67
C LEU B 550 29.65 41.50 -8.42
N PHE B 551 30.95 41.77 -8.48
CA PHE B 551 31.54 42.67 -9.44
C PHE B 551 32.33 41.86 -10.44
N TYR B 552 32.09 42.11 -11.73
CA TYR B 552 32.84 41.48 -12.79
C TYR B 552 33.77 42.50 -13.44
N ASN B 553 34.99 42.13 -13.72
CA ASN B 553 35.90 43.06 -14.22
C ASN B 553 36.56 42.30 -15.29
N VAL B 554 35.86 42.12 -16.36
CA VAL B 554 36.13 41.34 -17.58
C VAL B 554 36.50 42.28 -18.73
N THR B 555 37.56 41.96 -19.48
CA THR B 555 38.18 42.87 -20.47
C THR B 555 38.14 42.36 -21.92
N ASN B 556 37.03 41.74 -22.34
CA ASN B 556 36.86 41.10 -23.66
C ASN B 556 36.96 42.08 -24.84
N SER B 557 37.86 41.82 -25.80
CA SER B 557 38.03 42.62 -27.03
C SER B 557 36.89 42.43 -28.03
N TYR B 558 36.18 41.30 -28.00
CA TYR B 558 35.00 41.05 -28.84
C TYR B 558 33.74 41.80 -28.37
N GLY B 559 33.84 42.57 -27.28
CA GLY B 559 32.92 43.65 -26.93
C GLY B 559 32.02 43.42 -25.70
N TYR B 560 31.61 42.19 -25.41
CA TYR B 560 30.79 41.85 -24.24
C TYR B 560 30.99 40.41 -23.77
N VAL B 561 30.62 40.09 -22.52
CA VAL B 561 30.59 38.71 -22.03
C VAL B 561 29.23 38.44 -21.38
N SER B 562 28.55 37.37 -21.74
CA SER B 562 27.38 36.89 -21.00
C SER B 562 27.82 35.94 -19.89
N LYS B 563 27.08 35.86 -18.78
CA LYS B 563 27.47 35.11 -17.57
C LYS B 563 26.35 34.22 -17.02
N SER B 564 26.71 33.08 -16.44
CA SER B 564 25.78 32.08 -15.86
C SER B 564 26.39 31.41 -14.63
N GLN B 565 25.57 30.67 -13.86
CA GLN B 565 26.01 29.96 -12.66
C GLN B 565 25.61 28.48 -12.68
N ASP B 566 26.46 27.60 -12.18
CA ASP B 566 26.08 26.24 -11.77
C ASP B 566 26.17 26.12 -10.26
N SER B 567 25.12 25.65 -9.60
CA SER B 567 25.01 25.58 -8.14
C SER B 567 24.81 24.16 -7.66
N ASN B 568 25.78 23.62 -6.93
CA ASN B 568 25.64 22.38 -6.16
C ASN B 568 25.12 22.69 -4.74
N CYS B 569 24.14 23.59 -4.63
CA CYS B 569 23.92 24.37 -3.42
C CYS B 569 22.43 24.66 -3.17
N PRO B 570 21.96 24.86 -1.92
CA PRO B 570 20.58 25.26 -1.63
C PRO B 570 20.32 26.76 -1.76
N PHE B 571 21.14 27.48 -2.53
CA PHE B 571 21.02 28.90 -2.86
C PHE B 571 21.82 29.21 -4.12
N THR B 572 21.57 30.38 -4.68
CA THR B 572 22.31 31.07 -5.74
C THR B 572 22.67 32.44 -5.21
N LEU B 573 23.69 33.14 -5.71
CA LEU B 573 24.20 34.35 -5.03
C LEU B 573 23.10 35.41 -4.82
N GLN B 574 22.38 35.70 -5.89
CA GLN B 574 21.23 36.58 -5.89
C GLN B 574 20.08 36.10 -5.00
N SER B 575 19.87 34.79 -4.85
CA SER B 575 18.95 34.24 -3.85
C SER B 575 19.44 34.29 -2.41
N VAL B 576 20.75 34.22 -2.11
CA VAL B 576 21.25 34.33 -0.72
C VAL B 576 20.77 35.62 -0.08
N ASN B 577 20.72 36.70 -0.84
CA ASN B 577 20.23 37.99 -0.38
C ASN B 577 18.74 37.96 0.03
N ASP B 578 17.89 37.10 -0.54
CA ASP B 578 16.44 37.05 -0.33
C ASP B 578 16.02 36.40 1.01
N TYR B 579 16.56 36.91 2.11
CA TYR B 579 16.34 36.51 3.50
C TYR B 579 16.51 35.00 3.74
N LEU B 580 17.73 34.50 3.69
CA LEU B 580 18.10 33.16 4.13
C LEU B 580 18.89 33.21 5.43
N SER B 581 18.55 32.36 6.40
CA SER B 581 19.13 32.39 7.76
C SER B 581 20.11 31.24 8.01
N PHE B 582 21.26 31.56 8.61
CA PHE B 582 22.38 30.69 8.86
C PHE B 582 22.90 30.84 10.31
N SER B 583 23.61 29.82 10.77
CA SER B 583 24.32 29.78 12.05
C SER B 583 25.76 30.24 11.89
N LYS B 584 26.39 29.91 10.77
CA LYS B 584 27.68 30.41 10.29
C LYS B 584 27.68 30.43 8.78
N PHE B 585 28.50 31.26 8.17
CA PHE B 585 28.59 31.39 6.73
C PHE B 585 29.98 31.88 6.32
N CYS B 586 30.76 31.04 5.65
CA CYS B 586 32.09 31.35 5.17
C CYS B 586 32.17 31.11 3.67
N VAL B 587 32.92 31.94 2.95
CA VAL B 587 33.05 31.91 1.50
C VAL B 587 34.52 31.88 1.14
N SER B 588 34.92 31.06 0.18
CA SER B 588 36.32 30.94 -0.21
C SER B 588 36.48 30.69 -1.69
N THR B 589 37.62 31.08 -2.25
CA THR B 589 38.01 30.77 -3.63
C THR B 589 38.66 29.38 -3.73
N SER B 590 38.78 28.66 -2.62
CA SER B 590 39.41 27.35 -2.46
C SER B 590 38.58 26.48 -1.53
N LEU B 591 38.66 25.15 -1.63
CA LEU B 591 37.68 24.25 -1.02
C LEU B 591 37.66 24.36 0.51
N LEU B 592 36.47 24.28 1.09
CA LEU B 592 36.21 24.27 2.53
C LEU B 592 35.47 22.98 2.89
N ALA B 593 35.55 22.56 4.15
CA ALA B 593 35.26 21.18 4.56
C ALA B 593 33.93 20.60 4.08
N GLY B 594 32.80 21.28 4.29
CA GLY B 594 31.48 20.82 3.85
C GLY B 594 31.00 21.40 2.53
N ALA B 595 31.85 22.12 1.80
CA ALA B 595 31.42 23.18 0.91
C ALA B 595 30.52 22.77 -0.24
N CYS B 596 29.53 23.60 -0.51
CA CYS B 596 28.89 23.68 -1.81
C CYS B 596 29.76 24.49 -2.77
N THR B 597 29.58 24.31 -4.07
CA THR B 597 30.19 25.11 -5.13
C THR B 597 29.15 25.95 -5.84
N ILE B 598 29.41 27.25 -6.01
CA ILE B 598 28.82 28.02 -7.10
C ILE B 598 29.95 28.28 -8.08
N ASP B 599 29.81 27.85 -9.32
CA ASP B 599 30.78 28.09 -10.39
C ASP B 599 30.21 29.15 -11.32
N LEU B 600 30.99 30.15 -11.67
CA LEU B 600 30.58 31.28 -12.51
C LEU B 600 31.25 31.16 -13.87
N PHE B 601 30.49 31.26 -14.95
CA PHE B 601 30.93 31.02 -16.31
C PHE B 601 30.75 32.26 -17.17
N GLY B 602 31.63 32.45 -18.14
CA GLY B 602 31.58 33.52 -19.13
C GLY B 602 31.59 32.97 -20.55
N TYR B 603 30.79 33.54 -21.44
CA TYR B 603 30.64 33.12 -22.83
C TYR B 603 31.15 34.19 -23.82
N PRO B 604 32.47 34.34 -24.02
CA PRO B 604 33.02 35.46 -24.77
C PRO B 604 32.70 35.49 -26.28
N ALA B 605 32.43 34.34 -26.91
CA ALA B 605 31.99 34.18 -28.30
C ALA B 605 31.06 32.95 -28.41
N PHE B 606 29.79 33.18 -28.73
CA PHE B 606 28.69 32.30 -28.33
C PHE B 606 28.86 30.83 -28.73
N GLY B 607 28.76 29.95 -27.73
CA GLY B 607 29.09 28.53 -27.81
C GLY B 607 29.43 27.96 -26.42
N SER B 608 30.50 27.17 -26.34
CA SER B 608 31.08 26.72 -25.07
C SER B 608 31.65 27.92 -24.30
N GLY B 609 31.19 28.19 -23.07
CA GLY B 609 31.83 29.20 -22.22
C GLY B 609 33.10 28.71 -21.50
N VAL B 610 33.58 29.48 -20.53
CA VAL B 610 34.73 29.19 -19.69
C VAL B 610 34.43 29.52 -18.24
N LYS B 611 34.95 28.73 -17.29
CA LYS B 611 34.82 29.04 -15.87
C LYS B 611 35.65 30.29 -15.57
N LEU B 612 35.03 31.35 -15.10
CA LEU B 612 35.71 32.54 -14.60
C LEU B 612 36.30 32.27 -13.22
N THR B 613 35.52 31.64 -12.35
CA THR B 613 35.88 31.31 -10.96
C THR B 613 34.96 30.25 -10.38
N SER B 614 35.33 29.68 -9.24
CA SER B 614 34.51 28.84 -8.40
C SER B 614 34.55 29.37 -6.98
N LEU B 615 33.40 29.58 -6.36
CA LEU B 615 33.23 30.02 -4.99
C LEU B 615 32.72 28.85 -4.18
N TYR B 616 33.39 28.56 -3.08
CA TYR B 616 33.06 27.46 -2.20
C TYR B 616 32.46 28.03 -0.94
N PHE B 617 31.22 27.66 -0.62
CA PHE B 617 30.46 28.16 0.51
C PHE B 617 30.36 27.09 1.56
N GLN B 618 30.75 27.40 2.79
CA GLN B 618 30.48 26.59 3.95
C GLN B 618 29.50 27.33 4.83
N PHE B 619 28.40 26.69 5.17
CA PHE B 619 27.30 27.31 5.89
C PHE B 619 26.60 26.29 6.78
N THR B 620 25.81 26.73 7.74
CA THR B 620 24.96 25.84 8.54
C THR B 620 23.60 26.45 8.73
N LYS B 621 22.53 25.69 8.49
CA LYS B 621 21.15 26.16 8.60
C LYS B 621 20.85 26.54 10.04
N GLY B 622 20.33 27.74 10.27
CA GLY B 622 20.29 28.32 11.61
C GLY B 622 19.48 29.59 11.69
N GLU B 623 19.76 30.41 12.70
CA GLU B 623 18.89 31.51 13.11
C GLU B 623 19.54 32.90 13.14
N LEU B 624 20.84 33.01 13.41
CA LEU B 624 21.47 34.30 13.77
C LEU B 624 21.91 35.17 12.58
N ILE B 625 22.51 34.61 11.52
CA ILE B 625 23.08 35.39 10.41
C ILE B 625 22.11 35.34 9.23
N THR B 626 21.57 36.45 8.79
CA THR B 626 20.61 36.49 7.67
C THR B 626 21.18 37.20 6.47
N GLY B 627 21.09 36.58 5.31
CA GLY B 627 21.23 37.27 4.05
C GLY B 627 20.22 38.42 3.93
N THR B 628 20.55 39.44 3.16
CA THR B 628 19.76 40.66 3.01
C THR B 628 20.04 41.37 1.68
N PRO B 629 19.10 42.15 1.10
CA PRO B 629 19.36 42.90 -0.12
C PRO B 629 20.16 44.19 0.08
N LYS B 630 19.84 44.95 1.13
CA LYS B 630 20.47 46.22 1.52
C LYS B 630 20.45 46.39 3.03
N PRO B 631 21.39 47.10 3.65
CA PRO B 631 21.38 47.34 5.09
C PRO B 631 20.05 47.96 5.53
N LEU B 632 19.31 47.25 6.39
CA LEU B 632 17.90 47.53 6.68
C LEU B 632 17.72 48.08 8.09
N GLU B 633 17.17 49.30 8.22
CA GLU B 633 17.39 50.11 9.41
C GLU B 633 16.54 49.72 10.62
N GLY B 634 17.10 49.93 11.82
CA GLY B 634 16.46 49.68 13.09
C GLY B 634 17.43 49.76 14.26
N ILE B 635 16.90 50.08 15.44
CA ILE B 635 17.68 50.31 16.66
C ILE B 635 17.52 49.18 17.68
N THR B 636 16.29 48.71 17.93
CA THR B 636 16.03 47.57 18.85
C THR B 636 15.77 46.28 18.11
N ASP B 637 15.11 46.37 16.95
CA ASP B 637 14.75 45.23 16.12
C ASP B 637 14.93 45.63 14.66
N VAL B 638 15.23 44.67 13.83
CA VAL B 638 15.41 44.80 12.39
C VAL B 638 14.14 44.40 11.64
N SER B 639 13.25 43.68 12.31
CA SER B 639 12.07 43.02 11.76
C SER B 639 11.02 44.00 11.27
N PHE B 640 10.21 43.55 10.33
CA PHE B 640 8.99 44.22 9.91
C PHE B 640 7.89 43.23 9.57
N MET B 641 6.66 43.62 9.84
CA MET B 641 5.45 42.88 9.55
C MET B 641 4.39 43.79 8.97
N THR B 642 3.57 43.24 8.09
CA THR B 642 2.23 43.76 7.86
C THR B 642 1.27 42.73 8.42
N LEU B 643 0.38 43.15 9.32
CA LEU B 643 -0.63 42.28 9.90
C LEU B 643 -1.93 42.36 9.10
N ASP B 644 -2.81 41.37 9.23
CA ASP B 644 -4.14 41.29 8.61
C ASP B 644 -4.23 41.27 7.07
N VAL B 645 -3.11 41.23 6.35
CA VAL B 645 -3.04 41.21 4.88
C VAL B 645 -2.17 40.05 4.42
N CYS B 646 -2.46 39.44 3.26
CA CYS B 646 -1.63 38.36 2.75
C CYS B 646 -0.21 38.87 2.49
N THR B 647 0.81 38.28 3.14
CA THR B 647 2.20 38.70 3.12
C THR B 647 3.15 37.58 2.71
N LYS B 648 4.19 37.93 1.95
CA LYS B 648 5.31 37.09 1.59
C LYS B 648 6.32 37.14 2.74
N TYR B 649 6.16 36.27 3.72
CA TYR B 649 6.89 36.31 4.97
C TYR B 649 8.13 35.43 4.95
N THR B 650 9.19 35.87 5.64
CA THR B 650 10.22 35.00 6.21
C THR B 650 10.19 35.18 7.72
N ILE B 651 9.90 34.13 8.47
CA ILE B 651 9.79 34.19 9.92
C ILE B 651 10.66 33.08 10.49
N TYR B 652 11.77 33.42 11.15
CA TYR B 652 12.70 32.43 11.72
C TYR B 652 13.07 31.31 10.73
N GLY B 653 13.26 31.68 9.46
CA GLY B 653 13.61 30.76 8.38
C GLY B 653 12.48 29.93 7.78
N PHE B 654 11.22 30.23 8.06
CA PHE B 654 10.06 29.67 7.36
C PHE B 654 9.56 30.67 6.37
N LYS B 655 9.33 30.24 5.13
CA LYS B 655 8.85 31.06 4.03
C LYS B 655 7.48 30.61 3.58
N GLY B 656 6.65 31.56 3.19
CA GLY B 656 5.34 31.31 2.63
C GLY B 656 4.56 32.57 2.33
N GLU B 657 3.28 32.39 1.98
CA GLU B 657 2.29 33.45 1.88
C GLU B 657 1.28 33.24 3.00
N GLY B 658 0.96 34.25 3.77
CA GLY B 658 0.02 34.12 4.87
C GLY B 658 -0.45 35.40 5.47
N ILE B 659 -1.47 35.32 6.32
CA ILE B 659 -2.04 36.41 7.07
C ILE B 659 -1.51 36.25 8.48
N ILE B 660 -0.93 37.31 9.03
CA ILE B 660 -0.34 37.34 10.36
C ILE B 660 -1.23 38.18 11.25
N THR B 661 -1.68 37.61 12.37
CA THR B 661 -2.63 38.24 13.29
C THR B 661 -2.15 38.13 14.71
N LEU B 662 -2.24 39.20 15.49
CA LEU B 662 -1.90 39.19 16.91
C LEU B 662 -2.94 38.37 17.66
N THR B 663 -2.49 37.42 18.48
CA THR B 663 -3.34 36.59 19.31
C THR B 663 -2.98 36.75 20.78
N ASN B 664 -4.00 36.86 21.63
CA ASN B 664 -3.66 37.01 22.98
C ASN B 664 -3.50 35.75 23.77
N SER B 665 -3.15 34.66 23.15
CA SER B 665 -2.83 33.34 23.73
C SER B 665 -1.35 33.19 24.09
N SER B 666 -0.80 34.05 24.97
CA SER B 666 0.63 34.04 25.34
C SER B 666 1.15 32.66 25.78
N ILE B 667 2.33 32.27 25.29
CA ILE B 667 2.99 30.97 25.49
C ILE B 667 4.42 31.16 26.00
N LEU B 668 4.81 30.38 27.00
CA LEU B 668 5.91 30.73 27.92
C LEU B 668 7.29 30.22 27.53
N ALA B 669 7.43 29.34 26.56
CA ALA B 669 8.70 28.78 26.12
C ALA B 669 8.81 28.71 24.61
N GLY B 670 10.03 28.60 24.09
CA GLY B 670 10.27 28.53 22.65
C GLY B 670 10.19 29.87 21.95
N VAL B 671 10.21 29.84 20.62
CA VAL B 671 10.14 31.02 19.74
C VAL B 671 9.14 30.81 18.62
N TYR B 672 8.96 29.57 18.14
CA TYR B 672 7.94 29.22 17.16
C TYR B 672 7.33 27.85 17.34
N TYR B 673 6.09 27.76 16.90
CA TYR B 673 5.21 26.62 17.05
C TYR B 673 4.72 26.19 15.67
N THR B 674 4.90 24.92 15.35
CA THR B 674 4.64 24.35 14.04
C THR B 674 3.68 23.18 14.13
N SER B 675 2.85 23.00 13.12
CA SER B 675 1.97 21.86 12.97
C SER B 675 2.75 20.54 12.91
N ASP B 676 2.01 19.44 12.96
CA ASP B 676 2.52 18.11 12.61
C ASP B 676 3.00 18.06 11.15
N SER B 677 2.37 18.83 10.25
CA SER B 677 2.77 19.00 8.85
C SER B 677 4.02 19.86 8.66
N GLY B 678 4.74 20.23 9.72
CA GLY B 678 5.98 21.00 9.63
C GLY B 678 5.80 22.45 9.18
N GLN B 679 4.58 22.97 9.13
CA GLN B 679 4.21 24.31 8.72
C GLN B 679 4.09 25.22 9.95
N LEU B 680 4.42 26.50 9.82
CA LEU B 680 4.36 27.49 10.89
C LEU B 680 2.92 27.85 11.27
N LEU B 681 2.56 27.73 12.55
CA LEU B 681 1.24 28.10 13.06
C LEU B 681 1.29 29.38 13.88
N ALA B 682 2.33 29.56 14.69
CA ALA B 682 2.51 30.77 15.47
C ALA B 682 3.97 31.02 15.83
N PHE B 683 4.30 32.25 16.18
CA PHE B 683 5.63 32.69 16.59
C PHE B 683 5.57 33.83 17.61
N LYS B 684 6.64 34.11 18.33
CA LYS B 684 6.76 35.20 19.30
C LYS B 684 7.53 36.40 18.79
N ASN B 685 7.34 37.52 19.41
CA ASN B 685 8.07 38.66 19.13
C ASN B 685 8.71 38.64 20.40
N VAL B 686 9.83 38.03 20.46
CA VAL B 686 10.48 37.60 21.72
C VAL B 686 10.92 38.75 22.63
N THR B 687 11.11 39.95 22.09
CA THR B 687 11.41 41.17 22.87
C THR B 687 10.21 41.77 23.60
N SER B 688 9.04 41.14 23.53
CA SER B 688 7.75 41.62 24.04
C SER B 688 6.93 40.53 24.73
N GLY B 689 6.98 39.29 24.24
CA GLY B 689 6.18 38.18 24.71
C GLY B 689 4.91 37.94 23.89
N ALA B 690 4.49 38.92 23.08
CA ALA B 690 3.34 38.82 22.20
C ALA B 690 3.51 37.71 21.16
N VAL B 691 2.47 36.93 20.93
CA VAL B 691 2.44 35.79 20.01
C VAL B 691 1.52 36.07 18.84
N TYR B 692 1.96 35.72 17.64
CA TYR B 692 1.27 36.00 16.40
C TYR B 692 0.99 34.69 15.70
N SER B 693 -0.17 34.58 15.08
CA SER B 693 -0.61 33.38 14.40
C SER B 693 -0.59 33.58 12.90
N VAL B 694 -0.11 32.58 12.18
CA VAL B 694 0.01 32.59 10.73
C VAL B 694 -1.05 31.66 10.15
N THR B 695 -1.94 32.18 9.32
CA THR B 695 -2.97 31.41 8.62
C THR B 695 -2.83 31.61 7.12
N PRO B 696 -2.99 30.58 6.26
CA PRO B 696 -2.86 30.71 4.82
C PRO B 696 -3.91 31.67 4.28
N CYS B 697 -3.59 32.45 3.25
CA CYS B 697 -4.46 33.56 2.87
C CYS B 697 -5.56 33.20 1.87
N SER B 698 -5.50 32.00 1.28
CA SER B 698 -6.65 31.33 0.66
C SER B 698 -7.00 30.05 1.40
N PHE B 699 -8.21 30.00 1.96
CA PHE B 699 -8.74 28.82 2.66
C PHE B 699 -9.52 27.92 1.70
N SER B 700 -9.70 26.64 2.05
CA SER B 700 -10.51 25.70 1.27
C SER B 700 -12.00 25.79 1.57
N GLU B 701 -12.83 25.55 0.57
CA GLU B 701 -14.29 25.71 0.54
C GLU B 701 -14.91 24.54 -0.24
N GLN B 702 -16.22 24.33 -0.14
CA GLN B 702 -16.96 23.40 -1.00
C GLN B 702 -18.01 24.14 -1.80
N ALA B 703 -18.04 23.98 -3.11
CA ALA B 703 -18.95 24.69 -3.99
C ALA B 703 -20.14 23.82 -4.35
N ALA B 704 -21.36 24.30 -4.08
CA ALA B 704 -22.55 23.63 -4.56
C ALA B 704 -22.74 23.93 -6.03
N TYR B 705 -22.57 22.93 -6.88
CA TYR B 705 -22.73 23.07 -8.31
C TYR B 705 -24.03 22.39 -8.71
N VAL B 706 -24.95 23.14 -9.31
CA VAL B 706 -26.24 22.64 -9.78
C VAL B 706 -26.58 23.28 -11.12
N ASN B 707 -27.07 22.51 -12.07
CA ASN B 707 -27.49 23.00 -13.39
C ASN B 707 -26.46 23.91 -14.09
N ASP B 708 -25.18 23.56 -14.02
CA ASP B 708 -24.05 24.28 -14.63
C ASP B 708 -23.76 25.70 -14.13
N ASP B 709 -24.02 25.96 -12.84
CA ASP B 709 -23.55 27.16 -12.15
C ASP B 709 -23.22 26.87 -10.69
N ILE B 710 -22.37 27.67 -10.04
CA ILE B 710 -22.14 27.58 -8.59
C ILE B 710 -23.20 28.42 -7.92
N VAL B 711 -24.13 27.77 -7.25
CA VAL B 711 -25.27 28.45 -6.63
C VAL B 711 -25.02 28.89 -5.21
N GLY B 712 -24.08 28.27 -4.53
CA GLY B 712 -23.58 28.71 -3.25
C GLY B 712 -22.29 28.04 -2.86
N VAL B 713 -21.60 28.55 -1.86
CA VAL B 713 -20.31 28.06 -1.40
C VAL B 713 -20.29 27.95 0.12
N ILE B 714 -19.70 26.89 0.66
CA ILE B 714 -19.59 26.55 2.08
C ILE B 714 -18.16 26.82 2.54
N SER B 715 -18.00 27.63 3.58
CA SER B 715 -16.75 28.33 3.85
C SER B 715 -16.51 28.57 5.33
N SER B 716 -15.27 28.90 5.67
CA SER B 716 -14.85 29.50 6.94
C SER B 716 -14.96 31.02 7.01
N LEU B 717 -15.19 31.71 5.90
CA LEU B 717 -15.07 33.17 5.79
C LEU B 717 -16.41 33.88 5.97
N SER B 718 -16.41 35.04 6.62
CA SER B 718 -17.63 35.82 6.85
C SER B 718 -18.08 36.61 5.61
N ASN B 719 -17.27 36.69 4.56
CA ASN B 719 -17.52 37.53 3.39
C ASN B 719 -17.08 36.88 2.07
N SER B 720 -17.86 37.12 1.01
CA SER B 720 -17.66 36.50 -0.31
C SER B 720 -18.46 37.22 -1.39
N THR B 721 -18.17 36.93 -2.67
CA THR B 721 -18.77 37.60 -3.85
C THR B 721 -20.28 37.40 -4.05
N PHE B 722 -20.92 36.52 -3.29
CA PHE B 722 -22.36 36.28 -3.33
C PHE B 722 -23.13 37.29 -2.45
N ASN B 723 -24.27 37.73 -2.87
CA ASN B 723 -24.90 38.71 -2.13
C ASN B 723 -25.64 38.54 -0.95
N ASN B 724 -25.70 37.34 -0.50
CA ASN B 724 -26.24 36.92 0.80
C ASN B 724 -25.30 35.95 1.49
N THR B 725 -25.21 36.01 2.82
CA THR B 725 -24.47 35.07 3.67
C THR B 725 -25.30 34.66 4.85
N ARG B 726 -25.18 33.39 5.23
CA ARG B 726 -25.91 32.73 6.29
C ARG B 726 -24.93 31.97 7.15
N GLU B 727 -25.15 32.01 8.46
CA GLU B 727 -24.27 31.37 9.42
C GLU B 727 -24.91 30.12 9.98
N LEU B 728 -24.18 29.02 9.98
CA LEU B 728 -24.63 27.71 10.45
C LEU B 728 -23.62 27.20 11.49
N PRO B 729 -23.96 26.19 12.30
CA PRO B 729 -23.16 25.84 13.46
C PRO B 729 -21.70 25.55 13.13
N GLY B 730 -21.45 24.83 12.03
CA GLY B 730 -20.12 24.40 11.61
C GLY B 730 -19.43 25.27 10.56
N PHE B 731 -20.15 26.11 9.82
CA PHE B 731 -19.63 26.80 8.64
C PHE B 731 -20.52 27.97 8.24
N PHE B 732 -20.02 28.87 7.39
CA PHE B 732 -20.85 29.82 6.67
C PHE B 732 -21.30 29.23 5.34
N TYR B 733 -22.44 29.68 4.86
CA TYR B 733 -22.99 29.43 3.54
C TYR B 733 -23.22 30.75 2.81
N HIS B 734 -22.69 30.90 1.60
CA HIS B 734 -22.86 32.07 0.76
C HIS B 734 -23.69 31.74 -0.45
N SER B 735 -24.65 32.59 -0.83
CA SER B 735 -25.50 32.34 -1.99
C SER B 735 -26.16 33.61 -2.51
N ASN B 736 -26.78 33.52 -3.68
CA ASN B 736 -27.60 34.58 -4.24
C ASN B 736 -29.05 34.59 -3.71
N ASP B 737 -29.39 33.75 -2.74
CA ASP B 737 -30.76 33.57 -2.23
C ASP B 737 -30.75 33.04 -0.80
N GLY B 738 -31.20 33.86 0.14
CA GLY B 738 -31.12 33.61 1.58
C GLY B 738 -32.30 32.85 2.21
N SER B 739 -33.33 32.53 1.43
CA SER B 739 -34.52 31.82 1.89
C SER B 739 -34.23 30.38 2.33
N ASN B 740 -35.17 29.75 2.99
CA ASN B 740 -35.17 28.35 3.34
C ASN B 740 -35.63 27.56 2.17
N CYS B 741 -35.55 26.26 2.25
CA CYS B 741 -35.91 25.44 1.11
C CYS B 741 -36.65 24.14 1.43
N THR B 742 -37.47 23.70 0.49
CA THR B 742 -38.35 22.53 0.54
C THR B 742 -38.16 21.58 -0.66
N GLU B 743 -37.19 21.84 -1.54
CA GLU B 743 -36.89 21.04 -2.74
C GLU B 743 -35.36 20.86 -2.96
N PRO B 744 -34.61 20.27 -2.03
CA PRO B 744 -33.18 20.09 -2.17
C PRO B 744 -32.82 19.19 -3.35
N VAL B 745 -31.93 19.68 -4.21
CA VAL B 745 -31.35 18.98 -5.37
C VAL B 745 -29.97 18.38 -5.04
N LEU B 746 -29.31 18.85 -3.99
CA LEU B 746 -28.18 18.21 -3.33
C LEU B 746 -28.55 18.02 -1.86
N VAL B 747 -28.14 16.92 -1.26
CA VAL B 747 -28.12 16.75 0.19
C VAL B 747 -26.80 16.16 0.61
N TYR B 748 -26.30 16.57 1.77
CA TYR B 748 -25.37 15.77 2.54
C TYR B 748 -25.85 15.78 3.98
N SER B 749 -25.90 14.64 4.64
CA SER B 749 -26.39 14.53 6.01
C SER B 749 -27.76 15.18 6.15
N ASN B 750 -27.90 16.23 6.95
CA ASN B 750 -29.11 17.02 7.11
C ASN B 750 -29.09 18.35 6.37
N ILE B 751 -28.07 18.66 5.57
CA ILE B 751 -27.87 19.95 4.89
C ILE B 751 -28.28 19.78 3.43
N GLY B 752 -29.27 20.51 2.97
CA GLY B 752 -29.83 20.39 1.63
C GLY B 752 -29.83 21.70 0.89
N VAL B 753 -29.40 21.67 -0.36
CA VAL B 753 -29.16 22.83 -1.21
C VAL B 753 -29.99 22.74 -2.47
N CYS B 754 -30.57 23.85 -2.86
CA CYS B 754 -31.61 23.92 -3.87
C CYS B 754 -31.18 24.62 -5.15
N LYS B 755 -31.94 24.44 -6.23
CA LYS B 755 -31.69 25.04 -7.55
C LYS B 755 -31.55 26.56 -7.50
N SER B 756 -32.37 27.24 -6.70
CA SER B 756 -32.31 28.71 -6.54
C SER B 756 -31.05 29.18 -5.79
N GLY B 757 -30.33 28.28 -5.14
CA GLY B 757 -29.18 28.55 -4.28
C GLY B 757 -29.50 28.53 -2.79
N SER B 758 -30.76 28.64 -2.39
CA SER B 758 -31.22 28.47 -1.02
C SER B 758 -30.63 27.25 -0.33
N ILE B 759 -30.50 27.32 0.98
CA ILE B 759 -30.09 26.23 1.87
C ILE B 759 -31.14 26.01 2.93
N GLY B 760 -31.32 24.77 3.35
CA GLY B 760 -32.12 24.46 4.52
C GLY B 760 -31.81 23.08 5.04
N TYR B 761 -32.24 22.81 6.26
CA TYR B 761 -32.21 21.46 6.79
C TYR B 761 -33.25 20.60 6.09
N VAL B 762 -32.95 19.33 5.84
CA VAL B 762 -33.86 18.35 5.23
C VAL B 762 -34.36 17.38 6.30
N PRO B 763 -35.68 17.23 6.50
CA PRO B 763 -36.23 16.41 7.57
C PRO B 763 -36.00 14.94 7.28
N SER B 764 -35.94 14.12 8.32
CA SER B 764 -35.62 12.69 8.25
C SER B 764 -36.65 11.88 7.46
N GLN B 765 -36.24 10.91 6.66
CA GLN B 765 -37.16 10.08 5.88
C GLN B 765 -38.14 9.38 6.82
N TYR B 766 -39.42 9.29 6.43
CA TYR B 766 -40.43 8.58 7.21
C TYR B 766 -40.74 7.24 6.54
N GLY B 767 -40.62 6.16 7.31
CA GLY B 767 -40.85 4.79 6.86
C GLY B 767 -42.27 4.35 7.12
N GLN B 768 -42.77 3.39 6.35
CA GLN B 768 -44.12 2.85 6.59
C GLN B 768 -44.20 2.09 7.91
N VAL B 769 -45.34 2.24 8.57
CA VAL B 769 -45.60 1.68 9.89
C VAL B 769 -45.71 0.16 9.84
N LYS B 770 -45.00 -0.52 10.76
CA LYS B 770 -45.18 -1.92 11.11
C LYS B 770 -45.90 -2.00 12.46
N ILE B 771 -46.75 -3.01 12.61
CA ILE B 771 -47.65 -3.19 13.74
C ILE B 771 -47.08 -4.30 14.61
N ALA B 772 -46.88 -4.03 15.90
CA ALA B 772 -46.36 -5.00 16.84
C ALA B 772 -47.35 -6.17 17.00
N PRO B 773 -46.89 -7.42 17.11
CA PRO B 773 -47.75 -8.49 17.56
C PRO B 773 -48.28 -8.16 18.94
N THR B 774 -49.58 -8.22 19.14
CA THR B 774 -50.23 -7.95 20.42
C THR B 774 -51.49 -8.77 20.59
N VAL B 775 -51.85 -9.05 21.85
CA VAL B 775 -52.84 -10.06 22.18
C VAL B 775 -54.26 -9.51 22.32
N THR B 776 -54.45 -8.41 23.05
CA THR B 776 -55.81 -8.06 23.46
C THR B 776 -56.18 -6.59 23.32
N GLY B 777 -55.44 -5.76 22.59
CA GLY B 777 -55.72 -4.35 22.49
C GLY B 777 -56.72 -3.99 21.38
N ASN B 778 -56.76 -2.75 20.93
CA ASN B 778 -57.40 -2.47 19.72
C ASN B 778 -56.21 -2.53 18.83
N ILE B 779 -56.23 -3.30 17.82
CA ILE B 779 -55.16 -3.56 16.86
C ILE B 779 -55.51 -3.05 15.48
N SER B 780 -54.53 -2.96 14.58
CA SER B 780 -54.80 -2.65 13.18
C SER B 780 -54.19 -3.69 12.27
N ILE B 781 -54.96 -4.25 11.33
CA ILE B 781 -54.50 -5.29 10.40
C ILE B 781 -54.41 -4.70 8.98
N PRO B 782 -53.29 -4.81 8.26
CA PRO B 782 -53.14 -4.35 6.89
C PRO B 782 -54.17 -4.91 5.92
N THR B 783 -54.71 -4.11 5.00
CA THR B 783 -55.80 -4.57 4.14
C THR B 783 -55.60 -4.33 2.64
N ASN B 784 -55.61 -3.13 2.07
CA ASN B 784 -55.65 -3.01 0.69
C ASN B 784 -54.29 -2.90 0.24
N PHE B 785 -53.71 -3.97 -0.12
CA PHE B 785 -52.34 -4.13 -0.59
C PHE B 785 -52.13 -3.73 -2.04
N SER B 786 -50.92 -3.27 -2.34
CA SER B 786 -50.40 -2.87 -3.65
C SER B 786 -48.99 -3.37 -3.81
N MET B 787 -48.49 -3.53 -5.03
CA MET B 787 -47.12 -3.98 -5.27
C MET B 787 -46.17 -2.80 -5.44
N SER B 788 -44.94 -2.96 -4.98
CA SER B 788 -43.85 -2.03 -5.20
C SER B 788 -42.62 -2.84 -5.58
N ILE B 789 -41.89 -2.42 -6.60
CA ILE B 789 -40.70 -3.13 -7.04
C ILE B 789 -39.48 -2.38 -6.49
N ARG B 790 -38.70 -3.06 -5.66
CA ARG B 790 -37.45 -2.58 -5.08
C ARG B 790 -36.32 -3.19 -5.85
N THR B 791 -35.41 -2.35 -6.29
CA THR B 791 -34.33 -2.72 -7.20
C THR B 791 -33.00 -2.79 -6.46
N GLU B 792 -32.29 -3.88 -6.65
CA GLU B 792 -30.99 -4.09 -6.03
C GLU B 792 -30.03 -4.67 -7.06
N TYR B 793 -28.82 -4.14 -7.14
CA TYR B 793 -27.78 -4.64 -8.03
C TYR B 793 -26.68 -5.27 -7.19
N LEU B 794 -26.35 -6.53 -7.41
CA LEU B 794 -25.25 -7.22 -6.75
C LEU B 794 -24.23 -7.67 -7.80
N GLN B 795 -22.98 -7.27 -7.64
CA GLN B 795 -21.89 -7.68 -8.51
C GLN B 795 -21.53 -9.12 -8.24
N LEU B 796 -21.50 -9.95 -9.29
CA LEU B 796 -21.07 -11.34 -9.21
C LEU B 796 -19.59 -11.53 -9.48
N TYR B 797 -19.03 -10.85 -10.45
CA TYR B 797 -17.71 -11.14 -10.96
C TYR B 797 -16.87 -9.90 -11.21
N ASN B 798 -15.57 -10.05 -11.06
CA ASN B 798 -14.57 -9.02 -11.30
C ASN B 798 -13.77 -9.44 -12.53
N THR B 799 -13.63 -8.60 -13.56
CA THR B 799 -13.04 -8.98 -14.85
C THR B 799 -11.57 -9.34 -14.69
N PRO B 800 -11.15 -10.61 -14.79
CA PRO B 800 -9.82 -11.00 -14.37
C PRO B 800 -8.73 -10.41 -15.25
N VAL B 801 -7.56 -10.23 -14.65
CA VAL B 801 -6.38 -9.67 -15.30
C VAL B 801 -5.20 -10.56 -14.98
N SER B 802 -4.35 -10.76 -15.97
CA SER B 802 -3.17 -11.62 -15.95
C SER B 802 -1.97 -10.82 -16.41
N VAL B 803 -0.78 -11.14 -15.89
CA VAL B 803 0.44 -10.43 -16.27
C VAL B 803 1.50 -11.44 -16.65
N ASP B 804 2.18 -11.18 -17.77
CA ASP B 804 3.42 -11.81 -18.18
C ASP B 804 4.58 -11.01 -17.58
N CYS B 805 5.02 -11.40 -16.40
CA CYS B 805 5.88 -10.62 -15.50
C CYS B 805 7.22 -10.21 -16.13
N ALA B 806 7.84 -11.08 -16.90
CA ALA B 806 9.05 -10.78 -17.65
C ALA B 806 8.81 -9.72 -18.74
N THR B 807 7.65 -9.69 -19.38
CA THR B 807 7.32 -8.69 -20.41
C THR B 807 7.04 -7.32 -19.83
N TYR B 808 6.41 -7.25 -18.67
CA TYR B 808 6.21 -6.00 -17.97
C TYR B 808 7.51 -5.40 -17.45
N VAL B 809 8.35 -6.22 -16.82
CA VAL B 809 9.58 -5.78 -16.19
C VAL B 809 10.69 -5.51 -17.20
N CYS B 810 10.84 -6.34 -18.25
CA CYS B 810 11.99 -6.29 -19.15
C CYS B 810 11.73 -5.97 -20.63
N ASN B 811 10.49 -5.80 -21.11
CA ASN B 811 10.17 -5.50 -22.52
C ASN B 811 10.77 -6.48 -23.57
N GLY B 812 11.16 -7.68 -23.18
CA GLY B 812 11.83 -8.65 -24.06
C GLY B 812 13.35 -8.46 -24.22
N ASN B 813 13.97 -7.53 -23.49
CA ASN B 813 15.43 -7.39 -23.42
C ASN B 813 16.04 -8.61 -22.73
N SER B 814 16.83 -9.28 -23.50
CA SER B 814 17.41 -10.46 -23.09
C SER B 814 18.27 -10.36 -22.03
N ARG B 815 18.87 -9.26 -21.77
CA ARG B 815 19.79 -9.19 -20.69
C ARG B 815 19.27 -8.63 -19.47
N CYS B 816 18.00 -8.48 -19.41
CA CYS B 816 17.38 -8.03 -18.30
C CYS B 816 16.71 -9.25 -17.82
N LYS B 817 16.05 -10.04 -18.66
CA LYS B 817 15.50 -11.32 -18.21
C LYS B 817 16.53 -12.10 -17.40
N GLN B 818 17.77 -12.09 -17.82
CA GLN B 818 18.81 -12.78 -17.11
C GLN B 818 18.95 -12.24 -15.73
N LEU B 819 19.01 -10.94 -15.56
CA LEU B 819 19.03 -10.29 -14.25
C LEU B 819 17.79 -10.59 -13.40
N LEU B 820 16.61 -10.56 -13.98
CA LEU B 820 15.35 -10.74 -13.27
C LEU B 820 15.23 -12.12 -12.62
N THR B 821 15.81 -13.17 -13.21
CA THR B 821 15.86 -14.50 -12.57
C THR B 821 16.55 -14.52 -11.22
N GLN B 822 17.42 -13.56 -10.89
CA GLN B 822 18.07 -13.43 -9.60
C GLN B 822 17.11 -12.96 -8.49
N TYR B 823 15.98 -12.33 -8.81
CA TYR B 823 14.92 -12.00 -7.84
C TYR B 823 14.03 -13.22 -7.63
N THR B 824 14.54 -14.22 -6.89
CA THR B 824 14.00 -15.60 -6.88
C THR B 824 12.52 -15.64 -6.55
N ALA B 825 11.73 -16.28 -7.42
CA ALA B 825 10.28 -16.43 -7.31
C ALA B 825 9.45 -15.13 -7.31
N ALA B 826 10.03 -13.95 -7.60
CA ALA B 826 9.26 -12.71 -7.69
C ALA B 826 8.15 -12.80 -8.75
N CYS B 827 8.44 -13.28 -9.96
CA CYS B 827 7.40 -13.53 -10.95
C CYS B 827 6.46 -14.69 -10.62
N LYS B 828 6.93 -15.79 -10.04
CA LYS B 828 6.04 -16.89 -9.59
C LYS B 828 4.95 -16.38 -8.65
N THR B 829 5.32 -15.53 -7.70
CA THR B 829 4.44 -15.02 -6.65
C THR B 829 3.62 -13.81 -7.08
N ILE B 830 3.70 -13.40 -8.35
CA ILE B 830 2.80 -12.45 -9.01
C ILE B 830 1.90 -13.19 -9.99
N GLU B 831 2.48 -13.99 -10.88
CA GLU B 831 1.76 -14.78 -11.88
C GLU B 831 0.76 -15.73 -11.23
N SER B 832 1.21 -16.59 -10.32
CA SER B 832 0.31 -17.57 -9.71
C SER B 832 -0.78 -16.93 -8.85
N ALA B 833 -0.53 -15.81 -8.17
CA ALA B 833 -1.56 -15.12 -7.41
C ALA B 833 -2.68 -14.60 -8.30
N LEU B 834 -2.35 -14.10 -9.49
CA LEU B 834 -3.34 -13.67 -10.48
C LEU B 834 -4.02 -14.86 -11.16
N GLN B 835 -3.29 -15.89 -11.59
CA GLN B 835 -3.86 -17.05 -12.29
C GLN B 835 -4.76 -17.92 -11.40
N LEU B 836 -4.31 -18.22 -10.17
CA LEU B 836 -5.08 -18.99 -9.19
C LEU B 836 -6.32 -18.25 -8.72
N SER B 837 -6.31 -16.93 -8.65
CA SER B 837 -7.49 -16.13 -8.34
C SER B 837 -8.45 -16.00 -9.53
N ALA B 838 -7.94 -15.83 -10.75
CA ALA B 838 -8.77 -15.87 -11.95
C ALA B 838 -9.45 -17.22 -12.14
N ARG B 839 -8.79 -18.33 -11.80
CA ARG B 839 -9.38 -19.67 -11.81
C ARG B 839 -10.44 -19.87 -10.75
N LEU B 840 -10.27 -19.33 -9.55
CA LEU B 840 -11.25 -19.42 -8.49
C LEU B 840 -12.53 -18.65 -8.80
N GLU B 841 -12.43 -17.46 -9.40
CA GLU B 841 -13.60 -16.75 -9.94
C GLU B 841 -14.31 -17.57 -11.00
N SER B 842 -13.58 -18.18 -11.93
CA SER B 842 -14.16 -19.04 -12.95
C SER B 842 -15.01 -20.13 -12.35
N VAL B 843 -14.52 -20.88 -11.37
CA VAL B 843 -15.29 -21.97 -10.76
C VAL B 843 -16.37 -21.45 -9.86
N GLU B 844 -16.14 -20.47 -8.98
CA GLU B 844 -17.15 -20.03 -8.03
C GLU B 844 -18.34 -19.35 -8.70
N VAL B 845 -18.18 -18.73 -9.87
CA VAL B 845 -19.27 -18.10 -10.63
C VAL B 845 -19.96 -19.07 -11.56
N ASN B 846 -19.23 -19.82 -12.37
CA ASN B 846 -19.82 -20.84 -13.25
C ASN B 846 -20.45 -22.00 -12.50
N SER B 847 -20.22 -22.16 -11.20
CA SER B 847 -20.86 -23.14 -10.34
C SER B 847 -22.11 -22.63 -9.64
N MET B 848 -22.35 -21.33 -9.53
CA MET B 848 -23.62 -20.79 -9.00
C MET B 848 -24.62 -20.44 -10.09
N LEU B 849 -24.15 -20.11 -11.30
CA LEU B 849 -24.97 -19.89 -12.50
C LEU B 849 -25.42 -21.22 -13.13
N THR B 850 -25.95 -22.14 -12.34
CA THR B 850 -26.57 -23.37 -12.83
C THR B 850 -27.90 -23.06 -13.50
N ILE B 851 -28.01 -23.27 -14.81
CA ILE B 851 -29.27 -23.16 -15.56
C ILE B 851 -30.14 -24.37 -15.23
N SER B 852 -31.46 -24.27 -15.34
CA SER B 852 -32.35 -25.44 -15.43
C SER B 852 -33.03 -25.46 -16.80
N GLU B 853 -32.83 -26.52 -17.58
CA GLU B 853 -33.26 -26.54 -18.98
C GLU B 853 -34.79 -26.59 -19.11
N GLU B 854 -35.46 -27.38 -18.27
CA GLU B 854 -36.93 -27.45 -18.23
C GLU B 854 -37.60 -26.22 -17.62
N ALA B 855 -36.86 -25.31 -16.98
CA ALA B 855 -37.34 -24.00 -16.53
C ALA B 855 -37.15 -22.94 -17.62
N LEU B 856 -35.99 -22.91 -18.26
CA LEU B 856 -35.60 -21.92 -19.27
C LEU B 856 -36.53 -21.86 -20.49
N GLN B 857 -37.14 -22.99 -20.85
CA GLN B 857 -38.12 -23.12 -21.93
C GLN B 857 -39.51 -22.55 -21.62
N LEU B 858 -39.83 -22.20 -20.37
CA LEU B 858 -41.09 -21.56 -19.97
C LEU B 858 -41.02 -20.03 -20.06
N ALA B 859 -39.85 -19.43 -19.89
CA ALA B 859 -39.62 -18.00 -19.99
C ALA B 859 -39.25 -17.53 -21.40
N THR B 860 -38.10 -17.97 -21.89
CA THR B 860 -37.38 -17.39 -23.05
C THR B 860 -38.23 -17.25 -24.31
N ILE B 861 -39.19 -18.16 -24.51
CA ILE B 861 -40.05 -18.19 -25.69
C ILE B 861 -41.09 -17.06 -25.67
N SER B 862 -41.25 -16.36 -24.54
CA SER B 862 -42.35 -15.42 -24.26
C SER B 862 -43.76 -16.06 -24.27
N SER B 863 -43.88 -17.38 -24.44
CA SER B 863 -45.04 -18.22 -24.11
C SER B 863 -45.16 -18.49 -22.60
N PHE B 864 -45.16 -17.41 -21.82
CA PHE B 864 -45.27 -17.39 -20.36
C PHE B 864 -46.64 -16.81 -20.02
N ASN B 865 -47.49 -17.57 -19.31
CA ASN B 865 -48.86 -17.15 -19.04
C ASN B 865 -48.91 -16.18 -17.86
N GLY B 866 -48.56 -14.92 -18.07
CA GLY B 866 -48.62 -13.90 -17.02
C GLY B 866 -50.04 -13.62 -16.49
N ASP B 867 -51.07 -13.90 -17.28
CA ASP B 867 -52.48 -13.94 -16.88
C ASP B 867 -52.98 -12.68 -16.16
N GLY B 868 -52.56 -11.52 -16.67
CA GLY B 868 -52.80 -10.17 -16.15
C GLY B 868 -51.54 -9.36 -15.87
N TYR B 869 -50.40 -10.01 -15.71
CA TYR B 869 -49.13 -9.40 -15.33
C TYR B 869 -48.25 -9.17 -16.56
N ASN B 870 -47.78 -7.96 -16.82
CA ASN B 870 -47.07 -7.67 -17.97
C ASN B 870 -45.62 -7.86 -17.85
N PHE B 871 -45.22 -9.05 -18.00
CA PHE B 871 -43.83 -9.50 -17.98
C PHE B 871 -43.01 -9.12 -19.23
N THR B 872 -43.60 -8.49 -20.24
CA THR B 872 -42.98 -8.17 -21.53
C THR B 872 -41.66 -7.42 -21.40
N ASN B 873 -41.54 -6.47 -20.48
CA ASN B 873 -40.30 -5.73 -20.22
C ASN B 873 -39.15 -6.60 -19.67
N VAL B 874 -39.45 -7.80 -19.18
CA VAL B 874 -38.58 -8.63 -18.34
C VAL B 874 -38.09 -9.88 -19.07
N LEU B 875 -38.91 -10.47 -19.94
CA LEU B 875 -38.60 -11.78 -20.54
C LEU B 875 -37.62 -11.72 -21.70
N GLY B 876 -37.88 -10.88 -22.68
CA GLY B 876 -37.13 -10.81 -23.93
C GLY B 876 -37.32 -12.01 -24.84
N ALA B 877 -36.93 -11.87 -26.09
CA ALA B 877 -37.16 -12.83 -27.18
C ALA B 877 -36.79 -14.27 -26.78
N LYS B 890 -31.40 -10.49 -28.04
CA LYS B 890 -31.93 -11.63 -27.29
C LYS B 890 -32.33 -11.25 -25.87
N ARG B 891 -31.66 -10.24 -25.31
CA ARG B 891 -31.90 -9.66 -23.98
C ARG B 891 -33.27 -8.98 -23.89
N SER B 892 -33.82 -8.83 -22.68
CA SER B 892 -35.07 -8.12 -22.40
C SER B 892 -34.98 -6.63 -22.67
N VAL B 893 -36.10 -5.91 -22.50
CA VAL B 893 -36.10 -4.45 -22.55
C VAL B 893 -35.26 -3.86 -21.42
N ILE B 894 -35.45 -4.31 -20.17
CA ILE B 894 -34.74 -3.76 -19.01
C ILE B 894 -33.25 -4.10 -19.07
N GLU B 895 -32.86 -5.26 -19.61
CA GLU B 895 -31.47 -5.64 -19.79
C GLU B 895 -30.79 -4.83 -20.89
N ASP B 896 -31.44 -4.56 -22.04
CA ASP B 896 -30.89 -3.66 -23.05
C ASP B 896 -30.78 -2.22 -22.56
N LEU B 897 -31.79 -1.66 -21.87
CA LEU B 897 -31.70 -0.32 -21.30
C LEU B 897 -30.59 -0.20 -20.27
N LEU B 898 -30.44 -1.19 -19.38
CA LEU B 898 -29.42 -1.19 -18.34
C LEU B 898 -28.01 -1.38 -18.90
N PHE B 899 -27.81 -2.16 -19.95
CA PHE B 899 -26.55 -2.19 -20.68
C PHE B 899 -26.29 -0.88 -21.41
N ASN B 900 -27.23 -0.35 -22.19
CA ASN B 900 -26.98 0.86 -22.97
C ASN B 900 -26.77 2.11 -22.12
N LYS B 901 -27.46 2.30 -21.00
CA LYS B 901 -27.28 3.49 -20.14
C LYS B 901 -25.89 3.59 -19.52
N VAL B 902 -25.09 2.52 -19.54
CA VAL B 902 -23.73 2.50 -18.95
C VAL B 902 -22.62 2.04 -19.90
N VAL B 903 -22.80 0.97 -20.67
CA VAL B 903 -21.81 0.48 -21.65
C VAL B 903 -21.67 1.41 -22.88
N THR B 904 -22.63 2.32 -23.13
CA THR B 904 -22.40 3.40 -24.12
C THR B 904 -21.32 4.38 -23.67
N ASN B 905 -21.17 4.69 -22.38
CA ASN B 905 -20.02 5.47 -21.89
C ASN B 905 -18.79 4.57 -21.64
N GLY B 906 -19.04 3.33 -21.20
CA GLY B 906 -18.05 2.39 -20.66
C GLY B 906 -17.22 1.64 -21.69
N LEU B 907 -16.43 0.71 -21.17
CA LEU B 907 -15.41 -0.07 -21.88
C LEU B 907 -15.17 -1.39 -21.14
N GLY B 908 -14.58 -2.38 -21.80
CA GLY B 908 -14.07 -3.62 -21.17
C GLY B 908 -15.12 -4.64 -20.73
N THR B 909 -16.36 -4.21 -20.48
CA THR B 909 -17.53 -5.10 -20.27
C THR B 909 -18.00 -5.75 -21.58
N VAL B 910 -17.48 -5.30 -22.72
CA VAL B 910 -17.48 -6.05 -23.99
C VAL B 910 -16.07 -6.55 -24.27
N ASP B 911 -15.94 -7.86 -24.52
CA ASP B 911 -14.64 -8.53 -24.75
C ASP B 911 -13.94 -8.03 -26.03
N GLU B 912 -12.62 -8.11 -26.06
CA GLU B 912 -11.75 -7.56 -27.09
C GLU B 912 -10.89 -8.64 -27.74
N ASP B 913 -10.64 -8.50 -29.04
CA ASP B 913 -9.94 -9.48 -29.86
C ASP B 913 -8.44 -9.18 -29.91
N TYR B 914 -7.66 -9.98 -29.21
CA TYR B 914 -6.21 -9.85 -29.20
C TYR B 914 -5.57 -10.22 -30.54
N LYS B 915 -6.32 -10.76 -31.49
CA LYS B 915 -5.95 -10.89 -32.91
C LYS B 915 -5.60 -9.55 -33.57
N ARG B 916 -6.26 -8.47 -33.17
CA ARG B 916 -6.10 -7.10 -33.66
C ARG B 916 -4.80 -6.43 -33.21
N CYS B 917 -4.16 -6.94 -32.16
CA CYS B 917 -2.93 -6.33 -31.64
C CYS B 917 -1.66 -6.88 -32.29
N SER B 918 -1.69 -8.03 -32.96
CA SER B 918 -0.54 -8.61 -33.65
C SER B 918 -0.16 -7.85 -34.92
N ASN B 919 -1.06 -7.74 -35.89
CA ASN B 919 -0.77 -7.05 -37.14
C ASN B 919 -0.77 -5.54 -36.91
N GLY B 920 0.29 -4.86 -37.34
CA GLY B 920 0.49 -3.44 -37.07
C GLY B 920 -0.25 -2.47 -38.01
N ARG B 921 -1.13 -2.96 -38.89
CA ARG B 921 -1.83 -2.15 -39.89
C ARG B 921 -2.74 -1.06 -39.32
N SER B 922 -2.99 -1.05 -38.02
CA SER B 922 -3.66 0.04 -37.29
C SER B 922 -2.81 0.51 -36.11
N VAL B 923 -2.77 1.82 -35.83
CA VAL B 923 -2.05 2.38 -34.67
C VAL B 923 -2.65 1.84 -33.38
N ALA B 924 -1.85 1.12 -32.59
CA ALA B 924 -2.33 0.36 -31.44
C ALA B 924 -2.98 1.25 -30.37
N ASP B 925 -4.26 1.01 -30.06
CA ASP B 925 -5.00 1.77 -29.04
C ASP B 925 -4.65 1.33 -27.61
N LEU B 926 -5.29 1.95 -26.61
CA LEU B 926 -5.07 1.72 -25.18
C LEU B 926 -5.04 0.23 -24.79
N VAL B 927 -5.96 -0.59 -25.30
CA VAL B 927 -6.06 -2.00 -24.89
C VAL B 927 -5.04 -2.93 -25.56
N CYS B 928 -4.36 -2.46 -26.60
CA CYS B 928 -3.16 -3.11 -27.13
C CYS B 928 -1.88 -2.54 -26.53
N ALA B 929 -1.84 -1.27 -26.13
CA ALA B 929 -0.69 -0.68 -25.43
C ALA B 929 -0.43 -1.31 -24.07
N GLN B 930 -1.51 -1.65 -23.35
CA GLN B 930 -1.47 -2.50 -22.17
C GLN B 930 -0.90 -3.88 -22.51
N TYR B 931 -1.36 -4.50 -23.59
CA TYR B 931 -0.96 -5.84 -23.96
C TYR B 931 0.52 -5.93 -24.36
N TYR B 932 1.06 -4.95 -25.05
CA TYR B 932 2.48 -4.83 -25.33
C TYR B 932 3.32 -4.65 -24.07
N SER B 933 2.75 -4.03 -23.04
CA SER B 933 3.32 -3.91 -21.70
C SER B 933 3.11 -5.18 -20.87
N GLY B 934 2.58 -6.24 -21.45
CA GLY B 934 2.53 -7.58 -20.89
C GLY B 934 1.33 -7.89 -20.02
N VAL B 935 0.31 -7.03 -19.94
CA VAL B 935 -0.88 -7.23 -19.09
C VAL B 935 -2.12 -7.47 -19.93
N MET B 936 -2.79 -8.58 -19.65
CA MET B 936 -3.91 -9.14 -20.41
C MET B 936 -5.15 -9.14 -19.54
N VAL B 937 -6.19 -8.38 -19.88
CA VAL B 937 -7.51 -8.63 -19.33
C VAL B 937 -8.06 -9.87 -20.00
N LEU B 938 -8.38 -10.87 -19.20
CA LEU B 938 -8.93 -12.12 -19.68
C LEU B 938 -10.37 -11.90 -20.13
N PRO B 939 -10.97 -12.80 -20.92
CA PRO B 939 -12.39 -12.75 -21.21
C PRO B 939 -13.20 -12.72 -19.92
N GLY B 940 -14.34 -12.03 -19.92
CA GLY B 940 -15.21 -12.00 -18.75
C GLY B 940 -15.59 -13.42 -18.32
N VAL B 941 -15.61 -13.66 -17.00
CA VAL B 941 -15.78 -14.99 -16.40
C VAL B 941 -17.06 -15.70 -16.86
N VAL B 942 -18.13 -14.94 -17.10
CA VAL B 942 -19.34 -15.41 -17.76
C VAL B 942 -19.76 -14.39 -18.81
N ASP B 943 -20.20 -14.87 -19.97
CA ASP B 943 -20.73 -14.02 -21.02
C ASP B 943 -22.15 -13.60 -20.70
N ALA B 944 -22.58 -12.45 -21.21
CA ALA B 944 -23.92 -11.94 -20.98
C ALA B 944 -25.03 -12.87 -21.51
N GLU B 945 -24.70 -13.79 -22.42
CA GLU B 945 -25.59 -14.82 -22.92
C GLU B 945 -25.89 -15.91 -21.88
N LYS B 946 -24.89 -16.34 -21.10
CA LYS B 946 -25.05 -17.26 -19.95
C LYS B 946 -25.74 -16.58 -18.79
N LEU B 947 -25.42 -15.32 -18.53
CA LEU B 947 -26.00 -14.50 -17.48
C LEU B 947 -27.49 -14.18 -17.75
N HIS B 948 -27.87 -13.97 -19.01
CA HIS B 948 -29.27 -13.90 -19.45
C HIS B 948 -29.99 -15.23 -19.29
N MET B 949 -29.43 -16.35 -19.76
CA MET B 949 -30.07 -17.65 -19.58
C MET B 949 -30.30 -17.98 -18.10
N TYR B 950 -29.40 -17.60 -17.20
CA TYR B 950 -29.63 -17.78 -15.77
C TYR B 950 -30.82 -16.96 -15.30
N SER B 951 -30.88 -15.68 -15.64
CA SER B 951 -32.01 -14.82 -15.30
C SER B 951 -33.34 -15.36 -15.81
N ALA B 952 -33.43 -15.85 -17.04
CA ALA B 952 -34.63 -16.43 -17.58
C ALA B 952 -34.91 -17.83 -17.03
N SER B 953 -33.91 -18.57 -16.56
CA SER B 953 -34.11 -19.79 -15.78
C SER B 953 -34.74 -19.51 -14.44
N LEU B 954 -34.40 -18.40 -13.79
CA LEU B 954 -34.96 -18.00 -12.51
C LEU B 954 -36.36 -17.42 -12.63
N ILE B 955 -36.65 -16.64 -13.66
CA ILE B 955 -38.01 -16.17 -13.99
C ILE B 955 -38.92 -17.33 -14.39
N GLY B 956 -38.48 -18.24 -15.24
CA GLY B 956 -39.29 -19.37 -15.70
C GLY B 956 -39.54 -20.42 -14.64
N GLY B 957 -38.61 -20.58 -13.72
CA GLY B 957 -38.73 -21.43 -12.54
C GLY B 957 -39.92 -21.12 -11.63
N MET B 958 -40.51 -19.92 -11.73
CA MET B 958 -41.75 -19.55 -11.04
C MET B 958 -43.02 -20.06 -11.71
N ALA B 959 -42.98 -20.34 -13.02
CA ALA B 959 -44.08 -20.93 -13.76
C ALA B 959 -44.00 -22.47 -13.81
N LEU B 960 -42.95 -23.07 -13.26
CA LEU B 960 -42.69 -24.49 -13.27
C LEU B 960 -43.30 -25.19 -12.06
N GLY B 961 -44.61 -25.44 -12.12
CA GLY B 961 -45.32 -26.21 -11.11
C GLY B 961 -45.11 -27.72 -11.18
N GLY B 962 -44.51 -28.22 -12.26
CA GLY B 962 -44.23 -29.64 -12.41
C GLY B 962 -43.32 -29.96 -13.58
N ILE B 963 -42.62 -31.10 -13.52
CA ILE B 963 -41.68 -31.54 -14.58
C ILE B 963 -42.35 -31.93 -15.92
N THR B 964 -43.65 -32.20 -15.94
CA THR B 964 -44.46 -32.50 -17.13
C THR B 964 -44.79 -31.22 -17.92
N ALA B 965 -43.78 -30.39 -18.19
CA ALA B 965 -43.89 -28.94 -18.44
C ALA B 965 -44.44 -28.54 -19.83
N ALA B 966 -45.51 -29.19 -20.30
CA ALA B 966 -46.10 -29.01 -21.62
C ALA B 966 -46.68 -27.60 -21.86
N ALA B 967 -47.23 -26.98 -20.81
CA ALA B 967 -47.74 -25.60 -20.82
C ALA B 967 -47.36 -24.87 -19.52
N ALA B 968 -47.09 -23.58 -19.60
CA ALA B 968 -46.73 -22.76 -18.44
C ALA B 968 -47.93 -22.61 -17.49
N LEU B 969 -47.67 -22.65 -16.18
CA LEU B 969 -48.63 -22.32 -15.13
C LEU B 969 -49.04 -20.84 -15.17
N PRO B 970 -50.33 -20.47 -15.25
CA PRO B 970 -50.73 -19.09 -15.15
C PRO B 970 -50.19 -18.42 -13.88
N PHE B 971 -49.50 -17.30 -14.03
CA PHE B 971 -48.78 -16.65 -12.96
C PHE B 971 -49.70 -16.12 -11.86
N SER B 972 -50.97 -15.87 -12.18
CA SER B 972 -52.05 -15.63 -11.25
C SER B 972 -52.25 -16.75 -10.24
N TYR B 973 -51.87 -18.00 -10.54
CA TYR B 973 -51.87 -19.14 -9.62
C TYR B 973 -50.58 -19.26 -8.83
N ALA B 974 -49.42 -18.97 -9.41
CA ALA B 974 -48.16 -18.92 -8.68
C ALA B 974 -48.14 -17.76 -7.66
N VAL B 975 -48.68 -16.60 -7.99
CA VAL B 975 -48.76 -15.47 -7.05
C VAL B 975 -49.76 -15.71 -5.93
N GLN B 976 -50.82 -16.47 -6.19
CA GLN B 976 -51.81 -16.87 -5.20
C GLN B 976 -51.21 -17.80 -4.17
N ALA B 977 -50.41 -18.79 -4.60
CA ALA B 977 -49.71 -19.67 -3.69
C ALA B 977 -48.70 -18.90 -2.85
N ARG B 978 -48.07 -17.86 -3.41
CA ARG B 978 -47.14 -16.97 -2.72
C ARG B 978 -47.83 -15.98 -1.79
N LEU B 979 -49.09 -15.63 -2.01
CA LEU B 979 -49.89 -14.91 -1.03
C LEU B 979 -50.26 -15.81 0.14
N ASN B 980 -50.60 -17.08 -0.08
CA ASN B 980 -50.98 -17.99 0.98
C ASN B 980 -49.92 -18.16 2.07
N TYR B 981 -48.61 -18.09 1.78
CA TYR B 981 -47.57 -18.13 2.81
C TYR B 981 -47.58 -16.91 3.74
N LEU B 982 -48.17 -15.78 3.33
CA LEU B 982 -48.33 -14.59 4.16
C LEU B 982 -49.57 -14.71 5.04
N ALA B 983 -50.69 -15.09 4.43
CA ALA B 983 -51.99 -15.21 5.06
C ALA B 983 -52.86 -16.10 4.18
N LEU B 984 -53.61 -17.05 4.74
CA LEU B 984 -54.52 -17.86 3.91
C LEU B 984 -55.61 -16.98 3.32
N GLN B 985 -55.56 -16.75 2.01
CA GLN B 985 -56.47 -15.89 1.27
C GLN B 985 -57.92 -16.40 1.33
N THR B 986 -58.85 -15.59 1.81
CA THR B 986 -60.26 -15.97 1.96
C THR B 986 -61.20 -15.20 1.06
N ASP B 987 -61.13 -13.87 0.99
CA ASP B 987 -62.09 -13.06 0.21
C ASP B 987 -61.72 -12.99 -1.28
N VAL B 988 -61.22 -14.11 -1.82
CA VAL B 988 -60.64 -14.33 -3.17
C VAL B 988 -61.59 -13.95 -4.31
N LEU B 989 -62.90 -13.96 -4.04
CA LEU B 989 -63.94 -13.46 -4.93
C LEU B 989 -63.74 -11.97 -5.30
N GLN B 990 -63.21 -11.16 -4.40
CA GLN B 990 -63.02 -9.72 -4.59
C GLN B 990 -61.93 -9.38 -5.61
N ARG B 991 -61.99 -8.12 -6.09
CA ARG B 991 -61.11 -7.50 -7.11
C ARG B 991 -59.63 -7.51 -6.76
N ASN B 992 -59.24 -7.64 -5.50
CA ASN B 992 -57.87 -7.37 -5.04
C ASN B 992 -56.76 -8.13 -5.82
N GLN B 993 -57.00 -9.34 -6.37
CA GLN B 993 -56.05 -9.96 -7.31
C GLN B 993 -55.84 -9.17 -8.62
N GLN B 994 -56.89 -8.58 -9.19
CA GLN B 994 -56.79 -7.66 -10.33
C GLN B 994 -56.14 -6.33 -9.93
N LEU B 995 -56.38 -5.80 -8.73
CA LEU B 995 -55.69 -4.60 -8.26
C LEU B 995 -54.19 -4.84 -8.06
N LEU B 996 -53.77 -6.00 -7.57
CA LEU B 996 -52.37 -6.38 -7.46
C LEU B 996 -51.71 -6.44 -8.84
N ALA B 997 -52.36 -7.05 -9.82
CA ALA B 997 -51.83 -7.13 -11.18
C ALA B 997 -51.72 -5.77 -11.85
N GLU B 998 -52.76 -4.94 -11.78
CA GLU B 998 -52.75 -3.59 -12.33
C GLU B 998 -51.92 -2.60 -11.52
N SER B 999 -51.46 -2.96 -10.32
CA SER B 999 -50.43 -2.26 -9.55
C SER B 999 -49.02 -2.61 -10.03
N PHE B 1000 -48.71 -3.90 -10.17
CA PHE B 1000 -47.45 -4.39 -10.75
C PHE B 1000 -47.22 -3.91 -12.17
N ASN B 1001 -48.25 -3.89 -13.02
CA ASN B 1001 -48.13 -3.33 -14.37
C ASN B 1001 -47.66 -1.86 -14.36
N SER B 1002 -48.08 -1.05 -13.38
CA SER B 1002 -47.59 0.32 -13.24
C SER B 1002 -46.17 0.39 -12.68
N ALA B 1003 -45.79 -0.53 -11.80
CA ALA B 1003 -44.45 -0.57 -11.22
C ALA B 1003 -43.40 -1.03 -12.23
N ILE B 1004 -43.68 -2.05 -13.03
CA ILE B 1004 -42.77 -2.52 -14.06
C ILE B 1004 -42.66 -1.49 -15.20
N GLY B 1005 -43.71 -0.71 -15.43
CA GLY B 1005 -43.69 0.45 -16.31
C GLY B 1005 -42.80 1.58 -15.80
N ASN B 1006 -42.75 1.76 -14.48
CA ASN B 1006 -41.95 2.78 -13.86
C ASN B 1006 -40.59 2.50 -13.51
N ILE B 1007 -40.18 1.29 -13.45
CA ILE B 1007 -38.77 0.89 -13.52
C ILE B 1007 -38.23 0.97 -14.94
N THR B 1008 -39.01 0.62 -15.98
CA THR B 1008 -38.52 0.73 -17.35
C THR B 1008 -38.45 2.17 -17.84
N SER B 1009 -39.27 3.08 -17.33
CA SER B 1009 -39.12 4.52 -17.57
C SER B 1009 -37.84 5.05 -16.93
N ALA B 1010 -37.50 4.61 -15.71
CA ALA B 1010 -36.34 5.11 -14.97
C ALA B 1010 -35.01 4.66 -15.55
N PHE B 1011 -34.95 3.52 -16.23
CA PHE B 1011 -33.77 3.09 -16.96
C PHE B 1011 -33.53 3.87 -18.26
N GLU B 1012 -34.45 4.73 -18.71
CA GLU B 1012 -34.27 5.53 -19.93
C GLU B 1012 -34.40 7.05 -19.71
N SER B 1013 -35.11 7.49 -18.66
CA SER B 1013 -35.14 8.88 -18.18
C SER B 1013 -33.85 9.30 -17.44
N VAL B 1014 -33.77 10.54 -16.95
CA VAL B 1014 -32.54 11.30 -16.60
C VAL B 1014 -32.69 12.04 -15.25
N LYS B 1015 -31.60 12.42 -14.57
CA LYS B 1015 -31.57 13.01 -13.19
C LYS B 1015 -32.43 14.27 -12.99
N GLU B 1016 -32.83 14.94 -14.06
CA GLU B 1016 -33.85 16.01 -14.01
C GLU B 1016 -35.20 15.54 -13.43
N ALA B 1017 -35.47 14.22 -13.41
CA ALA B 1017 -36.68 13.59 -12.88
C ALA B 1017 -36.52 13.00 -11.46
N ILE B 1018 -35.51 13.39 -10.68
CA ILE B 1018 -35.20 12.84 -9.36
C ILE B 1018 -35.53 13.81 -8.22
N SER B 1019 -36.19 13.27 -7.21
CA SER B 1019 -36.35 13.81 -5.86
C SER B 1019 -35.52 12.96 -4.90
N GLN B 1020 -35.09 13.47 -3.74
CA GLN B 1020 -34.10 12.77 -2.90
C GLN B 1020 -34.58 11.41 -2.35
N THR B 1021 -35.87 11.26 -2.07
CA THR B 1021 -36.46 9.95 -1.70
C THR B 1021 -36.39 8.93 -2.85
N SER B 1022 -36.41 9.37 -4.10
CA SER B 1022 -36.24 8.57 -5.33
C SER B 1022 -34.79 8.18 -5.62
N LYS B 1023 -33.89 8.33 -4.65
CA LYS B 1023 -32.44 8.09 -4.72
C LYS B 1023 -31.91 7.24 -3.55
N GLY B 1024 -32.80 6.67 -2.75
CA GLY B 1024 -32.48 5.92 -1.53
C GLY B 1024 -32.06 4.48 -1.75
N LEU B 1025 -31.98 3.71 -0.66
CA LEU B 1025 -31.21 2.45 -0.55
C LEU B 1025 -31.77 1.25 -1.33
N ASN B 1026 -32.96 1.32 -1.91
CA ASN B 1026 -33.62 0.18 -2.54
C ASN B 1026 -34.33 0.55 -3.84
N THR B 1027 -33.77 1.48 -4.61
CA THR B 1027 -34.42 2.03 -5.79
C THR B 1027 -33.47 2.27 -6.96
N VAL B 1028 -34.05 2.36 -8.15
CA VAL B 1028 -33.36 2.17 -9.42
C VAL B 1028 -32.26 3.18 -9.69
N ALA B 1029 -32.37 4.41 -9.19
CA ALA B 1029 -31.32 5.40 -9.32
C ALA B 1029 -30.11 5.14 -8.41
N HIS B 1030 -30.26 4.42 -7.30
CA HIS B 1030 -29.13 3.95 -6.50
C HIS B 1030 -28.46 2.77 -7.18
N ALA B 1031 -29.23 1.82 -7.72
CA ALA B 1031 -28.72 0.74 -8.54
C ALA B 1031 -27.94 1.26 -9.74
N LEU B 1032 -28.43 2.24 -10.49
CA LEU B 1032 -27.68 2.82 -11.61
C LEU B 1032 -26.38 3.53 -11.19
N THR B 1033 -26.36 4.26 -10.07
CA THR B 1033 -25.12 4.82 -9.53
C THR B 1033 -24.11 3.72 -9.22
N LYS B 1034 -24.57 2.64 -8.60
CA LYS B 1034 -23.78 1.47 -8.21
C LYS B 1034 -23.25 0.68 -9.41
N VAL B 1035 -23.99 0.58 -10.50
CA VAL B 1035 -23.50 0.04 -11.77
C VAL B 1035 -22.44 0.95 -12.39
N GLN B 1036 -22.64 2.27 -12.43
CA GLN B 1036 -21.65 3.18 -13.00
C GLN B 1036 -20.34 3.15 -12.22
N GLU B 1037 -20.37 3.11 -10.89
CA GLU B 1037 -19.15 2.94 -10.10
C GLU B 1037 -18.43 1.64 -10.40
N VAL B 1038 -19.12 0.53 -10.70
CA VAL B 1038 -18.48 -0.74 -11.06
C VAL B 1038 -17.89 -0.70 -12.46
N VAL B 1039 -18.61 -0.19 -13.46
CA VAL B 1039 -18.14 -0.09 -14.84
C VAL B 1039 -16.96 0.86 -14.99
N ASN B 1040 -16.93 1.97 -14.26
CA ASN B 1040 -15.76 2.85 -14.19
C ASN B 1040 -14.59 2.26 -13.38
N SER B 1041 -14.81 1.72 -12.19
CA SER B 1041 -13.72 1.30 -11.28
C SER B 1041 -13.05 -0.04 -11.65
N GLN B 1042 -13.27 -0.58 -12.84
CA GLN B 1042 -12.47 -1.69 -13.41
C GLN B 1042 -11.15 -1.24 -14.03
N GLY B 1043 -11.01 0.03 -14.40
CA GLY B 1043 -9.78 0.56 -14.97
C GLY B 1043 -8.73 0.96 -13.94
N SER B 1044 -9.14 1.40 -12.76
CA SER B 1044 -8.27 2.16 -11.85
C SER B 1044 -7.00 1.39 -11.46
N ALA B 1045 -7.11 0.13 -11.07
CA ALA B 1045 -5.96 -0.68 -10.67
C ALA B 1045 -5.03 -0.98 -11.83
N LEU B 1046 -5.55 -1.07 -13.05
CA LEU B 1046 -4.79 -1.43 -14.25
C LEU B 1046 -4.11 -0.24 -14.93
N ASN B 1047 -4.64 0.96 -14.79
CA ASN B 1047 -3.95 2.17 -15.25
C ASN B 1047 -2.75 2.50 -14.36
N GLN B 1048 -2.87 2.46 -13.03
CA GLN B 1048 -1.77 2.74 -12.10
C GLN B 1048 -0.60 1.75 -12.22
N LEU B 1049 -0.84 0.55 -12.74
CA LEU B 1049 0.20 -0.39 -13.16
C LEU B 1049 0.90 0.07 -14.43
N THR B 1050 0.14 0.51 -15.41
CA THR B 1050 0.64 0.81 -16.76
C THR B 1050 1.40 2.12 -16.81
N VAL B 1051 1.05 3.14 -16.02
CA VAL B 1051 1.82 4.39 -15.90
C VAL B 1051 3.13 4.23 -15.16
N GLN B 1052 3.28 3.25 -14.26
CA GLN B 1052 4.53 2.99 -13.56
C GLN B 1052 5.65 2.43 -14.44
N LEU B 1053 5.40 2.20 -15.73
CA LEU B 1053 6.44 2.00 -16.74
C LEU B 1053 7.04 3.29 -17.31
N GLN B 1054 6.47 4.46 -17.01
CA GLN B 1054 7.07 5.76 -17.35
C GLN B 1054 7.66 6.48 -16.14
N HIS B 1055 7.69 5.87 -14.94
CA HIS B 1055 8.62 6.29 -13.89
C HIS B 1055 10.01 5.74 -14.22
N ASN B 1056 11.06 6.29 -13.64
CA ASN B 1056 12.43 5.84 -13.88
C ASN B 1056 13.20 5.42 -12.63
N PHE B 1057 12.65 5.58 -11.42
CA PHE B 1057 13.22 4.99 -10.19
C PHE B 1057 14.71 5.31 -10.01
N GLN B 1058 15.09 6.57 -10.17
CA GLN B 1058 16.46 7.10 -10.15
C GLN B 1058 17.39 6.64 -11.29
N ALA B 1059 16.97 5.76 -12.21
CA ALA B 1059 17.75 5.42 -13.40
C ALA B 1059 17.86 6.59 -14.41
N ILE B 1060 18.87 6.60 -15.27
CA ILE B 1060 19.08 7.66 -16.27
C ILE B 1060 17.96 7.79 -17.32
N SER B 1061 17.15 6.75 -17.53
CA SER B 1061 16.03 6.73 -18.47
C SER B 1061 15.03 5.65 -18.07
N SER B 1062 13.80 5.72 -18.54
CA SER B 1062 12.72 4.77 -18.22
C SER B 1062 12.67 3.56 -19.16
N SER B 1063 13.69 3.26 -19.93
CA SER B 1063 13.64 2.20 -20.95
C SER B 1063 14.95 1.44 -21.05
N ILE B 1064 14.89 0.12 -20.89
CA ILE B 1064 16.05 -0.74 -20.68
C ILE B 1064 16.97 -0.81 -21.89
N ASP B 1065 16.44 -0.82 -23.09
CA ASP B 1065 17.22 -0.82 -24.32
C ASP B 1065 17.91 0.52 -24.59
N ASP B 1066 17.41 1.62 -24.04
CA ASP B 1066 18.08 2.93 -24.03
C ASP B 1066 19.26 2.90 -23.05
N ILE B 1067 19.06 2.38 -21.82
CA ILE B 1067 20.14 2.26 -20.83
C ILE B 1067 21.28 1.38 -21.33
N TYR B 1068 21.02 0.17 -21.84
CA TYR B 1068 22.09 -0.72 -22.30
C TYR B 1068 22.80 -0.23 -23.56
N SER B 1069 22.20 0.70 -24.31
CA SER B 1069 22.84 1.39 -25.42
C SER B 1069 23.71 2.55 -24.98
N ARG B 1070 23.46 3.11 -23.80
CA ARG B 1070 24.07 4.34 -23.31
C ARG B 1070 24.84 4.26 -22.02
N LEU B 1071 25.27 3.09 -21.60
CA LEU B 1071 26.19 2.90 -20.48
C LEU B 1071 27.07 1.67 -20.68
N ASP B 1072 28.20 1.54 -20.05
CA ASP B 1072 29.02 0.34 -20.23
C ASP B 1072 28.34 -0.75 -19.50
N ILE B 1073 28.47 -2.03 -19.83
CA ILE B 1073 27.68 -3.04 -19.11
C ILE B 1073 27.85 -3.20 -17.64
N LEU B 1074 28.92 -2.76 -17.06
CA LEU B 1074 29.04 -2.77 -15.63
C LEU B 1074 28.07 -1.87 -15.03
N SER B 1075 27.77 -0.71 -15.58
CA SER B 1075 26.84 0.16 -14.91
C SER B 1075 25.42 0.15 -15.29
N ALA B 1076 25.15 -0.23 -16.46
CA ALA B 1076 23.82 -0.45 -17.00
C ALA B 1076 23.03 -1.47 -16.16
N ASP B 1077 23.70 -2.53 -15.71
CA ASP B 1077 23.14 -3.53 -14.79
C ASP B 1077 22.69 -2.94 -13.44
N VAL B 1078 23.27 -1.84 -13.00
CA VAL B 1078 22.92 -1.18 -11.73
C VAL B 1078 21.74 -0.25 -11.88
N GLN B 1079 21.63 0.47 -13.01
CA GLN B 1079 20.43 1.23 -13.32
C GLN B 1079 19.23 0.33 -13.58
N VAL B 1080 19.40 -0.74 -14.34
CA VAL B 1080 18.33 -1.68 -14.69
C VAL B 1080 17.84 -2.48 -13.48
N ASP B 1081 18.66 -2.73 -12.47
CA ASP B 1081 18.20 -3.25 -11.19
C ASP B 1081 17.26 -2.32 -10.44
N ARG B 1082 17.36 -0.99 -10.61
CA ARG B 1082 16.42 -0.06 -9.99
C ARG B 1082 15.08 -0.03 -10.72
N LEU B 1083 15.06 -0.16 -12.04
CA LEU B 1083 13.83 -0.42 -12.78
C LEU B 1083 13.21 -1.78 -12.43
N ILE B 1084 13.98 -2.86 -12.40
CA ILE B 1084 13.46 -4.19 -12.06
C ILE B 1084 12.84 -4.19 -10.67
N THR B 1085 13.51 -3.60 -9.66
CA THR B 1085 13.00 -3.51 -8.29
C THR B 1085 11.78 -2.62 -8.20
N GLY B 1086 11.76 -1.50 -8.92
CA GLY B 1086 10.64 -0.57 -8.97
C GLY B 1086 9.41 -1.16 -9.62
N ARG B 1087 9.59 -1.92 -10.70
CA ARG B 1087 8.52 -2.54 -11.47
C ARG B 1087 7.97 -3.78 -10.81
N LEU B 1088 8.80 -4.60 -10.17
CA LEU B 1088 8.29 -5.66 -9.30
C LEU B 1088 7.48 -5.11 -8.14
N SER B 1089 7.89 -3.98 -7.55
CA SER B 1089 7.09 -3.30 -6.53
C SER B 1089 5.79 -2.72 -7.10
N ALA B 1090 5.77 -2.26 -8.35
CA ALA B 1090 4.56 -1.82 -9.05
C ALA B 1090 3.56 -2.95 -9.29
N LEU B 1091 4.03 -4.17 -9.53
CA LEU B 1091 3.20 -5.38 -9.64
C LEU B 1091 2.72 -5.93 -8.31
N ASN B 1092 3.54 -5.90 -7.26
CA ASN B 1092 3.13 -6.33 -5.93
C ASN B 1092 1.98 -5.46 -5.41
N ALA B 1093 2.03 -4.14 -5.62
CA ALA B 1093 0.94 -3.24 -5.32
C ALA B 1093 -0.33 -3.57 -6.12
N PHE B 1094 -0.19 -3.91 -7.39
CA PHE B 1094 -1.30 -4.31 -8.26
C PHE B 1094 -1.97 -5.61 -7.86
N VAL B 1095 -1.20 -6.62 -7.45
CA VAL B 1095 -1.77 -7.86 -6.93
C VAL B 1095 -2.58 -7.59 -5.66
N ALA B 1096 -2.09 -6.81 -4.71
CA ALA B 1096 -2.86 -6.46 -3.52
C ALA B 1096 -4.16 -5.71 -3.87
N GLN B 1097 -4.14 -4.74 -4.79
CA GLN B 1097 -5.36 -4.07 -5.26
C GLN B 1097 -6.32 -5.05 -5.95
N THR B 1098 -5.82 -5.98 -6.74
CA THR B 1098 -6.63 -6.94 -7.48
C THR B 1098 -7.26 -7.99 -6.57
N LEU B 1099 -6.51 -8.56 -5.62
CA LEU B 1099 -7.03 -9.55 -4.69
C LEU B 1099 -8.04 -8.97 -3.71
N THR B 1100 -7.84 -7.74 -3.23
CA THR B 1100 -8.82 -7.08 -2.37
C THR B 1100 -10.11 -6.75 -3.13
N LYS B 1101 -10.04 -6.45 -4.43
CA LYS B 1101 -11.21 -6.27 -5.30
C LYS B 1101 -11.94 -7.58 -5.63
N TYR B 1102 -11.27 -8.74 -5.71
CA TYR B 1102 -11.94 -10.04 -5.68
C TYR B 1102 -12.64 -10.30 -4.35
N THR B 1103 -11.99 -10.05 -3.23
CA THR B 1103 -12.56 -10.25 -1.89
C THR B 1103 -13.77 -9.35 -1.63
N GLU B 1104 -13.77 -8.11 -2.10
CA GLU B 1104 -14.93 -7.21 -2.09
C GLU B 1104 -16.12 -7.82 -2.85
N VAL B 1105 -15.88 -8.42 -4.03
CA VAL B 1105 -16.90 -9.08 -4.85
C VAL B 1105 -17.38 -10.40 -4.28
N GLN B 1106 -16.54 -11.20 -3.63
CA GLN B 1106 -16.92 -12.50 -3.09
C GLN B 1106 -18.07 -12.38 -2.09
N ALA B 1107 -18.00 -11.39 -1.20
CA ALA B 1107 -19.06 -11.06 -0.26
C ALA B 1107 -20.27 -10.34 -0.86
N SER B 1108 -20.23 -9.90 -2.13
CA SER B 1108 -21.45 -9.55 -2.89
C SER B 1108 -22.09 -10.77 -3.52
N ARG B 1109 -21.31 -11.69 -4.05
CA ARG B 1109 -21.79 -12.94 -4.64
C ARG B 1109 -22.43 -13.91 -3.66
N LYS B 1110 -21.88 -14.07 -2.45
CA LYS B 1110 -22.55 -14.81 -1.39
C LYS B 1110 -23.88 -14.20 -1.00
N LEU B 1111 -24.04 -12.90 -1.11
CA LEU B 1111 -25.33 -12.28 -0.89
C LEU B 1111 -26.27 -12.51 -2.07
N ALA B 1112 -25.78 -12.43 -3.31
CA ALA B 1112 -26.56 -12.68 -4.50
C ALA B 1112 -27.06 -14.11 -4.57
N GLN B 1113 -26.28 -15.07 -4.09
CA GLN B 1113 -26.69 -16.45 -3.96
C GLN B 1113 -27.75 -16.62 -2.86
N GLN B 1114 -27.64 -15.95 -1.71
CA GLN B 1114 -28.72 -15.96 -0.72
C GLN B 1114 -29.99 -15.34 -1.26
N LYS B 1115 -29.93 -14.22 -1.98
CA LYS B 1115 -31.12 -13.59 -2.53
C LYS B 1115 -31.75 -14.39 -3.66
N VAL B 1116 -30.98 -15.09 -4.48
CA VAL B 1116 -31.53 -16.04 -5.44
C VAL B 1116 -32.25 -17.17 -4.72
N ASN B 1117 -31.67 -17.76 -3.69
CA ASN B 1117 -32.27 -18.89 -3.02
C ASN B 1117 -33.49 -18.50 -2.19
N GLU B 1118 -33.43 -17.43 -1.42
CA GLU B 1118 -34.50 -16.99 -0.52
C GLU B 1118 -35.52 -16.05 -1.13
N CYS B 1119 -35.17 -15.18 -2.08
CA CYS B 1119 -36.09 -14.24 -2.68
C CYS B 1119 -36.67 -14.71 -4.01
N VAL B 1120 -35.94 -15.51 -4.79
CA VAL B 1120 -36.29 -15.82 -6.20
C VAL B 1120 -36.74 -17.27 -6.40
N LYS B 1121 -35.96 -18.27 -5.98
CA LYS B 1121 -36.31 -19.68 -6.06
C LYS B 1121 -37.39 -20.08 -5.06
N SER B 1122 -37.51 -19.34 -3.96
CA SER B 1122 -38.46 -19.60 -2.87
C SER B 1122 -39.11 -18.31 -2.41
N GLN B 1123 -39.56 -18.21 -1.16
CA GLN B 1123 -40.11 -17.00 -0.57
C GLN B 1123 -39.67 -16.86 0.88
N SER B 1124 -39.42 -15.63 1.32
CA SER B 1124 -38.76 -15.34 2.59
C SER B 1124 -39.73 -14.89 3.66
N GLN B 1125 -39.72 -15.53 4.84
CA GLN B 1125 -40.39 -14.99 6.03
C GLN B 1125 -39.56 -13.90 6.75
N ARG B 1126 -38.30 -13.73 6.38
CA ARG B 1126 -37.38 -12.71 6.88
C ARG B 1126 -37.85 -11.33 6.46
N TYR B 1127 -38.04 -10.41 7.41
CA TYR B 1127 -38.97 -9.31 7.19
C TYR B 1127 -38.58 -8.36 6.05
N GLY B 1128 -37.32 -7.95 6.01
CA GLY B 1128 -36.85 -6.87 5.13
C GLY B 1128 -35.69 -7.26 4.22
N PHE B 1129 -35.41 -8.56 4.10
CA PHE B 1129 -34.28 -9.07 3.35
C PHE B 1129 -34.42 -8.87 1.84
N CYS B 1130 -35.57 -9.25 1.30
CA CYS B 1130 -35.93 -8.98 -0.07
C CYS B 1130 -36.56 -7.58 -0.18
N GLY B 1131 -35.72 -6.56 -0.31
CA GLY B 1131 -36.14 -5.22 -0.72
C GLY B 1131 -36.68 -4.30 0.38
N GLY B 1132 -36.24 -4.42 1.62
CA GLY B 1132 -36.67 -3.53 2.70
C GLY B 1132 -38.14 -3.73 3.11
N ASP B 1133 -38.69 -2.80 3.89
CA ASP B 1133 -39.98 -2.97 4.56
C ASP B 1133 -41.13 -3.28 3.59
N GLY B 1134 -41.80 -4.40 3.83
CA GLY B 1134 -43.00 -4.85 3.14
C GLY B 1134 -43.12 -6.37 3.20
N GLU B 1135 -44.25 -6.94 2.81
CA GLU B 1135 -44.38 -8.39 2.74
C GLU B 1135 -43.92 -8.87 1.36
N HIS B 1136 -42.87 -9.66 1.27
CA HIS B 1136 -42.29 -10.14 0.00
C HIS B 1136 -43.15 -11.21 -0.67
N ILE B 1137 -43.37 -11.14 -1.99
CA ILE B 1137 -43.99 -12.24 -2.73
C ILE B 1137 -43.15 -12.87 -3.83
N PHE B 1138 -42.51 -12.11 -4.72
CA PHE B 1138 -41.48 -12.66 -5.62
C PHE B 1138 -40.42 -11.63 -6.00
N SER B 1139 -39.21 -12.07 -6.32
CA SER B 1139 -38.20 -11.23 -6.99
C SER B 1139 -37.95 -11.75 -8.38
N LEU B 1140 -38.04 -10.90 -9.39
CA LEU B 1140 -37.54 -11.19 -10.74
C LEU B 1140 -36.06 -10.84 -10.80
N VAL B 1141 -35.29 -11.44 -11.70
CA VAL B 1141 -33.87 -11.18 -11.85
C VAL B 1141 -33.58 -10.85 -13.30
N GLN B 1142 -32.75 -9.86 -13.56
CA GLN B 1142 -32.33 -9.43 -14.89
C GLN B 1142 -30.81 -9.37 -14.90
N ALA B 1143 -30.16 -9.77 -15.99
CA ALA B 1143 -28.72 -9.63 -16.08
C ALA B 1143 -28.33 -8.15 -16.13
N ALA B 1144 -27.21 -7.80 -15.53
CA ALA B 1144 -26.68 -6.45 -15.50
C ALA B 1144 -25.16 -6.53 -15.68
N PRO B 1145 -24.47 -5.45 -16.06
CA PRO B 1145 -23.09 -5.45 -16.52
C PRO B 1145 -22.14 -6.49 -15.97
N GLN B 1146 -21.96 -6.60 -14.65
CA GLN B 1146 -21.11 -7.61 -14.05
C GLN B 1146 -21.82 -8.34 -12.90
N GLY B 1147 -23.13 -8.56 -13.04
CA GLY B 1147 -23.94 -8.97 -11.91
C GLY B 1147 -25.40 -9.19 -12.22
N LEU B 1148 -26.24 -9.10 -11.21
CA LEU B 1148 -27.66 -9.35 -11.28
C LEU B 1148 -28.40 -8.14 -10.77
N LEU B 1149 -29.50 -7.79 -11.41
CA LEU B 1149 -30.42 -6.78 -10.95
C LEU B 1149 -31.70 -7.48 -10.53
N PHE B 1150 -31.96 -7.46 -9.23
CA PHE B 1150 -33.14 -7.98 -8.61
C PHE B 1150 -34.23 -6.95 -8.66
N LEU B 1151 -35.45 -7.40 -8.87
CA LEU B 1151 -36.67 -6.62 -8.85
C LEU B 1151 -37.60 -7.22 -7.79
N HIS B 1152 -37.34 -6.94 -6.52
CA HIS B 1152 -38.09 -7.49 -5.40
C HIS B 1152 -39.46 -6.87 -5.33
N THR B 1153 -40.48 -7.64 -5.65
CA THR B 1153 -41.86 -7.21 -5.68
C THR B 1153 -42.49 -7.39 -4.31
N VAL B 1154 -42.32 -6.41 -3.43
CA VAL B 1154 -42.96 -6.38 -2.11
C VAL B 1154 -44.39 -5.91 -2.19
N LEU B 1155 -45.18 -6.24 -1.18
CA LEU B 1155 -46.53 -5.77 -0.95
C LEU B 1155 -46.54 -4.72 0.15
N VAL B 1156 -47.16 -3.58 -0.12
CA VAL B 1156 -47.30 -2.46 0.81
C VAL B 1156 -48.78 -2.12 0.98
N PRO B 1157 -49.27 -1.81 2.19
CA PRO B 1157 -50.68 -1.50 2.41
C PRO B 1157 -51.00 -0.03 2.24
N GLY B 1158 -52.04 0.26 1.46
CA GLY B 1158 -52.66 1.57 1.40
C GLY B 1158 -53.52 1.89 2.61
N ASP B 1159 -54.12 0.88 3.24
CA ASP B 1159 -55.07 1.03 4.35
C ASP B 1159 -54.86 -0.02 5.43
N PHE B 1160 -55.32 0.31 6.64
CA PHE B 1160 -55.38 -0.56 7.81
C PHE B 1160 -56.81 -0.62 8.33
N VAL B 1161 -57.26 -1.78 8.80
CA VAL B 1161 -58.56 -1.95 9.47
C VAL B 1161 -58.34 -2.11 10.95
N ASN B 1162 -59.06 -1.34 11.76
CA ASN B 1162 -58.89 -1.29 13.20
C ASN B 1162 -59.97 -2.13 13.86
N VAL B 1163 -59.54 -3.08 14.68
CA VAL B 1163 -60.37 -4.14 15.24
C VAL B 1163 -59.95 -4.46 16.66
N LEU B 1164 -60.90 -4.85 17.49
CA LEU B 1164 -60.67 -5.19 18.89
C LEU B 1164 -60.31 -6.67 18.97
N ALA B 1165 -59.08 -6.98 19.37
CA ALA B 1165 -58.58 -8.33 19.49
C ALA B 1165 -58.92 -8.93 20.86
N ILE B 1166 -59.19 -10.23 20.87
CA ILE B 1166 -59.60 -11.03 22.01
C ILE B 1166 -58.53 -12.07 22.27
N ALA B 1167 -58.02 -12.19 23.51
CA ALA B 1167 -57.01 -13.18 23.82
C ALA B 1167 -57.53 -14.61 23.64
N GLY B 1168 -58.80 -14.82 23.99
CA GLY B 1168 -59.45 -16.12 24.03
C GLY B 1168 -60.84 -16.08 24.66
N LEU B 1169 -61.47 -17.24 24.76
CA LEU B 1169 -62.84 -17.43 25.23
C LEU B 1169 -62.83 -18.18 26.57
N CYS B 1170 -63.46 -17.65 27.61
CA CYS B 1170 -63.52 -18.27 28.94
C CYS B 1170 -64.89 -18.90 29.18
N VAL B 1171 -65.16 -20.00 28.48
CA VAL B 1171 -66.46 -20.66 28.37
C VAL B 1171 -66.93 -21.26 29.71
N ASN B 1172 -68.14 -20.92 30.14
CA ASN B 1172 -68.73 -21.21 31.46
C ASN B 1172 -67.93 -20.67 32.66
N GLY B 1173 -66.88 -19.88 32.44
CA GLY B 1173 -65.85 -19.61 33.45
C GLY B 1173 -65.00 -20.85 33.79
N GLU B 1174 -65.08 -21.91 32.98
CA GLU B 1174 -64.58 -23.25 33.26
C GLU B 1174 -63.44 -23.66 32.32
N ILE B 1175 -63.63 -23.54 31.01
CA ILE B 1175 -62.67 -23.96 29.98
C ILE B 1175 -62.18 -22.77 29.15
N ALA B 1176 -60.87 -22.58 29.09
CA ALA B 1176 -60.24 -21.48 28.39
C ALA B 1176 -59.77 -21.95 27.02
N LEU B 1177 -60.30 -21.35 25.97
CA LEU B 1177 -59.89 -21.57 24.60
C LEU B 1177 -59.04 -20.41 24.14
N THR B 1178 -57.91 -20.66 23.48
CA THR B 1178 -57.17 -19.64 22.73
C THR B 1178 -56.69 -20.22 21.41
N LEU B 1179 -56.44 -19.37 20.41
CA LEU B 1179 -55.99 -19.80 19.10
C LEU B 1179 -54.68 -20.58 19.19
N ARG B 1180 -54.53 -21.65 18.41
CA ARG B 1180 -53.29 -22.42 18.38
C ARG B 1180 -52.11 -21.63 17.83
N GLU B 1181 -52.36 -20.76 16.85
CA GLU B 1181 -51.33 -20.17 16.00
C GLU B 1181 -51.07 -18.70 16.33
N PRO B 1182 -49.83 -18.30 16.63
CA PRO B 1182 -49.48 -16.91 16.95
C PRO B 1182 -49.55 -15.98 15.73
N GLY B 1183 -49.72 -16.51 14.53
CA GLY B 1183 -49.92 -15.74 13.29
C GLY B 1183 -51.36 -15.32 13.05
N LEU B 1184 -52.32 -15.79 13.85
CA LEU B 1184 -53.75 -15.51 13.71
C LEU B 1184 -54.26 -14.73 14.90
N VAL B 1185 -55.21 -13.85 14.67
CA VAL B 1185 -55.89 -13.06 15.69
C VAL B 1185 -57.38 -13.21 15.63
N LEU B 1186 -57.99 -13.28 16.80
CA LEU B 1186 -59.42 -13.42 17.01
C LEU B 1186 -59.93 -12.04 17.38
N PHE B 1187 -60.90 -11.55 16.65
CA PHE B 1187 -61.27 -10.14 16.69
C PHE B 1187 -62.74 -9.93 16.43
N THR B 1188 -63.21 -8.77 16.83
CA THR B 1188 -64.55 -8.27 16.53
C THR B 1188 -64.46 -6.79 16.11
N HIS B 1189 -65.27 -6.33 15.15
CA HIS B 1189 -65.22 -4.97 14.62
C HIS B 1189 -65.74 -3.89 15.59
N GLU B 1190 -66.29 -4.29 16.72
CA GLU B 1190 -67.15 -3.50 17.61
C GLU B 1190 -66.35 -2.89 18.78
N LEU B 1191 -65.45 -1.95 18.46
CA LEU B 1191 -64.34 -1.47 19.31
C LEU B 1191 -64.70 -1.01 20.74
N GLN B 1192 -65.88 -0.41 20.94
CA GLN B 1192 -66.25 0.34 22.15
C GLN B 1192 -66.81 -0.54 23.31
N THR B 1193 -66.73 -1.88 23.24
CA THR B 1193 -67.28 -2.77 24.30
C THR B 1193 -66.48 -4.09 24.48
N TYR B 1194 -66.48 -4.65 25.69
CA TYR B 1194 -65.77 -5.87 26.09
C TYR B 1194 -66.26 -7.16 25.40
N THR B 1195 -67.41 -7.13 24.72
CA THR B 1195 -68.03 -8.25 23.99
C THR B 1195 -68.88 -7.70 22.84
N ALA B 1196 -69.12 -8.52 21.80
CA ALA B 1196 -69.56 -8.05 20.49
C ALA B 1196 -70.49 -9.01 19.73
N THR B 1197 -71.12 -8.48 18.68
CA THR B 1197 -72.17 -9.15 17.90
C THR B 1197 -71.68 -10.40 17.15
N GLU B 1198 -70.52 -10.38 16.48
CA GLU B 1198 -69.92 -11.58 15.86
C GLU B 1198 -68.37 -11.52 15.75
N TYR B 1199 -67.74 -12.69 15.64
CA TYR B 1199 -66.31 -12.93 15.82
C TYR B 1199 -65.66 -13.53 14.59
N PHE B 1200 -64.41 -13.17 14.31
CA PHE B 1200 -63.66 -13.53 13.13
C PHE B 1200 -62.22 -13.85 13.46
N VAL B 1201 -61.53 -14.56 12.58
CA VAL B 1201 -60.11 -14.88 12.64
C VAL B 1201 -59.45 -14.47 11.35
N SER B 1202 -58.31 -13.82 11.43
CA SER B 1202 -57.51 -13.40 10.28
C SER B 1202 -56.05 -13.45 10.63
N SER B 1203 -55.17 -13.49 9.63
CA SER B 1203 -53.76 -13.32 9.92
C SER B 1203 -53.48 -11.91 10.41
N ARG B 1204 -52.46 -11.69 11.23
CA ARG B 1204 -52.02 -10.35 11.58
C ARG B 1204 -51.33 -9.65 10.42
N ARG B 1205 -50.79 -10.40 9.46
CA ARG B 1205 -49.96 -9.90 8.34
C ARG B 1205 -50.73 -9.38 7.15
N MET B 1206 -51.90 -9.92 6.89
CA MET B 1206 -52.92 -9.42 5.97
C MET B 1206 -54.32 -9.70 6.50
N PHE B 1207 -55.22 -8.75 6.30
CA PHE B 1207 -56.61 -8.90 6.67
C PHE B 1207 -57.33 -9.84 5.71
N GLU B 1208 -57.46 -11.10 6.10
CA GLU B 1208 -58.15 -12.14 5.37
C GLU B 1208 -59.06 -12.90 6.36
N PRO B 1209 -60.23 -12.34 6.70
CA PRO B 1209 -61.09 -12.85 7.75
C PRO B 1209 -61.89 -14.08 7.36
N ARG B 1210 -62.15 -14.94 8.34
CA ARG B 1210 -62.99 -16.13 8.28
C ARG B 1210 -63.66 -16.33 9.62
N LYS B 1211 -64.76 -17.08 9.67
CA LYS B 1211 -65.37 -17.43 10.95
C LYS B 1211 -64.47 -18.45 11.66
N PRO B 1212 -64.36 -18.43 12.99
CA PRO B 1212 -63.51 -19.34 13.71
C PRO B 1212 -63.98 -20.78 13.55
N THR B 1213 -63.09 -21.73 13.61
CA THR B 1213 -63.40 -23.16 13.48
C THR B 1213 -63.02 -23.84 14.79
N VAL B 1214 -63.71 -24.91 15.19
CA VAL B 1214 -63.35 -25.65 16.41
C VAL B 1214 -61.90 -26.16 16.41
N SER B 1215 -61.29 -26.29 15.23
CA SER B 1215 -59.92 -26.72 14.99
C SER B 1215 -58.89 -25.60 15.07
N ASP B 1216 -59.28 -24.33 15.16
CA ASP B 1216 -58.36 -23.22 15.41
C ASP B 1216 -58.01 -23.01 16.88
N PHE B 1217 -58.80 -23.54 17.81
CA PHE B 1217 -58.75 -23.30 19.25
C PHE B 1217 -58.26 -24.50 20.06
N VAL B 1218 -57.41 -24.26 21.04
CA VAL B 1218 -56.94 -25.27 22.00
C VAL B 1218 -57.34 -24.92 23.42
N GLN B 1219 -57.70 -25.92 24.22
CA GLN B 1219 -58.14 -25.74 25.60
C GLN B 1219 -56.93 -25.69 26.52
N ILE B 1220 -56.55 -24.51 26.98
CA ILE B 1220 -55.42 -24.31 27.87
C ILE B 1220 -55.81 -24.54 29.34
N GLU B 1221 -54.82 -24.71 30.21
CA GLU B 1221 -55.01 -25.21 31.57
C GLU B 1221 -55.92 -24.33 32.45
N SER B 1222 -55.90 -23.00 32.31
CA SER B 1222 -56.71 -22.08 33.11
C SER B 1222 -57.11 -20.80 32.37
N CYS B 1223 -58.27 -20.25 32.72
CA CYS B 1223 -58.74 -18.94 32.27
C CYS B 1223 -57.89 -17.79 32.84
N VAL B 1224 -57.86 -16.66 32.14
CA VAL B 1224 -57.08 -15.45 32.45
C VAL B 1224 -57.96 -14.21 32.24
N VAL B 1225 -57.79 -13.13 33.00
CA VAL B 1225 -58.78 -12.02 33.08
C VAL B 1225 -59.12 -11.31 31.76
N THR B 1226 -58.19 -11.27 30.79
CA THR B 1226 -58.36 -10.65 29.46
C THR B 1226 -59.30 -11.43 28.51
N TYR B 1227 -59.62 -12.69 28.83
CA TYR B 1227 -60.46 -13.59 28.04
C TYR B 1227 -61.93 -13.21 28.20
N VAL B 1228 -62.75 -13.32 27.15
CA VAL B 1228 -64.17 -12.95 27.26
C VAL B 1228 -65.00 -13.97 28.01
N ASN B 1229 -65.91 -13.49 28.85
CA ASN B 1229 -66.76 -14.22 29.73
C ASN B 1229 -67.84 -14.66 28.79
N LEU B 1230 -68.09 -15.95 28.65
CA LEU B 1230 -68.96 -16.52 27.60
C LEU B 1230 -69.56 -17.84 28.10
N THR B 1231 -70.68 -18.29 27.53
CA THR B 1231 -71.40 -19.51 27.98
C THR B 1231 -71.54 -20.52 26.85
N SER B 1232 -71.52 -21.80 27.18
CA SER B 1232 -71.62 -22.92 26.23
C SER B 1232 -72.93 -22.94 25.45
N ASP B 1233 -73.96 -22.27 25.93
CA ASP B 1233 -75.21 -22.04 25.18
C ASP B 1233 -75.03 -21.06 24.01
N GLN B 1234 -73.99 -20.21 24.04
CA GLN B 1234 -73.75 -19.18 23.04
C GLN B 1234 -72.35 -19.23 22.39
N LEU B 1235 -71.47 -20.13 22.81
CA LEU B 1235 -70.23 -20.45 22.08
C LEU B 1235 -70.48 -20.74 20.58
N PRO B 1236 -71.61 -21.33 20.12
CA PRO B 1236 -71.95 -21.42 18.70
C PRO B 1236 -72.35 -20.10 17.99
N ASP B 1237 -72.38 -18.95 18.68
CA ASP B 1237 -72.39 -17.63 18.04
C ASP B 1237 -70.98 -17.09 17.76
N VAL B 1238 -69.96 -17.68 18.40
CA VAL B 1238 -68.53 -17.44 18.13
C VAL B 1238 -68.00 -18.46 17.14
N ILE B 1239 -68.19 -19.75 17.40
CA ILE B 1239 -67.59 -20.87 16.65
C ILE B 1239 -68.65 -21.66 15.88
N PRO B 1240 -69.17 -21.18 14.75
CA PRO B 1240 -69.96 -22.00 13.85
C PRO B 1240 -69.25 -23.32 13.55
N ASP B 1241 -69.99 -24.41 13.65
CA ASP B 1241 -69.54 -25.82 13.67
C ASP B 1241 -69.12 -26.42 15.03
N TYR B 1242 -69.11 -25.66 16.12
CA TYR B 1242 -69.05 -26.27 17.45
C TYR B 1242 -70.35 -27.03 17.77
N ALA C 43 38.04 -50.26 2.01
CA ALA C 43 36.65 -50.58 2.38
C ALA C 43 35.93 -51.36 1.27
N PRO C 44 34.95 -52.23 1.61
CA PRO C 44 34.17 -53.01 0.64
C PRO C 44 33.21 -52.15 -0.19
N ALA C 45 33.44 -52.06 -1.49
CA ALA C 45 32.67 -51.34 -2.50
C ALA C 45 32.93 -51.91 -3.90
N VAL C 46 32.15 -51.47 -4.90
CA VAL C 46 32.35 -51.74 -6.34
C VAL C 46 32.91 -50.47 -6.99
N VAL C 47 34.02 -50.58 -7.71
CA VAL C 47 34.81 -49.46 -8.22
C VAL C 47 35.42 -49.78 -9.58
N VAL C 48 35.85 -48.75 -10.30
CA VAL C 48 36.47 -48.80 -11.62
C VAL C 48 37.82 -48.11 -11.59
N LEU C 49 38.75 -48.55 -12.41
CA LEU C 49 40.01 -47.87 -12.66
C LEU C 49 40.51 -48.06 -14.08
N GLY C 50 41.46 -47.23 -14.49
CA GLY C 50 41.93 -47.15 -15.86
C GLY C 50 43.25 -46.44 -16.05
N GLY C 51 43.67 -46.35 -17.30
CA GLY C 51 44.95 -45.86 -17.77
C GLY C 51 45.73 -46.99 -18.45
N TYR C 52 47.05 -46.94 -18.44
CA TYR C 52 47.88 -48.01 -19.02
C TYR C 52 48.17 -49.08 -17.97
N LEU C 53 47.35 -50.15 -17.93
CA LEU C 53 47.53 -51.33 -17.06
C LEU C 53 47.10 -52.67 -17.73
N PRO C 54 47.57 -53.84 -17.26
CA PRO C 54 47.61 -55.13 -17.99
C PRO C 54 46.32 -55.67 -18.63
N SER C 55 46.47 -56.72 -19.45
CA SER C 55 45.41 -57.55 -20.02
C SER C 55 44.78 -58.50 -18.99
N VAL C 73 54.56 -47.48 -27.71
CA VAL C 73 54.30 -48.19 -26.45
C VAL C 73 54.37 -47.27 -25.22
N HIS C 74 53.53 -47.54 -24.21
CA HIS C 74 53.33 -46.67 -23.03
C HIS C 74 53.51 -47.35 -21.66
N GLY C 75 53.85 -48.64 -21.58
CA GLY C 75 54.17 -49.28 -20.30
C GLY C 75 54.70 -50.70 -20.39
N ILE C 76 55.29 -51.16 -19.28
CA ILE C 76 55.78 -52.52 -19.03
C ILE C 76 55.20 -53.02 -17.71
N PHE C 77 54.84 -54.30 -17.67
CA PHE C 77 54.41 -55.02 -16.46
C PHE C 77 55.05 -56.41 -16.37
N LEU C 78 55.09 -56.95 -15.14
CA LEU C 78 55.89 -58.09 -14.72
C LEU C 78 55.12 -58.92 -13.67
N SER C 79 55.42 -60.22 -13.52
CA SER C 79 54.80 -61.11 -12.52
C SER C 79 54.69 -60.50 -11.11
N VAL C 161 54.55 -56.10 -10.62
CA VAL C 161 55.11 -54.74 -10.69
C VAL C 161 55.03 -54.16 -12.09
N GLY C 162 55.15 -52.84 -12.22
CA GLY C 162 55.02 -52.15 -13.52
C GLY C 162 55.55 -50.73 -13.58
N ILE C 163 55.77 -50.25 -14.81
CA ILE C 163 56.23 -48.90 -15.16
C ILE C 163 55.40 -48.40 -16.33
N THR C 164 54.91 -47.16 -16.30
CA THR C 164 54.05 -46.53 -17.35
C THR C 164 54.47 -45.09 -17.63
N TRP C 165 54.36 -44.59 -18.87
CA TRP C 165 54.66 -43.18 -19.23
C TRP C 165 53.63 -42.54 -20.16
N ASP C 166 53.16 -41.34 -19.85
CA ASP C 166 52.34 -40.48 -20.75
C ASP C 166 52.38 -38.99 -20.34
N ASN C 167 52.13 -38.07 -21.26
CA ASN C 167 51.91 -36.63 -21.01
C ASN C 167 53.02 -35.94 -20.19
N ASP C 168 54.28 -36.36 -20.37
CA ASP C 168 55.45 -35.94 -19.58
C ASP C 168 55.44 -36.36 -18.09
N ARG C 169 54.70 -37.41 -17.70
CA ARG C 169 54.85 -38.07 -16.40
C ARG C 169 54.96 -39.58 -16.48
N VAL C 170 55.81 -40.13 -15.62
CA VAL C 170 56.09 -41.56 -15.46
C VAL C 170 55.49 -42.01 -14.14
N THR C 171 54.68 -43.06 -14.17
CA THR C 171 54.10 -43.69 -12.97
C THR C 171 54.73 -45.06 -12.75
N VAL C 172 55.25 -45.33 -11.55
CA VAL C 172 55.84 -46.63 -11.19
C VAL C 172 54.99 -47.33 -10.15
N PHE C 173 54.71 -48.62 -10.34
CA PHE C 173 53.99 -49.47 -9.41
C PHE C 173 54.95 -50.49 -8.78
N ALA C 174 55.03 -50.48 -7.45
CA ALA C 174 55.73 -51.46 -6.62
C ALA C 174 54.79 -51.93 -5.49
N ASP C 175 55.29 -52.19 -4.29
CA ASP C 175 54.48 -52.34 -3.06
C ASP C 175 53.65 -51.07 -2.73
N LYS C 176 54.16 -49.93 -3.18
CA LYS C 176 53.60 -48.58 -3.15
C LYS C 176 53.73 -48.00 -4.56
N ILE C 177 52.89 -47.04 -4.93
CA ILE C 177 52.87 -46.50 -6.30
C ILE C 177 53.16 -44.99 -6.29
N TYR C 178 53.89 -44.51 -7.29
CA TYR C 178 54.57 -43.20 -7.30
C TYR C 178 54.40 -42.49 -8.64
N HIS C 179 54.60 -41.17 -8.66
CA HIS C 179 54.55 -40.35 -9.89
C HIS C 179 55.79 -39.46 -9.99
N PHE C 180 56.33 -39.32 -11.18
CA PHE C 180 57.43 -38.41 -11.47
C PHE C 180 57.14 -37.58 -12.72
N TYR C 181 57.43 -36.29 -12.68
CA TYR C 181 57.38 -35.39 -13.83
C TYR C 181 58.74 -35.44 -14.55
N LEU C 182 58.76 -35.96 -15.79
CA LEU C 182 59.94 -36.24 -16.61
C LEU C 182 59.58 -36.08 -18.10
N LYS C 183 60.25 -35.21 -18.85
CA LYS C 183 59.91 -34.95 -20.26
C LYS C 183 60.01 -36.22 -21.13
N ASN C 184 59.02 -36.44 -22.01
CA ASN C 184 58.85 -37.66 -22.81
C ASN C 184 59.00 -38.96 -22.00
N ALA C 200 56.79 -61.05 -16.16
CA ALA C 200 55.84 -61.40 -17.21
C ALA C 200 56.23 -60.83 -18.59
N MET C 201 57.00 -59.72 -18.62
CA MET C 201 57.33 -58.94 -19.82
C MET C 201 56.14 -58.63 -20.72
N GLN C 202 55.15 -57.94 -20.15
CA GLN C 202 53.92 -57.56 -20.84
C GLN C 202 53.91 -56.06 -21.12
N TYR C 203 53.75 -55.70 -22.40
CA TYR C 203 53.90 -54.34 -22.90
C TYR C 203 52.52 -53.77 -23.31
N VAL C 204 52.22 -52.54 -22.91
CA VAL C 204 50.89 -51.92 -23.07
C VAL C 204 50.90 -50.75 -24.08
N TYR C 205 50.14 -50.86 -25.16
CA TYR C 205 50.10 -49.88 -26.26
C TYR C 205 48.92 -48.89 -26.20
N THR C 206 47.86 -49.19 -25.47
CA THR C 206 46.62 -48.42 -25.42
C THR C 206 45.99 -48.51 -24.03
N PRO C 207 45.26 -47.49 -23.56
CA PRO C 207 44.55 -47.54 -22.29
C PRO C 207 43.57 -48.71 -22.17
N THR C 208 43.33 -49.11 -20.93
CA THR C 208 42.44 -50.21 -20.51
C THR C 208 41.57 -49.75 -19.34
N TYR C 209 40.50 -50.48 -19.06
CA TYR C 209 39.67 -50.28 -17.87
C TYR C 209 39.36 -51.60 -17.18
N TYR C 210 39.24 -51.56 -15.87
CA TYR C 210 38.84 -52.66 -15.01
C TYR C 210 37.73 -52.22 -14.08
N MET C 211 36.74 -53.08 -13.86
CA MET C 211 35.78 -52.96 -12.77
C MET C 211 36.07 -54.07 -11.75
N LEU C 212 36.17 -53.71 -10.48
CA LEU C 212 36.51 -54.62 -9.38
C LEU C 212 35.69 -54.34 -8.12
N ASN C 213 35.47 -55.41 -7.31
CA ASN C 213 34.66 -55.53 -6.10
C ASN C 213 35.59 -55.78 -4.93
N VAL C 214 35.43 -55.21 -3.73
CA VAL C 214 36.47 -55.31 -2.70
C VAL C 214 36.05 -56.17 -1.51
N THR C 215 36.92 -57.10 -1.13
CA THR C 215 36.85 -57.94 0.09
C THR C 215 37.84 -57.53 1.19
N SER C 216 38.75 -56.58 0.90
CA SER C 216 39.94 -56.19 1.70
C SER C 216 41.03 -57.27 1.84
N ALA C 217 40.95 -58.37 1.08
CA ALA C 217 41.98 -59.42 1.02
C ALA C 217 43.34 -58.92 0.51
N GLY C 221 39.92 -56.78 -2.75
CA GLY C 221 40.06 -56.21 -4.09
C GLY C 221 40.53 -57.19 -5.17
N ILE C 222 40.59 -58.49 -4.85
CA ILE C 222 41.25 -59.50 -5.70
C ILE C 222 40.37 -59.96 -6.87
N TYR C 223 39.06 -59.69 -6.86
CA TYR C 223 38.11 -60.14 -7.90
C TYR C 223 37.67 -59.02 -8.86
N TYR C 224 37.75 -59.25 -10.17
CA TYR C 224 37.59 -58.23 -11.21
C TYR C 224 37.11 -58.80 -12.56
N GLU C 225 36.56 -57.94 -13.43
CA GLU C 225 36.38 -58.20 -14.86
C GLU C 225 36.88 -57.02 -15.69
N PRO C 226 37.57 -57.25 -16.81
CA PRO C 226 37.99 -56.20 -17.73
C PRO C 226 36.79 -55.56 -18.44
N CYS C 227 36.98 -54.36 -18.99
CA CYS C 227 36.00 -53.64 -19.79
C CYS C 227 36.40 -53.49 -21.26
N THR C 228 35.54 -53.94 -22.15
CA THR C 228 35.58 -53.67 -23.60
C THR C 228 34.71 -52.47 -24.00
N ALA C 229 33.61 -52.26 -23.27
CA ALA C 229 32.68 -51.15 -23.41
C ALA C 229 31.98 -50.89 -22.06
N ASN C 230 31.40 -49.71 -21.89
CA ASN C 230 30.58 -49.34 -20.73
C ASN C 230 31.33 -49.26 -19.37
N CYS C 231 32.66 -49.25 -19.37
CA CYS C 231 33.42 -48.61 -18.30
C CYS C 231 33.29 -47.07 -18.45
N THR C 232 33.81 -46.32 -17.48
CA THR C 232 33.55 -44.87 -17.26
C THR C 232 32.07 -44.51 -17.04
N GLY C 233 31.21 -45.50 -16.78
CA GLY C 233 29.83 -45.33 -16.31
C GLY C 233 29.57 -45.87 -14.90
N TYR C 234 30.56 -46.49 -14.27
CA TYR C 234 30.44 -47.12 -12.93
C TYR C 234 31.14 -46.34 -11.81
N ALA C 235 31.67 -45.15 -12.11
CA ALA C 235 32.20 -44.19 -11.12
C ALA C 235 31.19 -43.05 -10.92
N ALA C 236 30.92 -42.69 -9.67
CA ALA C 236 29.83 -41.78 -9.33
C ALA C 236 30.05 -40.31 -9.75
N ASN C 237 31.28 -39.83 -9.93
CA ASN C 237 31.62 -38.43 -10.24
C ASN C 237 31.95 -38.16 -11.72
N VAL C 238 31.61 -39.07 -12.61
CA VAL C 238 31.81 -38.98 -14.06
C VAL C 238 30.51 -39.39 -14.76
N PHE C 239 30.28 -38.82 -15.96
CA PHE C 239 29.09 -39.06 -16.77
C PHE C 239 29.45 -38.97 -18.25
N ALA C 240 28.65 -39.58 -19.11
CA ALA C 240 28.73 -39.32 -20.55
C ALA C 240 27.86 -38.10 -20.86
N THR C 241 28.47 -37.00 -21.33
CA THR C 241 27.71 -35.79 -21.60
C THR C 241 26.71 -36.03 -22.73
N ASP C 242 25.48 -35.55 -22.57
CA ASP C 242 24.45 -35.68 -23.58
C ASP C 242 24.83 -34.90 -24.84
N SER C 243 24.33 -35.31 -26.01
CA SER C 243 24.67 -34.68 -27.30
C SER C 243 24.28 -33.20 -27.36
N ASN C 244 23.24 -32.84 -26.61
CA ASN C 244 22.75 -31.47 -26.42
C ASN C 244 23.70 -30.59 -25.57
N GLY C 245 24.68 -31.19 -24.88
CA GLY C 245 25.60 -30.53 -23.94
C GLY C 245 25.12 -30.50 -22.48
N HIS C 246 24.00 -31.16 -22.17
CA HIS C 246 23.44 -31.23 -20.81
C HIS C 246 24.10 -32.35 -19.99
N ILE C 247 24.23 -32.15 -18.68
CA ILE C 247 24.56 -33.17 -17.68
C ILE C 247 23.36 -34.13 -17.57
N PRO C 248 23.54 -35.46 -17.63
CA PRO C 248 22.41 -36.38 -17.52
C PRO C 248 21.62 -36.23 -16.22
N GLU C 249 20.30 -36.39 -16.30
CA GLU C 249 19.44 -36.62 -15.14
C GLU C 249 19.90 -37.87 -14.40
N GLY C 250 19.79 -37.86 -13.08
CA GLY C 250 20.23 -38.97 -12.22
C GLY C 250 21.74 -39.06 -11.98
N PHE C 251 22.54 -38.12 -12.49
CA PHE C 251 23.94 -37.91 -12.07
C PHE C 251 23.99 -37.52 -10.59
N SER C 252 25.02 -37.96 -9.85
CA SER C 252 25.07 -37.81 -8.39
C SER C 252 25.27 -36.36 -7.91
N PHE C 253 25.92 -35.52 -8.73
CA PHE C 253 26.50 -34.22 -8.35
C PHE C 253 27.45 -34.30 -7.14
N ASN C 254 28.33 -35.31 -7.13
CA ASN C 254 29.17 -35.71 -5.99
C ASN C 254 29.97 -34.58 -5.34
N ASN C 255 30.64 -33.76 -6.15
CA ASN C 255 31.40 -32.59 -5.72
C ASN C 255 31.23 -31.42 -6.70
N TRP C 256 30.02 -31.17 -7.20
CA TRP C 256 29.71 -30.01 -8.03
C TRP C 256 28.90 -29.04 -7.20
N PHE C 257 29.41 -27.82 -7.00
CA PHE C 257 28.79 -26.83 -6.14
C PHE C 257 28.16 -25.74 -6.98
N LEU C 258 26.98 -25.25 -6.63
CA LEU C 258 26.49 -24.01 -7.22
C LEU C 258 27.33 -22.85 -6.70
N LEU C 259 27.81 -22.01 -7.60
CA LEU C 259 28.80 -21.00 -7.32
C LEU C 259 28.17 -19.73 -6.76
N SER C 260 28.81 -19.07 -5.80
CA SER C 260 28.41 -17.75 -5.33
C SER C 260 29.57 -16.81 -5.09
N ASN C 261 29.50 -15.53 -5.45
CA ASN C 261 30.57 -14.66 -4.89
C ASN C 261 30.04 -13.98 -3.74
N ASP C 262 29.30 -14.72 -2.98
CA ASP C 262 28.43 -14.32 -1.87
C ASP C 262 28.07 -15.52 -0.97
N SER C 263 27.09 -15.37 -0.08
CA SER C 263 26.49 -16.38 0.79
C SER C 263 26.07 -17.67 0.10
N THR C 264 26.01 -18.77 0.87
CA THR C 264 25.70 -20.12 0.38
C THR C 264 24.29 -20.57 0.75
N LEU C 265 23.55 -21.06 -0.24
CA LEU C 265 22.17 -21.51 -0.12
C LEU C 265 22.09 -22.88 0.58
N LEU C 266 21.51 -22.95 1.78
CA LEU C 266 21.46 -24.20 2.57
C LEU C 266 20.53 -25.24 1.97
N HIS C 267 19.36 -24.83 1.49
CA HIS C 267 18.37 -25.71 0.84
C HIS C 267 17.44 -24.94 -0.10
N GLY C 268 16.80 -25.66 -1.00
CA GLY C 268 15.69 -25.17 -1.81
C GLY C 268 15.98 -24.98 -3.29
N LYS C 269 14.96 -24.59 -4.03
CA LYS C 269 15.00 -24.30 -5.46
C LYS C 269 15.64 -22.93 -5.65
N VAL C 270 16.53 -22.81 -6.63
CA VAL C 270 17.00 -21.54 -7.16
C VAL C 270 17.17 -21.68 -8.66
N VAL C 271 16.91 -20.63 -9.42
CA VAL C 271 17.23 -20.57 -10.85
C VAL C 271 18.38 -19.61 -11.02
N SER C 272 19.51 -20.07 -11.58
CA SER C 272 20.71 -19.27 -11.69
C SER C 272 21.57 -19.63 -12.88
N ASN C 273 22.41 -18.69 -13.26
CA ASN C 273 23.34 -18.74 -14.35
C ASN C 273 24.57 -19.43 -13.87
N GLN C 274 24.74 -20.68 -14.19
CA GLN C 274 25.86 -21.48 -13.67
C GLN C 274 26.61 -22.17 -14.80
N PRO C 275 27.90 -22.49 -14.65
CA PRO C 275 28.65 -23.30 -15.59
C PRO C 275 28.29 -24.78 -15.44
N LEU C 276 27.11 -25.13 -15.95
CA LEU C 276 26.53 -26.46 -15.97
C LEU C 276 26.22 -26.97 -17.38
N LEU C 277 26.34 -26.16 -18.44
CA LEU C 277 26.33 -26.68 -19.80
C LEU C 277 27.74 -27.20 -20.08
N VAL C 278 27.87 -28.42 -20.55
CA VAL C 278 29.14 -29.14 -20.65
C VAL C 278 29.53 -29.36 -22.11
N ASN C 279 30.75 -29.01 -22.46
CA ASN C 279 31.34 -29.15 -23.78
C ASN C 279 32.15 -30.44 -23.91
N CYS C 280 32.96 -30.76 -22.91
CA CYS C 280 33.40 -32.13 -22.67
C CYS C 280 33.82 -32.34 -21.21
N LEU C 281 33.81 -33.59 -20.78
CA LEU C 281 34.22 -34.06 -19.46
C LEU C 281 35.43 -34.97 -19.62
N LEU C 282 36.60 -34.36 -19.53
CA LEU C 282 37.90 -34.99 -19.62
C LEU C 282 38.19 -35.68 -18.28
N ALA C 283 37.95 -36.98 -18.22
CA ALA C 283 38.17 -37.81 -17.04
C ALA C 283 39.56 -38.43 -17.04
N ILE C 284 40.34 -38.17 -15.99
CA ILE C 284 41.70 -38.63 -15.76
C ILE C 284 41.70 -39.55 -14.52
N PRO C 285 42.35 -40.72 -14.53
CA PRO C 285 42.38 -41.57 -13.35
C PRO C 285 43.18 -40.92 -12.23
N LYS C 286 42.83 -41.13 -10.95
CA LYS C 286 43.50 -40.45 -9.81
C LYS C 286 44.99 -40.74 -9.64
N ILE C 287 45.47 -41.80 -10.27
CA ILE C 287 46.89 -42.17 -10.38
C ILE C 287 47.67 -41.37 -11.44
N TYR C 288 47.03 -40.51 -12.24
CA TYR C 288 47.70 -39.58 -13.15
C TYR C 288 47.30 -38.14 -12.85
N GLY C 289 48.26 -37.25 -12.98
CA GLY C 289 48.01 -35.84 -13.19
C GLY C 289 47.89 -35.54 -14.68
N LEU C 290 47.83 -34.27 -15.07
CA LEU C 290 48.09 -33.89 -16.46
C LEU C 290 48.62 -32.47 -16.60
N GLY C 291 49.35 -32.25 -17.68
CA GLY C 291 49.77 -30.95 -18.14
C GLY C 291 49.19 -30.66 -19.50
N GLN C 292 48.37 -29.62 -19.60
CA GLN C 292 47.71 -29.15 -20.82
C GLN C 292 47.56 -27.64 -20.79
N PHE C 293 47.33 -27.06 -21.96
CA PHE C 293 46.91 -25.67 -22.12
C PHE C 293 45.42 -25.67 -22.50
N PHE C 294 44.57 -25.09 -21.66
CA PHE C 294 43.15 -24.93 -21.92
C PHE C 294 42.92 -23.47 -22.28
N SER C 295 42.36 -23.21 -23.44
CA SER C 295 42.21 -21.87 -23.99
C SER C 295 40.75 -21.48 -23.99
N PHE C 296 40.46 -20.28 -23.55
CA PHE C 296 39.12 -19.71 -23.58
C PHE C 296 38.71 -19.18 -24.97
N ASN C 297 39.55 -19.45 -25.95
CA ASN C 297 39.29 -19.20 -27.35
C ASN C 297 39.32 -20.37 -28.29
N HIS C 298 39.57 -21.56 -27.82
CA HIS C 298 39.62 -22.81 -28.59
C HIS C 298 38.84 -23.93 -27.92
N THR C 299 38.48 -24.95 -28.68
CA THR C 299 37.86 -26.19 -28.19
C THR C 299 38.86 -27.03 -27.39
N MET C 300 38.48 -27.51 -26.20
CA MET C 300 39.28 -28.45 -25.40
C MET C 300 39.52 -29.79 -26.13
N ASP C 301 40.72 -30.33 -26.02
CA ASP C 301 41.21 -31.55 -26.67
C ASP C 301 41.39 -32.71 -25.67
N GLY C 302 41.83 -33.88 -26.15
CA GLY C 302 41.92 -35.12 -25.37
C GLY C 302 40.58 -35.87 -25.31
N VAL C 303 40.62 -37.19 -25.39
CA VAL C 303 39.41 -38.02 -25.44
C VAL C 303 38.57 -37.83 -24.18
N CYS C 304 37.26 -37.66 -24.35
CA CYS C 304 36.36 -37.25 -23.29
C CYS C 304 34.96 -37.85 -23.45
N ASN C 305 34.26 -38.04 -22.33
CA ASN C 305 33.08 -38.91 -22.23
C ASN C 305 31.84 -38.32 -22.93
N GLY C 306 30.98 -39.19 -23.47
CA GLY C 306 29.79 -38.80 -24.24
C GLY C 306 30.13 -38.22 -25.60
N ALA C 307 29.43 -37.17 -26.03
CA ALA C 307 29.69 -36.47 -27.29
C ALA C 307 30.41 -35.14 -27.06
N ALA C 308 31.52 -34.89 -27.75
CA ALA C 308 32.23 -33.62 -27.70
C ALA C 308 31.48 -32.49 -28.42
N VAL C 309 31.38 -31.32 -27.80
CA VAL C 309 30.77 -30.11 -28.37
C VAL C 309 31.86 -29.08 -28.67
N ASP C 310 31.92 -28.59 -29.91
CA ASP C 310 32.90 -27.60 -30.36
C ASP C 310 32.50 -26.17 -29.96
N ARG C 311 32.69 -25.86 -28.68
CA ARG C 311 32.62 -24.50 -28.12
C ARG C 311 33.87 -24.22 -27.29
N ALA C 312 34.35 -22.98 -27.30
CA ALA C 312 35.37 -22.59 -26.33
C ALA C 312 34.71 -22.38 -24.95
N PRO C 313 35.27 -22.91 -23.85
CA PRO C 313 34.70 -22.77 -22.51
C PRO C 313 34.57 -21.32 -22.07
N GLU C 314 33.78 -21.17 -21.04
CA GLU C 314 33.69 -19.93 -20.34
C GLU C 314 34.10 -20.27 -18.94
N ALA C 315 34.04 -21.53 -18.57
CA ALA C 315 34.59 -21.99 -17.31
C ALA C 315 35.21 -23.36 -17.42
N LEU C 316 36.25 -23.61 -16.65
CA LEU C 316 36.87 -24.91 -16.47
C LEU C 316 36.65 -25.35 -15.02
N ARG C 317 36.04 -26.52 -14.79
CA ARG C 317 35.82 -27.06 -13.45
C ARG C 317 36.78 -28.22 -13.22
N PHE C 318 37.62 -28.17 -12.20
CA PHE C 318 38.54 -29.23 -11.84
C PHE C 318 38.04 -29.94 -10.59
N ASN C 319 37.71 -31.21 -10.67
CA ASN C 319 37.01 -31.93 -9.61
C ASN C 319 37.92 -32.90 -8.85
N ILE C 320 39.00 -32.36 -8.30
CA ILE C 320 40.05 -33.04 -7.57
C ILE C 320 39.65 -33.41 -6.14
N ASN C 321 39.72 -34.65 -5.79
CA ASN C 321 39.37 -35.03 -4.48
C ASN C 321 40.48 -34.69 -3.40
N ASP C 322 41.71 -35.14 -3.54
CA ASP C 322 42.80 -34.85 -2.58
C ASP C 322 43.62 -33.61 -3.00
N THR C 323 43.49 -32.51 -2.25
CA THR C 323 44.23 -31.26 -2.48
C THR C 323 45.76 -31.36 -2.43
N SER C 324 46.37 -32.50 -2.14
CA SER C 324 47.81 -32.72 -2.37
C SER C 324 48.21 -32.55 -3.84
N VAL C 325 47.26 -32.65 -4.76
CA VAL C 325 47.41 -32.59 -6.23
C VAL C 325 47.62 -31.18 -6.80
N ILE C 326 47.12 -30.16 -6.12
CA ILE C 326 47.06 -28.76 -6.57
C ILE C 326 48.24 -27.93 -6.02
N LEU C 327 48.90 -28.28 -4.92
CA LEU C 327 50.05 -27.55 -4.38
C LEU C 327 51.39 -28.05 -4.94
N ALA C 328 51.88 -27.33 -5.95
CA ALA C 328 53.25 -27.35 -6.50
C ALA C 328 53.52 -26.01 -7.21
N GLU C 329 54.77 -25.58 -7.42
CA GLU C 329 55.02 -24.36 -8.20
C GLU C 329 54.58 -24.54 -9.66
N GLY C 330 53.81 -23.60 -10.19
CA GLY C 330 53.29 -23.63 -11.54
C GLY C 330 52.12 -24.59 -11.72
N SER C 331 51.46 -25.03 -10.64
CA SER C 331 50.36 -26.00 -10.69
C SER C 331 49.13 -25.48 -11.44
N ILE C 332 48.83 -24.19 -11.33
CA ILE C 332 47.93 -23.44 -12.22
C ILE C 332 48.67 -22.18 -12.63
N VAL C 333 48.70 -21.86 -13.92
CA VAL C 333 49.05 -20.55 -14.44
C VAL C 333 47.84 -20.00 -15.16
N LEU C 334 47.41 -18.79 -14.83
CA LEU C 334 46.33 -18.10 -15.48
C LEU C 334 46.92 -17.00 -16.35
N HIS C 335 46.67 -17.06 -17.65
CA HIS C 335 47.17 -16.10 -18.63
C HIS C 335 46.17 -14.97 -18.79
N THR C 336 46.41 -13.84 -18.15
CA THR C 336 45.51 -12.68 -18.22
C THR C 336 45.62 -12.02 -19.60
N ALA C 337 44.56 -11.37 -20.07
CA ALA C 337 44.50 -10.71 -21.38
C ALA C 337 45.55 -9.61 -21.56
N LEU C 338 45.94 -8.96 -20.46
CA LEU C 338 47.02 -7.98 -20.39
C LEU C 338 48.43 -8.58 -20.56
N GLY C 339 48.56 -9.87 -20.86
CA GLY C 339 49.85 -10.56 -21.00
C GLY C 339 50.60 -10.73 -19.68
N THR C 340 49.89 -10.75 -18.55
CA THR C 340 50.46 -11.06 -17.23
C THR C 340 50.04 -12.47 -16.82
N ASN C 341 50.97 -13.34 -16.44
CA ASN C 341 50.57 -14.62 -16.01
C ASN C 341 50.63 -14.75 -14.55
N LEU C 342 49.63 -15.28 -13.94
CA LEU C 342 49.39 -15.39 -12.51
C LEU C 342 49.49 -16.85 -12.12
N SER C 343 50.45 -17.22 -11.30
CA SER C 343 50.77 -18.62 -11.00
C SER C 343 50.52 -18.93 -9.55
N PHE C 344 49.69 -19.93 -9.31
CA PHE C 344 49.50 -20.47 -7.97
C PHE C 344 50.75 -21.27 -7.57
N VAL C 345 51.34 -20.92 -6.43
CA VAL C 345 52.48 -21.62 -5.82
C VAL C 345 52.24 -21.82 -4.33
N CYS C 346 52.76 -22.89 -3.73
CA CYS C 346 52.59 -23.18 -2.30
C CYS C 346 53.88 -23.62 -1.62
N SER C 347 54.05 -23.24 -0.36
CA SER C 347 55.27 -23.49 0.39
C SER C 347 55.00 -23.94 1.82
N ASN C 348 55.92 -24.57 2.41
CA ASN C 348 55.83 -24.93 3.69
C ASN C 348 56.20 -23.67 4.50
N SER C 349 56.93 -22.62 4.02
CA SER C 349 57.24 -21.34 4.66
C SER C 349 56.25 -20.24 4.36
N SER C 350 56.10 -19.29 5.26
CA SER C 350 55.34 -18.04 5.05
C SER C 350 56.09 -17.01 4.19
N ASP C 351 57.32 -17.30 3.76
CA ASP C 351 58.08 -16.47 2.83
C ASP C 351 58.39 -17.27 1.56
N PRO C 352 57.96 -16.83 0.35
CA PRO C 352 57.69 -17.76 -0.74
C PRO C 352 58.90 -18.21 -1.56
N HIS C 353 60.08 -17.65 -1.32
CA HIS C 353 61.27 -17.79 -2.17
C HIS C 353 61.91 -19.18 -2.15
N LEU C 354 61.44 -20.09 -1.28
CA LEU C 354 61.84 -21.49 -1.17
C LEU C 354 60.63 -22.42 -1.09
N ALA C 363 57.90 -32.25 7.23
CA ALA C 363 57.35 -31.50 6.11
C ALA C 363 56.14 -32.20 5.46
N THR C 364 55.80 -33.40 5.91
CA THR C 364 54.85 -34.32 5.26
C THR C 364 53.42 -33.76 5.15
N GLU C 365 52.89 -33.12 6.21
CA GLU C 365 51.56 -32.47 6.22
C GLU C 365 51.55 -31.23 7.13
N VAL C 366 52.55 -30.37 6.93
CA VAL C 366 52.55 -28.98 7.41
C VAL C 366 51.33 -28.21 6.87
N PRO C 367 50.92 -27.07 7.45
CA PRO C 367 50.09 -26.11 6.74
C PRO C 367 50.79 -25.67 5.45
N TYR C 368 50.03 -25.41 4.40
CA TYR C 368 50.56 -24.95 3.11
C TYR C 368 50.17 -23.50 2.86
N TYR C 369 51.13 -22.59 2.84
CA TYR C 369 50.91 -21.19 2.53
C TYR C 369 50.91 -21.03 1.02
N CYS C 370 49.83 -20.52 0.43
CA CYS C 370 49.70 -20.44 -1.02
C CYS C 370 49.62 -19.00 -1.52
N PHE C 371 50.32 -18.71 -2.60
CA PHE C 371 50.61 -17.39 -3.12
C PHE C 371 50.28 -17.30 -4.61
N LEU C 372 49.78 -16.16 -5.09
CA LEU C 372 49.88 -15.81 -6.51
C LEU C 372 51.25 -15.22 -6.75
N LYS C 373 52.09 -15.95 -7.47
CA LYS C 373 53.22 -15.37 -8.17
C LYS C 373 52.66 -14.61 -9.35
N VAL C 374 53.08 -13.39 -9.58
CA VAL C 374 52.52 -12.51 -10.61
C VAL C 374 53.68 -12.03 -11.44
N ASP C 375 53.61 -12.26 -12.74
CA ASP C 375 54.68 -11.95 -13.68
C ASP C 375 54.23 -10.92 -14.70
N THR C 376 55.06 -9.91 -14.90
CA THR C 376 54.90 -8.82 -15.86
C THR C 376 56.26 -8.55 -16.51
N TYR C 377 56.29 -7.85 -17.63
CA TYR C 377 57.37 -7.82 -18.64
C TYR C 377 58.82 -7.83 -18.11
N ASN C 378 59.14 -7.17 -16.99
CA ASN C 378 60.44 -7.25 -16.28
C ASN C 378 60.30 -7.28 -14.75
N SER C 379 59.23 -7.89 -14.22
CA SER C 379 58.93 -7.91 -12.77
C SER C 379 58.22 -9.18 -12.29
N THR C 380 58.44 -9.53 -11.01
CA THR C 380 57.70 -10.56 -10.28
C THR C 380 57.29 -10.05 -8.90
N VAL C 381 56.04 -10.31 -8.52
CA VAL C 381 55.49 -10.08 -7.18
C VAL C 381 54.91 -11.40 -6.68
N TYR C 382 54.94 -11.66 -5.38
CA TYR C 382 54.15 -12.73 -4.76
C TYR C 382 53.11 -12.11 -3.82
N LYS C 383 51.82 -12.35 -4.07
CA LYS C 383 50.72 -12.01 -3.16
C LYS C 383 50.34 -13.25 -2.39
N PHE C 384 50.22 -13.17 -1.07
CA PHE C 384 49.74 -14.27 -0.27
C PHE C 384 48.21 -14.39 -0.37
N LEU C 385 47.68 -15.56 -0.70
CA LEU C 385 46.25 -15.83 -0.75
C LEU C 385 45.75 -16.34 0.60
N ALA C 386 46.11 -17.56 0.99
CA ALA C 386 45.67 -18.17 2.22
C ALA C 386 46.57 -19.33 2.65
N VAL C 387 46.42 -19.76 3.89
CA VAL C 387 46.79 -21.11 4.30
C VAL C 387 45.73 -22.04 3.74
N LEU C 388 46.06 -22.78 2.69
CA LEU C 388 45.11 -23.60 1.94
C LEU C 388 44.64 -24.79 2.80
N PRO C 389 43.32 -24.97 3.04
CA PRO C 389 42.83 -26.07 3.85
C PRO C 389 43.04 -27.42 3.18
N PRO C 390 43.19 -28.52 3.92
CA PRO C 390 43.37 -29.85 3.36
C PRO C 390 42.09 -30.48 2.77
N THR C 391 41.04 -29.68 2.52
CA THR C 391 39.66 -30.11 2.24
C THR C 391 39.04 -29.49 0.98
N VAL C 392 39.82 -28.92 0.07
CA VAL C 392 39.37 -28.44 -1.24
C VAL C 392 38.97 -29.62 -2.14
N ARG C 393 37.79 -29.57 -2.76
CA ARG C 393 37.21 -30.65 -3.59
C ARG C 393 36.86 -30.23 -5.02
N GLU C 394 36.73 -28.94 -5.28
CA GLU C 394 36.54 -28.38 -6.61
C GLU C 394 37.22 -27.03 -6.71
N ILE C 395 37.68 -26.70 -7.91
CA ILE C 395 38.06 -25.35 -8.32
C ILE C 395 37.34 -25.09 -9.63
N VAL C 396 36.75 -23.93 -9.85
CA VAL C 396 36.32 -23.49 -11.17
C VAL C 396 36.89 -22.14 -11.51
N ILE C 397 37.52 -22.06 -12.67
CA ILE C 397 38.12 -20.85 -13.20
C ILE C 397 37.26 -20.39 -14.36
N THR C 398 36.89 -19.14 -14.36
CA THR C 398 35.99 -18.54 -15.33
C THR C 398 36.73 -17.59 -16.24
N LYS C 399 36.34 -17.64 -17.45
CA LYS C 399 36.91 -16.83 -18.39
C LYS C 399 36.71 -15.45 -18.08
N TYR C 400 36.00 -15.08 -17.04
CA TYR C 400 35.86 -13.65 -16.76
C TYR C 400 36.67 -13.30 -15.61
N GLY C 401 37.53 -14.19 -15.24
CA GLY C 401 38.42 -13.92 -14.18
C GLY C 401 38.23 -14.70 -12.99
N ASP C 402 37.04 -14.80 -12.54
CA ASP C 402 36.72 -15.36 -11.24
C ASP C 402 37.32 -16.76 -11.02
N VAL C 403 37.80 -17.01 -9.79
CA VAL C 403 38.13 -18.36 -9.31
C VAL C 403 37.29 -18.69 -8.09
N TYR C 404 36.54 -19.77 -8.16
CA TYR C 404 35.70 -20.28 -7.09
C TYR C 404 36.28 -21.57 -6.56
N VAL C 405 36.52 -21.66 -5.25
CA VAL C 405 36.98 -22.88 -4.57
C VAL C 405 35.89 -23.36 -3.63
N ASN C 406 35.48 -24.63 -3.69
CA ASN C 406 34.36 -25.17 -2.93
C ASN C 406 33.09 -24.28 -2.99
N GLY C 407 32.82 -23.72 -4.16
CA GLY C 407 31.61 -22.95 -4.44
C GLY C 407 31.65 -21.49 -4.05
N PHE C 408 32.69 -21.00 -3.36
CA PHE C 408 32.81 -19.61 -2.96
C PHE C 408 33.89 -18.87 -3.75
N GLY C 409 33.53 -17.72 -4.32
CA GLY C 409 34.38 -16.95 -5.21
C GLY C 409 35.47 -16.16 -4.51
N TYR C 410 36.61 -16.78 -4.18
CA TYR C 410 37.70 -16.11 -3.48
C TYR C 410 38.28 -14.91 -4.25
N LEU C 411 38.50 -15.08 -5.55
CA LEU C 411 39.23 -14.12 -6.40
C LEU C 411 38.40 -13.59 -7.57
N HIS C 412 38.69 -12.36 -8.00
CA HIS C 412 38.10 -11.69 -9.15
C HIS C 412 39.20 -11.03 -9.99
N LEU C 413 40.00 -11.85 -10.68
CA LEU C 413 41.03 -11.42 -11.63
C LEU C 413 40.42 -10.77 -12.89
N GLY C 414 41.18 -10.48 -13.91
CA GLY C 414 40.58 -9.89 -15.10
C GLY C 414 40.32 -10.88 -16.19
N LEU C 415 40.04 -10.53 -17.42
CA LEU C 415 39.82 -11.54 -18.43
C LEU C 415 40.94 -12.44 -18.69
N LEU C 416 40.77 -13.73 -18.93
CA LEU C 416 41.86 -14.58 -19.22
C LEU C 416 41.86 -15.15 -20.62
N ASP C 417 42.99 -15.30 -21.29
CA ASP C 417 43.18 -16.00 -22.57
C ASP C 417 43.15 -17.52 -22.39
N ALA C 418 43.77 -18.03 -21.32
CA ALA C 418 44.04 -19.44 -21.11
C ALA C 418 44.36 -19.77 -19.66
N VAL C 419 44.36 -21.05 -19.34
CA VAL C 419 45.03 -21.61 -18.18
C VAL C 419 45.94 -22.76 -18.58
N THR C 420 47.09 -22.82 -17.94
CA THR C 420 47.99 -23.97 -17.97
C THR C 420 47.79 -24.67 -16.67
N ILE C 421 47.71 -26.00 -16.69
CA ILE C 421 47.77 -26.78 -15.46
C ILE C 421 48.95 -27.71 -15.44
N ASN C 422 49.35 -28.19 -14.29
CA ASN C 422 50.38 -29.14 -14.14
C ASN C 422 50.12 -29.89 -12.86
N PHE C 423 48.95 -30.44 -12.70
CA PHE C 423 48.46 -31.21 -11.57
C PHE C 423 49.26 -32.49 -11.42
N THR C 424 49.58 -32.90 -10.19
CA THR C 424 50.64 -33.87 -9.93
C THR C 424 50.22 -35.31 -9.56
N GLY C 425 48.96 -35.70 -9.70
CA GLY C 425 48.46 -36.99 -9.23
C GLY C 425 48.17 -37.00 -7.73
N HIS C 426 47.29 -37.90 -7.27
CA HIS C 426 46.79 -37.94 -5.91
C HIS C 426 47.73 -38.71 -4.98
N GLY C 427 47.68 -38.43 -3.68
CA GLY C 427 48.54 -39.05 -2.66
C GLY C 427 48.17 -40.51 -2.45
N THR C 428 49.05 -41.41 -2.86
CA THR C 428 48.75 -42.82 -3.16
C THR C 428 48.51 -43.71 -1.94
N ASP C 429 48.52 -43.16 -0.73
CA ASP C 429 48.07 -43.81 0.51
C ASP C 429 46.56 -43.66 0.77
N ASP C 430 45.86 -42.76 0.07
CA ASP C 430 44.40 -42.71 0.05
C ASP C 430 43.81 -43.78 -0.88
N ASP C 431 42.50 -43.76 -1.12
CA ASP C 431 41.76 -44.73 -1.94
C ASP C 431 42.35 -44.88 -3.35
N VAL C 432 42.45 -43.79 -4.11
CA VAL C 432 43.22 -43.66 -5.36
C VAL C 432 42.88 -44.73 -6.41
N SER C 433 41.58 -44.95 -6.59
CA SER C 433 40.91 -45.59 -7.72
C SER C 433 39.73 -44.74 -8.17
N GLY C 434 39.36 -44.84 -9.45
CA GLY C 434 38.38 -43.99 -10.12
C GLY C 434 39.02 -42.78 -10.79
N PHE C 435 38.18 -41.80 -11.13
CA PHE C 435 38.57 -40.65 -11.95
C PHE C 435 38.33 -39.31 -11.26
N TRP C 436 39.18 -38.35 -11.56
CA TRP C 436 38.99 -36.94 -11.32
C TRP C 436 38.84 -36.25 -12.66
N THR C 437 37.95 -35.27 -12.74
CA THR C 437 37.39 -34.84 -14.00
C THR C 437 37.57 -33.37 -14.21
N ILE C 438 37.93 -32.96 -15.42
CA ILE C 438 37.97 -31.58 -15.84
C ILE C 438 36.80 -31.37 -16.77
N ALA C 439 35.94 -30.41 -16.49
CA ALA C 439 34.80 -30.08 -17.33
C ALA C 439 35.05 -28.75 -18.04
N SER C 440 34.93 -28.75 -19.36
CA SER C 440 34.94 -27.53 -20.15
C SER C 440 33.49 -27.12 -20.32
N THR C 441 33.10 -25.92 -19.91
CA THR C 441 31.69 -25.61 -19.63
C THR C 441 31.27 -24.20 -20.03
N ASN C 442 29.98 -23.98 -20.23
CA ASN C 442 29.42 -22.68 -20.51
C ASN C 442 28.35 -22.37 -19.55
N PHE C 443 28.02 -21.13 -19.37
CA PHE C 443 27.07 -20.75 -18.44
C PHE C 443 25.72 -20.90 -19.04
N VAL C 444 24.75 -21.36 -18.28
CA VAL C 444 23.35 -21.46 -18.69
C VAL C 444 22.44 -21.31 -17.48
N ASP C 445 21.24 -20.79 -17.67
CA ASP C 445 20.21 -20.84 -16.65
C ASP C 445 19.76 -22.26 -16.44
N ALA C 446 19.84 -22.71 -15.19
CA ALA C 446 19.23 -23.95 -14.76
C ALA C 446 18.44 -23.70 -13.49
N LEU C 447 17.33 -24.41 -13.35
CA LEU C 447 16.62 -24.59 -12.11
C LEU C 447 17.37 -25.68 -11.35
N ILE C 448 17.85 -25.37 -10.16
CA ILE C 448 18.73 -26.21 -9.35
C ILE C 448 18.06 -26.40 -8.01
N GLU C 449 18.01 -27.64 -7.54
CA GLU C 449 17.55 -27.96 -6.20
C GLU C 449 18.75 -28.32 -5.35
N VAL C 450 18.87 -27.66 -4.21
CA VAL C 450 19.95 -27.84 -3.25
C VAL C 450 19.41 -28.50 -1.98
N GLN C 451 20.01 -29.58 -1.51
CA GLN C 451 19.79 -30.13 -0.18
C GLN C 451 21.11 -30.13 0.60
N GLY C 452 21.15 -29.53 1.78
CA GLY C 452 22.37 -29.49 2.59
C GLY C 452 23.56 -28.86 1.84
N THR C 453 23.33 -27.77 1.11
CA THR C 453 24.28 -27.14 0.18
C THR C 453 24.75 -27.99 -1.02
N SER C 454 24.22 -29.18 -1.26
CA SER C 454 24.60 -30.07 -2.36
C SER C 454 23.51 -30.20 -3.41
N ILE C 455 23.83 -30.14 -4.71
CA ILE C 455 22.84 -30.28 -5.78
C ILE C 455 22.17 -31.66 -5.75
N GLN C 456 20.84 -31.69 -5.78
CA GLN C 456 20.05 -32.90 -5.96
C GLN C 456 19.58 -33.07 -7.41
N ARG C 457 19.07 -32.01 -8.04
CA ARG C 457 18.46 -32.01 -9.38
C ARG C 457 18.82 -30.75 -10.13
N ILE C 458 18.84 -30.88 -11.44
CA ILE C 458 19.03 -29.81 -12.41
C ILE C 458 17.97 -29.91 -13.50
N LEU C 459 17.44 -28.79 -13.97
CA LEU C 459 16.62 -28.68 -15.16
C LEU C 459 17.10 -27.47 -15.96
N TYR C 460 17.22 -27.58 -17.29
CA TYR C 460 17.87 -26.57 -18.12
C TYR C 460 16.86 -25.67 -18.83
N CYS C 461 17.02 -24.36 -18.72
CA CYS C 461 16.04 -23.39 -19.21
C CYS C 461 16.19 -23.05 -20.72
N ASP C 462 16.39 -24.05 -21.57
CA ASP C 462 16.71 -23.87 -23.00
C ASP C 462 15.77 -24.63 -23.96
N ASP C 463 14.53 -24.87 -23.54
CA ASP C 463 13.40 -25.26 -24.40
C ASP C 463 12.07 -24.68 -23.88
N PRO C 464 11.02 -24.54 -24.72
CA PRO C 464 9.83 -23.75 -24.35
C PRO C 464 8.98 -24.37 -23.24
N VAL C 465 9.07 -25.67 -22.98
CA VAL C 465 8.43 -26.33 -21.83
C VAL C 465 9.25 -26.13 -20.57
N SER C 466 10.58 -26.23 -20.63
CA SER C 466 11.44 -26.03 -19.48
C SER C 466 11.52 -24.57 -19.06
N GLN C 467 11.41 -23.61 -19.97
CA GLN C 467 11.36 -22.18 -19.62
C GLN C 467 10.13 -21.79 -18.81
N LEU C 468 9.01 -22.48 -19.01
CA LEU C 468 7.82 -22.33 -18.17
C LEU C 468 8.12 -22.82 -16.76
N LYS C 469 8.70 -24.02 -16.63
CA LYS C 469 9.09 -24.58 -15.33
C LYS C 469 10.07 -23.71 -14.59
N CYS C 470 11.11 -23.19 -15.25
CA CYS C 470 12.07 -22.26 -14.65
C CYS C 470 11.39 -20.99 -14.14
N SER C 471 10.55 -20.36 -14.95
CA SER C 471 9.81 -19.13 -14.62
C SER C 471 8.83 -19.31 -13.48
N GLN C 472 8.33 -20.52 -13.26
CA GLN C 472 7.45 -20.93 -12.17
C GLN C 472 8.19 -21.54 -10.98
N VAL C 473 9.51 -21.73 -11.06
CA VAL C 473 10.39 -22.31 -10.05
C VAL C 473 9.79 -23.59 -9.46
N ALA C 474 9.53 -24.58 -10.31
CA ALA C 474 9.12 -25.90 -9.91
C ALA C 474 9.61 -26.95 -10.89
N PHE C 475 9.96 -28.13 -10.40
CA PHE C 475 10.42 -29.25 -11.22
C PHE C 475 9.27 -29.98 -11.92
N ASP C 476 8.09 -30.01 -11.31
CA ASP C 476 6.84 -30.43 -11.93
C ASP C 476 5.69 -29.59 -11.38
N LEU C 477 4.63 -29.45 -12.16
CA LEU C 477 3.59 -28.42 -11.99
C LEU C 477 2.20 -29.04 -12.01
N ASP C 478 1.24 -28.36 -11.38
CA ASP C 478 -0.17 -28.67 -11.55
C ASP C 478 -0.64 -28.27 -12.96
N ASP C 479 -1.64 -28.96 -13.50
CA ASP C 479 -2.26 -28.58 -14.78
C ASP C 479 -2.86 -27.18 -14.67
N GLY C 480 -2.67 -26.33 -15.68
CA GLY C 480 -3.15 -24.95 -15.65
C GLY C 480 -2.84 -24.16 -16.91
N PHE C 481 -3.34 -22.93 -16.98
CA PHE C 481 -2.90 -21.95 -17.95
C PHE C 481 -1.85 -21.08 -17.27
N TYR C 482 -0.65 -21.03 -17.82
CA TYR C 482 0.47 -20.25 -17.34
C TYR C 482 0.90 -19.27 -18.43
N PRO C 483 1.19 -18.00 -18.12
CA PRO C 483 1.65 -17.05 -19.12
C PRO C 483 3.07 -17.35 -19.59
N ILE C 484 3.30 -17.25 -20.89
CA ILE C 484 4.60 -17.35 -21.56
C ILE C 484 4.67 -16.30 -22.67
N SER C 485 5.87 -15.98 -23.14
CA SER C 485 6.09 -15.04 -24.25
C SER C 485 6.47 -15.83 -25.50
N SER C 486 6.00 -15.42 -26.66
CA SER C 486 6.40 -16.00 -27.94
C SER C 486 7.93 -16.05 -28.14
N ARG C 487 8.42 -16.99 -28.93
CA ARG C 487 9.81 -17.08 -29.39
C ARG C 487 9.87 -16.58 -30.83
N ASN C 488 10.73 -15.62 -31.13
CA ASN C 488 11.08 -15.23 -32.49
C ASN C 488 12.48 -15.77 -32.82
N LEU C 489 12.59 -16.46 -33.96
CA LEU C 489 13.70 -17.37 -34.28
C LEU C 489 15.00 -16.67 -34.76
N LEU C 490 14.99 -15.33 -34.87
CA LEU C 490 16.00 -14.55 -35.59
C LEU C 490 17.39 -14.49 -34.92
N SER C 491 17.52 -14.97 -33.68
CA SER C 491 18.79 -15.38 -33.07
C SER C 491 19.89 -14.30 -33.07
N HIS C 492 19.51 -13.05 -32.81
CA HIS C 492 20.39 -11.85 -32.80
C HIS C 492 21.09 -11.50 -34.12
N GLU C 493 20.57 -11.96 -35.26
CA GLU C 493 20.94 -11.48 -36.60
C GLU C 493 20.28 -10.13 -36.97
N GLN C 494 19.28 -9.71 -36.19
CA GLN C 494 18.32 -8.62 -36.41
C GLN C 494 18.89 -7.33 -37.02
N PRO C 495 18.23 -6.71 -38.01
CA PRO C 495 18.68 -5.46 -38.61
C PRO C 495 18.63 -4.27 -37.66
N ILE C 496 19.50 -3.29 -37.91
CA ILE C 496 19.44 -1.97 -37.28
C ILE C 496 18.58 -1.05 -38.13
N SER C 497 17.88 -0.12 -37.50
CA SER C 497 17.09 0.92 -38.15
C SER C 497 17.21 2.25 -37.41
N PHE C 498 17.20 3.36 -38.14
CA PHE C 498 17.33 4.72 -37.63
C PHE C 498 16.31 5.60 -38.34
N VAL C 499 15.54 6.39 -37.60
CA VAL C 499 14.62 7.38 -38.19
C VAL C 499 14.78 8.70 -37.46
N THR C 500 14.99 9.77 -38.19
CA THR C 500 15.28 11.11 -37.66
C THR C 500 14.73 12.19 -38.58
N LEU C 501 14.58 13.42 -38.08
CA LEU C 501 14.00 14.53 -38.86
C LEU C 501 14.81 14.72 -40.14
N PRO C 502 14.20 14.90 -41.31
CA PRO C 502 14.84 14.65 -42.60
C PRO C 502 16.14 15.43 -42.78
N SER C 503 17.18 14.77 -43.30
CA SER C 503 18.52 15.35 -43.42
C SER C 503 19.32 14.78 -44.58
N PHE C 504 20.29 15.51 -45.11
CA PHE C 504 21.39 14.92 -45.87
C PHE C 504 22.51 14.55 -44.89
N ASN C 505 23.67 14.05 -45.32
CA ASN C 505 24.81 13.89 -44.42
C ASN C 505 25.55 15.20 -44.20
N ASP C 506 25.02 16.07 -43.35
CA ASP C 506 25.75 17.19 -42.77
C ASP C 506 26.59 16.65 -41.61
N HIS C 507 27.77 16.15 -41.91
CA HIS C 507 28.60 15.41 -40.97
C HIS C 507 29.90 16.14 -40.61
N SER C 508 30.22 16.28 -39.33
CA SER C 508 31.60 16.62 -38.95
C SER C 508 32.08 15.76 -37.79
N PHE C 509 33.30 15.26 -37.91
CA PHE C 509 33.97 14.52 -36.86
C PHE C 509 34.25 15.44 -35.69
N VAL C 510 34.29 14.85 -34.50
CA VAL C 510 34.88 15.48 -33.35
C VAL C 510 35.96 14.48 -33.02
N ASN C 511 37.25 14.86 -33.28
CA ASN C 511 38.40 14.07 -32.99
C ASN C 511 39.17 14.48 -31.81
N ILE C 512 39.63 13.60 -30.95
CA ILE C 512 40.13 13.99 -29.66
C ILE C 512 41.43 13.28 -29.52
N THR C 513 42.47 14.05 -29.25
CA THR C 513 43.80 13.52 -29.06
C THR C 513 44.08 13.60 -27.58
N VAL C 514 44.40 12.48 -26.99
CA VAL C 514 44.97 12.40 -25.65
C VAL C 514 46.43 12.14 -25.86
N SER C 515 47.28 13.07 -25.45
CA SER C 515 48.72 12.93 -25.54
C SER C 515 49.29 12.94 -24.14
N ALA C 516 50.19 12.02 -23.86
CA ALA C 516 50.88 11.92 -22.59
C ALA C 516 52.25 11.29 -22.78
N ALA C 517 53.14 11.56 -21.83
CA ALA C 517 54.47 11.01 -21.77
C ALA C 517 54.68 10.39 -20.39
N PHE C 518 55.62 9.48 -20.30
CA PHE C 518 55.96 8.76 -19.07
C PHE C 518 57.47 8.61 -18.89
N GLY C 519 57.91 8.39 -17.66
CA GLY C 519 59.31 8.13 -17.31
C GLY C 519 59.46 7.61 -15.89
N GLY C 520 60.69 7.62 -15.39
CA GLY C 520 61.06 7.05 -14.08
C GLY C 520 61.37 5.56 -14.12
N LEU C 521 62.54 5.16 -13.62
CA LEU C 521 62.96 3.75 -13.53
C LEU C 521 62.61 3.09 -12.20
N SER C 522 62.39 3.88 -11.14
CA SER C 522 61.92 3.42 -9.83
C SER C 522 60.43 3.02 -9.86
N SER C 523 59.62 3.78 -10.59
CA SER C 523 58.26 3.43 -11.02
C SER C 523 57.88 4.23 -12.28
N ALA C 524 56.97 3.70 -13.10
CA ALA C 524 56.36 4.45 -14.20
C ALA C 524 55.44 5.55 -13.67
N ASN C 525 55.65 6.79 -14.12
CA ASN C 525 54.88 7.98 -13.74
C ASN C 525 54.71 8.95 -14.91
N LEU C 526 53.73 9.86 -14.86
CA LEU C 526 53.28 10.67 -16.01
C LEU C 526 53.85 12.09 -16.02
N VAL C 527 54.22 12.58 -17.20
CA VAL C 527 54.61 13.98 -17.47
C VAL C 527 53.97 14.51 -18.75
N ALA C 528 53.90 15.83 -18.89
CA ALA C 528 53.62 16.54 -20.14
C ALA C 528 52.32 16.13 -20.87
N SER C 529 51.24 15.84 -20.14
CA SER C 529 49.92 15.57 -20.73
C SER C 529 49.34 16.79 -21.46
N ASP C 530 48.69 16.56 -22.58
CA ASP C 530 47.83 17.53 -23.25
C ASP C 530 46.67 16.83 -23.97
N THR C 531 45.57 17.55 -24.14
CA THR C 531 44.34 17.11 -24.80
C THR C 531 43.94 18.15 -25.83
N THR C 532 43.48 17.76 -27.00
CA THR C 532 42.84 18.68 -27.93
C THR C 532 41.69 18.02 -28.63
N ILE C 533 40.67 18.80 -28.97
CA ILE C 533 39.51 18.40 -29.76
C ILE C 533 39.63 19.16 -31.08
N ASN C 534 39.75 18.49 -32.22
CA ASN C 534 39.97 19.08 -33.53
C ASN C 534 41.10 20.15 -33.57
N GLY C 535 42.07 20.06 -32.65
CA GLY C 535 43.16 21.03 -32.51
C GLY C 535 42.95 22.19 -31.52
N PHE C 536 41.87 22.21 -30.75
CA PHE C 536 41.46 23.30 -29.85
C PHE C 536 41.06 22.79 -28.45
N SER C 537 40.97 23.71 -27.47
CA SER C 537 40.64 23.40 -26.07
C SER C 537 39.16 23.00 -25.88
N SER C 538 38.27 23.56 -26.69
CA SER C 538 36.84 23.23 -26.72
C SER C 538 36.30 23.26 -28.14
N PHE C 539 35.20 22.57 -28.36
CA PHE C 539 34.52 22.47 -29.64
C PHE C 539 33.02 22.35 -29.40
N CYS C 540 32.18 22.85 -30.29
CA CYS C 540 30.75 22.61 -30.24
C CYS C 540 30.19 22.18 -31.59
N VAL C 541 29.39 21.12 -31.61
CA VAL C 541 28.84 20.53 -32.82
C VAL C 541 27.75 21.41 -33.39
N ASP C 542 27.90 21.80 -34.64
CA ASP C 542 26.95 22.57 -35.43
C ASP C 542 26.30 21.73 -36.54
N THR C 543 27.05 20.80 -37.13
CA THR C 543 26.55 19.83 -38.10
C THR C 543 25.57 18.84 -37.48
N ARG C 544 24.61 18.33 -38.24
CA ARG C 544 23.57 17.40 -37.75
C ARG C 544 23.99 15.96 -37.51
N GLN C 545 25.14 15.50 -37.98
CA GLN C 545 25.76 14.27 -37.47
C GLN C 545 27.18 14.52 -37.03
N PHE C 546 27.63 13.71 -36.07
CA PHE C 546 29.00 13.66 -35.63
C PHE C 546 29.47 12.26 -35.22
N THR C 547 30.78 12.04 -35.25
CA THR C 547 31.42 10.85 -34.70
C THR C 547 32.49 11.31 -33.75
N ILE C 548 32.48 10.83 -32.52
CA ILE C 548 33.63 11.02 -31.62
C ILE C 548 34.64 9.93 -31.90
N THR C 549 35.91 10.30 -32.05
CA THR C 549 37.02 9.36 -32.16
C THR C 549 38.15 9.74 -31.23
N LEU C 550 38.73 8.77 -30.53
CA LEU C 550 39.89 8.96 -29.66
C LEU C 550 41.18 8.52 -30.35
N PHE C 551 42.18 9.40 -30.33
CA PHE C 551 43.54 9.09 -30.69
C PHE C 551 44.37 9.24 -29.43
N TYR C 552 45.12 8.20 -29.08
CA TYR C 552 46.04 8.25 -27.96
C TYR C 552 47.45 8.32 -28.52
N ASN C 553 48.25 9.23 -28.02
CA ASN C 553 49.56 9.35 -28.48
C ASN C 553 50.55 9.02 -27.39
N VAL C 554 50.24 8.13 -26.52
CA VAL C 554 51.01 7.70 -25.34
C VAL C 554 52.36 7.11 -25.73
N THR C 555 53.42 7.47 -25.01
CA THR C 555 54.81 7.06 -25.30
C THR C 555 55.51 6.37 -24.11
N ASN C 556 54.90 5.32 -23.56
CA ASN C 556 55.42 4.61 -22.38
C ASN C 556 56.67 3.75 -22.68
N SER C 557 57.79 4.07 -22.06
CA SER C 557 59.07 3.34 -22.18
C SER C 557 59.05 1.91 -21.63
N TYR C 558 58.13 1.59 -20.73
CA TYR C 558 57.89 0.24 -20.22
C TYR C 558 57.17 -0.67 -21.24
N GLY C 559 56.77 -0.14 -22.40
CA GLY C 559 56.38 -0.90 -23.59
C GLY C 559 54.92 -0.79 -24.04
N TYR C 560 53.97 -0.61 -23.11
CA TYR C 560 52.53 -0.60 -23.42
C TYR C 560 51.69 0.12 -22.36
N VAL C 561 50.43 0.49 -22.68
CA VAL C 561 49.51 1.18 -21.77
C VAL C 561 48.08 0.67 -21.97
N SER C 562 47.45 0.15 -20.93
CA SER C 562 46.00 -0.11 -20.94
C SER C 562 45.25 1.15 -20.55
N LYS C 563 44.05 1.36 -21.10
CA LYS C 563 43.28 2.60 -21.00
C LYS C 563 41.84 2.34 -20.59
N SER C 564 41.25 3.20 -19.77
CA SER C 564 39.87 3.07 -19.26
C SER C 564 39.16 4.41 -19.12
N GLN C 565 37.84 4.36 -18.89
CA GLN C 565 36.97 5.53 -18.76
C GLN C 565 36.16 5.50 -17.46
N ASP C 566 35.95 6.64 -16.83
CA ASP C 566 34.86 6.86 -15.86
C ASP C 566 33.84 7.86 -16.41
N SER C 567 32.56 7.48 -16.45
CA SER C 567 31.45 8.32 -16.93
C SER C 567 30.58 8.83 -15.79
N ASN C 568 30.45 10.15 -15.67
CA ASN C 568 29.32 10.82 -15.02
C ASN C 568 28.15 10.97 -16.00
N CYS C 569 28.44 11.08 -17.29
CA CYS C 569 27.46 11.29 -18.35
C CYS C 569 26.53 10.09 -18.54
N PRO C 570 25.33 10.26 -19.13
CA PRO C 570 24.47 9.18 -19.58
C PRO C 570 24.95 8.59 -20.91
N PHE C 571 26.25 8.44 -21.08
CA PHE C 571 26.94 7.82 -22.21
C PHE C 571 28.41 7.52 -21.87
N THR C 572 29.03 6.75 -22.74
CA THR C 572 30.47 6.50 -22.87
C THR C 572 30.87 6.92 -24.28
N LEU C 573 32.12 7.25 -24.60
CA LEU C 573 32.45 7.85 -25.91
C LEU C 573 32.02 6.99 -27.10
N GLN C 574 32.33 5.69 -27.08
CA GLN C 574 31.87 4.72 -28.07
C GLN C 574 30.34 4.59 -28.13
N SER C 575 29.65 4.79 -27.03
CA SER C 575 28.19 4.86 -27.01
C SER C 575 27.61 6.13 -27.63
N VAL C 576 28.25 7.31 -27.53
CA VAL C 576 27.75 8.53 -28.16
C VAL C 576 27.55 8.30 -29.65
N ASN C 577 28.42 7.51 -30.26
CA ASN C 577 28.32 7.12 -31.67
C ASN C 577 27.07 6.29 -32.02
N ASP C 578 26.48 5.50 -31.12
CA ASP C 578 25.32 4.64 -31.39
C ASP C 578 23.97 5.40 -31.41
N TYR C 579 23.84 6.34 -32.34
CA TYR C 579 22.60 7.04 -32.68
C TYR C 579 21.94 7.84 -31.54
N LEU C 580 22.65 8.23 -30.49
CA LEU C 580 22.12 9.15 -29.48
C LEU C 580 21.85 10.52 -30.09
N SER C 581 20.76 11.17 -29.69
CA SER C 581 20.28 12.44 -30.24
C SER C 581 20.22 13.57 -29.21
N PHE C 582 20.57 14.78 -29.63
CA PHE C 582 20.75 15.98 -28.82
C PHE C 582 20.23 17.24 -29.53
N SER C 583 19.93 18.30 -28.78
CA SER C 583 19.60 19.63 -29.27
C SER C 583 20.81 20.54 -29.40
N LYS C 584 21.81 20.38 -28.54
CA LYS C 584 23.17 20.92 -28.67
C LYS C 584 24.16 19.95 -28.04
N PHE C 585 25.42 20.00 -28.47
CA PHE C 585 26.46 19.14 -27.94
C PHE C 585 27.83 19.81 -28.04
N CYS C 586 28.40 20.23 -26.90
CA CYS C 586 29.72 20.82 -26.84
C CYS C 586 30.62 20.01 -25.94
N VAL C 587 31.89 19.91 -26.29
CA VAL C 587 32.91 19.11 -25.62
C VAL C 587 34.09 20.00 -25.30
N SER C 588 34.66 19.89 -24.11
CA SER C 588 35.76 20.76 -23.69
C SER C 588 36.73 20.06 -22.77
N THR C 589 37.99 20.48 -22.80
CA THR C 589 39.04 20.05 -21.86
C THR C 589 38.92 20.74 -20.49
N SER C 590 38.11 21.79 -20.43
CA SER C 590 37.89 22.72 -19.31
C SER C 590 36.41 22.75 -18.95
N LEU C 591 36.06 22.97 -17.68
CA LEU C 591 34.66 22.85 -17.23
C LEU C 591 33.72 23.80 -17.99
N LEU C 592 32.50 23.33 -18.24
CA LEU C 592 31.38 24.01 -18.93
C LEU C 592 30.14 23.94 -18.03
N ALA C 593 29.16 24.83 -18.21
CA ALA C 593 28.12 25.08 -17.22
C ALA C 593 27.33 23.85 -16.73
N GLY C 594 26.63 23.14 -17.61
CA GLY C 594 25.84 21.97 -17.23
C GLY C 594 26.63 20.66 -17.15
N ALA C 595 27.96 20.72 -17.22
CA ALA C 595 28.76 19.61 -17.73
C ALA C 595 28.74 18.32 -16.93
N CYS C 596 28.91 17.21 -17.66
CA CYS C 596 29.23 15.90 -17.12
C CYS C 596 30.61 15.47 -17.61
N THR C 597 31.37 14.79 -16.77
CA THR C 597 32.73 14.35 -17.04
C THR C 597 32.78 12.95 -17.66
N ILE C 598 33.66 12.77 -18.63
CA ILE C 598 34.31 11.49 -18.94
C ILE C 598 35.78 11.68 -18.58
N ASP C 599 36.34 10.85 -17.71
CA ASP C 599 37.75 10.88 -17.35
C ASP C 599 38.44 9.68 -17.96
N LEU C 600 39.60 9.89 -18.59
CA LEU C 600 40.35 8.84 -19.28
C LEU C 600 41.64 8.52 -18.54
N PHE C 601 41.83 7.28 -18.12
CA PHE C 601 42.95 6.85 -17.29
C PHE C 601 43.83 5.87 -18.05
N GLY C 602 45.14 5.98 -17.90
CA GLY C 602 46.11 4.99 -18.32
C GLY C 602 46.65 4.20 -17.13
N TYR C 603 47.19 3.01 -17.38
CA TYR C 603 47.84 2.15 -16.39
C TYR C 603 49.25 1.73 -16.86
N PRO C 604 50.22 2.64 -16.95
CA PRO C 604 51.54 2.38 -17.55
C PRO C 604 52.37 1.31 -16.81
N ALA C 605 52.17 1.19 -15.49
CA ALA C 605 52.54 0.04 -14.67
C ALA C 605 51.32 -0.37 -13.82
N PHE C 606 51.01 -1.66 -13.77
CA PHE C 606 49.68 -2.14 -13.41
C PHE C 606 49.31 -1.88 -11.94
N GLY C 607 48.01 -1.72 -11.67
CA GLY C 607 47.45 -1.33 -10.37
C GLY C 607 46.88 0.09 -10.42
N SER C 608 47.44 1.00 -9.63
CA SER C 608 47.05 2.41 -9.62
C SER C 608 47.34 3.07 -10.98
N GLY C 609 46.29 3.51 -11.69
CA GLY C 609 46.43 4.27 -12.92
C GLY C 609 46.73 5.75 -12.71
N VAL C 610 46.94 6.49 -13.79
CA VAL C 610 47.07 7.94 -13.83
C VAL C 610 46.03 8.52 -14.76
N LYS C 611 45.36 9.60 -14.37
CA LYS C 611 44.43 10.32 -15.24
C LYS C 611 45.21 11.01 -16.36
N LEU C 612 44.87 10.72 -17.60
CA LEU C 612 45.44 11.39 -18.77
C LEU C 612 44.72 12.70 -19.03
N THR C 613 43.39 12.67 -19.10
CA THR C 613 42.54 13.81 -19.46
C THR C 613 41.18 13.71 -18.82
N SER C 614 40.50 14.85 -18.72
CA SER C 614 39.09 14.97 -18.41
C SER C 614 38.42 15.69 -19.57
N LEU C 615 37.37 15.10 -20.12
CA LEU C 615 36.54 15.70 -21.15
C LEU C 615 35.21 16.06 -20.51
N TYR C 616 34.82 17.31 -20.59
CA TYR C 616 33.58 17.82 -20.03
C TYR C 616 32.60 18.03 -21.16
N PHE C 617 31.45 17.39 -21.09
CA PHE C 617 30.42 17.42 -22.11
C PHE C 617 29.26 18.24 -21.61
N GLN C 618 28.83 19.21 -22.40
CA GLN C 618 27.59 19.92 -22.21
C GLN C 618 26.66 19.51 -23.33
N PHE C 619 25.50 19.01 -22.99
CA PHE C 619 24.57 18.44 -23.94
C PHE C 619 23.15 18.75 -23.49
N THR C 620 22.19 18.72 -24.40
CA THR C 620 20.78 18.86 -24.06
C THR C 620 19.97 17.87 -24.87
N LYS C 621 19.07 17.12 -24.25
CA LYS C 621 18.25 16.09 -24.91
C LYS C 621 17.39 16.72 -26.01
N GLY C 622 17.25 16.07 -27.15
CA GLY C 622 16.50 16.60 -28.28
C GLY C 622 16.54 15.73 -29.54
N GLU C 623 16.39 16.36 -30.70
CA GLU C 623 16.04 15.67 -31.96
C GLU C 623 16.99 15.92 -33.13
N LEU C 624 17.73 17.04 -33.17
CA LEU C 624 18.39 17.51 -34.40
C LEU C 624 19.79 16.94 -34.62
N ILE C 625 20.68 17.01 -33.63
CA ILE C 625 22.06 16.53 -33.72
C ILE C 625 22.10 15.07 -33.30
N THR C 626 22.61 14.15 -34.13
CA THR C 626 22.75 12.74 -33.75
C THR C 626 24.17 12.26 -33.85
N GLY C 627 24.63 11.55 -32.83
CA GLY C 627 25.85 10.77 -32.88
C GLY C 627 25.71 9.66 -33.91
N THR C 628 26.81 9.25 -34.50
CA THR C 628 26.81 8.31 -35.62
C THR C 628 28.13 7.53 -35.71
N PRO C 629 28.17 6.29 -36.21
CA PRO C 629 29.41 5.53 -36.29
C PRO C 629 30.34 5.94 -37.44
N LYS C 630 29.77 6.24 -38.61
CA LYS C 630 30.47 6.68 -39.82
C LYS C 630 29.58 7.63 -40.62
N PRO C 631 30.11 8.57 -41.43
CA PRO C 631 29.28 9.42 -42.26
C PRO C 631 28.40 8.57 -43.17
N LEU C 632 27.07 8.65 -42.99
CA LEU C 632 26.10 7.71 -43.55
C LEU C 632 25.28 8.35 -44.68
N GLU C 633 25.25 7.74 -45.86
CA GLU C 633 24.91 8.46 -47.09
C GLU C 633 23.41 8.68 -47.30
N GLY C 634 23.08 9.72 -48.05
CA GLY C 634 21.72 10.12 -48.38
C GLY C 634 21.63 11.50 -49.03
N ILE C 635 20.49 11.79 -49.67
CA ILE C 635 20.24 13.06 -50.38
C ILE C 635 19.04 13.82 -49.81
N THR C 636 17.91 13.16 -49.55
CA THR C 636 16.71 13.79 -48.92
C THR C 636 16.60 13.45 -47.44
N ASP C 637 16.90 12.21 -47.09
CA ASP C 637 16.83 11.67 -45.73
C ASP C 637 18.02 10.75 -45.48
N VAL C 638 18.46 10.71 -44.24
CA VAL C 638 19.59 9.93 -43.72
C VAL C 638 19.09 8.63 -43.05
N SER C 639 17.79 8.55 -42.77
CA SER C 639 17.11 7.45 -42.10
C SER C 639 17.11 6.17 -42.92
N PHE C 640 17.08 5.03 -42.27
CA PHE C 640 16.96 3.72 -42.89
C PHE C 640 16.10 2.80 -42.03
N MET C 641 15.28 2.00 -42.68
CA MET C 641 14.35 1.05 -42.06
C MET C 641 14.38 -0.30 -42.74
N THR C 642 14.18 -1.35 -41.96
CA THR C 642 13.68 -2.64 -42.45
C THR C 642 12.30 -2.84 -41.86
N LEU C 643 11.28 -3.01 -42.69
CA LEU C 643 9.91 -3.25 -42.26
C LEU C 643 9.65 -4.75 -42.08
N ASP C 644 8.59 -5.12 -41.36
CA ASP C 644 8.11 -6.49 -41.16
C ASP C 644 9.04 -7.49 -40.42
N VAL C 645 10.20 -7.07 -39.91
CA VAL C 645 11.19 -7.91 -39.23
C VAL C 645 11.50 -7.34 -37.84
N CYS C 646 11.85 -8.16 -36.85
CA CYS C 646 12.26 -7.62 -35.55
C CYS C 646 13.58 -6.87 -35.70
N THR C 647 13.59 -5.55 -35.50
CA THR C 647 14.73 -4.66 -35.73
C THR C 647 15.09 -3.85 -34.50
N LYS C 648 16.39 -3.57 -34.33
CA LYS C 648 16.93 -2.79 -33.22
C LYS C 648 16.92 -1.31 -33.60
N TYR C 649 15.78 -0.67 -33.38
CA TYR C 649 15.50 0.65 -33.88
C TYR C 649 16.06 1.77 -33.01
N THR C 650 16.19 2.95 -33.59
CA THR C 650 16.32 4.23 -32.91
C THR C 650 15.50 5.22 -33.71
N ILE C 651 14.29 5.51 -33.26
CA ILE C 651 13.34 6.36 -33.97
C ILE C 651 13.13 7.59 -33.12
N TYR C 652 13.43 8.79 -33.61
CA TYR C 652 13.25 10.06 -32.88
C TYR C 652 13.72 9.98 -31.41
N GLY C 653 14.82 9.29 -31.14
CA GLY C 653 15.39 9.15 -29.81
C GLY C 653 14.77 8.09 -28.89
N PHE C 654 13.93 7.20 -29.40
CA PHE C 654 13.44 6.03 -28.67
C PHE C 654 14.20 4.82 -29.18
N LYS C 655 14.72 4.02 -28.27
CA LYS C 655 15.46 2.80 -28.54
C LYS C 655 14.68 1.59 -28.11
N GLY C 656 14.76 0.52 -28.87
CA GLY C 656 14.09 -0.73 -28.56
C GLY C 656 14.35 -1.79 -29.62
N GLU C 657 13.65 -2.91 -29.47
CA GLU C 657 13.49 -3.92 -30.47
C GLU C 657 12.01 -4.00 -30.80
N GLY C 658 11.64 -4.14 -32.06
CA GLY C 658 10.25 -4.20 -32.47
C GLY C 658 10.08 -4.42 -33.95
N ILE C 659 8.85 -4.61 -34.37
CA ILE C 659 8.47 -4.76 -35.77
C ILE C 659 7.84 -3.47 -36.21
N ILE C 660 8.29 -2.92 -37.32
CA ILE C 660 7.81 -1.65 -37.88
C ILE C 660 6.98 -1.99 -39.10
N THR C 661 5.73 -1.53 -39.17
CA THR C 661 4.82 -1.81 -40.29
C THR C 661 4.14 -0.54 -40.77
N LEU C 662 3.91 -0.39 -42.07
CA LEU C 662 3.22 0.76 -42.63
C LEU C 662 1.72 0.65 -42.40
N THR C 663 1.08 1.70 -41.91
CA THR C 663 -0.36 1.75 -41.65
C THR C 663 -1.01 2.89 -42.41
N ASN C 664 -2.20 2.64 -42.98
CA ASN C 664 -2.81 3.74 -43.66
C ASN C 664 -3.61 4.72 -42.85
N SER C 665 -3.36 4.77 -41.59
CA SER C 665 -4.02 5.62 -40.60
C SER C 665 -3.44 7.04 -40.50
N SER C 666 -3.32 7.80 -41.58
CA SER C 666 -2.69 9.14 -41.57
C SER C 666 -3.15 10.07 -40.43
N ILE C 667 -2.22 10.73 -39.74
CA ILE C 667 -2.45 11.64 -38.59
C ILE C 667 -1.87 13.02 -38.86
N LEU C 668 -2.64 14.08 -38.60
CA LEU C 668 -2.41 15.40 -39.17
C LEU C 668 -1.53 16.35 -38.33
N ALA C 669 -0.98 15.88 -37.21
CA ALA C 669 -0.13 16.67 -36.32
C ALA C 669 0.92 15.82 -35.60
N GLY C 670 2.00 16.43 -35.12
CA GLY C 670 3.05 15.74 -34.37
C GLY C 670 3.95 14.84 -35.21
N VAL C 671 4.89 14.15 -34.55
CA VAL C 671 5.87 13.27 -35.22
C VAL C 671 5.94 11.87 -34.61
N TYR C 672 5.76 11.73 -33.30
CA TYR C 672 5.68 10.43 -32.62
C TYR C 672 4.54 10.36 -31.60
N TYR C 673 3.86 9.22 -31.58
CA TYR C 673 2.75 8.89 -30.70
C TYR C 673 3.17 7.79 -29.73
N THR C 674 2.98 8.00 -28.44
CA THR C 674 3.40 7.09 -27.37
C THR C 674 2.21 6.76 -26.47
N SER C 675 2.19 5.57 -25.90
CA SER C 675 1.25 5.16 -24.86
C SER C 675 1.46 5.91 -23.54
N ASP C 676 0.63 5.65 -22.54
CA ASP C 676 0.86 6.09 -21.16
C ASP C 676 2.07 5.36 -20.56
N SER C 677 2.13 4.03 -20.71
CA SER C 677 3.37 3.26 -20.71
C SER C 677 4.31 3.92 -21.71
N GLY C 678 5.46 4.43 -21.28
CA GLY C 678 6.15 5.53 -21.98
C GLY C 678 6.69 5.27 -23.39
N GLN C 679 6.49 4.06 -23.92
CA GLN C 679 7.05 3.56 -25.17
C GLN C 679 6.33 4.06 -26.42
N LEU C 680 7.01 3.92 -27.56
CA LEU C 680 6.53 4.29 -28.88
C LEU C 680 5.44 3.35 -29.38
N LEU C 681 4.39 3.90 -29.99
CA LEU C 681 3.33 3.15 -30.66
C LEU C 681 3.36 3.37 -32.17
N ALA C 682 3.59 4.61 -32.60
CA ALA C 682 3.67 4.96 -34.00
C ALA C 682 4.46 6.23 -34.23
N PHE C 683 4.88 6.48 -35.47
CA PHE C 683 5.63 7.65 -35.88
C PHE C 683 5.38 8.01 -37.35
N LYS C 684 5.68 9.24 -37.78
CA LYS C 684 5.54 9.70 -39.16
C LYS C 684 6.87 9.72 -39.89
N ASN C 685 6.81 9.62 -41.16
CA ASN C 685 7.89 9.81 -41.99
C ASN C 685 7.44 11.14 -42.35
N VAL C 686 8.07 12.13 -41.85
CA VAL C 686 7.55 13.49 -41.90
C VAL C 686 7.72 14.14 -43.28
N THR C 687 8.58 13.60 -44.16
CA THR C 687 8.70 14.09 -45.55
C THR C 687 7.67 13.51 -46.50
N SER C 688 6.75 12.66 -46.02
CA SER C 688 5.79 11.88 -46.81
C SER C 688 4.36 11.99 -46.28
N GLY C 689 4.18 11.89 -44.97
CA GLY C 689 2.88 11.77 -44.33
C GLY C 689 2.57 10.35 -43.89
N ALA C 690 3.23 9.36 -44.48
CA ALA C 690 3.11 7.95 -44.13
C ALA C 690 3.41 7.73 -42.66
N VAL C 691 2.54 6.97 -42.00
CA VAL C 691 2.63 6.67 -40.57
C VAL C 691 2.90 5.19 -40.38
N TYR C 692 3.81 4.90 -39.47
CA TYR C 692 4.35 3.58 -39.23
C TYR C 692 4.10 3.23 -37.79
N SER C 693 3.80 1.98 -37.51
CA SER C 693 3.48 1.50 -36.18
C SER C 693 4.54 0.54 -35.70
N VAL C 694 4.82 0.57 -34.41
CA VAL C 694 5.80 -0.27 -33.74
C VAL C 694 5.10 -1.26 -32.82
N THR C 695 5.37 -2.55 -32.97
CA THR C 695 4.94 -3.61 -32.05
C THR C 695 6.18 -4.22 -31.37
N PRO C 696 6.12 -4.70 -30.13
CA PRO C 696 7.14 -5.62 -29.64
C PRO C 696 7.20 -6.84 -30.56
N CYS C 697 8.31 -7.55 -30.62
CA CYS C 697 8.45 -8.71 -31.50
C CYS C 697 8.33 -10.07 -30.80
N SER C 698 8.18 -10.08 -29.47
CA SER C 698 7.68 -11.21 -28.70
C SER C 698 6.44 -10.78 -27.93
N PHE C 699 5.28 -11.29 -28.32
CA PHE C 699 4.00 -11.03 -27.67
C PHE C 699 3.70 -12.03 -26.55
N SER C 700 2.87 -11.67 -25.58
CA SER C 700 2.46 -12.57 -24.49
C SER C 700 1.37 -13.55 -24.92
N GLU C 701 1.39 -14.75 -24.38
CA GLU C 701 0.53 -15.90 -24.71
C GLU C 701 0.18 -16.65 -23.43
N GLN C 702 -0.87 -17.48 -23.41
CA GLN C 702 -1.18 -18.36 -22.29
C GLN C 702 -1.07 -19.79 -22.75
N ALA C 703 -0.26 -20.60 -22.07
CA ALA C 703 0.02 -21.96 -22.44
C ALA C 703 -0.82 -22.91 -21.62
N ALA C 704 -1.63 -23.73 -22.26
CA ALA C 704 -2.33 -24.81 -21.59
C ALA C 704 -1.33 -25.91 -21.31
N TYR C 705 -0.96 -26.07 -20.05
CA TYR C 705 -0.04 -27.10 -19.58
C TYR C 705 -0.86 -28.18 -18.90
N VAL C 706 -0.84 -29.42 -19.41
CA VAL C 706 -1.54 -30.55 -18.80
C VAL C 706 -0.68 -31.80 -18.90
N ASN C 707 -0.60 -32.63 -17.86
CA ASN C 707 0.21 -33.85 -17.84
C ASN C 707 1.67 -33.64 -18.31
N ASP C 708 2.32 -32.61 -17.79
CA ASP C 708 3.74 -32.31 -18.04
C ASP C 708 4.13 -32.06 -19.51
N ASP C 709 3.25 -31.46 -20.30
CA ASP C 709 3.56 -30.85 -21.60
C ASP C 709 2.67 -29.64 -21.88
N ILE C 710 3.14 -28.71 -22.70
CA ILE C 710 2.28 -27.68 -23.28
C ILE C 710 1.54 -28.34 -24.42
N VAL C 711 0.24 -28.53 -24.21
CA VAL C 711 -0.64 -29.20 -25.17
C VAL C 711 -1.24 -28.24 -26.18
N GLY C 712 -1.31 -26.97 -25.83
CA GLY C 712 -1.71 -25.91 -26.74
C GLY C 712 -1.47 -24.53 -26.18
N VAL C 713 -1.48 -23.52 -27.02
CA VAL C 713 -1.17 -22.14 -26.65
C VAL C 713 -2.21 -21.20 -27.20
N ILE C 714 -2.69 -20.28 -26.38
CA ILE C 714 -3.60 -19.19 -26.73
C ILE C 714 -2.76 -17.96 -27.03
N SER C 715 -2.95 -17.35 -28.19
CA SER C 715 -2.07 -16.34 -28.74
C SER C 715 -2.80 -15.24 -29.49
N SER C 716 -2.11 -14.14 -29.74
CA SER C 716 -2.44 -13.14 -30.74
C SER C 716 -1.97 -13.49 -32.16
N LEU C 717 -1.09 -14.46 -32.33
CA LEU C 717 -0.41 -14.79 -33.58
C LEU C 717 -1.17 -15.82 -34.43
N SER C 718 -1.08 -15.67 -35.75
CA SER C 718 -1.70 -16.59 -36.71
C SER C 718 -0.87 -17.85 -36.96
N ASN C 719 0.42 -17.85 -36.63
CA ASN C 719 1.37 -18.92 -36.89
C ASN C 719 2.22 -19.27 -35.64
N SER C 720 2.41 -20.56 -35.39
CA SER C 720 3.15 -21.10 -34.23
C SER C 720 3.66 -22.51 -34.50
N THR C 721 4.55 -23.03 -33.67
CA THR C 721 5.28 -24.30 -33.83
C THR C 721 4.45 -25.56 -33.52
N PHE C 722 3.12 -25.47 -33.57
CA PHE C 722 2.19 -26.58 -33.42
C PHE C 722 1.47 -26.81 -34.76
N ASN C 723 1.15 -28.01 -35.07
CA ASN C 723 0.64 -28.21 -36.36
C ASN C 723 -0.63 -27.94 -36.81
N ASN C 724 -1.49 -27.62 -35.94
CA ASN C 724 -2.83 -27.12 -36.20
C ASN C 724 -3.11 -25.79 -35.47
N THR C 725 -3.80 -24.88 -36.14
CA THR C 725 -4.27 -23.59 -35.61
C THR C 725 -5.75 -23.39 -35.89
N ARG C 726 -6.46 -22.89 -34.90
CA ARG C 726 -7.89 -22.62 -34.88
C ARG C 726 -8.12 -21.18 -34.47
N GLU C 727 -9.05 -20.48 -35.09
CA GLU C 727 -9.34 -19.09 -34.82
C GLU C 727 -10.62 -18.99 -34.01
N LEU C 728 -10.62 -18.21 -32.95
CA LEU C 728 -11.78 -17.95 -32.09
C LEU C 728 -11.95 -16.43 -31.97
N PRO C 729 -13.07 -15.92 -31.43
CA PRO C 729 -13.34 -14.50 -31.48
C PRO C 729 -12.27 -13.65 -30.80
N GLY C 730 -11.85 -14.03 -29.60
CA GLY C 730 -10.90 -13.27 -28.80
C GLY C 730 -9.42 -13.52 -29.09
N PHE C 731 -9.06 -14.65 -29.69
CA PHE C 731 -7.69 -15.14 -29.76
C PHE C 731 -7.54 -16.28 -30.77
N PHE C 732 -6.32 -16.60 -31.17
CA PHE C 732 -5.98 -17.85 -31.85
C PHE C 732 -5.62 -18.92 -30.84
N TYR C 733 -5.86 -20.18 -31.17
CA TYR C 733 -5.43 -21.34 -30.39
C TYR C 733 -4.64 -22.34 -31.23
N HIS C 734 -3.46 -22.74 -30.76
CA HIS C 734 -2.54 -23.64 -31.45
C HIS C 734 -2.46 -24.97 -30.70
N SER C 735 -2.48 -26.09 -31.40
CA SER C 735 -2.47 -27.41 -30.78
C SER C 735 -2.00 -28.48 -31.76
N ASN C 736 -1.72 -29.66 -31.24
CA ASN C 736 -1.49 -30.83 -32.06
C ASN C 736 -2.77 -31.61 -32.42
N ASP C 737 -3.95 -31.04 -32.18
CA ASP C 737 -5.23 -31.73 -32.33
C ASP C 737 -6.35 -30.71 -32.48
N GLY C 738 -6.94 -30.61 -33.67
CA GLY C 738 -7.90 -29.58 -34.04
C GLY C 738 -9.37 -29.95 -33.82
N SER C 739 -9.63 -31.19 -33.40
CA SER C 739 -10.96 -31.69 -33.09
C SER C 739 -11.61 -30.92 -31.93
N ASN C 740 -12.93 -30.97 -31.79
CA ASN C 740 -13.50 -30.46 -30.58
C ASN C 740 -13.38 -31.58 -29.62
N CYS C 741 -13.42 -31.25 -28.38
CA CYS C 741 -13.36 -32.24 -27.32
C CYS C 741 -14.11 -31.80 -26.07
N THR C 742 -14.85 -32.75 -25.49
CA THR C 742 -15.87 -32.58 -24.44
C THR C 742 -15.53 -33.39 -23.18
N GLU C 743 -14.25 -33.51 -22.88
CA GLU C 743 -13.70 -33.94 -21.60
C GLU C 743 -12.62 -32.95 -21.12
N PRO C 744 -12.94 -31.66 -20.93
CA PRO C 744 -11.95 -30.65 -20.57
C PRO C 744 -11.30 -30.96 -19.22
N VAL C 745 -9.97 -30.96 -19.19
CA VAL C 745 -9.16 -31.06 -17.97
C VAL C 745 -8.72 -29.70 -17.44
N LEU C 746 -8.83 -28.67 -18.27
CA LEU C 746 -8.80 -27.25 -17.90
C LEU C 746 -10.06 -26.58 -18.40
N VAL C 747 -10.61 -25.66 -17.64
CA VAL C 747 -11.61 -24.70 -18.11
C VAL C 747 -11.29 -23.31 -17.60
N TYR C 748 -11.65 -22.31 -18.37
CA TYR C 748 -11.85 -20.96 -17.87
C TYR C 748 -13.04 -20.36 -18.59
N SER C 749 -13.97 -19.76 -17.86
CA SER C 749 -15.23 -19.25 -18.43
C SER C 749 -15.95 -20.33 -19.24
N ASN C 750 -16.15 -20.13 -20.54
CA ASN C 750 -16.76 -21.10 -21.44
C ASN C 750 -15.76 -21.87 -22.30
N ILE C 751 -14.45 -21.72 -22.10
CA ILE C 751 -13.38 -22.34 -22.91
C ILE C 751 -12.81 -23.52 -22.15
N GLY C 752 -12.75 -24.70 -22.76
CA GLY C 752 -12.19 -25.92 -22.15
C GLY C 752 -11.13 -26.57 -23.01
N VAL C 753 -10.05 -27.01 -22.39
CA VAL C 753 -8.93 -27.68 -23.04
C VAL C 753 -8.77 -29.11 -22.54
N CYS C 754 -8.68 -30.06 -23.46
CA CYS C 754 -8.59 -31.49 -23.16
C CYS C 754 -7.16 -32.00 -22.94
N LYS C 755 -7.05 -33.24 -22.46
CA LYS C 755 -5.78 -33.95 -22.28
C LYS C 755 -4.98 -34.06 -23.57
N SER C 756 -5.64 -34.26 -24.70
CA SER C 756 -5.04 -34.33 -26.04
C SER C 756 -4.66 -32.96 -26.63
N GLY C 757 -5.02 -31.86 -25.99
CA GLY C 757 -4.75 -30.50 -26.48
C GLY C 757 -5.81 -29.90 -27.39
N SER C 758 -6.84 -30.65 -27.76
CA SER C 758 -8.07 -30.11 -28.34
C SER C 758 -8.66 -29.01 -27.47
N ILE C 759 -9.43 -28.13 -28.10
CA ILE C 759 -10.20 -27.07 -27.45
C ILE C 759 -11.66 -27.20 -27.84
N GLY C 760 -12.56 -26.85 -26.93
CA GLY C 760 -13.97 -26.69 -27.24
C GLY C 760 -14.69 -25.88 -26.18
N TYR C 761 -15.85 -25.36 -26.53
CA TYR C 761 -16.71 -24.68 -25.57
C TYR C 761 -17.40 -25.67 -24.64
N VAL C 762 -17.42 -25.38 -23.34
CA VAL C 762 -17.97 -26.24 -22.29
C VAL C 762 -19.36 -25.76 -21.87
N PRO C 763 -20.40 -26.61 -21.88
CA PRO C 763 -21.75 -26.15 -21.62
C PRO C 763 -21.94 -25.80 -20.14
N SER C 764 -22.91 -24.94 -19.87
CA SER C 764 -23.34 -24.54 -18.51
C SER C 764 -23.75 -25.74 -17.68
N GLN C 765 -23.43 -25.77 -16.37
CA GLN C 765 -23.97 -26.78 -15.46
C GLN C 765 -25.49 -26.73 -15.48
N TYR C 766 -26.13 -27.89 -15.43
CA TYR C 766 -27.58 -28.00 -15.26
C TYR C 766 -27.89 -28.41 -13.84
N GLY C 767 -28.69 -27.59 -13.17
CA GLY C 767 -29.08 -27.77 -11.78
C GLY C 767 -30.34 -28.62 -11.68
N GLN C 768 -30.52 -29.28 -10.54
CA GLN C 768 -31.74 -30.02 -10.25
C GLN C 768 -32.94 -29.08 -10.11
N VAL C 769 -34.11 -29.55 -10.56
CA VAL C 769 -35.33 -28.75 -10.59
C VAL C 769 -35.84 -28.48 -9.19
N LYS C 770 -36.22 -27.23 -8.93
CA LYS C 770 -37.10 -26.83 -7.82
C LYS C 770 -38.47 -26.51 -8.37
N ILE C 771 -39.53 -26.96 -7.71
CA ILE C 771 -40.91 -26.86 -8.17
C ILE C 771 -41.57 -25.67 -7.49
N ALA C 772 -42.16 -24.76 -8.26
CA ALA C 772 -42.82 -23.57 -7.74
C ALA C 772 -44.07 -23.93 -6.94
N PRO C 773 -44.33 -23.26 -5.81
CA PRO C 773 -45.64 -23.33 -5.18
C PRO C 773 -46.73 -22.96 -6.17
N THR C 774 -47.77 -23.78 -6.26
CA THR C 774 -48.87 -23.65 -7.20
C THR C 774 -50.15 -24.27 -6.65
N VAL C 775 -51.32 -23.75 -7.01
CA VAL C 775 -52.57 -24.11 -6.34
C VAL C 775 -53.36 -25.22 -7.05
N THR C 776 -53.52 -25.14 -8.37
CA THR C 776 -54.52 -25.98 -9.01
C THR C 776 -54.09 -26.66 -10.31
N GLY C 777 -52.81 -26.73 -10.63
CA GLY C 777 -52.37 -27.30 -11.89
C GLY C 777 -52.17 -28.81 -11.84
N ASN C 778 -51.34 -29.42 -12.70
CA ASN C 778 -50.87 -30.72 -12.53
C ASN C 778 -49.55 -30.37 -11.96
N ILE C 779 -49.28 -30.75 -10.80
CA ILE C 779 -48.09 -30.44 -9.99
C ILE C 779 -47.17 -31.65 -9.92
N SER C 780 -45.96 -31.48 -9.42
CA SER C 780 -45.13 -32.64 -9.10
C SER C 780 -44.47 -32.55 -7.75
N ILE C 781 -44.48 -33.65 -6.99
CA ILE C 781 -43.97 -33.71 -5.62
C ILE C 781 -42.76 -34.65 -5.54
N PRO C 782 -41.60 -34.21 -5.03
CA PRO C 782 -40.41 -35.04 -4.82
C PRO C 782 -40.66 -36.29 -3.98
N THR C 783 -40.27 -37.48 -4.43
CA THR C 783 -40.75 -38.73 -3.79
C THR C 783 -39.69 -39.64 -3.19
N ASN C 784 -38.64 -40.08 -3.90
CA ASN C 784 -37.69 -40.98 -3.31
C ASN C 784 -36.49 -40.20 -3.16
N PHE C 785 -35.87 -40.18 -2.02
CA PHE C 785 -34.79 -39.28 -1.61
C PHE C 785 -33.51 -40.02 -1.28
N SER C 786 -32.40 -39.40 -1.63
CA SER C 786 -31.03 -39.84 -1.37
C SER C 786 -30.31 -38.73 -0.64
N MET C 787 -29.36 -39.04 0.23
CA MET C 787 -28.53 -38.01 0.84
C MET C 787 -27.32 -37.70 -0.04
N SER C 788 -26.92 -36.45 -0.07
CA SER C 788 -25.72 -35.98 -0.70
C SER C 788 -24.99 -35.13 0.32
N ILE C 789 -23.68 -35.25 0.42
CA ILE C 789 -22.90 -34.44 1.37
C ILE C 789 -22.23 -33.34 0.58
N ARG C 790 -22.48 -32.10 1.00
CA ARG C 790 -21.86 -30.90 0.48
C ARG C 790 -20.86 -30.38 1.48
N THR C 791 -19.65 -30.19 0.99
CA THR C 791 -18.49 -29.89 1.82
C THR C 791 -18.13 -28.44 1.69
N GLU C 792 -17.97 -27.78 2.81
CA GLU C 792 -17.61 -26.38 2.89
C GLU C 792 -16.53 -26.17 3.92
N TYR C 793 -15.54 -25.34 3.63
CA TYR C 793 -14.51 -24.94 4.58
C TYR C 793 -14.67 -23.46 4.88
N LEU C 794 -14.75 -23.12 6.17
CA LEU C 794 -14.77 -21.76 6.67
C LEU C 794 -13.64 -21.58 7.68
N GLN C 795 -12.74 -20.64 7.40
CA GLN C 795 -11.63 -20.29 8.27
C GLN C 795 -12.14 -19.56 9.50
N LEU C 796 -11.76 -20.01 10.70
CA LEU C 796 -12.16 -19.33 11.92
C LEU C 796 -11.14 -18.29 12.37
N TYR C 797 -9.86 -18.52 12.12
CA TYR C 797 -8.80 -17.71 12.72
C TYR C 797 -7.57 -17.56 11.85
N ASN C 798 -6.83 -16.49 12.12
CA ASN C 798 -5.60 -16.12 11.46
C ASN C 798 -4.47 -16.26 12.48
N THR C 799 -3.37 -16.93 12.19
CA THR C 799 -2.28 -17.16 13.18
C THR C 799 -1.63 -15.83 13.58
N PRO C 800 -1.82 -15.30 14.79
CA PRO C 800 -1.39 -13.95 15.08
C PRO C 800 0.11 -13.83 15.07
N VAL C 801 0.56 -12.64 14.72
CA VAL C 801 1.97 -12.29 14.64
C VAL C 801 2.20 -11.01 15.41
N SER C 802 3.34 -10.94 16.07
CA SER C 802 3.78 -9.88 16.97
C SER C 802 5.17 -9.43 16.58
N VAL C 803 5.52 -8.17 16.82
CA VAL C 803 6.84 -7.62 16.50
C VAL C 803 7.39 -6.86 17.69
N ASP C 804 8.68 -7.00 17.97
CA ASP C 804 9.45 -6.10 18.83
C ASP C 804 10.12 -5.06 17.92
N CYS C 805 9.51 -3.88 17.76
CA CYS C 805 9.89 -2.93 16.70
C CYS C 805 11.34 -2.45 16.84
N ALA C 806 11.85 -2.33 18.07
CA ALA C 806 13.22 -1.94 18.33
C ALA C 806 14.20 -3.02 17.87
N THR C 807 13.86 -4.29 18.01
CA THR C 807 14.70 -5.39 17.53
C THR C 807 14.66 -5.49 16.02
N TYR C 808 13.52 -5.25 15.38
CA TYR C 808 13.39 -5.26 13.93
C TYR C 808 14.16 -4.11 13.29
N VAL C 809 13.89 -2.89 13.73
CA VAL C 809 14.48 -1.66 13.17
C VAL C 809 15.97 -1.55 13.49
N CYS C 810 16.41 -1.87 14.71
CA CYS C 810 17.76 -1.59 15.20
C CYS C 810 18.69 -2.77 15.53
N ASN C 811 18.30 -4.04 15.39
CA ASN C 811 19.16 -5.19 15.70
C ASN C 811 19.83 -5.14 17.10
N GLY C 812 19.21 -4.48 18.07
CA GLY C 812 19.78 -4.27 19.40
C GLY C 812 20.93 -3.27 19.49
N ASN C 813 21.22 -2.49 18.45
CA ASN C 813 22.19 -1.41 18.51
C ASN C 813 21.66 -0.25 19.36
N SER C 814 22.43 0.14 20.37
CA SER C 814 22.02 1.14 21.35
C SER C 814 21.85 2.53 20.76
N ARG C 815 22.79 2.96 19.91
CA ARG C 815 22.74 4.26 19.28
C ARG C 815 21.55 4.40 18.34
N CYS C 816 21.13 3.31 17.70
CA CYS C 816 19.93 3.31 16.88
C CYS C 816 18.64 3.35 17.71
N LYS C 817 18.55 2.63 18.84
CA LYS C 817 17.42 2.77 19.77
C LYS C 817 17.28 4.21 20.25
N GLN C 818 18.39 4.88 20.56
CA GLN C 818 18.43 6.28 20.97
C GLN C 818 17.87 7.22 19.87
N LEU C 819 18.08 6.91 18.59
CA LEU C 819 17.45 7.63 17.47
C LEU C 819 15.99 7.26 17.28
N LEU C 820 15.63 6.00 17.45
CA LEU C 820 14.28 5.51 17.19
C LEU C 820 13.24 6.18 18.09
N THR C 821 13.57 6.50 19.35
CA THR C 821 12.66 7.21 20.26
C THR C 821 12.28 8.62 19.77
N GLN C 822 13.03 9.22 18.85
CA GLN C 822 12.66 10.47 18.21
C GLN C 822 11.45 10.32 17.26
N TYR C 823 11.18 9.15 16.69
CA TYR C 823 9.98 8.90 15.87
C TYR C 823 8.79 8.64 16.80
N THR C 824 8.15 9.70 17.28
CA THR C 824 7.22 9.62 18.42
C THR C 824 6.05 8.69 18.13
N ALA C 825 5.90 7.65 18.97
CA ALA C 825 4.84 6.66 18.91
C ALA C 825 4.79 5.82 17.63
N ALA C 826 5.81 5.82 16.77
CA ALA C 826 5.85 4.92 15.62
C ALA C 826 5.80 3.45 16.07
N CYS C 827 6.58 3.09 17.08
CA CYS C 827 6.50 1.80 17.72
C CYS C 827 5.18 1.52 18.43
N LYS C 828 4.64 2.42 19.25
CA LYS C 828 3.33 2.24 19.90
C LYS C 828 2.24 1.90 18.91
N THR C 829 2.21 2.61 17.79
CA THR C 829 1.17 2.48 16.76
C THR C 829 1.36 1.30 15.83
N ILE C 830 2.49 0.60 15.89
CA ILE C 830 2.69 -0.72 15.28
C ILE C 830 2.39 -1.83 16.29
N GLU C 831 3.04 -1.80 17.45
CA GLU C 831 2.94 -2.85 18.45
C GLU C 831 1.53 -3.05 18.95
N SER C 832 0.86 -1.98 19.41
CA SER C 832 -0.50 -2.10 19.91
C SER C 832 -1.52 -2.45 18.84
N ALA C 833 -1.30 -2.14 17.56
CA ALA C 833 -2.17 -2.61 16.49
C ALA C 833 -2.07 -4.13 16.30
N LEU C 834 -0.89 -4.72 16.45
CA LEU C 834 -0.73 -6.17 16.39
C LEU C 834 -1.17 -6.86 17.68
N GLN C 835 -0.87 -6.30 18.86
CA GLN C 835 -1.26 -6.89 20.16
C GLN C 835 -2.75 -6.79 20.45
N LEU C 836 -3.39 -5.64 20.23
CA LEU C 836 -4.82 -5.46 20.44
C LEU C 836 -5.66 -6.21 19.42
N SER C 837 -5.12 -6.52 18.24
CA SER C 837 -5.78 -7.41 17.29
C SER C 837 -5.59 -8.88 17.62
N ALA C 838 -4.40 -9.30 18.05
CA ALA C 838 -4.15 -10.66 18.50
C ALA C 838 -4.96 -11.02 19.74
N ARG C 839 -5.24 -10.05 20.61
CA ARG C 839 -6.15 -10.21 21.75
C ARG C 839 -7.60 -10.37 21.31
N LEU C 840 -8.08 -9.54 20.38
CA LEU C 840 -9.46 -9.60 19.88
C LEU C 840 -9.76 -10.97 19.25
N GLU C 841 -8.88 -11.49 18.40
CA GLU C 841 -9.00 -12.86 17.89
C GLU C 841 -9.10 -13.90 18.99
N SER C 842 -8.26 -13.81 20.02
CA SER C 842 -8.28 -14.75 21.13
C SER C 842 -9.61 -14.77 21.85
N VAL C 843 -10.23 -13.62 22.10
CA VAL C 843 -11.50 -13.58 22.80
C VAL C 843 -12.69 -13.90 21.90
N GLU C 844 -12.67 -13.60 20.61
CA GLU C 844 -13.75 -14.01 19.73
C GLU C 844 -13.75 -15.52 19.51
N VAL C 845 -12.63 -16.11 19.13
CA VAL C 845 -12.57 -17.52 18.75
C VAL C 845 -12.75 -18.43 19.95
N ASN C 846 -12.10 -18.15 21.08
CA ASN C 846 -12.34 -18.89 22.30
C ASN C 846 -13.75 -18.69 22.86
N SER C 847 -14.49 -17.66 22.46
CA SER C 847 -15.88 -17.43 22.92
C SER C 847 -16.95 -17.95 21.99
N MET C 848 -16.65 -18.31 20.74
CA MET C 848 -17.57 -19.09 19.90
C MET C 848 -17.36 -20.61 20.00
N LEU C 849 -16.18 -21.06 20.40
CA LEU C 849 -15.84 -22.45 20.70
C LEU C 849 -16.29 -22.87 22.11
N THR C 850 -17.51 -22.56 22.48
CA THR C 850 -18.15 -23.09 23.69
C THR C 850 -18.47 -24.57 23.53
N ILE C 851 -17.70 -25.44 24.17
CA ILE C 851 -17.95 -26.88 24.28
C ILE C 851 -19.17 -27.11 25.18
N SER C 852 -19.88 -28.22 25.05
CA SER C 852 -20.87 -28.69 26.02
C SER C 852 -20.46 -30.04 26.60
N GLU C 853 -20.25 -30.14 27.90
CA GLU C 853 -19.63 -31.33 28.49
C GLU C 853 -20.54 -32.56 28.38
N GLU C 854 -21.84 -32.37 28.59
CA GLU C 854 -22.84 -33.44 28.45
C GLU C 854 -23.22 -33.78 27.01
N ALA C 855 -22.78 -33.02 25.99
CA ALA C 855 -22.83 -33.42 24.59
C ALA C 855 -21.55 -34.15 24.16
N LEU C 856 -20.40 -33.71 24.63
CA LEU C 856 -19.09 -34.21 24.22
C LEU C 856 -18.85 -35.66 24.62
N GLN C 857 -19.44 -36.09 25.74
CA GLN C 857 -19.39 -37.47 26.23
C GLN C 857 -20.20 -38.47 25.40
N LEU C 858 -21.05 -38.03 24.48
CA LEU C 858 -21.82 -38.90 23.56
C LEU C 858 -21.10 -39.14 22.23
N ALA C 859 -20.25 -38.23 21.78
CA ALA C 859 -19.43 -38.44 20.58
C ALA C 859 -18.12 -39.16 20.88
N THR C 860 -17.31 -38.58 21.78
CA THR C 860 -15.87 -38.88 21.93
C THR C 860 -15.58 -40.34 22.28
N ILE C 861 -16.47 -40.99 23.02
CA ILE C 861 -16.28 -42.38 23.47
C ILE C 861 -16.54 -43.39 22.33
N SER C 862 -16.96 -42.91 21.15
CA SER C 862 -17.44 -43.68 19.99
C SER C 862 -18.67 -44.55 20.29
N SER C 863 -19.27 -44.41 21.48
CA SER C 863 -20.56 -44.96 21.90
C SER C 863 -21.72 -44.10 21.38
N PHE C 864 -21.74 -43.83 20.08
CA PHE C 864 -22.74 -43.05 19.38
C PHE C 864 -23.60 -44.01 18.57
N ASN C 865 -24.91 -44.08 18.82
CA ASN C 865 -25.76 -45.08 18.19
C ASN C 865 -26.20 -44.59 16.81
N GLY C 866 -25.37 -44.79 15.79
CA GLY C 866 -25.72 -44.45 14.41
C GLY C 866 -26.92 -45.24 13.86
N ASP C 867 -27.22 -46.41 14.42
CA ASP C 867 -28.43 -47.22 14.16
C ASP C 867 -28.69 -47.55 12.68
N GLY C 868 -27.63 -47.62 11.89
CA GLY C 868 -27.64 -47.83 10.45
C GLY C 868 -26.64 -46.94 9.70
N TYR C 869 -26.20 -45.85 10.35
CA TYR C 869 -25.35 -44.80 9.79
C TYR C 869 -23.88 -44.95 10.23
N ASN C 870 -22.93 -44.85 9.33
CA ASN C 870 -21.61 -45.09 9.65
C ASN C 870 -20.84 -43.91 9.95
N PHE C 871 -20.92 -43.52 11.13
CA PHE C 871 -20.17 -42.39 11.68
C PHE C 871 -18.70 -42.67 12.02
N THR C 872 -18.16 -43.86 11.72
CA THR C 872 -16.78 -44.26 12.07
C THR C 872 -15.74 -43.29 11.53
N ASN C 873 -15.92 -42.72 10.34
CA ASN C 873 -14.99 -41.77 9.73
C ASN C 873 -14.98 -40.39 10.38
N VAL C 874 -16.01 -40.06 11.14
CA VAL C 874 -16.33 -38.73 11.66
C VAL C 874 -15.94 -38.55 13.13
N LEU C 875 -16.00 -39.60 13.94
CA LEU C 875 -15.88 -39.49 15.40
C LEU C 875 -14.45 -39.49 15.94
N GLY C 876 -13.68 -40.56 15.72
CA GLY C 876 -12.40 -40.78 16.41
C GLY C 876 -12.58 -41.11 17.90
N ALA C 877 -11.54 -41.68 18.51
CA ALA C 877 -11.57 -42.19 19.88
C ALA C 877 -11.87 -41.09 20.92
N LYS C 890 -6.18 -39.36 18.11
CA LYS C 890 -7.32 -38.83 18.85
C LYS C 890 -8.36 -38.20 17.93
N ARG C 891 -7.91 -37.57 16.84
CA ARG C 891 -8.72 -37.00 15.75
C ARG C 891 -9.42 -38.07 14.91
N SER C 892 -10.43 -37.68 14.13
CA SER C 892 -11.17 -38.57 13.23
C SER C 892 -10.35 -39.04 12.03
N VAL C 893 -10.93 -39.91 11.19
CA VAL C 893 -10.30 -40.33 9.93
C VAL C 893 -10.26 -39.19 8.92
N ILE C 894 -11.34 -38.41 8.80
CA ILE C 894 -11.40 -37.28 7.89
C ILE C 894 -10.48 -36.16 8.35
N GLU C 895 -10.40 -35.88 9.65
CA GLU C 895 -9.51 -34.87 10.20
C GLU C 895 -8.04 -35.23 10.00
N ASP C 896 -7.63 -36.48 10.21
CA ASP C 896 -6.27 -36.93 9.93
C ASP C 896 -5.91 -36.90 8.44
N LEU C 897 -6.80 -37.31 7.53
CA LEU C 897 -6.54 -37.21 6.09
C LEU C 897 -6.44 -35.76 5.64
N LEU C 898 -7.27 -34.87 6.17
CA LEU C 898 -7.31 -33.46 5.79
C LEU C 898 -6.10 -32.67 6.27
N PHE C 899 -5.61 -32.90 7.49
CA PHE C 899 -4.32 -32.36 7.92
C PHE C 899 -3.20 -32.99 7.10
N ASN C 900 -3.12 -34.31 6.94
CA ASN C 900 -1.99 -34.91 6.24
C ASN C 900 -1.92 -34.57 4.75
N LYS C 901 -3.04 -34.32 4.06
CA LYS C 901 -3.03 -33.86 2.66
C LYS C 901 -2.46 -32.44 2.50
N VAL C 902 -2.37 -31.64 3.56
CA VAL C 902 -2.00 -30.21 3.46
C VAL C 902 -0.93 -29.73 4.43
N VAL C 903 -0.96 -30.10 5.71
CA VAL C 903 0.03 -29.76 6.75
C VAL C 903 1.33 -30.54 6.60
N THR C 904 1.40 -31.58 5.76
CA THR C 904 2.69 -32.17 5.34
C THR C 904 3.52 -31.24 4.45
N ASN C 905 2.91 -30.56 3.46
CA ASN C 905 3.58 -29.50 2.69
C ASN C 905 3.54 -28.14 3.40
N GLY C 906 2.63 -27.96 4.36
CA GLY C 906 2.43 -26.75 5.14
C GLY C 906 3.53 -26.42 6.15
N LEU C 907 3.35 -25.28 6.82
CA LEU C 907 4.17 -24.75 7.91
C LEU C 907 3.27 -23.93 8.86
N GLY C 908 3.69 -23.67 10.10
CA GLY C 908 3.08 -22.68 10.99
C GLY C 908 1.69 -23.01 11.55
N THR C 909 1.11 -24.13 11.14
CA THR C 909 -0.12 -24.72 11.71
C THR C 909 0.20 -25.73 12.84
N VAL C 910 1.47 -26.11 12.98
CA VAL C 910 2.02 -26.78 14.17
C VAL C 910 2.87 -25.75 14.93
N ASP C 911 2.54 -25.51 16.19
CA ASP C 911 3.12 -24.43 16.99
C ASP C 911 4.60 -24.68 17.29
N GLU C 912 5.48 -23.81 16.80
CA GLU C 912 6.94 -23.92 16.93
C GLU C 912 7.43 -23.43 18.30
N ASP C 913 8.54 -23.98 18.77
CA ASP C 913 9.11 -23.70 20.09
C ASP C 913 10.32 -22.79 20.00
N TYR C 914 10.31 -21.75 20.81
CA TYR C 914 11.35 -20.76 20.88
C TYR C 914 12.44 -21.11 21.89
N LYS C 915 12.29 -22.20 22.66
CA LYS C 915 13.33 -22.73 23.55
C LYS C 915 14.57 -23.18 22.77
N ARG C 916 14.38 -23.64 21.53
CA ARG C 916 15.38 -24.10 20.57
C ARG C 916 16.34 -23.02 20.08
N CYS C 917 16.05 -21.73 20.33
CA CYS C 917 16.69 -20.62 19.62
C CYS C 917 17.37 -19.55 20.48
N SER C 918 17.44 -19.72 21.79
CA SER C 918 18.44 -19.04 22.64
C SER C 918 19.80 -19.71 22.59
N ASN C 919 19.87 -21.01 22.29
CA ASN C 919 21.11 -21.77 22.17
C ASN C 919 21.41 -22.07 20.71
N GLY C 920 22.65 -21.79 20.29
CA GLY C 920 23.09 -21.92 18.90
C GLY C 920 23.71 -23.28 18.58
N ARG C 921 23.54 -24.31 19.43
CA ARG C 921 24.06 -25.67 19.18
C ARG C 921 23.55 -26.27 17.88
N SER C 922 22.51 -25.71 17.27
CA SER C 922 22.13 -25.94 15.87
C SER C 922 22.00 -24.63 15.09
N VAL C 923 22.34 -24.65 13.79
CA VAL C 923 22.27 -23.48 12.89
C VAL C 923 20.81 -23.05 12.71
N ALA C 924 20.49 -21.78 12.97
CA ALA C 924 19.11 -21.30 12.98
C ALA C 924 18.41 -21.46 11.63
N ASP C 925 17.20 -22.01 11.62
CA ASP C 925 16.36 -22.14 10.43
C ASP C 925 15.46 -20.90 10.23
N LEU C 926 14.66 -20.87 9.16
CA LEU C 926 13.82 -19.73 8.79
C LEU C 926 13.00 -19.15 9.96
N VAL C 927 12.39 -20.01 10.76
CA VAL C 927 11.46 -19.61 11.83
C VAL C 927 12.16 -19.08 13.08
N CYS C 928 13.49 -19.13 13.12
CA CYS C 928 14.34 -18.40 14.08
C CYS C 928 15.16 -17.28 13.46
N ALA C 929 15.48 -17.31 12.17
CA ALA C 929 16.00 -16.13 11.50
C ALA C 929 15.01 -14.95 11.55
N GLN C 930 13.71 -15.24 11.50
CA GLN C 930 12.64 -14.28 11.79
C GLN C 930 12.65 -13.79 13.23
N TYR C 931 12.84 -14.68 14.20
CA TYR C 931 12.84 -14.31 15.61
C TYR C 931 14.01 -13.41 16.00
N TYR C 932 15.19 -13.61 15.40
CA TYR C 932 16.32 -12.70 15.53
C TYR C 932 16.07 -11.37 14.83
N SER C 933 15.28 -11.35 13.78
CA SER C 933 14.75 -10.15 13.15
C SER C 933 13.61 -9.54 13.96
N GLY C 934 13.30 -10.06 15.15
CA GLY C 934 12.34 -9.47 16.08
C GLY C 934 10.87 -9.76 15.83
N VAL C 935 10.50 -10.70 14.96
CA VAL C 935 9.09 -11.02 14.64
C VAL C 935 8.72 -12.41 15.12
N MET C 936 7.69 -12.49 15.96
CA MET C 936 7.22 -13.68 16.67
C MET C 936 5.85 -14.10 16.16
N VAL C 937 5.70 -15.30 15.63
CA VAL C 937 4.38 -15.89 15.42
C VAL C 937 3.96 -16.52 16.72
N LEU C 938 2.81 -16.08 17.23
CA LEU C 938 2.27 -16.54 18.50
C LEU C 938 1.72 -17.97 18.33
N PRO C 939 1.45 -18.70 19.41
CA PRO C 939 0.69 -19.94 19.30
C PRO C 939 -0.64 -19.68 18.60
N GLY C 940 -1.06 -20.61 17.75
CA GLY C 940 -2.33 -20.52 17.05
C GLY C 940 -3.47 -20.30 18.04
N VAL C 941 -4.41 -19.42 17.73
CA VAL C 941 -5.40 -18.89 18.68
C VAL C 941 -6.17 -19.96 19.42
N VAL C 942 -6.47 -21.07 18.76
CA VAL C 942 -6.99 -22.29 19.37
C VAL C 942 -6.29 -23.51 18.78
N ASP C 943 -5.95 -24.45 19.65
CA ASP C 943 -5.27 -25.68 19.29
C ASP C 943 -6.21 -26.71 18.66
N ALA C 944 -5.65 -27.63 17.89
CA ALA C 944 -6.40 -28.69 17.22
C ALA C 944 -7.06 -29.70 18.17
N GLU C 945 -6.80 -29.67 19.48
CA GLU C 945 -7.53 -30.46 20.45
C GLU C 945 -8.81 -29.77 20.94
N LYS C 946 -8.76 -28.46 21.22
CA LYS C 946 -9.98 -27.67 21.50
C LYS C 946 -10.89 -27.60 20.31
N LEU C 947 -10.33 -27.48 19.11
CA LEU C 947 -11.08 -27.45 17.86
C LEU C 947 -11.69 -28.82 17.51
N HIS C 948 -11.04 -29.93 17.85
CA HIS C 948 -11.64 -31.26 17.81
C HIS C 948 -12.76 -31.42 18.84
N MET C 949 -12.53 -31.07 20.11
CA MET C 949 -13.56 -31.16 21.13
C MET C 949 -14.80 -30.37 20.76
N TYR C 950 -14.67 -29.20 20.16
CA TYR C 950 -15.83 -28.46 19.66
C TYR C 950 -16.60 -29.23 18.61
N SER C 951 -15.92 -29.80 17.62
CA SER C 951 -16.57 -30.54 16.55
C SER C 951 -17.33 -31.78 17.05
N ALA C 952 -16.74 -32.53 17.97
CA ALA C 952 -17.40 -33.65 18.62
C ALA C 952 -18.54 -33.19 19.52
N SER C 953 -18.42 -32.05 20.19
CA SER C 953 -19.50 -31.42 20.95
C SER C 953 -20.67 -30.95 20.10
N LEU C 954 -20.54 -30.88 18.78
CA LEU C 954 -21.61 -30.56 17.85
C LEU C 954 -22.20 -31.83 17.24
N ILE C 955 -21.37 -32.80 16.84
CA ILE C 955 -21.85 -34.13 16.42
C ILE C 955 -22.61 -34.83 17.54
N GLY C 956 -22.10 -34.85 18.75
CA GLY C 956 -22.75 -35.46 19.91
C GLY C 956 -23.94 -34.65 20.41
N GLY C 957 -23.97 -33.37 20.10
CA GLY C 957 -25.11 -32.49 20.37
C GLY C 957 -26.37 -32.88 19.61
N MET C 958 -26.27 -33.53 18.45
CA MET C 958 -27.41 -34.10 17.73
C MET C 958 -28.01 -35.34 18.40
N ALA C 959 -27.24 -36.11 19.16
CA ALA C 959 -27.72 -37.27 19.91
C ALA C 959 -28.19 -36.93 21.34
N LEU C 960 -28.11 -35.68 21.77
CA LEU C 960 -28.47 -35.22 23.11
C LEU C 960 -29.95 -34.88 23.20
N GLY C 961 -30.79 -35.91 23.32
CA GLY C 961 -32.24 -35.75 23.46
C GLY C 961 -32.68 -35.27 24.84
N GLY C 962 -31.87 -35.41 25.87
CA GLY C 962 -32.20 -34.95 27.21
C GLY C 962 -31.05 -35.07 28.19
N ILE C 963 -31.00 -34.20 29.19
CA ILE C 963 -29.82 -34.06 30.08
C ILE C 963 -29.55 -35.24 31.03
N THR C 964 -30.49 -36.17 31.22
CA THR C 964 -30.30 -37.47 31.89
C THR C 964 -29.58 -38.44 30.93
N ALA C 965 -28.35 -38.12 30.55
CA ALA C 965 -27.68 -38.61 29.34
C ALA C 965 -27.05 -40.01 29.46
N ALA C 966 -27.83 -40.99 29.93
CA ALA C 966 -27.39 -42.33 30.31
C ALA C 966 -26.89 -43.19 29.12
N ALA C 967 -27.45 -42.99 27.93
CA ALA C 967 -26.98 -43.60 26.68
C ALA C 967 -27.31 -42.69 25.50
N ALA C 968 -26.58 -42.84 24.40
CA ALA C 968 -26.80 -42.03 23.21
C ALA C 968 -28.13 -42.42 22.52
N LEU C 969 -28.88 -41.41 22.10
CA LEU C 969 -30.14 -41.55 21.36
C LEU C 969 -29.89 -42.15 19.95
N PRO C 970 -30.56 -43.24 19.55
CA PRO C 970 -30.38 -43.82 18.23
C PRO C 970 -30.63 -42.80 17.14
N PHE C 971 -29.66 -42.65 16.23
CA PHE C 971 -29.63 -41.55 15.28
C PHE C 971 -30.71 -41.63 14.21
N SER C 972 -31.28 -42.80 13.99
CA SER C 972 -32.47 -42.97 13.16
C SER C 972 -33.71 -42.29 13.74
N TYR C 973 -33.72 -41.97 15.05
CA TYR C 973 -34.76 -41.13 15.66
C TYR C 973 -34.47 -39.64 15.51
N ALA C 974 -33.23 -39.20 15.69
CA ALA C 974 -32.87 -37.81 15.45
C ALA C 974 -33.04 -37.42 13.97
N VAL C 975 -32.83 -38.35 13.03
CA VAL C 975 -33.09 -38.08 11.62
C VAL C 975 -34.57 -38.10 11.28
N GLN C 976 -35.38 -38.93 11.95
CA GLN C 976 -36.83 -38.93 11.77
C GLN C 976 -37.45 -37.62 12.23
N ALA C 977 -36.98 -37.05 13.34
CA ALA C 977 -37.43 -35.73 13.79
C ALA C 977 -37.02 -34.61 12.85
N ARG C 978 -35.83 -34.71 12.25
CA ARG C 978 -35.32 -33.76 11.26
C ARG C 978 -36.01 -33.87 9.91
N LEU C 979 -36.52 -35.04 9.54
CA LEU C 979 -37.43 -35.22 8.41
C LEU C 979 -38.80 -34.62 8.70
N ASN C 980 -39.34 -34.70 9.93
CA ASN C 980 -40.65 -34.14 10.24
C ASN C 980 -40.73 -32.62 10.00
N TYR C 981 -39.67 -31.84 10.18
CA TYR C 981 -39.67 -30.41 9.86
C TYR C 981 -39.71 -30.11 8.36
N LEU C 982 -39.47 -31.10 7.50
CA LEU C 982 -39.62 -30.99 6.07
C LEU C 982 -41.03 -31.42 5.67
N ALA C 983 -41.46 -32.60 6.10
CA ALA C 983 -42.79 -33.12 5.90
C ALA C 983 -43.15 -34.09 7.00
N LEU C 984 -44.39 -34.13 7.48
CA LEU C 984 -44.76 -35.13 8.49
C LEU C 984 -44.77 -36.51 7.84
N GLN C 985 -43.79 -37.34 8.18
CA GLN C 985 -43.59 -38.66 7.61
C GLN C 985 -44.79 -39.58 7.88
N THR C 986 -45.28 -40.32 6.87
CA THR C 986 -46.48 -41.17 6.99
C THR C 986 -46.30 -42.61 6.54
N ASP C 987 -45.67 -42.90 5.41
CA ASP C 987 -45.51 -44.28 4.91
C ASP C 987 -44.27 -44.95 5.53
N VAL C 988 -44.13 -44.89 6.86
CA VAL C 988 -42.90 -45.24 7.61
C VAL C 988 -42.51 -46.72 7.48
N LEU C 989 -43.47 -47.64 7.34
CA LEU C 989 -43.24 -49.07 7.05
C LEU C 989 -42.89 -49.30 5.56
N GLN C 990 -41.83 -48.65 5.12
CA GLN C 990 -41.22 -48.71 3.79
C GLN C 990 -39.69 -48.62 3.93
N ARG C 991 -38.96 -49.11 2.91
CA ARG C 991 -37.50 -49.17 2.87
C ARG C 991 -36.80 -47.80 2.89
N ASN C 992 -37.52 -46.68 2.81
CA ASN C 992 -36.90 -45.36 2.61
C ASN C 992 -35.97 -44.88 3.73
N GLN C 993 -36.11 -45.33 4.99
CA GLN C 993 -35.10 -45.04 6.03
C GLN C 993 -33.78 -45.77 5.78
N GLN C 994 -33.81 -46.99 5.26
CA GLN C 994 -32.61 -47.70 4.82
C GLN C 994 -32.05 -47.14 3.53
N LEU C 995 -32.87 -46.66 2.60
CA LEU C 995 -32.38 -45.94 1.43
C LEU C 995 -31.57 -44.71 1.85
N LEU C 996 -32.09 -43.92 2.80
CA LEU C 996 -31.41 -42.77 3.38
C LEU C 996 -30.09 -43.20 4.05
N ALA C 997 -30.11 -44.21 4.91
CA ALA C 997 -28.92 -44.65 5.61
C ALA C 997 -27.84 -45.18 4.68
N GLU C 998 -28.17 -46.07 3.76
CA GLU C 998 -27.19 -46.68 2.86
C GLU C 998 -26.71 -45.70 1.79
N SER C 999 -27.47 -44.66 1.48
CA SER C 999 -27.05 -43.52 0.69
C SER C 999 -26.05 -42.63 1.42
N PHE C 1000 -26.27 -42.33 2.70
CA PHE C 1000 -25.30 -41.61 3.54
C PHE C 1000 -24.02 -42.40 3.78
N ASN C 1001 -24.11 -43.71 4.03
CA ASN C 1001 -22.94 -44.58 4.15
C ASN C 1001 -22.07 -44.53 2.89
N SER C 1002 -22.68 -44.49 1.71
CA SER C 1002 -21.93 -44.33 0.46
C SER C 1002 -21.39 -42.91 0.27
N ALA C 1003 -22.12 -41.88 0.70
CA ALA C 1003 -21.72 -40.49 0.55
C ALA C 1003 -20.53 -40.13 1.44
N ILE C 1004 -20.51 -40.60 2.69
CA ILE C 1004 -19.37 -40.39 3.60
C ILE C 1004 -18.16 -41.26 3.19
N GLY C 1005 -18.39 -42.44 2.63
CA GLY C 1005 -17.37 -43.24 1.99
C GLY C 1005 -16.73 -42.56 0.77
N ASN C 1006 -17.42 -41.64 0.19
CA ASN C 1006 -16.97 -40.95 -0.97
C ASN C 1006 -16.37 -39.67 -0.70
N ILE C 1007 -16.62 -39.02 0.38
CA ILE C 1007 -15.81 -37.89 0.88
C ILE C 1007 -14.50 -38.38 1.48
N THR C 1008 -14.48 -39.49 2.23
CA THR C 1008 -13.22 -39.98 2.79
C THR C 1008 -12.27 -40.49 1.73
N SER C 1009 -12.76 -40.93 0.57
CA SER C 1009 -11.93 -41.32 -0.57
C SER C 1009 -11.36 -40.09 -1.30
N ALA C 1010 -12.06 -38.96 -1.33
CA ALA C 1010 -11.60 -37.72 -1.95
C ALA C 1010 -10.53 -36.98 -1.15
N PHE C 1011 -10.47 -37.16 0.16
CA PHE C 1011 -9.36 -36.68 0.99
C PHE C 1011 -8.06 -37.49 0.78
N GLU C 1012 -8.09 -38.58 0.00
CA GLU C 1012 -6.91 -39.38 -0.33
C GLU C 1012 -6.72 -39.73 -1.82
N SER C 1013 -7.69 -39.44 -2.69
CA SER C 1013 -7.56 -39.47 -4.17
C SER C 1013 -6.77 -38.25 -4.71
N VAL C 1014 -6.51 -38.22 -6.02
CA VAL C 1014 -5.59 -37.29 -6.73
C VAL C 1014 -6.24 -36.82 -8.05
N LYS C 1015 -5.83 -35.66 -8.58
CA LYS C 1015 -6.47 -34.98 -9.74
C LYS C 1015 -6.53 -35.78 -11.05
N GLU C 1016 -5.83 -36.91 -11.15
CA GLU C 1016 -6.06 -37.92 -12.22
C GLU C 1016 -7.47 -38.55 -12.19
N ALA C 1017 -8.24 -38.31 -11.14
CA ALA C 1017 -9.62 -38.73 -10.95
C ALA C 1017 -10.52 -37.55 -10.50
N ILE C 1018 -10.49 -36.46 -11.27
CA ILE C 1018 -11.38 -35.29 -11.13
C ILE C 1018 -11.99 -34.95 -12.49
N SER C 1019 -13.26 -34.56 -12.48
CA SER C 1019 -14.06 -34.03 -13.58
C SER C 1019 -14.68 -32.70 -13.16
N GLN C 1020 -14.94 -31.79 -14.10
CA GLN C 1020 -15.24 -30.39 -13.81
C GLN C 1020 -16.42 -30.14 -12.85
N THR C 1021 -17.49 -30.94 -12.90
CA THR C 1021 -18.60 -30.83 -11.93
C THR C 1021 -18.20 -31.19 -10.49
N SER C 1022 -17.19 -32.03 -10.31
CA SER C 1022 -16.61 -32.43 -9.02
C SER C 1022 -15.61 -31.41 -8.47
N LYS C 1023 -15.56 -30.21 -9.06
CA LYS C 1023 -14.64 -29.11 -8.74
C LYS C 1023 -15.37 -27.81 -8.39
N GLY C 1024 -16.69 -27.85 -8.30
CA GLY C 1024 -17.58 -26.70 -8.05
C GLY C 1024 -17.74 -26.28 -6.60
N LEU C 1025 -18.66 -25.34 -6.39
CA LEU C 1025 -18.75 -24.46 -5.22
C LEU C 1025 -19.09 -25.12 -3.86
N ASN C 1026 -19.49 -26.39 -3.84
CA ASN C 1026 -19.92 -27.07 -2.62
C ASN C 1026 -19.42 -28.51 -2.53
N THR C 1027 -18.23 -28.81 -3.05
CA THR C 1027 -17.65 -30.15 -3.06
C THR C 1027 -16.19 -30.15 -2.66
N VAL C 1028 -15.72 -31.33 -2.25
CA VAL C 1028 -14.54 -31.54 -1.44
C VAL C 1028 -13.24 -31.10 -2.11
N ALA C 1029 -13.13 -31.17 -3.42
CA ALA C 1029 -11.97 -30.64 -4.13
C ALA C 1029 -11.89 -29.11 -4.04
N HIS C 1030 -13.01 -28.39 -3.99
CA HIS C 1030 -13.01 -26.94 -3.81
C HIS C 1030 -12.59 -26.59 -2.39
N ALA C 1031 -13.08 -27.31 -1.39
CA ALA C 1031 -12.65 -27.21 -0.01
C ALA C 1031 -11.14 -27.47 0.17
N LEU C 1032 -10.56 -28.46 -0.50
CA LEU C 1032 -9.10 -28.70 -0.44
C LEU C 1032 -8.27 -27.64 -1.17
N THR C 1033 -8.75 -27.03 -2.25
CA THR C 1033 -8.09 -25.86 -2.84
C THR C 1033 -8.10 -24.69 -1.88
N LYS C 1034 -9.23 -24.45 -1.21
CA LYS C 1034 -9.42 -23.35 -0.24
C LYS C 1034 -8.63 -23.55 1.04
N VAL C 1035 -8.47 -24.79 1.52
CA VAL C 1035 -7.61 -25.10 2.66
C VAL C 1035 -6.15 -24.84 2.31
N GLN C 1036 -5.66 -25.31 1.16
CA GLN C 1036 -4.29 -25.08 0.75
C GLN C 1036 -3.98 -23.63 0.42
N GLU C 1037 -4.93 -22.85 -0.12
CA GLU C 1037 -4.75 -21.41 -0.24
C GLU C 1037 -4.53 -20.74 1.12
N VAL C 1038 -5.23 -21.13 2.20
CA VAL C 1038 -4.98 -20.59 3.55
C VAL C 1038 -3.59 -20.97 4.06
N VAL C 1039 -3.27 -22.26 4.06
CA VAL C 1039 -2.02 -22.79 4.62
C VAL C 1039 -0.79 -22.20 3.90
N ASN C 1040 -0.81 -22.08 2.59
CA ASN C 1040 0.25 -21.41 1.82
C ASN C 1040 0.27 -19.88 2.03
N SER C 1041 -0.87 -19.23 2.17
CA SER C 1041 -0.92 -17.76 2.26
C SER C 1041 -0.38 -17.21 3.57
N GLN C 1042 -0.34 -17.98 4.66
CA GLN C 1042 -0.01 -17.44 5.99
C GLN C 1042 1.42 -16.89 6.12
N GLY C 1043 2.38 -17.38 5.33
CA GLY C 1043 3.73 -16.85 5.27
C GLY C 1043 3.88 -15.52 4.52
N SER C 1044 2.97 -15.18 3.61
CA SER C 1044 3.18 -14.15 2.59
C SER C 1044 3.57 -12.78 3.15
N ALA C 1045 2.81 -12.22 4.09
CA ALA C 1045 3.09 -10.90 4.66
C ALA C 1045 4.33 -10.91 5.55
N LEU C 1046 4.64 -12.05 6.15
CA LEU C 1046 5.74 -12.24 7.09
C LEU C 1046 7.08 -12.48 6.39
N ASN C 1047 7.08 -13.01 5.17
CA ASN C 1047 8.27 -13.07 4.34
C ASN C 1047 8.64 -11.70 3.79
N GLN C 1048 7.69 -10.95 3.25
CA GLN C 1048 7.93 -9.60 2.73
C GLN C 1048 8.36 -8.60 3.82
N LEU C 1049 7.93 -8.79 5.07
CA LEU C 1049 8.43 -8.03 6.21
C LEU C 1049 9.92 -8.27 6.43
N THR C 1050 10.37 -9.50 6.27
CA THR C 1050 11.72 -9.93 6.66
C THR C 1050 12.76 -9.61 5.60
N VAL C 1051 12.43 -9.73 4.31
CA VAL C 1051 13.34 -9.34 3.22
C VAL C 1051 13.56 -7.82 3.14
N GLN C 1052 12.65 -7.00 3.64
CA GLN C 1052 12.86 -5.54 3.69
C GLN C 1052 13.98 -5.12 4.65
N LEU C 1053 14.55 -6.06 5.43
CA LEU C 1053 15.77 -5.83 6.20
C LEU C 1053 17.05 -5.90 5.36
N GLN C 1054 17.03 -6.48 4.16
CA GLN C 1054 18.20 -6.49 3.27
C GLN C 1054 18.13 -5.45 2.17
N HIS C 1055 17.08 -4.64 2.10
CA HIS C 1055 17.13 -3.37 1.36
C HIS C 1055 18.02 -2.39 2.13
N ASN C 1056 18.63 -1.42 1.46
CA ASN C 1056 19.52 -0.44 2.08
C ASN C 1056 18.99 0.98 2.09
N PHE C 1057 17.86 1.27 1.41
CA PHE C 1057 17.19 2.57 1.49
C PHE C 1057 18.14 3.76 1.25
N GLN C 1058 18.97 3.66 0.23
CA GLN C 1058 20.01 4.62 -0.16
C GLN C 1058 21.18 4.80 0.81
N ALA C 1059 21.21 4.14 1.98
CA ALA C 1059 22.39 4.09 2.83
C ALA C 1059 23.51 3.20 2.25
N ILE C 1060 24.76 3.42 2.65
CA ILE C 1060 25.93 2.72 2.11
C ILE C 1060 25.98 1.23 2.47
N SER C 1061 25.17 0.77 3.42
CA SER C 1061 25.05 -0.63 3.78
C SER C 1061 23.67 -0.92 4.37
N SER C 1062 23.27 -2.17 4.35
CA SER C 1062 22.02 -2.68 4.91
C SER C 1062 22.16 -3.10 6.38
N SER C 1063 23.25 -2.77 7.09
CA SER C 1063 23.39 -3.10 8.51
C SER C 1063 23.96 -1.98 9.35
N ILE C 1064 23.39 -1.79 10.53
CA ILE C 1064 23.57 -0.57 11.31
C ILE C 1064 24.92 -0.54 12.02
N ASP C 1065 25.39 -1.68 12.50
CA ASP C 1065 26.70 -1.78 13.12
C ASP C 1065 27.84 -1.70 12.11
N ASP C 1066 27.56 -1.97 10.83
CA ASP C 1066 28.47 -1.71 9.72
C ASP C 1066 28.62 -0.21 9.52
N ILE C 1067 27.52 0.53 9.39
CA ILE C 1067 27.51 1.99 9.22
C ILE C 1067 28.17 2.72 10.39
N TYR C 1068 27.80 2.39 11.63
CA TYR C 1068 28.38 3.03 12.81
C TYR C 1068 29.84 2.65 13.04
N SER C 1069 30.31 1.55 12.46
CA SER C 1069 31.71 1.13 12.50
C SER C 1069 32.50 1.53 11.26
N ARG C 1070 31.98 2.37 10.37
CA ARG C 1070 32.73 2.87 9.22
C ARG C 1070 32.57 4.34 8.89
N LEU C 1071 31.40 4.95 8.99
CA LEU C 1071 31.27 6.41 8.84
C LEU C 1071 31.61 7.17 10.13
N ASP C 1072 31.78 8.49 10.05
CA ASP C 1072 31.81 9.38 11.21
C ASP C 1072 30.45 9.41 11.93
N ILE C 1073 30.42 9.67 13.23
CA ILE C 1073 29.19 9.54 14.06
C ILE C 1073 28.12 10.57 13.68
N LEU C 1074 28.50 11.71 13.11
CA LEU C 1074 27.58 12.69 12.51
C LEU C 1074 26.90 12.11 11.26
N SER C 1075 27.64 11.53 10.33
CA SER C 1075 27.08 11.00 9.08
C SER C 1075 26.42 9.63 9.25
N ALA C 1076 26.87 8.81 10.19
CA ALA C 1076 26.27 7.53 10.50
C ALA C 1076 24.83 7.68 10.99
N ASP C 1077 24.54 8.66 11.84
CA ASP C 1077 23.17 9.01 12.23
C ASP C 1077 22.30 9.41 11.03
N VAL C 1078 22.86 10.10 10.03
CA VAL C 1078 22.14 10.55 8.84
C VAL C 1078 21.75 9.39 7.93
N GLN C 1079 22.58 8.35 7.83
CA GLN C 1079 22.26 7.17 7.03
C GLN C 1079 21.37 6.17 7.78
N VAL C 1080 21.57 6.02 9.08
CA VAL C 1080 20.71 5.19 9.93
C VAL C 1080 19.29 5.75 10.01
N ASP C 1081 19.07 7.05 9.86
CA ASP C 1081 17.72 7.60 9.71
C ASP C 1081 16.98 7.11 8.46
N ARG C 1082 17.68 6.77 7.37
CA ARG C 1082 17.03 6.22 6.17
C ARG C 1082 16.68 4.75 6.33
N LEU C 1083 17.51 3.98 7.03
CA LEU C 1083 17.15 2.63 7.48
C LEU C 1083 15.99 2.63 8.48
N ILE C 1084 15.99 3.51 9.48
CA ILE C 1084 14.89 3.62 10.42
C ILE C 1084 13.60 3.99 9.69
N THR C 1085 13.63 4.98 8.80
CA THR C 1085 12.43 5.43 8.07
C THR C 1085 11.92 4.34 7.15
N GLY C 1086 12.81 3.64 6.44
CA GLY C 1086 12.46 2.54 5.56
C GLY C 1086 11.86 1.35 6.29
N ARG C 1087 12.44 0.97 7.42
CA ARG C 1087 12.00 -0.18 8.20
C ARG C 1087 10.72 0.09 8.98
N LEU C 1088 10.48 1.31 9.45
CA LEU C 1088 9.19 1.71 9.98
C LEU C 1088 8.10 1.69 8.90
N SER C 1089 8.41 2.06 7.66
CA SER C 1089 7.47 1.96 6.56
C SER C 1089 7.15 0.49 6.21
N ALA C 1090 8.14 -0.39 6.22
CA ALA C 1090 7.95 -1.82 6.01
C ALA C 1090 7.06 -2.47 7.06
N LEU C 1091 7.11 -2.01 8.31
CA LEU C 1091 6.20 -2.43 9.37
C LEU C 1091 4.80 -1.87 9.22
N ASN C 1092 4.63 -0.59 8.87
CA ASN C 1092 3.31 -0.02 8.61
C ASN C 1092 2.60 -0.71 7.45
N ALA C 1093 3.33 -1.09 6.40
CA ALA C 1093 2.81 -1.90 5.31
C ALA C 1093 2.41 -3.31 5.76
N PHE C 1094 3.17 -3.93 6.66
CA PHE C 1094 2.86 -5.23 7.27
C PHE C 1094 1.66 -5.20 8.21
N VAL C 1095 1.48 -4.14 9.01
CA VAL C 1095 0.30 -3.96 9.85
C VAL C 1095 -0.94 -3.80 8.98
N ALA C 1096 -0.88 -3.03 7.89
CA ALA C 1096 -1.98 -2.91 6.96
C ALA C 1096 -2.35 -4.24 6.30
N GLN C 1097 -1.37 -5.04 5.88
CA GLN C 1097 -1.64 -6.40 5.37
C GLN C 1097 -2.26 -7.28 6.45
N THR C 1098 -1.71 -7.27 7.65
CA THR C 1098 -2.16 -8.13 8.75
C THR C 1098 -3.56 -7.80 9.23
N LEU C 1099 -3.93 -6.53 9.38
CA LEU C 1099 -5.27 -6.14 9.82
C LEU C 1099 -6.35 -6.46 8.77
N THR C 1100 -6.05 -6.34 7.49
CA THR C 1100 -6.98 -6.76 6.44
C THR C 1100 -7.12 -8.27 6.36
N LYS C 1101 -6.08 -9.03 6.69
CA LYS C 1101 -6.13 -10.48 6.77
C LYS C 1101 -6.88 -10.97 8.01
N TYR C 1102 -6.95 -10.23 9.10
CA TYR C 1102 -7.90 -10.50 10.19
C TYR C 1102 -9.33 -10.18 9.78
N THR C 1103 -9.53 -9.06 9.09
CA THR C 1103 -10.86 -8.65 8.64
C THR C 1103 -11.44 -9.57 7.56
N GLU C 1104 -10.64 -10.09 6.65
CA GLU C 1104 -11.05 -11.14 5.72
C GLU C 1104 -11.51 -12.39 6.47
N VAL C 1105 -10.86 -12.79 7.56
CA VAL C 1105 -11.25 -13.94 8.38
C VAL C 1105 -12.54 -13.70 9.14
N GLN C 1106 -12.79 -12.51 9.64
CA GLN C 1106 -13.91 -12.27 10.53
C GLN C 1106 -15.28 -12.47 9.88
N ALA C 1107 -15.40 -12.21 8.58
CA ALA C 1107 -16.60 -12.51 7.81
C ALA C 1107 -16.77 -14.01 7.54
N SER C 1108 -15.69 -14.79 7.53
CA SER C 1108 -15.76 -16.25 7.49
C SER C 1108 -16.17 -16.82 8.84
N ARG C 1109 -15.61 -16.31 9.94
CA ARG C 1109 -16.00 -16.69 11.32
C ARG C 1109 -17.48 -16.40 11.58
N LYS C 1110 -17.96 -15.21 11.25
CA LYS C 1110 -19.38 -14.87 11.38
C LYS C 1110 -20.27 -15.79 10.57
N LEU C 1111 -19.88 -16.17 9.37
CA LEU C 1111 -20.62 -17.15 8.60
C LEU C 1111 -20.53 -18.56 9.20
N ALA C 1112 -19.40 -18.95 9.76
CA ALA C 1112 -19.24 -20.25 10.41
C ALA C 1112 -20.10 -20.37 11.63
N GLN C 1113 -20.23 -19.31 12.43
CA GLN C 1113 -21.09 -19.25 13.58
C GLN C 1113 -22.55 -19.30 13.16
N GLN C 1114 -22.95 -18.63 12.09
CA GLN C 1114 -24.30 -18.78 11.54
C GLN C 1114 -24.57 -20.21 11.10
N LYS C 1115 -23.65 -20.86 10.38
CA LYS C 1115 -23.84 -22.25 9.96
C LYS C 1115 -23.83 -23.23 11.12
N VAL C 1116 -23.06 -23.00 12.17
CA VAL C 1116 -23.18 -23.82 13.37
C VAL C 1116 -24.52 -23.66 14.05
N ASN C 1117 -25.08 -22.46 14.12
CA ASN C 1117 -26.36 -22.25 14.81
C ASN C 1117 -27.57 -22.68 13.96
N GLU C 1118 -27.54 -22.49 12.65
CA GLU C 1118 -28.66 -22.78 11.75
C GLU C 1118 -28.59 -24.12 11.03
N CYS C 1119 -27.41 -24.68 10.79
CA CYS C 1119 -27.27 -25.95 10.10
C CYS C 1119 -26.92 -27.12 11.01
N VAL C 1120 -26.08 -26.90 12.03
CA VAL C 1120 -25.52 -27.94 12.89
C VAL C 1120 -26.28 -28.12 14.18
N LYS C 1121 -26.54 -27.05 14.96
CA LYS C 1121 -27.29 -27.09 16.21
C LYS C 1121 -28.80 -27.18 16.03
N SER C 1122 -29.34 -26.60 14.97
CA SER C 1122 -30.76 -26.63 14.63
C SER C 1122 -30.98 -27.18 13.23
N GLN C 1123 -32.01 -26.76 12.53
CA GLN C 1123 -32.24 -27.09 11.13
C GLN C 1123 -32.74 -25.87 10.37
N SER C 1124 -32.30 -25.71 9.13
CA SER C 1124 -32.52 -24.49 8.36
C SER C 1124 -33.70 -24.66 7.40
N GLN C 1125 -34.68 -23.76 7.47
CA GLN C 1125 -35.74 -23.65 6.46
C GLN C 1125 -35.35 -22.74 5.29
N ARG C 1126 -34.24 -22.00 5.40
CA ARG C 1126 -33.64 -21.17 4.35
C ARG C 1126 -33.16 -22.07 3.22
N TYR C 1127 -33.53 -21.84 1.96
CA TYR C 1127 -33.48 -22.91 0.96
C TYR C 1127 -32.10 -23.49 0.67
N GLY C 1128 -31.08 -22.64 0.55
CA GLY C 1128 -29.77 -23.04 0.03
C GLY C 1128 -28.60 -22.74 0.94
N PHE C 1129 -28.86 -22.32 2.17
CA PHE C 1129 -27.82 -21.82 3.07
C PHE C 1129 -26.87 -22.91 3.51
N CYS C 1130 -27.38 -24.09 3.85
CA CYS C 1130 -26.60 -25.24 4.21
C CYS C 1130 -26.39 -26.12 2.97
N GLY C 1131 -25.38 -25.80 2.16
CA GLY C 1131 -24.89 -26.65 1.09
C GLY C 1131 -25.60 -26.57 -0.25
N GLY C 1132 -26.15 -25.41 -0.63
CA GLY C 1132 -26.80 -25.23 -1.94
C GLY C 1132 -28.08 -26.04 -2.09
N ASP C 1133 -28.60 -26.14 -3.31
CA ASP C 1133 -29.93 -26.71 -3.60
C ASP C 1133 -30.16 -28.12 -3.03
N GLY C 1134 -31.22 -28.28 -2.25
CA GLY C 1134 -31.70 -29.52 -1.64
C GLY C 1134 -32.34 -29.27 -0.28
N GLU C 1135 -33.15 -30.20 0.22
CA GLU C 1135 -33.74 -30.06 1.56
C GLU C 1135 -32.70 -30.45 2.63
N HIS C 1136 -32.30 -29.54 3.50
CA HIS C 1136 -31.33 -29.79 4.57
C HIS C 1136 -31.90 -30.69 5.67
N ILE C 1137 -31.13 -31.64 6.20
CA ILE C 1137 -31.46 -32.34 7.45
C ILE C 1137 -30.40 -32.26 8.55
N PHE C 1138 -29.11 -32.49 8.29
CA PHE C 1138 -28.06 -32.15 9.25
C PHE C 1138 -26.73 -31.78 8.59
N SER C 1139 -25.91 -30.97 9.26
CA SER C 1139 -24.51 -30.78 8.93
C SER C 1139 -23.64 -31.31 10.05
N LEU C 1140 -22.72 -32.21 9.77
CA LEU C 1140 -21.63 -32.51 10.68
C LEU C 1140 -20.57 -31.42 10.63
N VAL C 1141 -19.68 -31.35 11.61
CA VAL C 1141 -18.49 -30.48 11.60
C VAL C 1141 -17.26 -31.34 11.88
N GLN C 1142 -16.13 -30.98 11.27
CA GLN C 1142 -14.83 -31.55 11.55
C GLN C 1142 -13.80 -30.43 11.71
N ALA C 1143 -12.73 -30.65 12.47
CA ALA C 1143 -11.62 -29.71 12.53
C ALA C 1143 -10.85 -29.73 11.22
N ALA C 1144 -10.35 -28.58 10.80
CA ALA C 1144 -9.52 -28.41 9.62
C ALA C 1144 -8.40 -27.40 9.95
N PRO C 1145 -7.31 -27.33 9.18
CA PRO C 1145 -6.09 -26.63 9.54
C PRO C 1145 -6.24 -25.32 10.32
N GLN C 1146 -7.09 -24.39 9.87
CA GLN C 1146 -7.35 -23.15 10.61
C GLN C 1146 -8.84 -22.82 10.69
N GLY C 1147 -9.69 -23.83 10.86
CA GLY C 1147 -11.12 -23.65 10.80
C GLY C 1147 -11.93 -24.92 10.92
N LEU C 1148 -13.12 -24.89 10.32
CA LEU C 1148 -14.10 -25.96 10.37
C LEU C 1148 -14.41 -26.42 8.97
N LEU C 1149 -14.64 -27.72 8.81
CA LEU C 1149 -15.16 -28.32 7.60
C LEU C 1149 -16.54 -28.86 7.89
N PHE C 1150 -17.53 -28.40 7.13
CA PHE C 1150 -18.93 -28.72 7.27
C PHE C 1150 -19.29 -29.75 6.25
N LEU C 1151 -20.02 -30.76 6.67
CA LEU C 1151 -20.50 -31.84 5.83
C LEU C 1151 -22.03 -31.79 5.79
N HIS C 1152 -22.54 -30.84 5.02
CA HIS C 1152 -23.96 -30.57 4.92
C HIS C 1152 -24.66 -31.66 4.15
N THR C 1153 -25.42 -32.46 4.86
CA THR C 1153 -26.10 -33.64 4.38
C THR C 1153 -27.49 -33.28 3.91
N VAL C 1154 -27.68 -33.03 2.62
CA VAL C 1154 -28.93 -32.54 2.02
C VAL C 1154 -29.62 -33.64 1.25
N LEU C 1155 -30.94 -33.71 1.35
CA LEU C 1155 -31.77 -34.69 0.65
C LEU C 1155 -32.05 -34.21 -0.77
N VAL C 1156 -31.64 -35.01 -1.75
CA VAL C 1156 -31.87 -34.77 -3.18
C VAL C 1156 -32.81 -35.83 -3.75
N PRO C 1157 -33.89 -35.43 -4.45
CA PRO C 1157 -34.85 -36.38 -4.95
C PRO C 1157 -34.34 -37.08 -6.19
N GLY C 1158 -34.47 -38.40 -6.22
CA GLY C 1158 -34.24 -39.20 -7.42
C GLY C 1158 -35.40 -39.15 -8.40
N ASP C 1159 -36.63 -38.98 -7.90
CA ASP C 1159 -37.88 -39.06 -8.66
C ASP C 1159 -38.92 -38.03 -8.20
N PHE C 1160 -39.90 -37.78 -9.06
CA PHE C 1160 -41.04 -36.90 -8.85
C PHE C 1160 -42.33 -37.66 -9.18
N VAL C 1161 -43.37 -37.57 -8.35
CA VAL C 1161 -44.72 -37.98 -8.75
C VAL C 1161 -45.43 -36.82 -9.41
N ASN C 1162 -46.34 -37.08 -10.35
CA ASN C 1162 -47.16 -36.07 -11.00
C ASN C 1162 -48.61 -36.27 -10.60
N VAL C 1163 -49.25 -35.24 -10.06
CA VAL C 1163 -50.58 -35.30 -9.45
C VAL C 1163 -51.37 -34.04 -9.74
N LEU C 1164 -52.68 -34.19 -9.87
CA LEU C 1164 -53.60 -33.09 -10.03
C LEU C 1164 -53.85 -32.46 -8.68
N ALA C 1165 -53.43 -31.21 -8.47
CA ALA C 1165 -53.75 -30.45 -7.28
C ALA C 1165 -55.12 -29.78 -7.38
N ILE C 1166 -55.88 -29.83 -6.30
CA ILE C 1166 -57.25 -29.33 -6.14
C ILE C 1166 -57.22 -28.18 -5.15
N ALA C 1167 -57.74 -27.01 -5.52
CA ALA C 1167 -57.67 -25.82 -4.68
C ALA C 1167 -58.45 -25.95 -3.37
N GLY C 1168 -59.53 -26.72 -3.40
CA GLY C 1168 -60.49 -26.81 -2.32
C GLY C 1168 -61.78 -27.46 -2.78
N LEU C 1169 -62.71 -27.60 -1.85
CA LEU C 1169 -63.98 -28.28 -2.05
C LEU C 1169 -65.12 -27.28 -1.97
N CYS C 1170 -65.98 -27.20 -2.98
CA CYS C 1170 -67.13 -26.33 -3.02
C CYS C 1170 -68.40 -27.12 -2.71
N VAL C 1171 -68.61 -27.43 -1.44
CA VAL C 1171 -69.64 -28.37 -0.98
C VAL C 1171 -71.02 -27.73 -1.10
N ASN C 1172 -71.93 -28.40 -1.79
CA ASN C 1172 -73.31 -27.98 -2.10
C ASN C 1172 -73.40 -26.65 -2.86
N GLY C 1173 -72.33 -26.22 -3.53
CA GLY C 1173 -72.23 -24.88 -4.11
C GLY C 1173 -72.23 -23.76 -3.07
N GLU C 1174 -72.13 -24.07 -1.78
CA GLU C 1174 -72.41 -23.15 -0.68
C GLU C 1174 -71.20 -22.92 0.23
N ILE C 1175 -70.56 -23.98 0.75
CA ILE C 1175 -69.46 -23.86 1.73
C ILE C 1175 -68.14 -24.32 1.13
N ALA C 1176 -67.18 -23.40 1.10
CA ALA C 1176 -65.90 -23.58 0.44
C ALA C 1176 -64.82 -23.93 1.44
N LEU C 1177 -64.32 -25.15 1.36
CA LEU C 1177 -63.25 -25.65 2.21
C LEU C 1177 -61.94 -25.47 1.48
N THR C 1178 -60.94 -24.94 2.16
CA THR C 1178 -59.56 -24.76 1.69
C THR C 1178 -58.62 -25.35 2.73
N LEU C 1179 -57.47 -25.90 2.35
CA LEU C 1179 -56.48 -26.28 3.35
C LEU C 1179 -56.04 -25.06 4.17
N ARG C 1180 -55.74 -25.22 5.46
CA ARG C 1180 -55.25 -24.14 6.32
C ARG C 1180 -53.81 -23.77 5.98
N GLU C 1181 -52.97 -24.76 5.70
CA GLU C 1181 -51.52 -24.60 5.60
C GLU C 1181 -51.04 -24.55 4.15
N PRO C 1182 -50.25 -23.53 3.75
CA PRO C 1182 -49.70 -23.42 2.41
C PRO C 1182 -48.60 -24.43 2.09
N GLY C 1183 -48.14 -25.20 3.08
CA GLY C 1183 -47.18 -26.28 2.92
C GLY C 1183 -47.79 -27.58 2.41
N LEU C 1184 -49.12 -27.71 2.47
CA LEU C 1184 -49.87 -28.92 2.14
C LEU C 1184 -50.63 -28.72 0.85
N VAL C 1185 -50.71 -29.77 0.05
CA VAL C 1185 -51.48 -29.80 -1.18
C VAL C 1185 -52.48 -30.91 -1.16
N LEU C 1186 -53.67 -30.65 -1.69
CA LEU C 1186 -54.76 -31.60 -1.77
C LEU C 1186 -54.80 -32.10 -3.19
N PHE C 1187 -54.72 -33.41 -3.40
CA PHE C 1187 -54.48 -33.95 -4.72
C PHE C 1187 -55.23 -35.24 -4.97
N THR C 1188 -55.34 -35.60 -6.24
CA THR C 1188 -55.75 -36.92 -6.70
C THR C 1188 -54.79 -37.43 -7.78
N HIS C 1189 -54.61 -38.75 -7.91
CA HIS C 1189 -53.68 -39.36 -8.88
C HIS C 1189 -54.20 -39.39 -10.33
N GLU C 1190 -55.39 -38.87 -10.60
CA GLU C 1190 -56.18 -39.12 -11.81
C GLU C 1190 -56.19 -37.91 -12.79
N LEU C 1191 -55.01 -37.50 -13.27
CA LEU C 1191 -54.77 -36.19 -13.91
C LEU C 1191 -55.72 -35.83 -15.07
N GLN C 1192 -56.17 -36.80 -15.85
CA GLN C 1192 -56.98 -36.59 -17.05
C GLN C 1192 -58.45 -36.17 -16.77
N THR C 1193 -58.87 -35.96 -15.51
CA THR C 1193 -60.25 -35.50 -15.18
C THR C 1193 -60.30 -34.52 -13.99
N TYR C 1194 -61.27 -33.60 -14.03
CA TYR C 1194 -61.54 -32.52 -13.05
C TYR C 1194 -61.92 -33.00 -11.64
N THR C 1195 -62.39 -34.25 -11.50
CA THR C 1195 -62.80 -34.93 -10.26
C THR C 1195 -62.56 -36.45 -10.40
N ALA C 1196 -62.35 -37.15 -9.28
CA ALA C 1196 -61.60 -38.41 -9.28
C ALA C 1196 -61.97 -39.38 -8.13
N THR C 1197 -61.42 -40.59 -8.23
CA THR C 1197 -61.70 -41.74 -7.35
C THR C 1197 -61.51 -41.43 -5.86
N GLU C 1198 -60.31 -41.01 -5.42
CA GLU C 1198 -60.02 -40.68 -4.02
C GLU C 1198 -58.94 -39.61 -3.85
N TYR C 1199 -58.91 -38.96 -2.69
CA TYR C 1199 -58.17 -37.73 -2.41
C TYR C 1199 -57.16 -37.91 -1.29
N PHE C 1200 -56.08 -37.16 -1.36
CA PHE C 1200 -54.96 -37.20 -0.45
C PHE C 1200 -54.42 -35.82 -0.15
N VAL C 1201 -53.72 -35.69 0.96
CA VAL C 1201 -52.99 -34.52 1.40
C VAL C 1201 -51.56 -34.92 1.63
N SER C 1202 -50.62 -34.09 1.20
CA SER C 1202 -49.19 -34.28 1.43
C SER C 1202 -48.47 -32.96 1.47
N SER C 1203 -47.25 -32.94 1.97
CA SER C 1203 -46.43 -31.76 1.81
C SER C 1203 -46.09 -31.57 0.34
N ARG C 1204 -45.77 -30.34 -0.03
CA ARG C 1204 -45.21 -30.02 -1.34
C ARG C 1204 -43.72 -30.35 -1.43
N ARG C 1205 -43.00 -30.44 -0.31
CA ARG C 1205 -41.54 -30.62 -0.26
C ARG C 1205 -41.08 -32.06 -0.35
N MET C 1206 -41.90 -32.98 0.17
CA MET C 1206 -41.75 -34.41 0.08
C MET C 1206 -43.09 -35.12 -0.08
N PHE C 1207 -43.12 -36.22 -0.82
CA PHE C 1207 -44.34 -36.98 -1.04
C PHE C 1207 -44.64 -37.92 0.13
N GLU C 1208 -45.44 -37.43 1.07
CA GLU C 1208 -45.90 -38.14 2.24
C GLU C 1208 -47.43 -38.05 2.32
N PRO C 1209 -48.16 -38.87 1.53
CA PRO C 1209 -49.59 -38.83 1.43
C PRO C 1209 -50.30 -39.35 2.68
N ARG C 1210 -51.46 -38.78 2.96
CA ARG C 1210 -52.42 -39.21 3.98
C ARG C 1210 -53.82 -38.79 3.57
N LYS C 1211 -54.86 -39.40 4.10
CA LYS C 1211 -56.24 -38.97 3.80
C LYS C 1211 -56.49 -37.64 4.50
N PRO C 1212 -57.31 -36.75 3.94
CA PRO C 1212 -57.58 -35.48 4.56
C PRO C 1212 -58.33 -35.70 5.87
N THR C 1213 -58.20 -34.77 6.80
CA THR C 1213 -58.92 -34.81 8.08
C THR C 1213 -59.74 -33.54 8.19
N VAL C 1214 -60.89 -33.56 8.85
CA VAL C 1214 -61.71 -32.34 9.05
C VAL C 1214 -60.94 -31.20 9.75
N SER C 1215 -59.79 -31.50 10.35
CA SER C 1215 -58.89 -30.57 11.01
C SER C 1215 -57.89 -29.88 10.09
N ASP C 1216 -57.70 -30.33 8.84
CA ASP C 1216 -56.81 -29.71 7.84
C ASP C 1216 -57.46 -28.57 7.07
N PHE C 1217 -58.79 -28.51 7.05
CA PHE C 1217 -59.63 -27.66 6.20
C PHE C 1217 -60.34 -26.53 6.96
N VAL C 1218 -60.35 -25.31 6.42
CA VAL C 1218 -61.10 -24.17 6.95
C VAL C 1218 -62.09 -23.61 5.94
N GLN C 1219 -63.30 -23.26 6.38
CA GLN C 1219 -64.34 -22.69 5.55
C GLN C 1219 -64.10 -21.22 5.28
N ILE C 1220 -63.73 -20.89 4.05
CA ILE C 1220 -63.54 -19.52 3.57
C ILE C 1220 -64.87 -18.90 3.14
N GLU C 1221 -64.93 -17.57 3.03
CA GLU C 1221 -66.20 -16.84 2.96
C GLU C 1221 -67.05 -17.15 1.71
N SER C 1222 -66.44 -17.40 0.55
CA SER C 1222 -67.18 -17.77 -0.66
C SER C 1222 -66.40 -18.67 -1.59
N CYS C 1223 -67.12 -19.51 -2.35
CA CYS C 1223 -66.56 -20.43 -3.33
C CYS C 1223 -65.97 -19.69 -4.55
N VAL C 1224 -64.98 -20.29 -5.21
CA VAL C 1224 -64.25 -19.75 -6.36
C VAL C 1224 -64.20 -20.80 -7.46
N VAL C 1225 -64.27 -20.40 -8.74
CA VAL C 1225 -64.51 -21.35 -9.86
C VAL C 1225 -63.46 -22.46 -10.06
N THR C 1226 -62.32 -22.40 -9.38
CA THR C 1226 -61.25 -23.42 -9.41
C THR C 1226 -61.50 -24.62 -8.45
N TYR C 1227 -62.36 -24.47 -7.46
CA TYR C 1227 -62.68 -25.48 -6.43
C TYR C 1227 -63.57 -26.57 -7.01
N VAL C 1228 -63.43 -27.84 -6.58
CA VAL C 1228 -64.27 -28.92 -7.12
C VAL C 1228 -65.68 -28.87 -6.60
N ASN C 1229 -66.66 -29.18 -7.46
CA ASN C 1229 -68.04 -29.09 -7.13
C ASN C 1229 -68.34 -30.41 -6.51
N LEU C 1230 -68.96 -30.45 -5.34
CA LEU C 1230 -69.08 -31.63 -4.50
C LEU C 1230 -70.38 -31.54 -3.68
N THR C 1231 -70.89 -32.65 -3.19
CA THR C 1231 -72.13 -32.71 -2.40
C THR C 1231 -71.85 -33.31 -1.02
N SER C 1232 -72.55 -32.85 0.00
CA SER C 1232 -72.35 -33.27 1.40
C SER C 1232 -72.62 -34.75 1.65
N ASP C 1233 -73.29 -35.42 0.71
CA ASP C 1233 -73.44 -36.88 0.71
C ASP C 1233 -72.13 -37.62 0.42
N GLN C 1234 -71.18 -36.98 -0.26
CA GLN C 1234 -69.93 -37.59 -0.71
C GLN C 1234 -68.66 -36.86 -0.25
N LEU C 1235 -68.77 -35.69 0.37
CA LEU C 1235 -67.70 -35.14 1.21
C LEU C 1235 -67.08 -36.18 2.17
N PRO C 1236 -67.81 -37.14 2.78
CA PRO C 1236 -67.22 -38.20 3.60
C PRO C 1236 -66.43 -39.29 2.84
N ASP C 1237 -66.50 -39.38 1.51
CA ASP C 1237 -65.58 -40.23 0.74
C ASP C 1237 -64.23 -39.53 0.50
N VAL C 1238 -64.23 -38.19 0.47
CA VAL C 1238 -63.05 -37.32 0.46
C VAL C 1238 -62.42 -37.23 1.85
N ILE C 1239 -63.21 -36.86 2.87
CA ILE C 1239 -62.78 -36.63 4.24
C ILE C 1239 -63.38 -37.72 5.15
N PRO C 1240 -62.74 -38.87 5.35
CA PRO C 1240 -63.12 -39.79 6.42
C PRO C 1240 -63.21 -39.07 7.78
N ASP C 1241 -64.03 -39.57 8.69
CA ASP C 1241 -64.33 -38.99 10.02
C ASP C 1241 -65.03 -37.62 10.04
N TYR C 1242 -65.52 -37.11 8.91
CA TYR C 1242 -66.34 -35.90 8.87
C TYR C 1242 -67.59 -35.94 9.74
C1 NAG D . 19.75 19.49 19.12
C2 NAG D . 19.96 18.25 20.04
C3 NAG D . 21.23 18.35 20.76
C4 NAG D . 22.22 18.30 19.72
C5 NAG D . 22.04 19.46 18.91
C6 NAG D . 23.08 19.64 17.93
C7 NAG D . 17.78 18.33 20.83
C8 NAG D . 17.04 18.56 22.06
N2 NAG D . 19.01 18.27 21.05
O3 NAG D . 21.38 17.40 21.79
O4 NAG D . 23.54 18.17 20.06
O5 NAG D . 20.85 19.34 18.33
O6 NAG D . 22.88 21.00 18.09
O7 NAG D . 17.35 18.18 19.76
C1 NAG D . 23.84 16.83 19.84
C2 NAG D . 25.22 16.85 19.49
C3 NAG D . 25.81 15.54 19.71
C4 NAG D . 25.70 15.14 21.12
C5 NAG D . 24.28 15.20 21.40
C6 NAG D . 23.92 15.03 22.82
C7 NAG D . 26.31 17.83 17.71
C8 NAG D . 26.13 18.85 16.67
N2 NAG D . 25.25 17.21 18.12
O3 NAG D . 27.08 16.03 19.55
O4 NAG D . 25.70 13.76 21.06
O5 NAG D . 23.78 16.45 21.15
O6 NAG D . 22.54 14.76 22.74
O7 NAG D . 27.35 17.60 18.21
C1 BMA D . 26.83 13.20 21.64
C2 BMA D . 26.56 12.03 22.50
C3 BMA D . 27.83 11.64 23.09
C4 BMA D . 28.72 11.32 22.01
C5 BMA D . 28.91 12.49 21.19
C6 BMA D . 29.73 12.16 20.00
O2 BMA D . 26.11 10.99 21.71
O3 BMA D . 27.68 10.42 23.74
O4 BMA D . 29.90 11.41 22.72
O5 BMA D . 27.69 12.81 20.67
O6 BMA D . 29.74 13.20 19.05
C1 MAN D . 27.63 10.59 25.16
C2 MAN D . 28.30 9.38 25.80
C3 MAN D . 27.58 8.22 25.24
C4 MAN D . 26.16 8.34 25.66
C5 MAN D . 25.58 9.57 25.06
C6 MAN D . 24.21 9.81 25.59
O2 MAN D . 28.04 9.35 27.20
O3 MAN D . 28.22 7.12 25.81
O4 MAN D . 25.43 7.41 24.94
O5 MAN D . 26.29 10.63 25.58
O6 MAN D . 24.30 9.61 26.99
C1 MAN D . 29.24 9.25 27.97
C2 MAN D . 29.24 8.36 29.18
C3 MAN D . 28.50 8.99 30.32
C4 MAN D . 29.19 10.27 30.60
C5 MAN D . 29.19 11.15 29.38
C6 MAN D . 30.02 12.35 29.78
O2 MAN D . 30.58 8.25 29.64
O3 MAN D . 28.75 8.30 31.53
O4 MAN D . 28.55 10.92 31.69
O5 MAN D . 29.84 10.46 28.35
O6 MAN D . 30.56 12.99 28.63
C1 MAN D . 30.87 14.00 19.40
C2 MAN D . 31.11 15.28 18.69
C3 MAN D . 31.63 14.98 17.33
C4 MAN D . 32.87 14.16 17.54
C5 MAN D . 32.59 12.87 18.28
C6 MAN D . 33.73 11.84 18.54
O2 MAN D . 32.07 15.91 19.48
O3 MAN D . 31.95 16.20 16.66
O4 MAN D . 33.28 13.83 16.23
O5 MAN D . 32.06 13.29 19.50
O6 MAN D . 33.37 10.68 19.33
C1 NAG E . 10.39 35.75 38.77
C2 NAG E . 9.63 36.88 37.91
C3 NAG E . 9.70 38.15 38.66
C4 NAG E . 8.93 37.94 39.90
C5 NAG E . 9.65 36.88 40.70
C6 NAG E . 9.12 36.75 42.13
C7 NAG E . 9.92 36.24 35.57
C8 NAG E . 10.89 36.29 34.42
N2 NAG E . 10.07 37.13 36.54
O3 NAG E . 9.33 39.26 37.90
O4 NAG E . 8.62 39.19 40.48
O5 NAG E . 9.61 35.67 39.96
O6 NAG E . 9.99 35.94 42.91
O7 NAG E . 9.04 35.41 35.60
C1 NAG E . 7.25 39.63 40.31
C2 NAG E . 6.92 40.23 41.69
C3 NAG E . 5.72 41.15 41.62
C4 NAG E . 5.95 42.19 40.57
C5 NAG E . 6.28 41.57 39.24
C6 NAG E . 6.66 42.71 38.32
C7 NAG E . 5.55 38.87 43.40
C8 NAG E . 5.19 39.89 44.44
N2 NAG E . 6.65 39.13 42.63
O3 NAG E . 5.70 41.97 42.78
O4 NAG E . 4.77 42.99 40.52
O5 NAG E . 7.39 40.69 39.38
O6 NAG E . 6.79 42.23 36.98
O7 NAG E . 4.87 37.86 43.29
C1 NAG F . 55.70 3.87 8.08
C2 NAG F . 56.88 2.87 8.03
C3 NAG F . 56.68 1.80 9.03
C4 NAG F . 56.67 2.35 10.38
C5 NAG F . 55.55 3.28 10.36
C6 NAG F . 55.47 3.91 11.70
C7 NAG F . 57.23 2.52 5.72
C8 NAG F . 57.04 1.66 4.53
N2 NAG F . 56.73 2.14 6.84
O3 NAG F . 57.77 0.94 8.94
O4 NAG F . 56.24 1.42 11.35
O5 NAG F . 55.78 4.23 9.40
O6 NAG F . 54.16 4.12 12.14
O7 NAG F . 57.81 3.53 5.64
C1 NAG F . 57.09 0.63 12.22
C2 NAG F . 56.97 0.79 13.68
C3 NAG F . 58.30 1.24 14.16
C4 NAG F . 59.29 0.19 13.82
C5 NAG F . 59.30 0.03 12.33
C6 NAG F . 60.27 -1.03 11.88
C7 NAG F . 55.66 1.85 15.27
C8 NAG F . 54.34 2.51 15.55
N2 NAG F . 56.00 1.72 14.03
O3 NAG F . 58.32 1.51 15.54
O4 NAG F . 60.51 0.81 14.21
O5 NAG F . 58.03 -0.38 11.89
O6 NAG F . 61.12 -0.39 10.93
O7 NAG F . 56.38 1.47 16.15
C1 NAG G . 39.94 -22.42 13.53
C2 NAG G . 40.60 -21.70 14.74
C3 NAG G . 42.03 -21.50 14.57
C4 NAG G . 42.60 -22.81 14.62
C5 NAG G . 42.02 -23.44 13.47
C6 NAG G . 42.78 -24.62 13.13
C7 NAG G . 39.90 -19.70 14.61
C8 NAG G . 40.23 -19.42 16.00
N2 NAG G . 40.44 -20.60 14.04
O3 NAG G . 42.51 -20.79 15.66
O4 NAG G . 44.02 -22.88 14.63
O5 NAG G . 40.68 -23.55 13.67
O6 NAG G . 42.44 -25.39 14.25
O7 NAG G . 39.04 -19.15 14.08
C1 NAG G . 44.58 -23.52 15.77
C2 NAG G . 45.96 -23.89 15.43
C3 NAG G . 46.45 -24.73 16.53
C4 NAG G . 46.37 -23.97 17.78
C5 NAG G . 44.94 -23.60 17.99
C6 NAG G . 44.63 -23.03 19.34
C7 NAG G . 46.57 -25.42 13.60
C8 NAG G . 47.79 -26.11 14.07
N2 NAG G . 45.74 -24.87 14.43
O3 NAG G . 47.83 -24.71 16.37
O4 NAG G . 46.79 -24.86 18.79
O5 NAG G . 44.50 -22.79 16.94
O6 NAG G . 44.69 -24.16 20.20
O7 NAG G . 46.35 -25.42 12.46
C1 NAG H . -36.49 1.39 37.40
C2 NAG H . -36.79 2.17 38.71
C3 NAG H . -36.20 3.50 38.77
C4 NAG H . -34.75 3.26 38.73
C5 NAG H . -34.45 2.57 37.48
C6 NAG H . -33.02 2.20 37.41
C7 NAG H . -38.73 1.08 39.04
C8 NAG H . -40.09 1.26 39.61
N2 NAG H . -38.19 2.21 38.66
O3 NAG H . -36.50 3.89 40.08
O4 NAG H . -33.92 4.38 38.59
O5 NAG H . -35.13 1.39 37.52
O6 NAG H . -32.75 1.57 38.64
O7 NAG H . -38.18 -0.02 38.96
C1 NAG H . -33.08 4.68 39.71
C2 NAG H . -33.48 6.06 40.11
C3 NAG H . -32.68 6.45 41.28
C4 NAG H . -32.85 5.45 42.36
C5 NAG H . -32.44 4.10 41.91
C6 NAG H . -32.74 3.14 43.01
C7 NAG H . -33.54 7.59 38.18
C8 NAG H . -32.68 8.22 37.14
N2 NAG H . -32.90 6.95 39.14
O3 NAG H . -33.40 7.57 41.70
O4 NAG H . -32.03 5.77 43.46
O5 NAG H . -33.23 3.78 40.80
O6 NAG H . -34.10 3.37 43.37
O7 NAG H . -34.75 7.67 38.14
C1 NAG I . 8.13 22.79 -24.24
C2 NAG I . 7.15 23.47 -23.29
C3 NAG I . 7.57 24.87 -23.21
C4 NAG I . 8.86 24.91 -22.54
C5 NAG I . 9.73 24.23 -23.47
C6 NAG I . 11.18 24.40 -23.18
C7 NAG I . 5.04 22.70 -23.73
C8 NAG I . 3.74 23.04 -24.22
N2 NAG I . 5.98 23.49 -24.04
O3 NAG I . 6.53 25.68 -22.70
O4 NAG I . 9.39 26.17 -22.42
O5 NAG I . 9.30 22.95 -23.55
O6 NAG I . 11.83 23.16 -22.96
O7 NAG I . 5.20 21.73 -23.12
C1 NAG I . 9.10 26.74 -21.17
C2 NAG I . 10.21 27.58 -20.87
C3 NAG I . 9.92 28.39 -19.70
C4 NAG I . 8.79 29.27 -19.98
C5 NAG I . 7.73 28.33 -20.34
C6 NAG I . 6.48 29.03 -20.71
C7 NAG I . 12.46 27.05 -20.69
C8 NAG I . 13.44 26.03 -21.12
N2 NAG I . 11.24 26.66 -20.56
O3 NAG I . 11.05 29.15 -19.80
O4 NAG I . 8.24 29.59 -18.74
O5 NAG I . 8.04 27.58 -21.43
O6 NAG I . 5.51 28.00 -20.66
O7 NAG I . 12.71 28.19 -20.50
C1 BMA I . 8.36 30.92 -18.30
C2 BMA I . 7.17 31.47 -17.63
C3 BMA I . 7.40 32.90 -17.37
C4 BMA I . 8.57 32.99 -16.50
C5 BMA I . 9.70 32.38 -17.20
C6 BMA I . 10.88 32.35 -16.30
O2 BMA I . 7.00 30.88 -16.40
O3 BMA I . 6.28 33.38 -16.67
O4 BMA I . 8.90 34.30 -16.78
O5 BMA I . 9.39 31.07 -17.44
O6 BMA I . 11.92 31.56 -16.86
C1 MAN I . 5.43 34.25 -17.45
C2 MAN I . 5.08 35.39 -16.54
C3 MAN I . 4.51 34.79 -15.32
C4 MAN I . 3.28 34.03 -15.71
C5 MAN I . 3.69 32.97 -16.64
C6 MAN I . 2.40 32.44 -17.17
O2 MAN I . 3.98 36.15 -17.09
O3 MAN I . 4.21 35.87 -14.47
O4 MAN I . 3.06 33.24 -14.59
O5 MAN I . 4.24 33.56 -17.76
O6 MAN I . 2.72 31.47 -18.15
C1 MAN I . 4.29 37.53 -17.22
C2 MAN I . 3.18 38.48 -16.88
C3 MAN I . 2.13 38.50 -17.94
C4 MAN I . 2.82 38.89 -19.19
C5 MAN I . 3.94 37.94 -19.51
C6 MAN I . 4.59 38.57 -20.72
O2 MAN I . 3.74 39.79 -16.88
O3 MAN I . 1.27 39.61 -17.78
O4 MAN I . 1.87 38.89 -20.25
O5 MAN I . 4.83 37.95 -18.43
O6 MAN I . 5.97 38.29 -20.78
C1 MAN I . 12.71 32.46 -17.62
C2 MAN I . 13.84 31.93 -18.42
C3 MAN I . 14.93 31.58 -17.48
C4 MAN I . 15.29 32.83 -16.73
C5 MAN I . 14.10 33.35 -15.93
C6 MAN I . 14.28 34.57 -14.99
O2 MAN I . 14.21 33.00 -19.22
O3 MAN I . 16.06 31.10 -18.22
O4 MAN I . 16.28 32.38 -15.82
O5 MAN I . 13.13 33.60 -16.91
O6 MAN I . 13.11 34.94 -14.21
C1 NAG J . -4.59 24.44 -47.53
C2 NAG J . -4.08 23.12 -48.27
C3 NAG J . -3.97 23.43 -49.72
C4 NAG J . -5.36 23.68 -50.18
C5 NAG J . -5.83 24.94 -49.49
C6 NAG J . -7.16 25.35 -50.08
C7 NAG J . -2.64 21.91 -46.66
C8 NAG J . -3.87 21.39 -45.99
N2 NAG J . -2.83 22.53 -47.82
O3 NAG J . -3.22 22.48 -50.43
O4 NAG J . -5.49 23.66 -51.59
O5 NAG J . -5.89 24.63 -48.11
O6 NAG J . -7.48 26.69 -49.76
O7 NAG J . -1.53 21.76 -46.16
C1 NAG J . -5.96 22.38 -52.10
C2 NAG J . -6.55 22.64 -53.49
C3 NAG J . -6.75 21.36 -54.25
C4 NAG J . -5.45 20.64 -54.30
C5 NAG J . -4.90 20.41 -52.92
C6 NAG J . -3.52 19.81 -53.03
C7 NAG J . -9.01 22.96 -53.95
C8 NAG J . -10.20 22.95 -53.02
N2 NAG J . -7.83 23.31 -53.36
O3 NAG J . -7.07 21.63 -55.61
O4 NAG J . -5.66 19.40 -54.95
O5 NAG J . -4.76 21.64 -52.27
O6 NAG J . -3.41 18.98 -54.18
O7 NAG J . -9.12 22.69 -55.13
C1 NAG K . 31.30 46.44 -1.46
C2 NAG K . 31.66 47.72 -0.67
C3 NAG K . 30.55 48.41 -0.01
C4 NAG K . 29.77 49.00 -1.12
C5 NAG K . 29.36 47.81 -1.90
C6 NAG K . 28.59 48.24 -3.10
C7 NAG K . 33.18 46.92 1.20
C8 NAG K . 32.38 47.49 2.30
N2 NAG K . 32.80 47.17 -0.01
O3 NAG K . 31.40 49.31 0.59
O4 NAG K . 28.46 49.46 -0.77
O5 NAG K . 30.52 47.18 -2.33
O6 NAG K . 28.04 47.10 -3.73
O7 NAG K . 34.17 46.25 1.40
C1 NAG K . 28.05 50.78 -0.37
C2 NAG K . 27.39 51.70 -1.31
C3 NAG K . 28.43 52.65 -1.76
C4 NAG K . 29.05 53.32 -0.58
C5 NAG K . 29.63 52.30 0.36
C6 NAG K . 30.13 52.99 1.62
C7 NAG K . 25.75 50.52 -2.59
C8 NAG K . 25.40 50.04 -3.96
N2 NAG K . 26.94 51.07 -2.49
O3 NAG K . 27.71 53.59 -2.50
O4 NAG K . 30.13 54.05 -1.14
O5 NAG K . 28.61 51.42 0.70
O6 NAG K . 30.06 52.15 2.77
O7 NAG K . 25.02 50.38 -1.64
C1 NAG L . 7.96 43.14 18.77
C2 NAG L . 8.17 44.18 17.66
C3 NAG L . 9.22 45.14 17.86
C4 NAG L . 8.63 45.87 18.99
C5 NAG L . 8.48 45.00 20.13
C6 NAG L . 7.59 45.70 21.11
C7 NAG L . 8.47 43.25 15.59
C8 NAG L . 9.41 42.17 15.36
N2 NAG L . 8.04 43.21 16.71
O3 NAG L . 8.90 45.69 16.65
O4 NAG L . 9.59 46.58 19.63
O5 NAG L . 7.61 44.08 19.66
O6 NAG L . 7.75 45.43 22.50
O7 NAG L . 8.03 44.07 14.92
C1 NAG L . 9.41 47.96 19.42
C2 NAG L . 10.38 48.88 20.05
C3 NAG L . 9.67 50.16 20.07
C4 NAG L . 9.29 50.59 18.73
C5 NAG L . 8.39 49.55 18.20
C6 NAG L . 7.86 49.98 16.87
C7 NAG L . 11.33 48.90 22.23
C8 NAG L . 11.45 50.24 22.87
N2 NAG L . 10.35 48.64 21.43
O3 NAG L . 10.62 51.11 20.46
O4 NAG L . 8.51 51.73 18.95
O5 NAG L . 9.06 48.33 18.14
O6 NAG L . 6.63 50.57 17.28
O7 NAG L . 12.11 48.07 22.51
C1 NAG M . -47.71 -4.68 -21.57
C2 NAG M . -48.35 -4.09 -22.88
C3 NAG M . -47.35 -3.89 -23.92
C4 NAG M . -46.36 -2.93 -23.42
C5 NAG M . -45.79 -3.53 -22.23
C6 NAG M . -44.66 -2.72 -21.72
C7 NAG M . -49.82 -5.83 -22.62
C8 NAG M . -50.03 -7.26 -22.99
N2 NAG M . -48.95 -5.25 -23.36
O3 NAG M . -47.97 -3.29 -25.01
O4 NAG M . -45.29 -2.71 -24.27
O5 NAG M . -46.76 -3.73 -21.31
O6 NAG M . -45.32 -1.53 -21.45
O7 NAG M . -50.39 -5.26 -21.70
C1 NAG M . -45.30 -1.48 -25.00
C2 NAG M . -45.26 -1.96 -26.42
C3 NAG M . -45.31 -0.76 -27.27
C4 NAG M . -46.52 0.04 -26.94
C5 NAG M . -46.52 0.47 -25.52
C6 NAG M . -47.82 1.12 -25.23
C7 NAG M . -43.44 -3.56 -26.95
C8 NAG M . -41.96 -3.60 -27.15
N2 NAG M . -43.90 -2.35 -26.66
O3 NAG M . -45.54 -1.34 -28.54
O4 NAG M . -46.58 1.22 -27.71
O5 NAG M . -46.46 -0.69 -24.76
O6 NAG M . -48.80 0.17 -25.62
O7 NAG M . -44.12 -4.56 -27.04
C1 NAG N . 30.01 -13.27 -8.94
C2 NAG N . 29.27 -13.93 -10.06
C3 NAG N . 30.14 -14.01 -11.20
C4 NAG N . 30.35 -12.59 -11.45
C5 NAG N . 31.06 -12.02 -10.29
C6 NAG N . 31.78 -10.77 -10.49
C7 NAG N . 27.78 -15.53 -9.44
C8 NAG N . 27.41 -16.92 -9.66
N2 NAG N . 28.98 -15.24 -9.69
O3 NAG N . 29.42 -14.61 -12.22
O4 NAG N . 31.10 -12.27 -12.55
O5 NAG N . 30.23 -11.98 -9.24
O6 NAG N . 32.65 -11.35 -11.42
O7 NAG N . 27.01 -14.75 -9.04
C1 NAG N . 30.29 -11.90 -13.63
C2 NAG N . 31.13 -11.03 -14.40
C3 NAG N . 30.53 -10.70 -15.68
C4 NAG N . 30.31 -11.88 -16.49
C5 NAG N . 29.49 -12.73 -15.62
C6 NAG N . 29.23 -14.04 -16.26
C7 NAG N . 32.35 -9.14 -13.82
C8 NAG N . 32.87 -8.40 -12.66
N2 NAG N . 31.26 -9.82 -13.66
O3 NAG N . 31.73 -10.24 -16.19
O4 NAG N . 29.29 -11.49 -17.36
O5 NAG N . 30.08 -13.02 -14.40
O6 NAG N . 28.31 -14.70 -15.38
O7 NAG N . 32.90 -9.18 -14.89
C1 BMA N . 29.67 -11.39 -18.73
C2 BMA N . 28.68 -12.06 -19.65
C3 BMA N . 29.22 -12.06 -21.03
C4 BMA N . 29.48 -10.65 -21.40
C5 BMA N . 30.44 -10.01 -20.44
C6 BMA N . 30.75 -8.55 -20.80
O2 BMA N . 27.52 -11.29 -19.64
O3 BMA N . 28.17 -12.50 -21.88
O4 BMA N . 30.25 -10.81 -22.55
O5 BMA N . 29.87 -10.08 -19.17
O6 BMA N . 31.45 -7.79 -19.78
C1 MAN N . 28.46 -13.73 -22.56
C2 MAN N . 27.98 -13.60 -24.00
C3 MAN N . 26.53 -13.23 -23.99
C4 MAN N . 25.82 -14.36 -23.30
C5 MAN N . 26.36 -14.49 -21.92
C6 MAN N . 25.68 -15.66 -21.29
O2 MAN N . 28.01 -14.85 -24.70
O3 MAN N . 26.14 -13.12 -25.35
O4 MAN N . 24.45 -14.06 -23.14
O5 MAN N . 27.72 -14.79 -21.98
O6 MAN N . 26.29 -15.81 -20.03
C1 MAN N . 29.29 -15.01 -25.30
C2 MAN N . 29.36 -14.53 -26.74
C3 MAN N . 28.49 -15.41 -27.62
C4 MAN N . 29.02 -16.82 -27.44
C5 MAN N . 28.95 -17.22 -25.99
C6 MAN N . 29.37 -18.66 -25.92
O2 MAN N . 30.70 -14.58 -27.25
O3 MAN N . 28.66 -15.04 -28.98
O4 MAN N . 28.31 -17.79 -28.19
O5 MAN N . 29.76 -16.35 -25.22
O6 MAN N . 28.60 -19.36 -26.90
C1 MAN N . 32.70 -7.30 -20.32
C2 MAN N . 33.84 -8.04 -19.80
C3 MAN N . 34.22 -7.40 -18.51
C4 MAN N . 34.62 -5.96 -18.68
C5 MAN N . 33.42 -5.29 -19.28
C6 MAN N . 33.80 -3.88 -19.70
O2 MAN N . 34.86 -7.87 -20.74
O3 MAN N . 35.35 -8.15 -18.17
O4 MAN N . 34.99 -5.38 -17.41
O5 MAN N . 33.09 -5.95 -20.47
O6 MAN N . 32.82 -2.85 -19.43
C1 NAG O . 38.13 -37.67 -1.38
C2 NAG O . 38.58 -37.59 0.15
C3 NAG O . 39.52 -38.67 0.56
C4 NAG O . 38.70 -39.89 0.45
C5 NAG O . 38.25 -40.01 -1.01
C6 NAG O . 36.89 -40.65 -1.06
C7 NAG O . 37.95 -35.33 0.59
C8 NAG O . 38.41 -33.93 0.32
N2 NAG O . 38.88 -36.28 0.68
O3 NAG O . 40.01 -38.40 1.86
O4 NAG O . 39.38 -40.94 1.17
O5 NAG O . 37.48 -38.88 -1.33
O6 NAG O . 36.70 -41.14 -2.41
O7 NAG O . 36.78 -35.60 0.72
C1 NAG O . 38.71 -41.29 2.43
C2 NAG O . 39.47 -41.79 3.65
C3 NAG O . 38.42 -42.28 4.65
C4 NAG O . 37.49 -41.16 5.02
C5 NAG O . 36.80 -40.68 3.78
C6 NAG O . 35.98 -39.47 4.13
C7 NAG O . 40.90 -43.56 4.31
C8 NAG O . 41.54 -42.70 5.35
N2 NAG O . 40.32 -42.88 3.34
O3 NAG O . 38.89 -42.77 5.90
O4 NAG O . 36.50 -41.65 5.91
O5 NAG O . 37.83 -40.28 2.90
O6 NAG O . 36.79 -38.61 4.95
O7 NAG O . 40.88 -44.77 4.38
C1 NAG P . 39.48 13.35 -37.41
C2 NAG P . 39.71 14.13 -38.76
C3 NAG P . 38.95 13.51 -39.85
C4 NAG P . 39.42 12.15 -40.16
C5 NAG P . 39.20 11.52 -38.86
C6 NAG P . 39.50 10.05 -38.96
C7 NAG P . 39.55 16.52 -38.40
C8 NAG P . 38.65 17.69 -38.31
N2 NAG P . 39.03 15.36 -38.58
O3 NAG P . 39.15 14.30 -40.97
O4 NAG P . 38.51 11.42 -40.98
O5 NAG P . 39.90 12.10 -37.85
O6 NAG P . 39.31 9.33 -37.78
O7 NAG P . 40.71 16.61 -38.33
C1 NAG P . 38.49 11.22 -42.44
C2 NAG P . 39.06 10.00 -43.03
C3 NAG P . 40.31 10.40 -43.72
C4 NAG P . 39.93 11.41 -44.77
C5 NAG P . 39.31 12.60 -44.09
C6 NAG P . 38.77 13.55 -45.13
C7 NAG P . 38.98 7.82 -42.20
C8 NAG P . 39.51 7.22 -43.46
N2 NAG P . 39.28 9.06 -42.04
O3 NAG P . 40.99 9.31 -44.30
O4 NAG P . 41.18 11.82 -45.28
O5 NAG P . 38.16 12.16 -43.42
O6 NAG P . 39.94 14.11 -45.73
O7 NAG P . 38.37 7.20 -41.37
C1 NAG Q . 10.39 8.27 -45.47
C2 NAG Q . 11.58 7.37 -45.99
C3 NAG Q . 12.40 8.16 -46.91
C4 NAG Q . 11.59 8.44 -48.08
C5 NAG Q . 10.56 9.24 -47.51
C6 NAG Q . 9.79 10.04 -48.47
C7 NAG Q . 12.16 6.69 -43.82
C8 NAG Q . 12.70 7.71 -42.95
N2 NAG Q . 12.42 6.74 -45.04
O3 NAG Q . 13.28 7.24 -47.45
O4 NAG Q . 12.20 9.25 -49.00
O5 NAG Q . 9.82 8.52 -46.66
O6 NAG Q . 9.31 9.02 -49.26
O7 NAG Q . 11.55 5.85 -43.38
C1 NAG Q . 12.32 8.72 -50.30
C2 NAG Q . 12.80 9.80 -51.17
C3 NAG Q . 12.83 9.33 -52.56
C4 NAG Q . 13.71 8.14 -52.57
C5 NAG Q . 13.23 7.09 -51.66
C6 NAG Q . 14.44 6.22 -51.47
C7 NAG Q . 11.95 11.91 -51.85
C8 NAG Q . 11.28 11.64 -53.14
N2 NAG Q . 11.96 10.93 -51.02
O3 NAG Q . 13.61 10.29 -53.19
O4 NAG Q . 13.50 7.65 -53.87
O5 NAG Q . 13.17 7.64 -50.40
O6 NAG Q . 15.59 7.00 -51.12
O7 NAG Q . 12.46 12.96 -51.60
C1 NAG R . -18.54 -48.37 8.46
C2 NAG R . -17.92 -49.77 8.69
C3 NAG R . -16.50 -49.70 9.02
C4 NAG R . -15.84 -49.12 7.85
C5 NAG R . -16.43 -47.81 7.67
C6 NAG R . -15.84 -47.20 6.46
C7 NAG R . -19.90 -50.62 9.40
C8 NAG R . -20.50 -51.59 10.35
N2 NAG R . -18.70 -50.23 9.76
O3 NAG R . -16.07 -51.02 9.14
O4 NAG R . -14.48 -48.80 8.05
O5 NAG R . -17.74 -47.99 7.44
O6 NAG R . -14.74 -46.59 7.07
O7 NAG R . -20.47 -50.25 8.37
C1 NAG R . -13.53 -49.55 7.25
C2 NAG R . -12.72 -50.30 8.26
C3 NAG R . -11.77 -51.16 7.52
C4 NAG R . -12.51 -52.02 6.56
C5 NAG R . -13.31 -51.23 5.61
C6 NAG R . -14.21 -52.18 4.89
C7 NAG R . -11.81 -48.95 10.08
C8 NAG R . -10.96 -47.75 10.35
N2 NAG R . -11.77 -49.40 8.84
O3 NAG R . -11.32 -52.01 8.55
O4 NAG R . -11.60 -52.75 5.77
O5 NAG R . -14.16 -50.44 6.35
O6 NAG R . -13.44 -53.28 4.45
O7 NAG R . -12.47 -49.47 10.95
C1 NAG S . 0.55 31.49 57.48
C2 NAG S . -0.40 31.29 58.70
C3 NAG S . 0.33 30.68 59.88
C4 NAG S . 0.72 29.32 59.40
C5 NAG S . 1.62 29.51 58.22
C6 NAG S . 2.09 28.17 57.68
C7 NAG S . -2.55 32.18 58.47
C8 NAG S . -3.64 32.26 59.48
N2 NAG S . -1.32 32.38 58.94
O3 NAG S . -0.54 30.54 60.99
O4 NAG S . 1.61 28.82 60.38
O5 NAG S . 0.88 30.16 57.22
O6 NAG S . 2.83 27.48 58.68
O7 NAG S . -2.76 31.91 57.29
C1 NAG T . 39.89 15.16 32.23
C2 NAG T . 40.86 14.86 30.98
C3 NAG T . 40.19 13.86 30.09
C4 NAG T . 39.98 12.64 30.89
C5 NAG T . 39.10 12.96 32.05
C6 NAG T . 38.77 11.68 32.79
C7 NAG T . 41.26 17.30 30.61
C8 NAG T . 40.43 18.37 29.94
N2 NAG T . 41.05 16.06 30.18
O3 NAG T . 41.04 13.53 29.02
O4 NAG T . 39.20 11.81 30.05
O5 NAG T . 39.72 13.92 32.89
O6 NAG T . 37.91 10.90 31.93
O7 NAG T . 42.07 17.55 31.47
C1 NAG U . 40.92 32.09 28.20
C2 NAG U . 42.43 32.65 27.98
C3 NAG U . 43.39 32.03 28.92
C4 NAG U . 42.87 32.29 30.28
C5 NAG U . 41.52 31.73 30.57
C6 NAG U . 41.14 32.26 31.92
C7 NAG U . 43.04 33.06 25.66
C8 NAG U . 43.13 32.45 24.32
N2 NAG U . 42.82 32.24 26.66
O3 NAG U . 44.55 32.82 28.86
O4 NAG U . 43.79 31.98 31.31
O5 NAG U . 40.74 32.32 29.58
O6 NAG U . 39.81 32.76 31.99
O7 NAG U . 43.16 34.22 25.81
C1 NAG V . 25.35 53.79 27.70
C2 NAG V . 25.45 54.94 28.80
C3 NAG V . 24.15 55.65 28.89
C4 NAG V . 23.84 56.29 27.58
C5 NAG V . 23.78 55.19 26.54
C6 NAG V . 23.59 55.76 25.16
C7 NAG V . 26.78 54.59 30.49
C8 NAG V . 27.76 53.46 30.52
N2 NAG V . 25.61 54.30 30.05
O3 NAG V . 24.29 56.58 29.95
O4 NAG V . 22.51 56.75 27.73
O5 NAG V . 25.02 54.50 26.50
O6 NAG V . 24.79 56.46 24.79
O7 NAG V . 27.03 55.74 30.77
C1 NAG W . 33.25 39.31 37.80
C2 NAG W . 34.47 40.30 37.48
C3 NAG W . 34.31 41.59 38.15
C4 NAG W . 33.01 42.23 37.83
C5 NAG W . 31.89 41.31 38.14
C6 NAG W . 30.59 41.88 37.68
C7 NAG W . 35.90 38.52 37.24
C8 NAG W . 36.27 37.22 37.88
N2 NAG W . 35.50 39.49 37.99
O3 NAG W . 35.40 42.41 37.76
O4 NAG W . 32.76 43.20 38.82
O5 NAG W . 32.13 40.12 37.50
O6 NAG W . 30.33 43.08 38.42
O7 NAG W . 36.00 38.70 36.06
C1 NAG X . 58.46 17.76 6.92
C2 NAG X . 59.72 17.44 5.98
C3 NAG X . 60.88 18.37 6.11
C4 NAG X . 60.36 19.70 5.74
C5 NAG X . 59.19 20.06 6.63
C6 NAG X . 58.65 21.38 6.11
C7 NAG X . 59.46 15.18 5.47
C8 NAG X . 59.00 13.96 6.21
N2 NAG X . 60.09 16.07 6.18
O3 NAG X . 61.80 18.16 5.06
O4 NAG X . 61.44 20.63 5.89
O5 NAG X . 58.18 19.07 6.50
O6 NAG X . 58.58 21.32 4.68
O7 NAG X . 59.29 15.35 4.29
C1 NAG Y . 25.07 -32.88 17.57
C2 NAG Y . 23.68 -33.37 17.00
C3 NAG Y . 22.62 -32.35 17.06
C4 NAG Y . 22.41 -32.09 18.52
C5 NAG Y . 23.74 -31.61 19.06
C6 NAG Y . 23.56 -31.26 20.53
C7 NAG Y . 24.69 -34.90 15.53
C8 NAG Y . 25.09 -35.20 14.13
N2 NAG Y . 23.86 -33.89 15.68
O3 NAG Y . 21.51 -32.95 16.44
O4 NAG Y . 21.49 -31.01 18.64
O5 NAG Y . 24.73 -32.61 18.92
O6 NAG Y . 22.31 -30.57 20.67
O7 NAG Y . 25.12 -35.52 16.49
C1 NAG Z . 11.01 -15.31 45.20
C2 NAG Z . 10.27 -16.22 46.23
C3 NAG Z . 8.84 -15.85 46.39
C4 NAG Z . 8.88 -14.48 46.92
C5 NAG Z . 9.60 -13.63 45.95
C6 NAG Z . 9.54 -12.18 46.32
C7 NAG Z . 11.43 -18.23 46.18
C8 NAG Z . 11.36 -19.69 45.90
N2 NAG Z . 10.48 -17.49 45.64
O3 NAG Z . 8.40 -16.63 47.47
O4 NAG Z . 7.56 -13.99 46.91
O5 NAG Z . 10.91 -14.05 45.81
O6 NAG Z . 8.18 -11.82 46.14
O7 NAG Z . 12.30 -17.76 46.89
C1 NAG AA . -0.16 -27.37 38.54
C2 NAG AA . 0.78 -28.65 38.71
C3 NAG AA . 1.41 -29.09 37.44
C4 NAG AA . 0.29 -29.40 36.53
C5 NAG AA . -0.59 -28.20 36.36
C6 NAG AA . -1.81 -28.61 35.61
C7 NAG AA . 1.38 -27.60 40.67
C8 NAG AA . 2.30 -26.49 41.09
N2 NAG AA . 1.80 -28.30 39.65
O3 NAG AA . 2.00 -30.35 37.70
O4 NAG AA . 0.87 -29.76 35.29
O5 NAG AA . -1.09 -27.83 37.60
O6 NAG AA . -2.32 -29.75 36.30
O7 NAG AA . 0.28 -27.83 41.17
C1 NAG BA . -35.78 -43.07 30.46
C2 NAG BA . -35.45 -44.60 30.21
C3 NAG BA . -35.89 -45.43 31.30
C4 NAG BA . -35.21 -44.91 32.53
C5 NAG BA . -35.55 -43.47 32.86
C6 NAG BA . -34.85 -42.86 34.08
C7 NAG BA . -36.21 -45.45 28.11
C8 NAG BA . -37.35 -45.51 27.14
N2 NAG BA . -36.46 -44.91 29.26
O3 NAG BA . -35.24 -46.61 30.91
O4 NAG BA . -35.21 -45.82 33.60
O5 NAG BA . -35.16 -42.81 31.70
O6 NAG BA . -34.78 -41.43 34.08
O7 NAG BA . -35.10 -45.86 27.91
C1 NAG CA . -39.42 -24.33 38.00
C2 NAG CA . -39.89 -25.74 38.58
C3 NAG CA . -40.98 -25.77 39.59
C4 NAG CA . -40.32 -25.02 40.70
C5 NAG CA . -39.91 -23.68 40.22
C6 NAG CA . -39.04 -23.23 41.35
C7 NAG CA . -38.74 -27.45 37.63
C8 NAG CA . -38.81 -28.92 37.44
N2 NAG CA . -39.83 -26.74 37.56
O3 NAG CA . -41.21 -27.11 40.00
O4 NAG CA . -41.06 -24.91 41.93
O5 NAG CA . -39.00 -23.83 39.20
O6 NAG CA . -38.00 -24.20 41.58
O7 NAG CA . -37.69 -26.99 37.91
C1 NAG DA . -26.48 -8.62 38.29
C2 NAG DA . -26.91 -9.97 38.97
C3 NAG DA . -28.32 -9.86 39.52
C4 NAG DA . -28.29 -8.88 40.68
C5 NAG DA . -27.84 -7.66 39.96
C6 NAG DA . -28.16 -6.30 40.52
C7 NAG DA . -26.93 -10.85 36.71
C8 NAG DA . -28.09 -11.33 35.89
N2 NAG DA . -26.91 -11.06 38.02
O3 NAG DA . -28.69 -11.15 39.97
O4 NAG DA . -29.57 -8.52 41.22
O5 NAG DA . -26.55 -7.80 39.46
O6 NAG DA . -29.47 -6.55 40.97
O7 NAG DA . -26.00 -10.24 36.20
C1 NAG EA . -48.19 -53.09 19.64
C2 NAG EA . -46.78 -53.78 19.68
C3 NAG EA . -46.09 -54.15 18.40
C4 NAG EA . -46.97 -55.15 17.79
C5 NAG EA . -48.34 -54.54 17.68
C6 NAG EA . -49.25 -55.66 17.21
C7 NAG EA . -45.81 -53.77 21.73
C8 NAG EA . -46.29 -55.19 21.84
N2 NAG EA . -46.00 -53.09 20.62
O3 NAG EA . -44.86 -54.84 18.61
O4 NAG EA . -46.39 -55.34 16.51
O5 NAG EA . -48.82 -54.15 18.95
O6 NAG EA . -50.62 -55.35 17.46
O7 NAG EA . -45.30 -53.23 22.64
C1 NAG FA . -24.87 29.51 -53.18
C2 NAG FA . -26.26 28.88 -53.60
C3 NAG FA . -27.25 29.91 -54.07
C4 NAG FA . -27.52 30.77 -52.89
C5 NAG FA . -26.21 31.38 -52.47
C6 NAG FA . -26.46 32.25 -51.24
C7 NAG FA . -26.62 26.59 -53.93
C8 NAG FA . -28.09 26.42 -53.70
N2 NAG FA . -26.25 27.72 -54.47
O3 NAG FA . -28.45 29.28 -54.54
O4 NAG FA . -28.34 31.81 -53.38
O5 NAG FA . -25.31 30.33 -52.13
O6 NAG FA . -25.39 32.24 -50.30
O7 NAG FA . -25.82 25.73 -53.61
C1 NAG GA . 10.02 45.95 -22.17
C2 NAG GA . 11.00 46.64 -21.16
C3 NAG GA . 12.06 45.68 -20.67
C4 NAG GA . 11.39 44.56 -19.92
C5 NAG GA . 10.45 43.90 -20.89
C6 NAG GA . 9.77 42.65 -20.33
C7 NAG GA . 11.28 48.19 -22.98
C8 NAG GA . 12.18 47.81 -24.12
N2 NAG GA . 11.66 47.74 -21.79
O3 NAG GA . 12.94 46.37 -19.80
O4 NAG GA . 12.34 43.56 -19.56
O5 NAG GA . 9.51 44.87 -21.36
O6 NAG GA . 10.64 42.07 -19.35
O7 NAG GA . 10.23 48.82 -23.11
C1 NAG HA . 20.65 41.75 -36.61
C2 NAG HA . 21.96 42.65 -36.87
C3 NAG HA . 21.73 44.08 -36.62
C4 NAG HA . 20.57 44.50 -37.45
C5 NAG HA . 19.32 43.73 -37.20
C6 NAG HA . 18.40 44.20 -38.27
C7 NAG HA . 24.03 41.54 -36.23
C8 NAG HA . 24.73 40.88 -35.10
N2 NAG HA . 22.94 42.19 -35.95
O3 NAG HA . 22.82 44.75 -37.19
O4 NAG HA . 20.34 45.90 -37.44
O5 NAG HA . 19.70 42.41 -37.40
O6 NAG HA . 17.63 43.15 -38.84
O7 NAG HA . 24.48 41.48 -37.34
C1 NAG IA . 18.89 23.98 -58.14
C2 NAG IA . 18.39 24.12 -59.64
C3 NAG IA . 17.37 23.04 -59.90
C4 NAG IA . 18.04 21.71 -59.78
C5 NAG IA . 18.53 21.64 -58.33
C6 NAG IA . 18.82 20.22 -57.80
C7 NAG IA . 18.30 26.49 -59.27
C8 NAG IA . 17.43 27.12 -58.23
N2 NAG IA . 17.78 25.41 -59.80
O3 NAG IA . 16.74 23.19 -61.16
O4 NAG IA . 17.15 20.66 -60.10
O5 NAG IA . 19.49 22.68 -58.09
O6 NAG IA . 20.17 19.79 -57.93
O7 NAG IA . 19.37 26.94 -59.58
C1 NAG JA . 12.78 39.61 -47.60
C2 NAG JA . 13.45 40.75 -48.49
C3 NAG JA . 12.58 40.58 -49.57
C4 NAG JA . 12.64 39.47 -50.44
C5 NAG JA . 12.04 38.45 -49.50
C6 NAG JA . 11.88 37.15 -50.23
C7 NAG JA . 13.98 42.18 -46.75
C8 NAG JA . 13.40 43.06 -45.71
N2 NAG JA . 13.25 41.96 -47.79
O3 NAG JA . 11.31 40.96 -49.24
O4 NAG JA . 11.79 39.62 -51.53
O5 NAG JA . 12.86 38.34 -48.33
O6 NAG JA . 11.30 37.46 -51.51
O7 NAG JA . 15.07 41.70 -46.65
C1 NAG KA . 40.30 44.71 -12.51
C2 NAG KA . 41.60 45.05 -11.63
C3 NAG KA . 42.55 46.01 -12.29
C4 NAG KA . 42.97 45.35 -13.55
C5 NAG KA . 41.76 45.05 -14.39
C6 NAG KA . 42.29 44.17 -15.51
C7 NAG KA . 40.09 45.64 -9.78
C8 NAG KA . 39.19 46.51 -10.60
N2 NAG KA . 41.30 45.36 -10.25
O3 NAG KA . 43.76 46.06 -11.58
O4 NAG KA . 43.88 46.23 -14.21
O5 NAG KA . 40.89 44.20 -13.67
O6 NAG KA . 42.96 43.08 -14.88
O7 NAG KA . 39.73 45.22 -8.71
C1 NAG LA . -8.27 36.91 24.35
C2 NAG LA . -9.20 35.67 24.56
C3 NAG LA . -9.64 35.13 23.23
C4 NAG LA . -10.49 36.17 22.57
C5 NAG LA . -9.57 37.38 22.41
C6 NAG LA . -10.18 38.58 21.70
C7 NAG LA . -8.17 35.16 26.58
C8 NAG LA . -7.29 34.24 27.35
N2 NAG LA . -8.51 34.74 25.39
O3 NAG LA . -10.28 33.87 23.36
O4 NAG LA . -10.96 35.65 21.33
O5 NAG LA . -9.14 37.81 23.68
O6 NAG LA . -9.39 39.75 21.92
O7 NAG LA . -8.53 36.23 27.04
C1 NAG MA . -28.76 39.67 -4.74
C2 NAG MA . -30.29 39.91 -4.50
C3 NAG MA . -31.06 38.78 -5.04
C4 NAG MA . -30.77 38.74 -6.49
C5 NAG MA . -29.31 38.53 -6.66
C6 NAG MA . -28.92 38.32 -8.10
C7 NAG MA . -30.10 41.08 -2.48
C8 NAG MA . -29.68 42.21 -3.36
N2 NAG MA . -30.19 39.92 -3.09
O3 NAG MA . -32.40 39.20 -4.94
O4 NAG MA . -31.36 37.59 -7.04
O5 NAG MA . -28.64 39.59 -6.12
O6 NAG MA . -29.85 37.36 -8.56
O7 NAG MA . -30.38 41.23 -1.31
C1 NAG NA . -36.20 29.49 7.91
C2 NAG NA . -36.11 30.55 9.09
C3 NAG NA . -34.98 30.26 10.01
C4 NAG NA . -35.18 28.88 10.51
C5 NAG NA . -35.28 27.90 9.40
C6 NAG NA . -35.67 26.57 9.96
C7 NAG NA . -36.43 32.05 7.33
C8 NAG NA . -35.52 32.65 6.29
N2 NAG NA . -35.87 31.83 8.50
O3 NAG NA . -35.22 31.07 11.14
O4 NAG NA . -34.02 28.59 11.24
O5 NAG NA . -36.31 28.27 8.56
O6 NAG NA . -36.93 26.74 10.61
O7 NAG NA . -37.57 31.68 7.12
C1 NAG OA . -60.03 0.60 21.45
C2 NAG OA . -60.33 1.09 22.92
C3 NAG OA . -61.61 1.77 22.99
C4 NAG OA . -61.56 2.90 22.04
C5 NAG OA . -61.32 2.46 20.61
C6 NAG OA . -61.37 3.63 19.62
C7 NAG OA . -59.72 -0.51 24.54
C8 NAG OA . -59.85 -1.94 24.94
N2 NAG OA . -60.56 -0.08 23.65
O3 NAG OA . -61.44 2.32 24.26
O4 NAG OA . -62.66 3.75 22.19
O5 NAG OA . -60.10 1.77 20.68
O6 NAG OA . -60.93 3.37 18.27
O7 NAG OA . -58.93 0.27 24.99
C1 NAG PA . -59.92 -1.12 1.10
C2 NAG PA . -61.16 -0.90 2.06
C3 NAG PA . -62.53 -1.14 1.52
C4 NAG PA . -62.56 -0.09 0.45
C5 NAG PA . -61.46 -0.28 -0.51
C6 NAG PA . -61.50 1.05 -1.17
C7 NAG PA . -60.50 -0.11 4.08
C8 NAG PA . -61.08 0.19 5.41
N2 NAG PA . -60.82 -1.19 3.42
O3 NAG PA . -63.49 -0.82 2.53
O4 NAG PA . -63.78 0.03 -0.30
O5 NAG PA . -60.29 -0.17 0.18
O6 NAG PA . -61.42 2.14 -0.23
O7 NAG PA . -59.80 0.72 3.61
C1 NAG QA . -46.23 5.33 -12.49
C2 NAG QA . -47.60 5.94 -11.98
C3 NAG QA . -48.82 5.11 -12.38
C4 NAG QA . -48.95 5.24 -13.86
C5 NAG QA . -47.66 4.66 -14.35
C6 NAG QA . -47.39 4.53 -15.83
C7 NAG QA . -46.78 5.35 -9.81
C8 NAG QA . -47.60 4.55 -8.84
N2 NAG QA . -47.49 6.15 -10.57
O3 NAG QA . -50.07 5.58 -11.87
O4 NAG QA . -50.13 4.56 -14.30
O5 NAG QA . -46.66 5.44 -13.83
O6 NAG QA . -46.01 4.23 -16.04
O7 NAG QA . -45.58 5.27 -9.88
C1 NAG RA . -65.17 -13.28 33.78
C2 NAG RA . -64.67 -13.05 35.28
C3 NAG RA . -63.51 -12.17 35.56
C4 NAG RA . -62.49 -13.00 34.86
C5 NAG RA . -62.85 -13.22 33.39
C6 NAG RA . -61.89 -14.20 32.70
C7 NAG RA . -65.57 -14.29 36.89
C8 NAG RA . -65.15 -14.32 38.33
N2 NAG RA . -65.63 -13.11 36.33
O3 NAG RA . -63.17 -12.22 36.93
O4 NAG RA . -61.34 -12.21 35.01
O5 NAG RA . -64.05 -13.95 33.30
O6 NAG RA . -60.76 -14.51 33.52
O7 NAG RA . -65.81 -15.30 36.27
C1 NAG SA . 30.18 -57.24 -6.02
C2 NAG SA . 29.25 -58.19 -5.15
C3 NAG SA . 29.29 -59.58 -5.73
C4 NAG SA . 28.68 -59.50 -7.11
C5 NAG SA . 29.56 -58.57 -7.89
C6 NAG SA . 29.01 -58.44 -9.31
C7 NAG SA . 28.60 -58.68 -2.90
C8 NAG SA . 28.42 -57.87 -1.65
N2 NAG SA . 29.52 -58.24 -3.73
O3 NAG SA . 28.65 -60.52 -4.86
O4 NAG SA . 28.87 -60.76 -7.73
O5 NAG SA . 29.53 -57.31 -7.26
O6 NAG SA . 29.18 -57.13 -9.86
O7 NAG SA . 27.93 -59.66 -3.15
C1 NAG TA . 39.07 -15.84 -30.31
C2 NAG TA . 39.28 -14.64 -31.29
C3 NAG TA . 39.36 -13.34 -30.54
C4 NAG TA . 38.06 -13.12 -29.83
C5 NAG TA . 37.86 -14.29 -28.89
C6 NAG TA . 36.65 -14.18 -27.97
C7 NAG TA . 41.18 -15.93 -31.98
C8 NAG TA . 42.31 -15.88 -30.99
N2 NAG TA . 40.48 -14.82 -32.06
O3 NAG TA . 39.60 -12.31 -31.48
O4 NAG TA . 38.12 -11.95 -29.00
O5 NAG TA . 37.85 -15.48 -29.66
O6 NAG TA . 36.68 -15.27 -27.05
O7 NAG TA . 40.89 -16.92 -32.63
C1 NAG UA . 53.67 -15.86 -19.23
C2 NAG UA . 55.02 -15.22 -19.83
C3 NAG UA . 55.24 -15.57 -21.26
C4 NAG UA . 55.25 -17.05 -21.32
C5 NAG UA . 54.00 -17.68 -20.85
C6 NAG UA . 54.30 -19.15 -20.86
C7 NAG UA . 55.60 -13.10 -18.89
C8 NAG UA . 55.15 -11.72 -18.63
N2 NAG UA . 54.88 -13.82 -19.72
O3 NAG UA . 56.59 -15.22 -21.53
O4 NAG UA . 55.67 -17.59 -22.56
O5 NAG UA . 53.88 -17.20 -19.54
O6 NAG UA . 53.87 -19.82 -19.69
O7 NAG UA . 56.56 -13.56 -18.37
C1 NAG VA . 59.12 -27.74 5.84
C2 NAG VA . 59.56 -27.30 7.32
C3 NAG VA . 60.36 -26.04 7.22
C4 NAG VA . 61.49 -26.31 6.28
C5 NAG VA . 61.03 -26.78 4.90
C6 NAG VA . 62.27 -27.29 4.20
C7 NAG VA . 57.86 -26.16 8.80
C8 NAG VA . 56.37 -26.13 8.83
N2 NAG VA . 58.38 -27.22 8.17
O3 NAG VA . 61.00 -25.90 8.46
O4 NAG VA . 61.80 -24.92 6.09
O5 NAG VA . 60.25 -27.93 5.05
O6 NAG VA . 61.99 -28.15 3.10
O7 NAG VA . 58.52 -25.28 9.34
C1 NAG WA . 55.15 -27.83 -12.84
C2 NAG WA . 56.38 -26.79 -12.57
C3 NAG WA . 57.63 -27.37 -11.96
C4 NAG WA . 57.29 -28.26 -10.77
C5 NAG WA . 56.12 -29.18 -11.13
C6 NAG WA . 55.78 -30.34 -10.21
C7 NAG WA . 56.27 -26.04 -14.99
C8 NAG WA . 55.38 -26.75 -15.97
N2 NAG WA . 56.85 -26.67 -13.99
O3 NAG WA . 58.29 -26.24 -11.35
O4 NAG WA . 58.45 -29.08 -10.56
O5 NAG WA . 54.99 -28.61 -11.66
O6 NAG WA . 56.82 -31.30 -10.43
O7 NAG WA . 56.47 -24.84 -15.09
C1 NAG XA . 51.70 12.80 -31.10
C2 NAG XA . 52.62 12.58 -32.36
C3 NAG XA . 54.03 12.32 -31.87
C4 NAG XA . 54.42 13.60 -31.17
C5 NAG XA . 53.50 13.81 -29.98
C6 NAG XA . 53.90 15.06 -29.23
C7 NAG XA . 50.94 12.05 -33.94
C8 NAG XA . 50.63 11.32 -35.22
N2 NAG XA . 52.03 11.66 -33.29
O3 NAG XA . 54.86 12.03 -32.97
O4 NAG XA . 55.79 13.56 -30.72
O5 NAG XA . 52.21 13.98 -30.48
O6 NAG XA . 54.35 16.04 -30.18
O7 NAG XA . 50.22 12.95 -33.51
C1 NAG YA . -6.80 1.09 -44.32
C2 NAG YA . -8.02 0.77 -43.40
C3 NAG YA . -7.66 -0.26 -42.38
C4 NAG YA . -7.33 -1.53 -43.11
C5 NAG YA . -6.16 -1.19 -44.03
C6 NAG YA . -5.60 -2.32 -44.89
C7 NAG YA . -8.80 2.94 -43.77
C8 NAG YA . -9.10 4.28 -43.21
N2 NAG YA . -8.44 2.03 -42.89
O3 NAG YA . -8.70 -0.43 -41.45
O4 NAG YA . -6.97 -2.51 -42.14
O5 NAG YA . -6.55 -0.17 -44.91
O6 NAG YA . -4.71 -1.78 -45.86
O7 NAG YA . -8.86 2.71 -44.96
C1 NAG ZA . 0.20 -32.91 -36.32
C2 NAG ZA . -0.79 -33.97 -36.87
C3 NAG ZA . -1.40 -34.77 -35.80
C4 NAG ZA . -0.27 -35.46 -35.15
C5 NAG ZA . 0.66 -34.42 -34.65
C6 NAG ZA . 1.79 -34.99 -33.83
C7 NAG ZA . -1.53 -32.94 -38.83
C8 NAG ZA . -2.69 -32.38 -39.57
N2 NAG ZA . -1.66 -33.07 -37.53
O3 NAG ZA . -2.11 -35.80 -36.47
O4 NAG ZA . -0.75 -36.09 -34.00
O5 NAG ZA . 1.17 -33.69 -35.68
O6 NAG ZA . 1.13 -35.62 -32.75
O7 NAG ZA . -0.50 -33.27 -39.39
C1 NAG AB . -16.69 -28.80 -33.64
C2 NAG AB . -16.92 -28.36 -35.13
C3 NAG AB . -16.92 -26.88 -35.31
C4 NAG AB . -18.07 -26.41 -34.51
C5 NAG AB . -17.85 -26.81 -33.08
C6 NAG AB . -19.05 -26.45 -32.27
C7 NAG AB . -15.56 -30.15 -35.61
C8 NAG AB . -14.10 -30.46 -35.69
N2 NAG AB . -15.86 -28.92 -35.92
O3 NAG AB . -17.23 -26.65 -36.68
O4 NAG AB . -18.18 -25.00 -34.64
O5 NAG AB . -17.79 -28.19 -33.02
O6 NAG AB . -20.14 -27.01 -32.99
O7 NAG AB . -16.44 -30.94 -35.27
C1 NAG BB . -52.48 -32.30 -16.51
C2 NAG BB . -53.42 -31.62 -17.60
C3 NAG BB . -54.17 -32.60 -18.34
C4 NAG BB . -53.21 -33.52 -18.99
C5 NAG BB . -52.35 -34.25 -17.99
C6 NAG BB . -51.28 -35.19 -18.56
C7 NAG BB . -54.73 -29.86 -16.62
C8 NAG BB . -55.62 -29.56 -15.46
N2 NAG BB . -54.48 -31.11 -16.81
O3 NAG BB . -54.70 -31.79 -19.35
O4 NAG BB . -53.79 -34.30 -20.02
O5 NAG BB . -51.74 -33.19 -17.30
O6 NAG BB . -50.17 -35.41 -17.67
O7 NAG BB . -54.27 -29.05 -17.36
C1 NAG CB . -39.84 -44.07 -5.96
C2 NAG CB . -41.15 -44.51 -6.68
C3 NAG CB . -41.73 -45.82 -6.28
C4 NAG CB . -40.62 -46.72 -6.72
C5 NAG CB . -39.36 -46.37 -6.03
C6 NAG CB . -38.42 -47.17 -6.86
C7 NAG CB . -41.80 -43.06 -8.27
C8 NAG CB . -42.94 -42.86 -9.20
N2 NAG CB . -42.01 -43.40 -7.01
O3 NAG CB . -42.87 -46.06 -7.08
O4 NAG CB . -40.85 -48.11 -6.52
O5 NAG CB . -39.05 -45.08 -6.40
O6 NAG CB . -38.54 -46.84 -8.27
O7 NAG CB . -40.72 -42.98 -8.75
C1 NAG DB . -18.97 -43.61 -3.73
C2 NAG DB . -19.85 -44.12 -4.92
C3 NAG DB . -20.68 -45.21 -4.35
C4 NAG DB . -19.86 -46.33 -3.80
C5 NAG DB . -19.03 -45.70 -2.72
C6 NAG DB . -18.13 -46.65 -2.01
C7 NAG DB . -20.90 -42.40 -6.21
C8 NAG DB . -20.34 -41.02 -6.26
N2 NAG DB . -20.80 -43.06 -5.09
O3 NAG DB . -21.46 -45.65 -5.43
O4 NAG DB . -20.81 -47.21 -3.26
O5 NAG DB . -18.24 -44.69 -3.24
O6 NAG DB . -17.29 -45.92 -1.13
O7 NAG DB . -21.44 -42.91 -7.15
C1 NAG EB . -69.37 -25.36 -9.51
C2 NAG EB . -69.11 -24.97 -10.96
C3 NAG EB . -69.11 -23.50 -11.29
C4 NAG EB . -70.48 -23.01 -11.04
C5 NAG EB . -70.76 -23.37 -9.60
C6 NAG EB . -72.18 -22.93 -9.24
C7 NAG EB . -67.58 -25.70 -12.52
C8 NAG EB . -66.35 -25.10 -13.09
N2 NAG EB . -67.79 -25.41 -11.28
O3 NAG EB . -68.79 -23.23 -12.65
O4 NAG EB . -70.25 -21.60 -11.16
O5 NAG EB . -70.65 -24.79 -9.37
O6 NAG EB . -73.15 -23.98 -9.40
O7 NAG EB . -68.32 -26.45 -13.07
#